data_9HM8
#
_entry.id   9HM8
#
loop_
_entity.id
_entity.type
_entity.pdbx_description
1 polymer 'Regulation of nuclear pre-mRNA domain-containing protein 2'
2 polymer 'DNA-directed RNA polymerase II subunit RPB1'
#
loop_
_entity_poly.entity_id
_entity_poly.type
_entity_poly.pdbx_seq_one_letter_code
_entity_poly.pdbx_strand_id
1 'polypeptide(L)'
;MSASSAGALESSLDRKFQSVTNTMESIQGLSSWCIENKKHHSTIVYHWMKWLRRSAYPHRLNLFYLANDVIQNCKRKNAI
IFRESFADVLPEAAALVKDPSVSKSVERIFKIWEDRNVYPEEMIVALREALSTTFKTQKQLEHHHHHH
;
A
2 'polypeptide(L)' SP(SEP)Y(SEP)PTSP(SEP)Y B
#
# COMPACT_ATOMS: atom_id res chain seq x y z
N SER A 5 -2.18 -14.49 22.92
CA SER A 5 -3.15 -13.65 23.61
C SER A 5 -3.03 -12.20 23.14
N ALA A 6 -1.94 -11.50 23.51
CA ALA A 6 -1.74 -10.11 23.17
C ALA A 6 -1.68 -9.89 21.66
N GLY A 7 -1.37 -10.94 20.90
CA GLY A 7 -1.28 -10.87 19.45
C GLY A 7 -2.63 -10.56 18.80
N ALA A 8 -3.71 -10.59 19.58
CA ALA A 8 -5.03 -10.23 19.08
C ALA A 8 -5.12 -8.72 18.83
N LEU A 9 -4.17 -7.94 19.38
CA LEU A 9 -4.17 -6.50 19.22
C LEU A 9 -3.91 -6.12 17.77
N GLU A 10 -3.16 -6.96 17.04
CA GLU A 10 -2.87 -6.74 15.64
C GLU A 10 -4.14 -6.76 14.81
N SER A 11 -5.23 -7.33 15.33
CA SER A 11 -6.48 -7.37 14.59
C SER A 11 -7.07 -5.97 14.48
N SER A 12 -6.56 -5.01 15.26
CA SER A 12 -7.00 -3.63 15.14
C SER A 12 -6.61 -3.09 13.78
N LEU A 13 -5.59 -3.68 13.16
CA LEU A 13 -5.12 -3.31 11.84
C LEU A 13 -5.91 -4.06 10.76
N ASP A 14 -5.98 -5.39 10.88
CA ASP A 14 -6.51 -6.18 9.79
C ASP A 14 -8.03 -6.02 9.62
N ARG A 15 -8.77 -5.76 10.70
CA ARG A 15 -10.20 -5.58 10.58
C ARG A 15 -10.51 -4.22 9.95
N LYS A 16 -9.67 -3.21 10.23
CA LYS A 16 -9.86 -1.89 9.67
C LYS A 16 -9.43 -1.84 8.21
N PHE A 17 -8.36 -2.57 7.85
CA PHE A 17 -7.90 -2.60 6.47
C PHE A 17 -8.90 -3.35 5.60
N GLN A 18 -9.59 -4.34 6.18
CA GLN A 18 -10.61 -5.08 5.47
C GLN A 18 -11.87 -4.23 5.28
N SER A 19 -12.07 -3.25 6.17
CA SER A 19 -13.21 -2.35 6.10
C SER A 19 -13.02 -1.24 5.07
N VAL A 20 -11.81 -1.10 4.50
CA VAL A 20 -11.53 -0.03 3.56
C VAL A 20 -12.29 -0.24 2.25
N THR A 21 -12.64 0.87 1.59
CA THR A 21 -13.33 0.88 0.31
C THR A 21 -12.72 1.98 -0.57
N ASN A 22 -13.09 1.97 -1.85
CA ASN A 22 -12.58 2.91 -2.84
C ASN A 22 -13.05 4.34 -2.57
N THR A 23 -12.47 4.99 -1.57
CA THR A 23 -12.71 6.40 -1.29
C THR A 23 -11.60 6.97 -0.41
N MET A 24 -11.27 8.25 -0.63
CA MET A 24 -10.26 8.95 0.14
C MET A 24 -10.71 9.08 1.60
N GLU A 25 -12.01 8.96 1.85
CA GLU A 25 -12.57 9.08 3.19
C GLU A 25 -12.07 7.94 4.07
N SER A 26 -11.84 6.77 3.46
CA SER A 26 -11.38 5.61 4.19
C SER A 26 -9.86 5.46 4.09
N ILE A 27 -9.26 5.94 3.00
CA ILE A 27 -7.83 5.81 2.81
C ILE A 27 -7.07 6.80 3.69
N GLN A 28 -7.37 8.10 3.56
CA GLN A 28 -6.60 9.14 4.22
C GLN A 28 -6.75 9.07 5.74
N GLY A 29 -7.89 8.55 6.22
CA GLY A 29 -8.13 8.46 7.65
C GLY A 29 -7.31 7.33 8.27
N LEU A 30 -7.35 6.15 7.65
CA LEU A 30 -6.62 5.00 8.19
C LEU A 30 -5.13 5.11 7.92
N SER A 31 -4.72 5.74 6.80
CA SER A 31 -3.30 5.88 6.51
C SER A 31 -2.64 6.87 7.44
N SER A 32 -3.41 7.83 7.98
CA SER A 32 -2.87 8.82 8.90
C SER A 32 -2.66 8.17 10.26
N TRP A 33 -3.60 7.32 10.67
CA TRP A 33 -3.53 6.61 11.94
C TRP A 33 -2.51 5.48 11.88
N CYS A 34 -2.32 4.88 10.71
CA CYS A 34 -1.39 3.78 10.53
C CYS A 34 0.05 4.20 10.86
N ILE A 35 0.35 5.50 10.77
CA ILE A 35 1.69 6.00 11.10
C ILE A 35 1.91 5.94 12.60
N GLU A 36 0.86 5.94 13.43
CA GLU A 36 1.05 5.78 14.87
C GLU A 36 1.26 4.31 15.22
N ASN A 37 0.89 3.43 14.28
CA ASN A 37 1.09 2.00 14.41
C ASN A 37 2.48 1.60 13.91
N LYS A 38 3.38 2.57 13.70
CA LYS A 38 4.74 2.30 13.25
C LYS A 38 5.47 1.36 14.21
N LYS A 39 4.93 1.22 15.42
CA LYS A 39 5.48 0.35 16.46
C LYS A 39 5.38 -1.12 16.04
N HIS A 40 4.69 -1.39 14.92
CA HIS A 40 4.59 -2.73 14.38
C HIS A 40 4.55 -2.71 12.85
N HIS A 41 5.28 -1.78 12.23
CA HIS A 41 5.31 -1.63 10.78
C HIS A 41 5.69 -2.93 10.07
N SER A 42 6.30 -3.87 10.79
CA SER A 42 6.73 -5.12 10.21
C SER A 42 5.56 -6.06 9.91
N THR A 43 4.47 -5.99 10.70
CA THR A 43 3.34 -6.90 10.49
C THR A 43 2.20 -6.24 9.71
N ILE A 44 2.20 -4.90 9.64
CA ILE A 44 1.13 -4.16 9.00
C ILE A 44 1.04 -4.52 7.52
N VAL A 45 2.19 -4.71 6.88
CA VAL A 45 2.26 -5.15 5.50
C VAL A 45 1.66 -6.56 5.35
N TYR A 46 1.79 -7.42 6.36
CA TYR A 46 1.25 -8.76 6.28
C TYR A 46 -0.27 -8.74 6.35
N HIS A 47 -0.86 -7.76 7.03
CA HIS A 47 -2.30 -7.69 7.16
C HIS A 47 -2.89 -7.20 5.83
N TRP A 48 -2.39 -6.06 5.36
CA TRP A 48 -2.88 -5.41 4.16
C TRP A 48 -2.69 -6.30 2.93
N MET A 49 -1.64 -7.12 2.91
CA MET A 49 -1.34 -7.96 1.76
C MET A 49 -2.40 -9.05 1.57
N LYS A 50 -2.76 -9.73 2.66
CA LYS A 50 -3.66 -10.87 2.60
C LYS A 50 -5.10 -10.45 2.27
N TRP A 51 -5.42 -9.15 2.37
CA TRP A 51 -6.73 -8.64 1.99
C TRP A 51 -6.87 -8.41 0.49
N LEU A 52 -5.76 -8.42 -0.26
CA LEU A 52 -5.79 -8.20 -1.69
C LEU A 52 -6.44 -9.38 -2.41
N ARG A 53 -6.18 -10.61 -1.95
CA ARG A 53 -6.77 -11.80 -2.55
C ARG A 53 -8.24 -11.95 -2.16
N ARG A 54 -8.63 -11.36 -1.02
CA ARG A 54 -10.00 -11.37 -0.52
C ARG A 54 -10.85 -10.40 -1.33
N SER A 55 -10.25 -9.29 -1.72
CA SER A 55 -10.95 -8.21 -2.38
C SER A 55 -11.10 -8.46 -3.88
N ALA A 56 -12.06 -7.74 -4.46
CA ALA A 56 -12.32 -7.74 -5.90
C ALA A 56 -11.18 -7.01 -6.61
N TYR A 57 -11.17 -7.05 -7.95
CA TYR A 57 -10.13 -6.38 -8.72
C TYR A 57 -10.08 -4.87 -8.48
N PRO A 58 -11.19 -4.13 -8.56
CA PRO A 58 -11.16 -2.69 -8.31
C PRO A 58 -10.97 -2.39 -6.82
N HIS A 59 -11.34 -3.34 -5.96
CA HIS A 59 -11.22 -3.17 -4.52
C HIS A 59 -9.79 -3.41 -4.05
N ARG A 60 -9.11 -4.42 -4.59
CA ARG A 60 -7.73 -4.71 -4.22
C ARG A 60 -6.80 -3.62 -4.75
N LEU A 61 -7.21 -2.98 -5.86
CA LEU A 61 -6.52 -1.84 -6.41
C LEU A 61 -6.58 -0.70 -5.39
N ASN A 62 -7.74 -0.53 -4.74
CA ASN A 62 -7.91 0.49 -3.72
C ASN A 62 -7.10 0.16 -2.48
N LEU A 63 -7.03 -1.12 -2.10
CA LEU A 63 -6.25 -1.47 -0.91
C LEU A 63 -4.77 -1.21 -1.17
N PHE A 64 -4.31 -1.38 -2.41
CA PHE A 64 -2.92 -1.12 -2.76
C PHE A 64 -2.56 0.36 -2.57
N TYR A 65 -3.55 1.26 -2.65
CA TYR A 65 -3.31 2.67 -2.42
C TYR A 65 -2.91 2.91 -0.96
N LEU A 66 -3.40 2.08 -0.03
CA LEU A 66 -3.11 2.24 1.38
C LEU A 66 -1.61 2.15 1.64
N ALA A 67 -0.96 1.15 1.02
CA ALA A 67 0.46 0.97 1.21
C ALA A 67 1.21 2.20 0.73
N ASN A 68 0.85 2.70 -0.46
CA ASN A 68 1.47 3.88 -1.04
C ASN A 68 1.24 5.10 -0.16
N ASP A 69 0.05 5.23 0.44
CA ASP A 69 -0.26 6.38 1.26
C ASP A 69 0.47 6.28 2.61
N VAL A 70 0.56 5.08 3.18
CA VAL A 70 1.25 4.90 4.45
C VAL A 70 2.74 5.15 4.30
N ILE A 71 3.33 4.76 3.16
CA ILE A 71 4.73 5.06 2.90
C ILE A 71 4.93 6.58 2.89
N GLN A 72 4.00 7.30 2.27
CA GLN A 72 4.10 8.74 2.11
C GLN A 72 3.57 9.51 3.32
N ASN A 73 2.82 8.86 4.23
CA ASN A 73 2.43 9.50 5.48
C ASN A 73 3.58 9.48 6.48
N CYS A 74 4.44 8.45 6.46
CA CYS A 74 5.65 8.47 7.26
C CYS A 74 6.52 9.64 6.78
N LYS A 75 6.56 9.80 5.45
CA LYS A 75 7.03 11.00 4.75
C LYS A 75 8.47 11.46 5.02
N ARG A 76 8.89 12.42 4.18
CA ARG A 76 10.11 13.23 4.26
C ARG A 76 11.40 12.44 4.36
N LYS A 77 11.35 11.12 4.16
CA LYS A 77 12.53 10.27 4.20
C LYS A 77 13.32 10.43 5.50
N ASN A 78 12.66 10.95 6.54
CA ASN A 78 13.29 11.12 7.85
C ASN A 78 13.62 9.74 8.41
N ALA A 79 12.84 8.74 8.00
CA ALA A 79 13.09 7.34 8.28
C ALA A 79 12.38 6.52 7.22
N ILE A 80 11.12 6.87 6.94
CA ILE A 80 10.26 6.25 5.94
C ILE A 80 10.34 4.72 5.99
N ILE A 81 10.68 4.17 7.16
CA ILE A 81 10.97 2.76 7.33
C ILE A 81 9.81 1.88 6.89
N PHE A 82 8.59 2.44 6.79
CA PHE A 82 7.46 1.69 6.33
C PHE A 82 7.74 1.10 4.95
N ARG A 83 8.57 1.78 4.14
CA ARG A 83 8.85 1.30 2.79
C ARG A 83 9.60 -0.03 2.84
N GLU A 84 10.39 -0.26 3.89
CA GLU A 84 11.25 -1.43 3.95
C GLU A 84 10.44 -2.68 4.19
N SER A 85 9.42 -2.60 5.05
CA SER A 85 8.57 -3.75 5.32
C SER A 85 7.61 -4.01 4.16
N PHE A 86 7.15 -2.95 3.48
CA PHE A 86 6.29 -3.15 2.33
C PHE A 86 7.09 -3.81 1.21
N ALA A 87 8.39 -3.51 1.12
CA ALA A 87 9.26 -4.07 0.09
C ALA A 87 9.39 -5.59 0.20
N ASP A 88 9.00 -6.16 1.33
CA ASP A 88 9.13 -7.60 1.54
C ASP A 88 8.17 -8.41 0.66
N VAL A 89 7.07 -7.80 0.23
CA VAL A 89 6.04 -8.47 -0.54
C VAL A 89 5.43 -7.52 -1.56
N LEU A 90 6.09 -6.40 -1.83
CA LEU A 90 5.58 -5.37 -2.71
C LEU A 90 5.26 -5.91 -4.10
N PRO A 91 6.15 -6.68 -4.73
CA PRO A 91 5.85 -7.29 -6.01
C PRO A 91 4.91 -8.48 -5.88
N GLU A 92 5.08 -9.26 -4.80
CA GLU A 92 4.22 -10.42 -4.56
C GLU A 92 2.76 -10.00 -4.42
N ALA A 93 2.52 -8.82 -3.84
CA ALA A 93 1.18 -8.26 -3.74
C ALA A 93 0.69 -7.84 -5.11
N ALA A 94 1.60 -7.37 -5.98
CA ALA A 94 1.26 -6.95 -7.32
C ALA A 94 0.91 -8.14 -8.22
N ALA A 95 1.23 -9.37 -7.78
CA ALA A 95 0.86 -10.56 -8.55
C ALA A 95 -0.66 -10.77 -8.54
N LEU A 96 -1.37 -10.15 -7.59
CA LEU A 96 -2.81 -10.25 -7.49
C LEU A 96 -3.50 -9.24 -8.42
N VAL A 97 -2.72 -8.49 -9.21
CA VAL A 97 -3.24 -7.45 -10.08
C VAL A 97 -2.59 -7.51 -11.46
N LYS A 98 -2.32 -8.73 -11.94
CA LYS A 98 -1.72 -8.95 -13.25
C LYS A 98 -2.67 -8.58 -14.38
N ASP A 99 -3.98 -8.43 -14.09
CA ASP A 99 -4.95 -8.05 -15.09
C ASP A 99 -4.63 -6.63 -15.57
N PRO A 100 -4.50 -6.41 -16.88
CA PRO A 100 -4.19 -5.09 -17.42
C PRO A 100 -5.30 -4.09 -17.08
N SER A 101 -6.45 -4.59 -16.62
CA SER A 101 -7.56 -3.75 -16.21
C SER A 101 -7.26 -3.05 -14.89
N VAL A 102 -6.36 -3.63 -14.07
CA VAL A 102 -5.96 -3.02 -12.81
C VAL A 102 -4.48 -2.67 -12.80
N SER A 103 -3.65 -3.42 -13.51
CA SER A 103 -2.22 -3.15 -13.56
C SER A 103 -1.96 -1.71 -14.01
N LYS A 104 -2.84 -1.20 -14.87
CA LYS A 104 -2.76 0.17 -15.36
C LYS A 104 -2.91 1.18 -14.22
N SER A 105 -3.71 0.84 -13.20
CA SER A 105 -3.91 1.72 -12.07
C SER A 105 -2.89 1.49 -10.97
N VAL A 106 -2.33 0.28 -10.85
CA VAL A 106 -1.31 0.02 -9.84
C VAL A 106 0.00 0.64 -10.31
N GLU A 107 0.17 0.81 -11.62
CA GLU A 107 1.28 1.57 -12.16
C GLU A 107 1.18 3.03 -11.72
N ARG A 108 0.02 3.49 -11.25
CA ARG A 108 -0.12 4.88 -10.83
C ARG A 108 0.70 5.12 -9.57
N ILE A 109 0.61 4.20 -8.60
CA ILE A 109 1.38 4.29 -7.37
C ILE A 109 2.83 3.87 -7.62
N PHE A 110 3.05 2.87 -8.48
CA PHE A 110 4.40 2.44 -8.78
C PHE A 110 5.14 3.53 -9.58
N LYS A 111 4.41 4.30 -10.39
CA LYS A 111 5.01 5.41 -11.14
C LYS A 111 5.50 6.47 -10.15
N ILE A 112 4.73 6.74 -9.10
CA ILE A 112 5.11 7.76 -8.14
C ILE A 112 6.33 7.31 -7.35
N TRP A 113 6.37 6.04 -6.93
CA TRP A 113 7.51 5.55 -6.17
C TRP A 113 8.78 5.61 -7.01
N GLU A 114 8.62 5.49 -8.33
CA GLU A 114 9.73 5.52 -9.28
C GLU A 114 10.24 6.94 -9.48
N ASP A 115 9.32 7.91 -9.63
CA ASP A 115 9.69 9.32 -9.79
C ASP A 115 10.12 9.94 -8.46
N ARG A 116 9.43 9.59 -7.37
CA ARG A 116 9.74 10.02 -6.02
C ARG A 116 10.94 9.26 -5.47
N ASN A 117 11.52 8.33 -6.25
CA ASN A 117 12.72 7.65 -5.84
C ASN A 117 12.57 6.94 -4.49
N VAL A 118 11.35 6.49 -4.18
CA VAL A 118 11.02 5.88 -2.90
C VAL A 118 11.62 4.47 -2.80
N TYR A 119 12.06 3.92 -3.94
CA TYR A 119 12.70 2.61 -3.99
C TYR A 119 13.81 2.60 -5.03
N PRO A 120 14.83 1.76 -4.85
CA PRO A 120 15.90 1.58 -5.81
C PRO A 120 15.36 0.79 -7.00
N GLU A 121 15.93 1.02 -8.18
CA GLU A 121 15.45 0.42 -9.41
C GLU A 121 15.47 -1.11 -9.33
N GLU A 122 16.41 -1.66 -8.56
CA GLU A 122 16.55 -3.09 -8.41
C GLU A 122 15.27 -3.69 -7.82
N MET A 123 14.54 -2.93 -7.00
CA MET A 123 13.26 -3.40 -6.48
C MET A 123 12.18 -3.23 -7.54
N ILE A 124 12.24 -2.14 -8.31
CA ILE A 124 11.19 -1.83 -9.27
C ILE A 124 11.14 -2.88 -10.39
N VAL A 125 12.24 -3.60 -10.63
CA VAL A 125 12.25 -4.66 -11.63
C VAL A 125 11.21 -5.72 -11.27
N ALA A 126 11.04 -5.99 -9.98
CA ALA A 126 10.05 -6.97 -9.51
C ALA A 126 8.65 -6.38 -9.60
N LEU A 127 8.51 -5.06 -9.42
CA LEU A 127 7.23 -4.39 -9.53
C LEU A 127 6.74 -4.46 -10.98
N ARG A 128 7.64 -4.22 -11.95
CA ARG A 128 7.28 -4.28 -13.36
C ARG A 128 7.13 -5.71 -13.85
N GLU A 129 7.75 -6.69 -13.18
CA GLU A 129 7.47 -8.07 -13.52
C GLU A 129 6.04 -8.40 -13.13
N ALA A 130 5.66 -8.02 -11.91
CA ALA A 130 4.37 -8.37 -11.35
C ALA A 130 3.22 -7.59 -11.98
N LEU A 131 3.47 -6.37 -12.48
CA LEU A 131 2.44 -5.60 -13.16
C LEU A 131 2.45 -5.83 -14.66
N SER A 132 3.63 -5.98 -15.25
CA SER A 132 3.76 -6.18 -16.68
C SER A 132 4.38 -7.54 -17.00
N THR A 133 3.60 -8.39 -17.68
CA THR A 133 4.00 -9.75 -18.03
C THR A 133 4.49 -10.50 -16.79
N SER B 1 -18.34 8.74 -2.19
CA SER B 1 -17.22 7.81 -2.14
C SER B 1 -16.15 8.22 -3.15
N PRO B 2 -15.63 9.45 -3.06
CA PRO B 2 -14.64 9.97 -3.99
C PRO B 2 -13.30 9.25 -3.82
N SEP B 3 -12.83 8.61 -4.91
CA SEP B 3 -11.57 7.88 -4.93
CB SEP B 3 -11.64 6.85 -6.05
OG SEP B 3 -10.40 6.20 -6.28
C SEP B 3 -10.41 8.88 -5.08
O SEP B 3 -10.49 9.81 -5.86
P SEP B 3 -10.30 4.99 -7.33
O1P SEP B 3 -10.77 3.82 -6.52
O2P SEP B 3 -11.19 5.38 -8.44
O3P SEP B 3 -8.87 4.94 -7.68
H SEP B 3 -13.37 8.62 -5.76
HA SEP B 3 -11.44 7.35 -3.99
HB2 SEP B 3 -12.39 6.10 -5.78
HB3 SEP B 3 -11.95 7.35 -6.97
N TYR B 4 -9.34 8.66 -4.31
CA TYR B 4 -8.25 9.62 -4.21
C TYR B 4 -7.27 9.53 -5.38
N SEP B 5 -6.35 10.50 -5.45
CA SEP B 5 -5.32 10.58 -6.47
CB SEP B 5 -5.40 11.93 -7.16
OG SEP B 5 -4.88 11.91 -8.48
C SEP B 5 -3.96 10.34 -5.81
O SEP B 5 -3.48 11.21 -5.09
P SEP B 5 -3.31 11.81 -8.78
O1P SEP B 5 -3.01 10.36 -8.67
O2P SEP B 5 -3.21 12.32 -10.17
O3P SEP B 5 -2.68 12.65 -7.75
H SEP B 5 -6.35 11.23 -4.75
HA SEP B 5 -5.51 9.81 -7.22
HB2 SEP B 5 -6.46 12.21 -7.24
HB3 SEP B 5 -4.90 12.70 -6.57
N PRO B 6 -3.33 9.18 -6.06
CA PRO B 6 -2.04 8.78 -5.52
C PRO B 6 -0.95 9.85 -5.42
N THR B 7 -0.92 10.90 -6.25
CA THR B 7 0.14 11.89 -6.17
C THR B 7 -0.18 12.98 -5.14
N SER B 8 -1.45 13.06 -4.69
CA SER B 8 -1.91 14.08 -3.79
C SER B 8 -1.15 14.12 -2.46
N PRO B 9 -0.92 12.99 -1.76
CA PRO B 9 -0.11 12.99 -0.56
C PRO B 9 1.35 13.32 -0.91
N SEP B 10 1.99 14.13 -0.07
CA SEP B 10 3.38 14.53 -0.25
CB SEP B 10 3.60 15.87 0.44
OG SEP B 10 3.18 15.78 1.79
C SEP B 10 4.31 13.46 0.28
O SEP B 10 3.87 12.54 0.97
P SEP B 10 3.26 17.05 2.77
O1P SEP B 10 2.67 16.53 4.03
O2P SEP B 10 2.43 18.07 2.08
O3P SEP B 10 4.70 17.36 2.83
H SEP B 10 1.50 14.51 0.73
HA SEP B 10 3.57 14.66 -1.31
HB2 SEP B 10 4.65 16.15 0.40
HB3 SEP B 10 3.01 16.64 -0.06
N TYR B 11 5.61 13.57 -0.03
CA TYR B 11 6.58 12.54 0.30
C TYR B 11 7.90 13.14 0.74
N SER A 5 -3.85 -11.73 24.57
CA SER A 5 -4.22 -10.36 24.97
C SER A 5 -3.69 -9.33 23.98
N ALA A 6 -2.36 -9.21 23.87
CA ALA A 6 -1.72 -8.21 23.02
C ALA A 6 -2.09 -8.40 21.55
N GLY A 7 -2.53 -9.61 21.17
CA GLY A 7 -2.88 -9.93 19.79
C GLY A 7 -4.03 -9.06 19.28
N ALA A 8 -4.73 -8.36 20.18
CA ALA A 8 -5.81 -7.48 19.79
C ALA A 8 -5.25 -6.28 19.00
N LEU A 9 -3.96 -6.00 19.11
CA LEU A 9 -3.33 -4.91 18.37
C LEU A 9 -3.18 -5.30 16.91
N GLU A 10 -2.70 -6.53 16.65
CA GLU A 10 -2.58 -7.04 15.30
C GLU A 10 -3.96 -7.21 14.68
N SER A 11 -4.95 -7.56 15.50
CA SER A 11 -6.31 -7.70 15.03
C SER A 11 -6.92 -6.33 14.69
N SER A 12 -6.37 -5.26 15.28
CA SER A 12 -6.88 -3.92 15.00
C SER A 12 -6.43 -3.47 13.62
N LEU A 13 -5.26 -3.94 13.17
CA LEU A 13 -4.76 -3.66 11.84
C LEU A 13 -5.53 -4.49 10.82
N ASP A 14 -5.69 -5.78 11.09
CA ASP A 14 -6.44 -6.67 10.21
C ASP A 14 -7.85 -6.16 9.96
N ARG A 15 -8.63 -5.90 11.01
CA ARG A 15 -10.04 -5.56 10.81
C ARG A 15 -10.22 -4.16 10.23
N LYS A 16 -9.28 -3.23 10.48
CA LYS A 16 -9.39 -1.90 9.91
C LYS A 16 -8.96 -1.87 8.45
N PHE A 17 -7.99 -2.70 8.05
CA PHE A 17 -7.59 -2.78 6.65
C PHE A 17 -8.62 -3.55 5.84
N GLN A 18 -9.36 -4.45 6.49
CA GLN A 18 -10.43 -5.21 5.86
C GLN A 18 -11.59 -4.29 5.51
N SER A 19 -11.79 -3.25 6.33
CA SER A 19 -12.89 -2.30 6.20
C SER A 19 -12.62 -1.20 5.17
N VAL A 20 -11.46 -1.22 4.51
CA VAL A 20 -11.09 -0.18 3.56
C VAL A 20 -11.99 -0.23 2.32
N THR A 21 -12.24 0.94 1.71
CA THR A 21 -13.08 1.08 0.54
C THR A 21 -12.57 2.23 -0.34
N ASN A 22 -13.08 2.31 -1.57
CA ASN A 22 -12.69 3.33 -2.54
C ASN A 22 -13.22 4.71 -2.15
N THR A 23 -12.53 5.38 -1.23
CA THR A 23 -12.76 6.78 -0.93
C THR A 23 -11.63 7.32 -0.06
N MET A 24 -11.30 8.60 -0.25
CA MET A 24 -10.22 9.25 0.49
C MET A 24 -10.53 9.27 1.98
N GLU A 25 -11.81 9.19 2.37
CA GLU A 25 -12.17 9.18 3.78
C GLU A 25 -11.70 7.87 4.41
N SER A 26 -11.77 6.77 3.65
CA SER A 26 -11.36 5.47 4.13
C SER A 26 -9.86 5.32 4.05
N ILE A 27 -9.24 5.87 3.01
CA ILE A 27 -7.80 5.77 2.84
C ILE A 27 -7.08 6.70 3.82
N GLN A 28 -7.35 8.00 3.76
CA GLN A 28 -6.61 8.97 4.55
C GLN A 28 -6.96 8.84 6.03
N GLY A 29 -8.16 8.34 6.35
CA GLY A 29 -8.59 8.20 7.72
C GLY A 29 -7.79 7.11 8.43
N LEU A 30 -7.76 5.91 7.88
CA LEU A 30 -7.02 4.80 8.47
C LEU A 30 -5.52 4.98 8.25
N SER A 31 -5.12 5.66 7.16
CA SER A 31 -3.71 5.88 6.86
C SER A 31 -3.07 6.77 7.91
N SER A 32 -3.81 7.75 8.44
CA SER A 32 -3.26 8.72 9.37
C SER A 32 -3.00 8.05 10.71
N TRP A 33 -3.89 7.14 11.11
CA TRP A 33 -3.74 6.35 12.33
C TRP A 33 -2.70 5.25 12.12
N CYS A 34 -2.66 4.67 10.92
CA CYS A 34 -1.70 3.62 10.60
C CYS A 34 -0.27 4.18 10.61
N ILE A 35 -0.12 5.48 10.39
CA ILE A 35 1.17 6.15 10.44
C ILE A 35 1.69 6.17 11.89
N GLU A 36 0.80 6.14 12.88
CA GLU A 36 1.24 6.08 14.27
C GLU A 36 1.59 4.65 14.66
N ASN A 37 1.01 3.68 13.95
CA ASN A 37 1.29 2.27 14.15
C ASN A 37 2.61 1.88 13.47
N LYS A 38 3.51 2.84 13.25
CA LYS A 38 4.77 2.58 12.57
C LYS A 38 5.61 1.56 13.33
N LYS A 39 5.33 1.35 14.62
CA LYS A 39 6.02 0.36 15.44
C LYS A 39 5.58 -1.06 15.07
N HIS A 40 4.60 -1.16 14.17
CA HIS A 40 4.09 -2.43 13.67
C HIS A 40 4.32 -2.56 12.17
N HIS A 41 5.17 -1.70 11.59
CA HIS A 41 5.35 -1.68 10.14
C HIS A 41 5.81 -3.03 9.59
N SER A 42 6.42 -3.85 10.45
CA SER A 42 6.94 -5.16 10.06
C SER A 42 5.81 -6.18 9.90
N THR A 43 4.61 -5.89 10.42
CA THR A 43 3.49 -6.82 10.31
C THR A 43 2.30 -6.18 9.61
N ILE A 44 2.26 -4.85 9.53
CA ILE A 44 1.19 -4.14 8.81
C ILE A 44 1.16 -4.58 7.35
N VAL A 45 2.34 -4.78 6.77
CA VAL A 45 2.44 -5.27 5.41
C VAL A 45 1.79 -6.65 5.29
N TYR A 46 1.89 -7.49 6.32
CA TYR A 46 1.23 -8.80 6.31
C TYR A 46 -0.28 -8.66 6.55
N HIS A 47 -0.69 -7.67 7.36
CA HIS A 47 -2.08 -7.52 7.73
C HIS A 47 -2.90 -7.01 6.54
N TRP A 48 -2.37 -6.03 5.81
CA TRP A 48 -3.06 -5.48 4.66
C TRP A 48 -2.99 -6.42 3.45
N MET A 49 -1.94 -7.23 3.33
CA MET A 49 -1.71 -8.02 2.14
C MET A 49 -2.74 -9.13 1.97
N LYS A 50 -3.06 -9.85 3.04
CA LYS A 50 -3.94 -11.00 2.96
C LYS A 50 -5.37 -10.62 2.57
N TRP A 51 -5.73 -9.35 2.75
CA TRP A 51 -7.06 -8.87 2.39
C TRP A 51 -7.23 -8.69 0.89
N LEU A 52 -6.14 -8.66 0.12
CA LEU A 52 -6.25 -8.48 -1.31
C LEU A 52 -6.82 -9.74 -1.94
N ARG A 53 -6.14 -10.86 -1.73
CA ARG A 53 -6.58 -12.14 -2.25
C ARG A 53 -8.01 -12.44 -1.80
N ARG A 54 -8.39 -11.95 -0.61
CA ARG A 54 -9.72 -12.13 -0.06
C ARG A 54 -10.74 -11.22 -0.76
N SER A 55 -10.34 -10.00 -1.10
CA SER A 55 -11.22 -9.02 -1.71
C SER A 55 -11.41 -9.26 -3.21
N ALA A 56 -12.25 -8.41 -3.79
CA ALA A 56 -12.55 -8.41 -5.22
C ALA A 56 -11.35 -7.93 -6.01
N TYR A 57 -11.18 -8.46 -7.21
CA TYR A 57 -10.05 -8.12 -8.07
C TYR A 57 -9.90 -6.61 -8.28
N PRO A 58 -10.98 -5.83 -8.47
CA PRO A 58 -10.89 -4.39 -8.59
C PRO A 58 -10.55 -3.73 -7.25
N HIS A 59 -11.09 -4.28 -6.16
CA HIS A 59 -10.88 -3.77 -4.82
C HIS A 59 -9.43 -4.01 -4.37
N ARG A 60 -8.75 -4.99 -4.98
CA ARG A 60 -7.33 -5.21 -4.71
C ARG A 60 -6.49 -4.02 -5.15
N LEU A 61 -6.85 -3.39 -6.28
CA LEU A 61 -6.14 -2.22 -6.77
C LEU A 61 -6.39 -1.06 -5.82
N ASN A 62 -7.63 -0.95 -5.35
CA ASN A 62 -8.04 0.06 -4.40
C ASN A 62 -7.29 -0.09 -3.08
N LEU A 63 -7.12 -1.33 -2.60
CA LEU A 63 -6.39 -1.57 -1.36
C LEU A 63 -4.92 -1.16 -1.52
N PHE A 64 -4.42 -1.11 -2.75
CA PHE A 64 -3.05 -0.71 -3.01
C PHE A 64 -2.85 0.79 -2.88
N TYR A 65 -3.92 1.58 -2.99
CA TYR A 65 -3.81 3.02 -2.81
C TYR A 65 -3.47 3.35 -1.35
N LEU A 66 -4.00 2.54 -0.42
CA LEU A 66 -3.69 2.73 0.99
C LEU A 66 -2.25 2.34 1.27
N ALA A 67 -1.75 1.31 0.58
CA ALA A 67 -0.40 0.83 0.77
C ALA A 67 0.61 1.83 0.22
N ASN A 68 0.18 2.74 -0.66
CA ASN A 68 1.02 3.80 -1.16
C ASN A 68 1.07 4.97 -0.18
N ASP A 69 -0.08 5.36 0.37
CA ASP A 69 -0.19 6.54 1.20
C ASP A 69 0.46 6.34 2.57
N VAL A 70 0.39 5.12 3.11
CA VAL A 70 0.99 4.81 4.40
C VAL A 70 2.52 4.86 4.32
N ILE A 71 3.07 4.59 3.13
CA ILE A 71 4.50 4.72 2.89
C ILE A 71 4.94 6.18 3.01
N GLN A 72 4.26 7.09 2.32
CA GLN A 72 4.75 8.46 2.21
C GLN A 72 4.66 9.20 3.55
N ASN A 73 3.56 9.05 4.27
CA ASN A 73 3.34 9.78 5.51
C ASN A 73 4.08 9.20 6.70
N CYS A 74 4.53 7.94 6.62
CA CYS A 74 5.33 7.25 7.62
C CYS A 74 6.13 8.21 8.50
N LYS A 75 7.12 8.87 7.91
CA LYS A 75 7.89 9.92 8.55
C LYS A 75 8.60 10.66 7.43
N ARG A 76 7.91 11.66 6.88
CA ARG A 76 8.30 12.32 5.65
C ARG A 76 9.73 12.86 5.73
N LYS A 77 10.51 12.54 4.69
CA LYS A 77 11.90 12.94 4.54
C LYS A 77 12.79 12.65 5.75
N ASN A 78 12.40 11.76 6.67
CA ASN A 78 13.23 11.49 7.84
C ASN A 78 13.67 10.03 7.96
N ALA A 79 12.80 9.08 7.57
CA ALA A 79 13.15 7.67 7.68
C ALA A 79 12.32 6.82 6.73
N ILE A 80 11.02 7.13 6.61
CA ILE A 80 10.10 6.43 5.72
C ILE A 80 10.25 4.91 5.76
N ILE A 81 10.68 4.38 6.92
CA ILE A 81 11.03 2.97 7.07
C ILE A 81 9.87 2.03 6.70
N PHE A 82 8.63 2.54 6.65
CA PHE A 82 7.51 1.70 6.24
C PHE A 82 7.80 1.05 4.89
N ARG A 83 8.54 1.74 4.02
CA ARG A 83 8.84 1.23 2.70
C ARG A 83 9.59 -0.09 2.76
N GLU A 84 10.42 -0.28 3.79
CA GLU A 84 11.31 -1.43 3.84
C GLU A 84 10.54 -2.73 4.02
N SER A 85 9.54 -2.75 4.91
CA SER A 85 8.76 -3.95 5.14
C SER A 85 7.77 -4.21 4.01
N PHE A 86 7.30 -3.18 3.31
CA PHE A 86 6.38 -3.37 2.21
C PHE A 86 7.06 -4.06 1.04
N ALA A 87 8.33 -3.73 0.78
CA ALA A 87 9.06 -4.28 -0.35
C ALA A 87 9.13 -5.81 -0.30
N ASP A 88 8.81 -6.41 0.86
CA ASP A 88 8.90 -7.85 1.05
C ASP A 88 7.84 -8.62 0.27
N VAL A 89 6.70 -7.98 -0.02
CA VAL A 89 5.58 -8.66 -0.68
C VAL A 89 4.88 -7.73 -1.66
N LEU A 90 5.38 -6.50 -1.84
CA LEU A 90 4.75 -5.52 -2.70
C LEU A 90 4.58 -6.06 -4.12
N PRO A 91 5.63 -6.65 -4.73
CA PRO A 91 5.54 -7.26 -6.04
C PRO A 91 4.54 -8.41 -6.08
N GLU A 92 4.56 -9.27 -5.04
CA GLU A 92 3.68 -10.41 -4.95
C GLU A 92 2.22 -9.99 -4.83
N ALA A 93 1.93 -8.97 -4.01
CA ALA A 93 0.57 -8.51 -3.83
C ALA A 93 0.04 -7.84 -5.10
N ALA A 94 0.90 -7.13 -5.83
CA ALA A 94 0.49 -6.47 -7.06
C ALA A 94 0.31 -7.48 -8.20
N ALA A 95 0.80 -8.71 -8.05
CA ALA A 95 0.60 -9.74 -9.06
C ALA A 95 -0.87 -10.14 -9.14
N LEU A 96 -1.68 -9.75 -8.14
CA LEU A 96 -3.10 -10.05 -8.10
C LEU A 96 -3.92 -9.01 -8.86
N VAL A 97 -3.25 -8.05 -9.52
CA VAL A 97 -3.90 -7.01 -10.31
C VAL A 97 -3.20 -6.86 -11.67
N LYS A 98 -2.85 -7.99 -12.27
CA LYS A 98 -2.15 -8.04 -13.55
C LYS A 98 -3.07 -7.78 -14.74
N ASP A 99 -4.38 -7.83 -14.53
CA ASP A 99 -5.33 -7.66 -15.63
C ASP A 99 -5.26 -6.22 -16.15
N PRO A 100 -5.41 -6.03 -17.47
CA PRO A 100 -5.15 -4.77 -18.14
C PRO A 100 -6.11 -3.65 -17.70
N SER A 101 -7.17 -3.99 -16.98
CA SER A 101 -8.13 -2.99 -16.53
C SER A 101 -7.74 -2.38 -15.18
N VAL A 102 -6.67 -2.90 -14.55
CA VAL A 102 -6.20 -2.36 -13.27
C VAL A 102 -4.68 -2.30 -13.19
N SER A 103 -3.96 -3.07 -14.02
CA SER A 103 -2.51 -2.98 -14.04
C SER A 103 -2.09 -1.61 -14.57
N LYS A 104 -3.00 -0.94 -15.28
CA LYS A 104 -2.83 0.41 -15.76
C LYS A 104 -2.96 1.43 -14.62
N SER A 105 -3.63 1.02 -13.52
CA SER A 105 -3.76 1.86 -12.34
C SER A 105 -2.68 1.57 -11.29
N VAL A 106 -2.23 0.31 -11.17
CA VAL A 106 -1.24 -0.03 -10.15
C VAL A 106 0.13 0.54 -10.52
N GLU A 107 0.35 0.86 -11.80
CA GLU A 107 1.58 1.48 -12.22
C GLU A 107 1.68 2.90 -11.66
N ARG A 108 0.55 3.51 -11.28
CA ARG A 108 0.53 4.90 -10.85
C ARG A 108 1.31 5.06 -9.55
N ILE A 109 1.09 4.16 -8.60
CA ILE A 109 1.81 4.19 -7.33
C ILE A 109 3.22 3.67 -7.53
N PHE A 110 3.42 2.72 -8.46
CA PHE A 110 4.76 2.22 -8.76
C PHE A 110 5.59 3.30 -9.45
N LYS A 111 4.92 4.24 -10.14
CA LYS A 111 5.59 5.37 -10.76
C LYS A 111 6.03 6.35 -9.68
N ILE A 112 5.13 6.67 -8.73
CA ILE A 112 5.46 7.63 -7.69
C ILE A 112 6.65 7.15 -6.90
N TRP A 113 6.67 5.87 -6.54
CA TRP A 113 7.74 5.35 -5.71
C TRP A 113 9.09 5.48 -6.39
N GLU A 114 9.11 5.62 -7.72
CA GLU A 114 10.33 5.85 -8.47
C GLU A 114 10.75 7.32 -8.43
N ASP A 115 9.83 8.26 -8.68
CA ASP A 115 10.19 9.68 -8.68
C ASP A 115 10.36 10.19 -7.25
N ARG A 116 9.57 9.64 -6.33
CA ARG A 116 9.75 9.81 -4.89
C ARG A 116 10.95 8.97 -4.43
N ASN A 117 11.63 8.30 -5.36
CA ASN A 117 12.88 7.59 -5.08
C ASN A 117 12.80 6.67 -3.86
N VAL A 118 11.58 6.22 -3.51
CA VAL A 118 11.33 5.44 -2.31
C VAL A 118 11.92 4.04 -2.43
N TYR A 119 12.21 3.60 -3.67
CA TYR A 119 12.79 2.30 -3.91
C TYR A 119 13.91 2.40 -4.95
N PRO A 120 15.01 1.68 -4.73
CA PRO A 120 16.13 1.63 -5.65
C PRO A 120 15.72 0.86 -6.90
N GLU A 121 16.40 1.10 -8.03
CA GLU A 121 16.03 0.52 -9.31
C GLU A 121 15.96 -1.00 -9.23
N GLU A 122 16.82 -1.62 -8.40
CA GLU A 122 16.86 -3.06 -8.25
C GLU A 122 15.52 -3.58 -7.71
N MET A 123 14.81 -2.78 -6.90
CA MET A 123 13.49 -3.18 -6.42
C MET A 123 12.44 -2.90 -7.48
N ILE A 124 12.64 -1.86 -8.31
CA ILE A 124 11.65 -1.50 -9.32
C ILE A 124 11.53 -2.59 -10.36
N VAL A 125 12.56 -3.44 -10.51
CA VAL A 125 12.50 -4.58 -11.42
C VAL A 125 11.39 -5.53 -10.98
N ALA A 126 11.15 -5.62 -9.68
CA ALA A 126 10.09 -6.48 -9.16
C ALA A 126 8.73 -5.80 -9.37
N LEU A 127 8.68 -4.47 -9.35
CA LEU A 127 7.45 -3.74 -9.65
C LEU A 127 7.09 -3.96 -11.12
N ARG A 128 8.11 -3.99 -11.99
CA ARG A 128 7.90 -4.28 -13.40
C ARG A 128 7.41 -5.72 -13.56
N GLU A 129 7.93 -6.64 -12.76
CA GLU A 129 7.55 -8.04 -12.88
C GLU A 129 6.13 -8.26 -12.38
N ALA A 130 5.69 -7.40 -11.46
CA ALA A 130 4.32 -7.46 -11.00
C ALA A 130 3.38 -6.82 -12.02
N LEU A 131 3.87 -5.86 -12.81
CA LEU A 131 3.08 -5.23 -13.87
C LEU A 131 2.94 -6.16 -15.08
N SER A 132 3.98 -6.95 -15.37
CA SER A 132 3.98 -7.87 -16.50
C SER A 132 4.79 -9.12 -16.17
N THR A 133 4.34 -10.28 -16.65
CA THR A 133 4.92 -11.59 -16.34
C THR A 133 5.18 -11.74 -14.85
N SER B 1 -18.53 9.30 -1.73
CA SER B 1 -17.37 8.44 -1.70
C SER B 1 -16.29 8.96 -2.66
N PRO B 2 -15.83 10.20 -2.48
CA PRO B 2 -14.80 10.80 -3.30
C PRO B 2 -13.47 10.08 -3.05
N SEP B 3 -12.60 10.02 -4.06
CA SEP B 3 -11.35 9.28 -3.98
CB SEP B 3 -11.36 8.15 -5.01
OG SEP B 3 -10.13 7.44 -5.01
C SEP B 3 -10.15 10.21 -4.18
O SEP B 3 -10.28 11.27 -4.80
P SEP B 3 -9.73 6.41 -3.85
O1P SEP B 3 -9.79 7.22 -2.61
O2P SEP B 3 -10.76 5.34 -3.96
O3P SEP B 3 -8.36 5.98 -4.25
H SEP B 3 -12.81 10.49 -4.93
HA SEP B 3 -11.28 8.84 -2.99
HB2 SEP B 3 -12.17 7.46 -4.79
HB3 SEP B 3 -11.51 8.58 -5.99
N TYR B 4 -9.00 9.82 -3.64
CA TYR B 4 -7.79 10.65 -3.66
C TYR B 4 -6.94 10.35 -4.91
N SEP B 5 -5.87 11.15 -5.09
CA SEP B 5 -4.94 11.00 -6.20
CB SEP B 5 -4.88 12.32 -6.96
OG SEP B 5 -4.42 12.18 -8.29
C SEP B 5 -3.59 10.58 -5.63
O SEP B 5 -2.98 11.36 -4.91
P SEP B 5 -2.86 11.95 -8.66
O1P SEP B 5 -2.69 10.48 -8.60
O2P SEP B 5 -2.76 12.51 -10.02
O3P SEP B 5 -2.12 12.69 -7.61
H SEP B 5 -5.70 11.88 -4.43
HA SEP B 5 -5.32 10.23 -6.87
HB2 SEP B 5 -5.89 12.73 -7.02
HB3 SEP B 5 -4.26 13.04 -6.42
N PRO B 6 -3.11 9.37 -5.94
CA PRO B 6 -1.85 8.81 -5.49
C PRO B 6 -0.66 9.77 -5.34
N THR B 7 -0.53 10.81 -6.18
CA THR B 7 0.63 11.68 -6.11
C THR B 7 0.44 12.83 -5.12
N SER B 8 -0.80 13.04 -4.66
CA SER B 8 -1.17 14.15 -3.80
C SER B 8 -0.42 14.17 -2.46
N PRO B 9 -0.19 13.04 -1.76
CA PRO B 9 0.50 13.05 -0.48
C PRO B 9 1.98 13.41 -0.65
N SEP B 10 2.49 14.20 0.30
CA SEP B 10 3.90 14.54 0.36
CB SEP B 10 4.09 15.77 1.25
OG SEP B 10 5.44 16.15 1.25
C SEP B 10 4.66 13.34 0.92
O SEP B 10 4.04 12.41 1.44
P SEP B 10 6.02 17.25 2.27
O1P SEP B 10 6.92 18.05 1.41
O2P SEP B 10 6.69 16.43 3.30
O3P SEP B 10 4.81 17.97 2.76
H SEP B 10 1.88 14.58 1.00
HA SEP B 10 4.27 14.76 -0.64
HB2 SEP B 10 3.47 16.59 0.86
HB3 SEP B 10 3.75 15.54 2.26
N TYR B 11 6.00 13.35 0.82
CA TYR B 11 6.80 12.21 1.24
C TYR B 11 8.17 12.65 1.72
N SER A 5 -4.11 -10.48 25.11
CA SER A 5 -4.60 -9.16 25.54
C SER A 5 -4.13 -8.06 24.59
N ALA A 6 -2.84 -7.72 24.63
CA ALA A 6 -2.27 -6.65 23.80
C ALA A 6 -2.46 -6.93 22.32
N GLY A 7 -2.67 -8.20 21.94
CA GLY A 7 -2.85 -8.59 20.56
C GLY A 7 -4.11 -7.97 19.95
N ALA A 8 -5.00 -7.43 20.79
CA ALA A 8 -6.20 -6.77 20.31
C ALA A 8 -5.86 -5.51 19.53
N LEU A 9 -4.69 -4.92 19.82
CA LEU A 9 -4.24 -3.73 19.09
C LEU A 9 -3.75 -4.14 17.70
N GLU A 10 -3.12 -5.30 17.60
CA GLU A 10 -2.65 -5.81 16.32
C GLU A 10 -3.84 -6.33 15.51
N SER A 11 -4.85 -6.89 16.18
CA SER A 11 -6.04 -7.39 15.52
C SER A 11 -6.88 -6.25 14.95
N SER A 12 -6.63 -5.00 15.41
CA SER A 12 -7.33 -3.85 14.88
C SER A 12 -6.93 -3.56 13.44
N LEU A 13 -5.76 -4.07 13.03
CA LEU A 13 -5.24 -3.85 11.69
C LEU A 13 -6.01 -4.69 10.68
N ASP A 14 -6.27 -5.97 11.00
CA ASP A 14 -7.04 -6.83 10.11
C ASP A 14 -8.46 -6.32 9.93
N ARG A 15 -9.05 -5.74 10.96
CA ARG A 15 -10.44 -5.29 10.93
C ARG A 15 -10.60 -4.02 10.11
N LYS A 16 -9.72 -3.04 10.35
CA LYS A 16 -9.84 -1.74 9.71
C LYS A 16 -9.37 -1.76 8.25
N PHE A 17 -8.36 -2.57 7.92
CA PHE A 17 -7.88 -2.62 6.54
C PHE A 17 -8.88 -3.39 5.66
N GLN A 18 -9.64 -4.30 6.24
CA GLN A 18 -10.66 -5.03 5.49
C GLN A 18 -11.87 -4.14 5.25
N SER A 19 -12.15 -3.23 6.19
CA SER A 19 -13.29 -2.32 6.13
C SER A 19 -13.04 -1.12 5.21
N VAL A 20 -11.92 -1.09 4.49
CA VAL A 20 -11.59 0.04 3.64
C VAL A 20 -12.57 0.17 2.48
N THR A 21 -12.71 1.39 1.94
CA THR A 21 -13.55 1.68 0.79
C THR A 21 -12.85 2.69 -0.11
N ASN A 22 -13.29 2.71 -1.38
CA ASN A 22 -12.73 3.59 -2.39
C ASN A 22 -13.13 5.05 -2.15
N THR A 23 -12.57 5.67 -1.12
CA THR A 23 -12.73 7.09 -0.87
C THR A 23 -11.70 7.59 0.14
N MET A 24 -11.33 8.87 0.03
CA MET A 24 -10.37 9.50 0.91
C MET A 24 -10.88 9.48 2.35
N GLU A 25 -12.20 9.39 2.53
CA GLU A 25 -12.80 9.36 3.86
C GLU A 25 -12.39 8.09 4.60
N SER A 26 -12.03 7.04 3.86
CA SER A 26 -11.58 5.79 4.46
C SER A 26 -10.06 5.69 4.43
N ILE A 27 -9.43 6.16 3.35
CA ILE A 27 -7.98 6.06 3.20
C ILE A 27 -7.26 7.03 4.13
N GLN A 28 -7.64 8.31 4.15
CA GLN A 28 -6.90 9.28 4.93
C GLN A 28 -7.09 9.06 6.43
N GLY A 29 -8.25 8.52 6.82
CA GLY A 29 -8.53 8.28 8.22
C GLY A 29 -7.68 7.13 8.74
N LEU A 30 -7.64 6.01 8.01
CA LEU A 30 -6.86 4.86 8.43
C LEU A 30 -5.37 5.08 8.20
N SER A 31 -5.01 5.83 7.15
CA SER A 31 -3.61 6.12 6.85
C SER A 31 -2.98 6.99 7.93
N SER A 32 -3.78 7.86 8.55
CA SER A 32 -3.25 8.77 9.55
C SER A 32 -3.00 8.02 10.84
N TRP A 33 -3.92 7.11 11.19
CA TRP A 33 -3.80 6.29 12.38
C TRP A 33 -2.77 5.18 12.18
N CYS A 34 -2.70 4.62 10.97
CA CYS A 34 -1.75 3.57 10.65
C CYS A 34 -0.31 4.06 10.83
N ILE A 35 -0.06 5.35 10.58
CA ILE A 35 1.28 5.90 10.75
C ILE A 35 1.68 5.96 12.21
N GLU A 36 0.72 6.03 13.15
CA GLU A 36 1.08 6.00 14.56
C GLU A 36 1.40 4.59 15.02
N ASN A 37 0.90 3.59 14.27
CA ASN A 37 1.17 2.20 14.55
C ASN A 37 2.50 1.76 13.91
N LYS A 38 3.37 2.72 13.57
CA LYS A 38 4.65 2.42 12.93
C LYS A 38 5.52 1.51 13.80
N LYS A 39 5.21 1.42 15.10
CA LYS A 39 5.89 0.54 16.04
C LYS A 39 5.55 -0.92 15.76
N HIS A 40 4.70 -1.14 14.75
CA HIS A 40 4.32 -2.46 14.26
C HIS A 40 4.32 -2.49 12.73
N HIS A 41 5.13 -1.64 12.09
CA HIS A 41 5.13 -1.51 10.63
C HIS A 41 5.41 -2.83 9.92
N SER A 42 5.98 -3.82 10.62
CA SER A 42 6.26 -5.12 10.02
C SER A 42 4.99 -5.94 9.86
N THR A 43 4.18 -6.10 10.93
CA THR A 43 2.98 -6.93 10.87
C THR A 43 1.86 -6.22 10.11
N ILE A 44 1.91 -4.88 10.05
CA ILE A 44 0.91 -4.10 9.35
C ILE A 44 0.81 -4.53 7.90
N VAL A 45 1.96 -4.82 7.28
CA VAL A 45 1.98 -5.31 5.91
C VAL A 45 1.30 -6.67 5.81
N TYR A 46 1.47 -7.53 6.82
CA TYR A 46 0.87 -8.85 6.78
C TYR A 46 -0.65 -8.76 6.86
N HIS A 47 -1.16 -7.74 7.56
CA HIS A 47 -2.60 -7.59 7.74
C HIS A 47 -3.23 -7.06 6.47
N TRP A 48 -2.63 -6.02 5.88
CA TRP A 48 -3.16 -5.41 4.66
C TRP A 48 -2.96 -6.33 3.45
N MET A 49 -1.90 -7.14 3.44
CA MET A 49 -1.52 -7.92 2.27
C MET A 49 -2.50 -9.04 1.96
N LYS A 50 -2.95 -9.76 2.99
CA LYS A 50 -3.82 -10.90 2.77
C LYS A 50 -5.20 -10.48 2.28
N TRP A 51 -5.59 -9.22 2.51
CA TRP A 51 -6.87 -8.73 2.07
C TRP A 51 -6.91 -8.47 0.56
N LEU A 52 -5.75 -8.40 -0.09
CA LEU A 52 -5.67 -8.14 -1.51
C LEU A 52 -6.25 -9.34 -2.27
N ARG A 53 -5.51 -10.44 -2.30
CA ARG A 53 -5.98 -11.70 -2.87
C ARG A 53 -7.28 -12.22 -2.23
N ARG A 54 -7.66 -11.74 -1.05
CA ARG A 54 -8.90 -12.16 -0.41
C ARG A 54 -10.11 -11.48 -1.04
N SER A 55 -9.98 -10.20 -1.39
CA SER A 55 -11.08 -9.41 -1.93
C SER A 55 -11.09 -9.48 -3.45
N ALA A 56 -11.98 -8.69 -4.06
CA ALA A 56 -12.09 -8.59 -5.51
C ALA A 56 -10.87 -7.86 -6.04
N TYR A 57 -10.44 -8.14 -7.27
CA TYR A 57 -9.20 -7.53 -7.75
C TYR A 57 -9.26 -6.00 -8.00
N PRO A 58 -10.41 -5.33 -8.20
CA PRO A 58 -10.44 -3.87 -8.18
C PRO A 58 -10.37 -3.35 -6.74
N HIS A 59 -10.91 -4.10 -5.78
CA HIS A 59 -10.84 -3.75 -4.37
C HIS A 59 -9.42 -4.04 -3.87
N ARG A 60 -8.75 -4.99 -4.52
CA ARG A 60 -7.34 -5.29 -4.29
C ARG A 60 -6.48 -4.12 -4.71
N LEU A 61 -6.88 -3.42 -5.79
CA LEU A 61 -6.20 -2.22 -6.25
C LEU A 61 -6.49 -1.09 -5.27
N ASN A 62 -7.74 -0.99 -4.84
CA ASN A 62 -8.16 0.01 -3.87
C ASN A 62 -7.41 -0.17 -2.56
N LEU A 63 -7.15 -1.42 -2.15
CA LEU A 63 -6.39 -1.70 -0.95
C LEU A 63 -4.95 -1.22 -1.12
N PHE A 64 -4.46 -1.16 -2.36
CA PHE A 64 -3.08 -0.80 -2.63
C PHE A 64 -2.82 0.70 -2.44
N TYR A 65 -3.85 1.54 -2.55
CA TYR A 65 -3.67 2.97 -2.35
C TYR A 65 -3.27 3.26 -0.90
N LEU A 66 -3.67 2.38 0.03
CA LEU A 66 -3.31 2.52 1.43
C LEU A 66 -1.79 2.45 1.58
N ALA A 67 -1.15 1.50 0.89
CA ALA A 67 0.28 1.31 1.01
C ALA A 67 1.02 2.52 0.46
N ASN A 68 0.61 3.03 -0.70
CA ASN A 68 1.25 4.17 -1.32
C ASN A 68 1.21 5.39 -0.40
N ASP A 69 0.10 5.58 0.29
CA ASP A 69 -0.08 6.71 1.19
C ASP A 69 0.69 6.51 2.49
N VAL A 70 0.65 5.30 3.05
CA VAL A 70 1.32 5.01 4.31
C VAL A 70 2.84 5.11 4.14
N ILE A 71 3.34 4.83 2.92
CA ILE A 71 4.75 4.99 2.64
C ILE A 71 5.14 6.46 2.77
N GLN A 72 4.35 7.37 2.19
CA GLN A 72 4.68 8.78 2.20
C GLN A 72 4.38 9.46 3.53
N ASN A 73 3.36 9.03 4.28
CA ASN A 73 3.04 9.70 5.54
C ASN A 73 3.96 9.28 6.69
N CYS A 74 4.57 8.09 6.61
CA CYS A 74 5.46 7.56 7.62
C CYS A 74 6.55 8.52 8.09
N LYS A 75 7.61 8.68 7.31
CA LYS A 75 8.77 9.47 7.70
C LYS A 75 9.53 9.86 6.44
N ARG A 76 8.79 10.52 5.54
CA ARG A 76 9.21 10.90 4.20
C ARG A 76 10.52 11.66 4.20
N LYS A 77 11.38 11.34 3.23
CA LYS A 77 12.66 12.00 3.01
C LYS A 77 13.57 12.00 4.25
N ASN A 78 13.24 11.21 5.29
CA ASN A 78 14.04 11.16 6.50
C ASN A 78 14.40 9.72 6.89
N ALA A 79 13.48 8.77 6.70
CA ALA A 79 13.74 7.36 6.99
C ALA A 79 12.79 6.46 6.23
N ILE A 80 11.52 6.89 6.11
CA ILE A 80 10.48 6.23 5.32
C ILE A 80 10.46 4.72 5.50
N ILE A 81 10.86 4.24 6.70
CA ILE A 81 11.07 2.83 6.99
C ILE A 81 9.85 1.95 6.67
N PHE A 82 8.65 2.53 6.59
CA PHE A 82 7.48 1.74 6.24
C PHE A 82 7.68 1.06 4.89
N ARG A 83 8.51 1.63 4.02
CA ARG A 83 8.70 1.08 2.69
C ARG A 83 9.39 -0.28 2.74
N GLU A 84 10.24 -0.52 3.75
CA GLU A 84 11.01 -1.76 3.81
C GLU A 84 10.07 -2.95 3.89
N SER A 85 9.20 -2.96 4.89
CA SER A 85 8.29 -4.07 5.12
C SER A 85 7.31 -4.25 3.95
N PHE A 86 6.96 -3.17 3.24
CA PHE A 86 6.05 -3.30 2.12
C PHE A 86 6.70 -4.05 0.97
N ALA A 87 7.99 -3.80 0.74
CA ALA A 87 8.72 -4.38 -0.38
C ALA A 87 8.73 -5.92 -0.34
N ASP A 88 8.38 -6.51 0.80
CA ASP A 88 8.42 -7.95 0.98
C ASP A 88 7.34 -8.67 0.16
N VAL A 89 6.26 -7.98 -0.18
CA VAL A 89 5.13 -8.57 -0.88
C VAL A 89 4.53 -7.59 -1.89
N LEU A 90 5.13 -6.41 -2.03
CA LEU A 90 4.62 -5.38 -2.92
C LEU A 90 4.58 -5.87 -4.36
N PRO A 91 5.64 -6.51 -4.87
CA PRO A 91 5.64 -7.12 -6.19
C PRO A 91 4.63 -8.25 -6.26
N GLU A 92 4.63 -9.13 -5.25
CA GLU A 92 3.73 -10.26 -5.18
C GLU A 92 2.28 -9.82 -5.24
N ALA A 93 1.96 -8.66 -4.67
CA ALA A 93 0.61 -8.13 -4.68
C ALA A 93 0.19 -7.69 -6.08
N ALA A 94 1.15 -7.26 -6.91
CA ALA A 94 0.88 -6.81 -8.27
C ALA A 94 0.62 -7.99 -9.20
N ALA A 95 0.99 -9.21 -8.80
CA ALA A 95 0.73 -10.38 -9.62
C ALA A 95 -0.76 -10.70 -9.67
N LEU A 96 -1.54 -10.10 -8.75
CA LEU A 96 -2.99 -10.30 -8.67
C LEU A 96 -3.76 -9.48 -9.71
N VAL A 97 -3.05 -8.74 -10.58
CA VAL A 97 -3.67 -7.93 -11.63
C VAL A 97 -2.82 -7.97 -12.89
N LYS A 98 -3.41 -8.45 -13.99
CA LYS A 98 -2.78 -8.44 -15.30
C LYS A 98 -3.75 -7.96 -16.38
N ASP A 99 -4.97 -7.63 -15.96
CA ASP A 99 -5.99 -7.06 -16.82
C ASP A 99 -5.62 -5.60 -17.10
N PRO A 100 -5.68 -5.16 -18.36
CA PRO A 100 -5.33 -3.79 -18.72
C PRO A 100 -6.25 -2.77 -18.07
N SER A 101 -7.40 -3.20 -17.55
CA SER A 101 -8.35 -2.31 -16.91
C SER A 101 -8.01 -2.04 -15.44
N VAL A 102 -7.17 -2.86 -14.82
CA VAL A 102 -6.78 -2.64 -13.43
C VAL A 102 -5.27 -2.47 -13.27
N SER A 103 -4.47 -3.03 -14.17
CA SER A 103 -3.03 -2.90 -14.11
C SER A 103 -2.63 -1.45 -14.38
N LYS A 104 -3.46 -0.71 -15.12
CA LYS A 104 -3.19 0.71 -15.34
C LYS A 104 -3.29 1.50 -14.04
N SER A 105 -4.06 1.00 -13.08
CA SER A 105 -4.19 1.65 -11.79
C SER A 105 -2.96 1.40 -10.93
N VAL A 106 -2.31 0.23 -11.06
CA VAL A 106 -1.09 -0.03 -10.32
C VAL A 106 0.05 0.83 -10.85
N GLU A 107 0.02 1.13 -12.16
CA GLU A 107 1.01 2.00 -12.75
C GLU A 107 0.96 3.38 -12.10
N ARG A 108 -0.19 3.80 -11.55
CA ARG A 108 -0.27 5.11 -10.94
C ARG A 108 0.64 5.19 -9.73
N ILE A 109 0.50 4.22 -8.81
CA ILE A 109 1.26 4.23 -7.57
C ILE A 109 2.70 3.82 -7.82
N PHE A 110 2.95 2.88 -8.74
CA PHE A 110 4.31 2.44 -9.00
C PHE A 110 5.10 3.53 -9.73
N LYS A 111 4.47 4.28 -10.63
CA LYS A 111 5.17 5.32 -11.38
C LYS A 111 5.68 6.40 -10.45
N ILE A 112 4.97 6.68 -9.35
CA ILE A 112 5.44 7.69 -8.41
C ILE A 112 6.70 7.16 -7.75
N TRP A 113 6.64 5.93 -7.22
CA TRP A 113 7.75 5.34 -6.50
C TRP A 113 9.00 5.26 -7.38
N GLU A 114 8.81 5.14 -8.70
CA GLU A 114 9.90 5.07 -9.67
C GLU A 114 10.62 6.41 -9.78
N ASP A 115 9.92 7.48 -10.16
CA ASP A 115 10.60 8.75 -10.41
C ASP A 115 10.87 9.53 -9.13
N ARG A 116 10.06 9.30 -8.09
CA ARG A 116 10.34 9.77 -6.74
C ARG A 116 11.45 8.93 -6.12
N ASN A 117 11.86 7.85 -6.80
CA ASN A 117 12.94 7.00 -6.33
C ASN A 117 12.73 6.57 -4.87
N VAL A 118 11.48 6.43 -4.45
CA VAL A 118 11.15 6.08 -3.07
C VAL A 118 11.61 4.64 -2.77
N TYR A 119 11.91 3.89 -3.82
CA TYR A 119 12.53 2.57 -3.73
C TYR A 119 13.78 2.56 -4.60
N PRO A 120 14.82 1.85 -4.18
CA PRO A 120 16.06 1.73 -4.93
C PRO A 120 15.80 0.88 -6.18
N GLU A 121 16.62 1.06 -7.21
CA GLU A 121 16.40 0.41 -8.49
C GLU A 121 16.41 -1.11 -8.35
N GLU A 122 17.17 -1.63 -7.38
CA GLU A 122 17.27 -3.05 -7.13
C GLU A 122 15.91 -3.61 -6.70
N MET A 123 15.02 -2.75 -6.20
CA MET A 123 13.66 -3.16 -5.83
C MET A 123 12.68 -2.82 -6.94
N ILE A 124 12.91 -1.71 -7.67
CA ILE A 124 12.00 -1.26 -8.71
C ILE A 124 11.86 -2.32 -9.79
N VAL A 125 12.91 -3.10 -10.05
CA VAL A 125 12.83 -4.16 -11.04
C VAL A 125 11.81 -5.22 -10.63
N ALA A 126 11.54 -5.38 -9.32
CA ALA A 126 10.55 -6.33 -8.87
C ALA A 126 9.14 -5.78 -9.11
N LEU A 127 8.93 -4.48 -8.85
CA LEU A 127 7.64 -3.86 -9.05
C LEU A 127 7.30 -3.86 -10.54
N ARG A 128 8.28 -3.60 -11.39
CA ARG A 128 8.10 -3.55 -12.83
C ARG A 128 7.94 -4.96 -13.42
N GLU A 129 8.69 -5.94 -12.93
CA GLU A 129 8.59 -7.30 -13.45
C GLU A 129 7.29 -7.95 -12.98
N ALA A 130 6.82 -7.58 -11.80
CA ALA A 130 5.56 -8.11 -11.29
C ALA A 130 4.39 -7.59 -12.10
N LEU A 131 4.52 -6.46 -12.78
CA LEU A 131 3.51 -5.96 -13.70
C LEU A 131 3.61 -6.72 -15.02
N SER A 132 4.83 -7.08 -15.42
CA SER A 132 5.07 -7.83 -16.65
C SER A 132 4.41 -9.21 -16.57
N THR A 133 4.14 -9.81 -17.73
CA THR A 133 3.51 -11.12 -17.81
C THR A 133 4.52 -12.19 -17.40
N SER B 1 -18.38 9.87 -2.32
CA SER B 1 -17.28 8.93 -2.12
C SER B 1 -16.06 9.35 -2.94
N PRO B 2 -15.55 10.58 -2.74
CA PRO B 2 -14.41 11.09 -3.47
C PRO B 2 -13.15 10.35 -3.04
N SEP B 3 -12.20 10.16 -3.97
CA SEP B 3 -11.01 9.39 -3.71
CB SEP B 3 -10.75 8.40 -4.85
OG SEP B 3 -9.57 7.66 -4.62
C SEP B 3 -9.80 10.30 -3.48
O SEP B 3 -9.77 11.43 -3.97
P SEP B 3 -9.48 6.50 -3.50
O1P SEP B 3 -10.60 5.59 -3.83
O2P SEP B 3 -8.13 5.93 -3.73
O3P SEP B 3 -9.61 7.24 -2.23
H SEP B 3 -12.32 10.54 -4.91
HA SEP B 3 -11.16 8.81 -2.80
HB2 SEP B 3 -11.60 7.72 -4.94
HB3 SEP B 3 -10.64 8.96 -5.77
N TYR B 4 -8.81 9.82 -2.73
CA TYR B 4 -7.68 10.62 -2.29
C TYR B 4 -6.67 10.87 -3.42
N SEP B 5 -6.75 10.10 -4.51
CA SEP B 5 -5.80 10.07 -5.62
CB SEP B 5 -5.86 11.38 -6.40
OG SEP B 5 -5.40 11.11 -7.72
C SEP B 5 -4.36 9.75 -5.18
O SEP B 5 -3.85 10.29 -4.21
P SEP B 5 -4.52 12.18 -8.53
O1P SEP B 5 -3.18 12.03 -7.91
O2P SEP B 5 -5.19 13.47 -8.28
O3P SEP B 5 -4.62 11.67 -9.92
H SEP B 5 -7.54 9.47 -4.57
HA SEP B 5 -6.14 9.29 -6.29
HB2 SEP B 5 -5.22 12.12 -5.93
HB3 SEP B 5 -6.88 11.75 -6.45
N PRO B 6 -3.68 8.84 -5.89
CA PRO B 6 -2.38 8.32 -5.50
C PRO B 6 -1.26 9.35 -5.52
N THR B 7 -1.39 10.49 -6.21
CA THR B 7 -0.32 11.47 -6.26
C THR B 7 -0.61 12.66 -5.33
N SER B 8 -1.69 12.58 -4.55
CA SER B 8 -2.08 13.64 -3.62
C SER B 8 -1.10 13.81 -2.45
N PRO B 9 -0.54 12.75 -1.86
CA PRO B 9 0.46 12.91 -0.81
C PRO B 9 1.73 13.50 -1.40
N SEP B 10 2.55 14.15 -0.57
CA SEP B 10 3.75 14.82 -1.04
CB SEP B 10 4.45 15.56 0.10
OG SEP B 10 5.54 16.28 -0.44
C SEP B 10 4.72 13.83 -1.68
O SEP B 10 4.67 12.63 -1.41
P SEP B 10 6.76 16.77 0.48
O1P SEP B 10 7.40 17.83 -0.34
O2P SEP B 10 7.59 15.55 0.63
O3P SEP B 10 6.12 17.24 1.73
H SEP B 10 2.33 14.20 0.42
HA SEP B 10 3.46 15.55 -1.80
HB2 SEP B 10 3.75 16.24 0.59
HB3 SEP B 10 4.81 14.83 0.82
N TYR B 11 5.59 14.37 -2.54
CA TYR B 11 6.56 13.64 -3.33
C TYR B 11 5.88 12.62 -4.25
N SER A 5 -3.27 -8.15 25.20
CA SER A 5 -3.31 -6.69 25.11
C SER A 5 -2.98 -6.20 23.69
N ALA A 6 -1.75 -6.46 23.22
CA ALA A 6 -1.29 -6.01 21.92
C ALA A 6 -2.14 -6.58 20.78
N GLY A 7 -2.87 -7.66 21.03
CA GLY A 7 -3.69 -8.30 20.01
C GLY A 7 -4.86 -7.40 19.61
N ALA A 8 -5.16 -6.37 20.40
CA ALA A 8 -6.21 -5.42 20.05
C ALA A 8 -5.76 -4.55 18.89
N LEU A 9 -4.46 -4.22 18.83
CA LEU A 9 -3.92 -3.44 17.73
C LEU A 9 -3.78 -4.33 16.50
N GLU A 10 -3.44 -5.60 16.72
CA GLU A 10 -3.30 -6.55 15.63
C GLU A 10 -4.64 -6.76 14.95
N SER A 11 -5.69 -6.94 15.76
CA SER A 11 -7.04 -7.13 15.24
C SER A 11 -7.56 -5.84 14.62
N SER A 12 -7.08 -4.68 15.09
CA SER A 12 -7.51 -3.41 14.54
C SER A 12 -6.94 -3.22 13.13
N LEU A 13 -5.69 -3.64 12.91
CA LEU A 13 -5.09 -3.56 11.59
C LEU A 13 -5.79 -4.54 10.66
N ASP A 14 -6.11 -5.75 11.15
CA ASP A 14 -6.81 -6.73 10.36
C ASP A 14 -8.21 -6.23 9.98
N ARG A 15 -8.95 -5.69 10.95
CA ARG A 15 -10.34 -5.31 10.74
C ARG A 15 -10.47 -4.01 9.93
N LYS A 16 -9.60 -3.03 10.14
CA LYS A 16 -9.71 -1.75 9.46
C LYS A 16 -9.28 -1.85 8.00
N PHE A 17 -8.29 -2.68 7.70
CA PHE A 17 -7.84 -2.85 6.33
C PHE A 17 -8.82 -3.72 5.54
N GLN A 18 -9.71 -4.43 6.25
CA GLN A 18 -10.79 -5.18 5.65
C GLN A 18 -12.01 -4.29 5.44
N SER A 19 -12.24 -3.38 6.39
CA SER A 19 -13.39 -2.49 6.42
C SER A 19 -13.26 -1.30 5.47
N VAL A 20 -12.05 -1.04 4.98
CA VAL A 20 -11.75 0.11 4.12
C VAL A 20 -12.49 0.02 2.78
N THR A 21 -12.68 1.16 2.12
CA THR A 21 -13.37 1.28 0.84
C THR A 21 -12.73 2.38 0.01
N ASN A 22 -13.15 2.47 -1.26
CA ASN A 22 -12.65 3.46 -2.22
C ASN A 22 -13.10 4.87 -1.87
N THR A 23 -12.33 5.55 -1.01
CA THR A 23 -12.51 6.98 -0.77
C THR A 23 -11.32 7.54 0.03
N MET A 24 -10.97 8.80 -0.23
CA MET A 24 -9.87 9.45 0.46
C MET A 24 -10.15 9.56 1.96
N GLU A 25 -11.42 9.51 2.36
CA GLU A 25 -11.80 9.63 3.75
C GLU A 25 -11.26 8.43 4.52
N SER A 26 -11.41 7.23 3.97
CA SER A 26 -10.95 6.00 4.61
C SER A 26 -9.46 5.78 4.35
N ILE A 27 -8.95 6.20 3.19
CA ILE A 27 -7.54 6.02 2.88
C ILE A 27 -6.69 6.93 3.75
N GLN A 28 -6.98 8.24 3.76
CA GLN A 28 -6.18 9.19 4.50
C GLN A 28 -6.45 9.07 6.00
N GLY A 29 -7.68 8.68 6.36
CA GLY A 29 -8.06 8.52 7.75
C GLY A 29 -7.31 7.36 8.39
N LEU A 30 -7.28 6.21 7.70
CA LEU A 30 -6.59 5.05 8.23
C LEU A 30 -5.08 5.21 8.11
N SER A 31 -4.59 5.87 7.06
CA SER A 31 -3.16 6.05 6.89
C SER A 31 -2.60 6.98 7.98
N SER A 32 -3.43 7.87 8.52
CA SER A 32 -2.96 8.80 9.53
C SER A 32 -2.73 8.05 10.85
N TRP A 33 -3.67 7.18 11.22
CA TRP A 33 -3.55 6.38 12.42
C TRP A 33 -2.55 5.24 12.20
N CYS A 34 -2.50 4.68 10.99
CA CYS A 34 -1.58 3.60 10.68
C CYS A 34 -0.12 4.03 10.84
N ILE A 35 0.17 5.32 10.62
CA ILE A 35 1.52 5.83 10.78
C ILE A 35 1.90 5.91 12.26
N GLU A 36 0.94 6.00 13.17
CA GLU A 36 1.25 5.96 14.59
C GLU A 36 1.57 4.54 15.04
N ASN A 37 1.10 3.57 14.26
CA ASN A 37 1.36 2.17 14.48
C ASN A 37 2.70 1.76 13.85
N LYS A 38 3.60 2.72 13.60
CA LYS A 38 4.90 2.44 13.02
C LYS A 38 5.70 1.45 13.88
N LYS A 39 5.32 1.33 15.15
CA LYS A 39 5.91 0.39 16.10
C LYS A 39 5.53 -1.05 15.74
N HIS A 40 4.68 -1.21 14.71
CA HIS A 40 4.23 -2.50 14.22
C HIS A 40 4.38 -2.59 12.70
N HIS A 41 5.22 -1.75 12.09
CA HIS A 41 5.35 -1.71 10.65
C HIS A 41 5.78 -3.06 10.07
N SER A 42 6.32 -3.95 10.91
CA SER A 42 6.76 -5.27 10.49
C SER A 42 5.58 -6.22 10.26
N THR A 43 4.38 -5.89 10.74
CA THR A 43 3.21 -6.76 10.55
C THR A 43 2.05 -6.03 9.89
N ILE A 44 2.09 -4.70 9.86
CA ILE A 44 1.05 -3.91 9.20
C ILE A 44 0.92 -4.35 7.74
N VAL A 45 2.07 -4.58 7.10
CA VAL A 45 2.12 -5.08 5.75
C VAL A 45 1.43 -6.45 5.64
N TYR A 46 1.55 -7.31 6.64
CA TYR A 46 0.95 -8.63 6.58
C TYR A 46 -0.57 -8.55 6.69
N HIS A 47 -1.09 -7.58 7.44
CA HIS A 47 -2.53 -7.46 7.64
C HIS A 47 -3.20 -6.90 6.39
N TRP A 48 -2.57 -5.93 5.72
CA TRP A 48 -3.12 -5.34 4.49
C TRP A 48 -2.96 -6.30 3.31
N MET A 49 -1.96 -7.17 3.37
CA MET A 49 -1.63 -8.05 2.25
C MET A 49 -2.62 -9.20 2.10
N LYS A 50 -3.09 -9.76 3.23
CA LYS A 50 -4.00 -10.89 3.19
C LYS A 50 -5.37 -10.49 2.66
N TRP A 51 -5.72 -9.21 2.72
CA TRP A 51 -6.97 -8.72 2.19
C TRP A 51 -6.91 -8.47 0.68
N LEU A 52 -5.70 -8.43 0.12
CA LEU A 52 -5.52 -8.11 -1.28
C LEU A 52 -5.92 -9.30 -2.14
N ARG A 53 -5.48 -10.50 -1.75
CA ARG A 53 -5.92 -11.74 -2.37
C ARG A 53 -7.41 -12.00 -2.10
N ARG A 54 -7.91 -11.52 -0.96
CA ARG A 54 -9.29 -11.72 -0.56
C ARG A 54 -10.25 -10.83 -1.35
N SER A 55 -9.77 -9.63 -1.73
CA SER A 55 -10.56 -8.63 -2.42
C SER A 55 -10.76 -8.96 -3.89
N ALA A 56 -11.74 -8.27 -4.47
CA ALA A 56 -12.06 -8.33 -5.88
C ALA A 56 -11.00 -7.57 -6.67
N TYR A 57 -11.01 -7.67 -8.00
CA TYR A 57 -10.02 -7.00 -8.83
C TYR A 57 -9.99 -5.48 -8.62
N PRO A 58 -11.14 -4.79 -8.54
CA PRO A 58 -11.16 -3.37 -8.28
C PRO A 58 -10.73 -3.05 -6.85
N HIS A 59 -11.22 -3.82 -5.87
CA HIS A 59 -10.98 -3.54 -4.47
C HIS A 59 -9.55 -3.93 -4.03
N ARG A 60 -8.93 -4.93 -4.67
CA ARG A 60 -7.55 -5.28 -4.34
C ARG A 60 -6.60 -4.20 -4.86
N LEU A 61 -7.00 -3.51 -5.94
CA LEU A 61 -6.24 -2.40 -6.48
C LEU A 61 -6.46 -1.20 -5.55
N ASN A 62 -7.68 -1.05 -5.05
CA ASN A 62 -8.03 0.00 -4.12
C ASN A 62 -7.22 -0.14 -2.83
N LEU A 63 -7.03 -1.37 -2.34
CA LEU A 63 -6.23 -1.59 -1.14
C LEU A 63 -4.79 -1.16 -1.39
N PHE A 64 -4.36 -1.14 -2.65
CA PHE A 64 -2.98 -0.79 -2.99
C PHE A 64 -2.73 0.70 -2.82
N TYR A 65 -3.78 1.53 -2.85
CA TYR A 65 -3.62 2.96 -2.62
C TYR A 65 -3.24 3.22 -1.16
N LEU A 66 -3.63 2.33 -0.25
CA LEU A 66 -3.26 2.45 1.16
C LEU A 66 -1.77 2.30 1.34
N ALA A 67 -1.18 1.29 0.67
CA ALA A 67 0.23 1.03 0.80
C ALA A 67 1.03 2.24 0.34
N ASN A 68 0.62 2.85 -0.78
CA ASN A 68 1.27 4.02 -1.33
C ASN A 68 1.32 5.15 -0.30
N ASP A 69 0.22 5.35 0.43
CA ASP A 69 0.14 6.41 1.41
C ASP A 69 0.83 6.04 2.73
N VAL A 70 0.68 4.79 3.21
CA VAL A 70 1.30 4.40 4.46
C VAL A 70 2.82 4.38 4.33
N ILE A 71 3.33 4.21 3.10
CA ILE A 71 4.75 4.34 2.84
C ILE A 71 5.19 5.78 3.06
N GLN A 72 4.58 6.73 2.34
CA GLN A 72 5.04 8.11 2.30
C GLN A 72 4.57 8.94 3.49
N ASN A 73 3.41 8.65 4.08
CA ASN A 73 2.90 9.44 5.19
C ASN A 73 3.76 9.27 6.44
N CYS A 74 4.60 8.22 6.47
CA CYS A 74 5.53 8.01 7.57
C CYS A 74 6.33 9.29 7.80
N LYS A 75 7.17 9.67 6.84
CA LYS A 75 7.84 10.96 6.85
C LYS A 75 8.51 11.21 5.51
N ARG A 76 8.82 12.48 5.23
CA ARG A 76 9.32 12.91 3.93
C ARG A 76 10.58 12.14 3.54
N LYS A 77 11.61 12.23 4.38
CA LYS A 77 12.93 11.64 4.12
C LYS A 77 13.63 11.25 5.42
N ASN A 78 12.94 11.39 6.56
CA ASN A 78 13.56 11.20 7.87
C ASN A 78 13.91 9.73 8.11
N ALA A 79 13.08 8.80 7.62
CA ALA A 79 13.33 7.37 7.81
C ALA A 79 12.54 6.55 6.81
N ILE A 80 11.27 6.90 6.60
CA ILE A 80 10.35 6.24 5.67
C ILE A 80 10.42 4.72 5.78
N ILE A 81 10.79 4.22 6.98
CA ILE A 81 11.05 2.81 7.22
C ILE A 81 9.87 1.90 6.87
N PHE A 82 8.66 2.47 6.75
CA PHE A 82 7.52 1.66 6.37
C PHE A 82 7.77 0.98 5.04
N ARG A 83 8.58 1.59 4.16
CA ARG A 83 8.79 1.05 2.84
C ARG A 83 9.53 -0.29 2.88
N GLU A 84 10.37 -0.51 3.91
CA GLU A 84 11.16 -1.73 3.98
C GLU A 84 10.26 -2.95 4.09
N SER A 85 9.41 -2.97 5.12
CA SER A 85 8.56 -4.12 5.38
C SER A 85 7.53 -4.32 4.28
N PHE A 86 7.16 -3.26 3.53
CA PHE A 86 6.23 -3.45 2.42
C PHE A 86 6.90 -4.17 1.27
N ALA A 87 8.17 -3.86 0.99
CA ALA A 87 8.91 -4.41 -0.14
C ALA A 87 8.97 -5.94 -0.07
N ASP A 88 8.67 -6.52 1.10
CA ASP A 88 8.72 -7.96 1.30
C ASP A 88 7.64 -8.69 0.49
N VAL A 89 6.55 -7.99 0.15
CA VAL A 89 5.43 -8.56 -0.56
C VAL A 89 4.85 -7.55 -1.56
N LEU A 90 5.51 -6.42 -1.73
CA LEU A 90 5.02 -5.35 -2.60
C LEU A 90 4.89 -5.78 -4.05
N PRO A 91 5.88 -6.45 -4.66
CA PRO A 91 5.74 -6.96 -6.01
C PRO A 91 4.77 -8.14 -6.04
N GLU A 92 4.85 -9.02 -5.03
CA GLU A 92 3.98 -10.16 -4.89
C GLU A 92 2.52 -9.74 -4.84
N ALA A 93 2.24 -8.58 -4.23
CA ALA A 93 0.89 -8.04 -4.18
C ALA A 93 0.42 -7.59 -5.56
N ALA A 94 1.35 -7.10 -6.39
CA ALA A 94 1.01 -6.67 -7.73
C ALA A 94 0.77 -7.87 -8.66
N ALA A 95 1.16 -9.08 -8.24
CA ALA A 95 0.91 -10.27 -9.03
C ALA A 95 -0.58 -10.62 -9.03
N LEU A 96 -1.35 -10.08 -8.08
CA LEU A 96 -2.78 -10.31 -8.00
C LEU A 96 -3.53 -9.32 -8.90
N VAL A 97 -2.81 -8.48 -9.63
CA VAL A 97 -3.38 -7.50 -10.54
C VAL A 97 -2.65 -7.53 -11.89
N LYS A 98 -2.28 -8.74 -12.32
CA LYS A 98 -1.60 -8.95 -13.59
C LYS A 98 -2.50 -8.65 -14.78
N ASP A 99 -3.81 -8.58 -14.57
CA ASP A 99 -4.75 -8.24 -15.62
C ASP A 99 -4.48 -6.82 -16.07
N PRO A 100 -4.31 -6.57 -17.38
CA PRO A 100 -4.04 -5.24 -17.91
C PRO A 100 -5.20 -4.30 -17.59
N SER A 101 -6.35 -4.85 -17.17
CA SER A 101 -7.51 -4.06 -16.79
C SER A 101 -7.25 -3.33 -15.47
N VAL A 102 -6.38 -3.89 -14.61
CA VAL A 102 -6.05 -3.27 -13.33
C VAL A 102 -4.56 -2.90 -13.25
N SER A 103 -3.71 -3.56 -14.04
CA SER A 103 -2.29 -3.24 -14.04
C SER A 103 -2.06 -1.78 -14.38
N LYS A 104 -3.00 -1.16 -15.11
CA LYS A 104 -2.93 0.25 -15.48
C LYS A 104 -3.13 1.18 -14.28
N SER A 105 -3.87 0.73 -13.26
CA SER A 105 -4.12 1.55 -12.09
C SER A 105 -2.99 1.44 -11.07
N VAL A 106 -2.37 0.26 -10.94
CA VAL A 106 -1.28 0.09 -9.99
C VAL A 106 -0.03 0.76 -10.56
N GLU A 107 0.02 0.89 -11.88
CA GLU A 107 1.06 1.68 -12.54
C GLU A 107 1.04 3.11 -12.03
N ARG A 108 -0.14 3.60 -11.62
CA ARG A 108 -0.29 5.00 -11.23
C ARG A 108 0.45 5.28 -9.93
N ILE A 109 0.32 4.39 -8.94
CA ILE A 109 1.03 4.51 -7.68
C ILE A 109 2.48 4.11 -7.84
N PHE A 110 2.76 3.09 -8.68
CA PHE A 110 4.13 2.70 -8.92
C PHE A 110 4.87 3.82 -9.66
N LYS A 111 4.13 4.65 -10.43
CA LYS A 111 4.73 5.78 -11.13
C LYS A 111 5.24 6.79 -10.12
N ILE A 112 4.57 6.91 -8.98
CA ILE A 112 4.99 7.82 -7.94
C ILE A 112 6.30 7.31 -7.35
N TRP A 113 6.37 6.01 -7.06
CA TRP A 113 7.54 5.45 -6.41
C TRP A 113 8.75 5.48 -7.34
N GLU A 114 8.52 5.38 -8.65
CA GLU A 114 9.57 5.48 -9.64
C GLU A 114 10.06 6.94 -9.78
N ASP A 115 9.15 7.90 -9.71
CA ASP A 115 9.49 9.32 -9.81
C ASP A 115 10.04 9.85 -8.49
N ARG A 116 9.24 9.70 -7.42
CA ARG A 116 9.59 10.10 -6.06
C ARG A 116 10.69 9.19 -5.51
N ASN A 117 11.26 8.30 -6.33
CA ASN A 117 12.40 7.46 -6.00
C ASN A 117 12.27 6.76 -4.64
N VAL A 118 11.02 6.51 -4.22
CA VAL A 118 10.71 5.99 -2.91
C VAL A 118 11.31 4.59 -2.71
N TYR A 119 11.66 3.92 -3.82
CA TYR A 119 12.33 2.62 -3.81
C TYR A 119 13.49 2.65 -4.79
N PRO A 120 14.57 1.92 -4.50
CA PRO A 120 15.71 1.82 -5.37
C PRO A 120 15.37 0.94 -6.57
N GLU A 121 16.05 1.16 -7.69
CA GLU A 121 15.77 0.47 -8.95
C GLU A 121 15.87 -1.05 -8.78
N GLU A 122 16.75 -1.50 -7.88
CA GLU A 122 16.95 -2.92 -7.63
C GLU A 122 15.68 -3.58 -7.11
N MET A 123 14.76 -2.80 -6.53
CA MET A 123 13.47 -3.32 -6.10
C MET A 123 12.42 -3.16 -7.19
N ILE A 124 12.53 -2.11 -8.02
CA ILE A 124 11.50 -1.82 -9.00
C ILE A 124 11.43 -2.90 -10.07
N VAL A 125 12.51 -3.65 -10.30
CA VAL A 125 12.47 -4.70 -11.30
C VAL A 125 11.45 -5.76 -10.92
N ALA A 126 11.20 -5.95 -9.62
CA ALA A 126 10.19 -6.89 -9.16
C ALA A 126 8.80 -6.30 -9.36
N LEU A 127 8.66 -4.97 -9.25
CA LEU A 127 7.41 -4.29 -9.48
C LEU A 127 7.07 -4.34 -10.97
N ARG A 128 8.07 -4.03 -11.81
CA ARG A 128 7.88 -3.97 -13.26
C ARG A 128 7.53 -5.34 -13.81
N GLU A 129 8.03 -6.42 -13.18
CA GLU A 129 7.65 -7.77 -13.55
C GLU A 129 6.17 -7.98 -13.22
N ALA A 130 5.77 -7.62 -12.01
CA ALA A 130 4.41 -7.83 -11.55
C ALA A 130 3.40 -7.01 -12.34
N LEU A 131 3.83 -5.87 -12.92
CA LEU A 131 2.96 -5.07 -13.77
C LEU A 131 2.76 -5.72 -15.13
N SER A 132 3.82 -6.33 -15.67
CA SER A 132 3.75 -7.00 -16.96
C SER A 132 2.91 -8.28 -16.87
N THR A 133 2.15 -8.60 -17.91
CA THR A 133 1.34 -9.80 -17.97
C THR A 133 2.27 -11.01 -17.94
N SER B 1 -18.29 10.15 -1.67
CA SER B 1 -17.29 9.09 -1.69
C SER B 1 -16.12 9.46 -2.61
N PRO B 2 -15.52 10.64 -2.42
CA PRO B 2 -14.43 11.12 -3.25
C PRO B 2 -13.17 10.29 -3.01
N SEP B 3 -12.30 10.20 -4.02
CA SEP B 3 -11.09 9.38 -3.94
CB SEP B 3 -11.11 8.30 -5.02
OG SEP B 3 -9.94 7.51 -5.00
C SEP B 3 -9.84 10.26 -4.03
O SEP B 3 -9.89 11.35 -4.61
P SEP B 3 -9.66 6.41 -3.85
O1P SEP B 3 -10.81 5.49 -3.96
O2P SEP B 3 -8.36 5.84 -4.27
O3P SEP B 3 -9.61 7.22 -2.61
H SEP B 3 -12.47 10.69 -4.87
HA SEP B 3 -11.08 8.88 -2.97
HB2 SEP B 3 -11.99 7.68 -4.90
HB3 SEP B 3 -11.17 8.79 -5.99
N TYR B 4 -8.74 9.78 -3.46
CA TYR B 4 -7.51 10.56 -3.35
C TYR B 4 -6.71 10.57 -4.65
N SEP B 5 -5.60 11.32 -4.66
CA SEP B 5 -4.74 11.44 -5.82
CB SEP B 5 -4.77 12.89 -6.32
OG SEP B 5 -4.63 12.96 -7.73
C SEP B 5 -3.33 10.96 -5.47
O SEP B 5 -2.60 11.66 -4.77
P SEP B 5 -3.22 12.79 -8.48
O1P SEP B 5 -2.79 11.42 -8.13
O2P SEP B 5 -3.57 12.96 -9.91
O3P SEP B 5 -2.38 13.86 -7.90
H SEP B 5 -5.34 11.83 -3.83
HA SEP B 5 -5.14 10.82 -6.62
HB2 SEP B 5 -5.74 13.32 -6.06
HB3 SEP B 5 -3.98 13.47 -5.83
N PRO B 6 -2.94 9.77 -5.95
CA PRO B 6 -1.62 9.17 -5.78
C PRO B 6 -0.40 10.11 -5.89
N THR B 7 -0.48 11.23 -6.62
CA THR B 7 0.68 12.11 -6.71
C THR B 7 0.77 13.11 -5.56
N SER B 8 -0.22 13.12 -4.67
CA SER B 8 -0.32 14.10 -3.59
C SER B 8 0.07 13.61 -2.18
N PRO B 9 0.70 12.45 -1.97
CA PRO B 9 1.05 11.99 -0.63
C PRO B 9 2.22 12.81 -0.07
N SEP B 10 2.53 12.61 1.20
CA SEP B 10 3.54 13.39 1.91
CB SEP B 10 3.24 13.37 3.41
OG SEP B 10 3.96 14.40 4.04
C SEP B 10 4.97 12.92 1.59
O SEP B 10 5.69 12.45 2.46
P SEP B 10 3.79 14.72 5.61
O1P SEP B 10 4.46 13.58 6.28
O2P SEP B 10 2.32 14.78 5.80
O3P SEP B 10 4.49 16.02 5.75
H SEP B 10 2.04 11.90 1.74
HA SEP B 10 3.45 14.43 1.57
HB2 SEP B 10 2.17 13.54 3.55
HB3 SEP B 10 3.50 12.39 3.82
N TYR B 11 5.36 13.06 0.33
CA TYR B 11 6.73 12.75 -0.11
C TYR B 11 7.64 13.95 0.11
N SER A 5 -0.29 -10.98 25.52
CA SER A 5 -1.36 -10.13 26.07
C SER A 5 -1.53 -8.87 25.24
N ALA A 6 -0.60 -7.93 25.33
CA ALA A 6 -0.68 -6.66 24.61
C ALA A 6 -0.70 -6.85 23.09
N GLY A 7 -0.25 -8.02 22.62
CA GLY A 7 -0.19 -8.30 21.20
C GLY A 7 -1.59 -8.39 20.58
N ALA A 8 -2.63 -8.51 21.42
CA ALA A 8 -4.00 -8.60 20.93
C ALA A 8 -4.42 -7.30 20.22
N LEU A 9 -3.68 -6.21 20.45
CA LEU A 9 -3.97 -4.93 19.81
C LEU A 9 -3.66 -5.01 18.32
N GLU A 10 -2.91 -6.03 17.88
CA GLU A 10 -2.60 -6.22 16.48
C GLU A 10 -3.88 -6.50 15.70
N SER A 11 -4.91 -7.00 16.39
CA SER A 11 -6.19 -7.30 15.76
C SER A 11 -6.90 -6.02 15.31
N SER A 12 -6.47 -4.86 15.83
CA SER A 12 -7.08 -3.59 15.45
C SER A 12 -6.71 -3.23 14.01
N LEU A 13 -5.64 -3.83 13.48
CA LEU A 13 -5.23 -3.59 12.11
C LEU A 13 -6.14 -4.37 11.16
N ASP A 14 -6.28 -5.70 11.35
CA ASP A 14 -7.15 -6.49 10.50
C ASP A 14 -8.61 -6.08 10.65
N ARG A 15 -9.00 -5.58 11.82
CA ARG A 15 -10.37 -5.16 12.05
C ARG A 15 -10.71 -3.88 11.27
N LYS A 16 -9.69 -3.13 10.84
CA LYS A 16 -9.91 -1.87 10.14
C LYS A 16 -9.41 -1.91 8.70
N PHE A 17 -8.38 -2.70 8.40
CA PHE A 17 -7.82 -2.77 7.05
C PHE A 17 -8.80 -3.46 6.10
N GLN A 18 -9.57 -4.42 6.61
CA GLN A 18 -10.54 -5.14 5.79
C GLN A 18 -11.75 -4.26 5.52
N SER A 19 -11.98 -3.25 6.37
CA SER A 19 -13.09 -2.32 6.24
C SER A 19 -12.79 -1.19 5.27
N VAL A 20 -11.59 -1.15 4.68
CA VAL A 20 -11.19 -0.08 3.77
C VAL A 20 -12.05 -0.09 2.51
N THR A 21 -12.30 1.10 1.96
CA THR A 21 -13.12 1.30 0.77
C THR A 21 -12.60 2.47 -0.03
N ASN A 22 -13.14 2.63 -1.24
CA ASN A 22 -12.75 3.68 -2.19
C ASN A 22 -13.21 5.05 -1.72
N THR A 23 -12.52 5.63 -0.74
CA THR A 23 -12.72 7.03 -0.38
C THR A 23 -11.59 7.51 0.51
N MET A 24 -11.22 8.79 0.36
CA MET A 24 -10.15 9.40 1.13
C MET A 24 -10.51 9.42 2.61
N GLU A 25 -11.80 9.34 2.95
CA GLU A 25 -12.25 9.34 4.32
C GLU A 25 -11.80 8.06 5.02
N SER A 26 -11.65 6.97 4.26
CA SER A 26 -11.20 5.71 4.82
C SER A 26 -9.70 5.53 4.62
N ILE A 27 -9.14 6.05 3.52
CA ILE A 27 -7.73 5.90 3.23
C ILE A 27 -6.90 6.82 4.11
N GLN A 28 -7.16 8.13 4.10
CA GLN A 28 -6.32 9.09 4.80
C GLN A 28 -6.51 8.99 6.31
N GLY A 29 -7.69 8.58 6.76
CA GLY A 29 -7.96 8.47 8.18
C GLY A 29 -7.24 7.28 8.78
N LEU A 30 -7.21 6.16 8.05
CA LEU A 30 -6.56 4.96 8.54
C LEU A 30 -5.05 5.02 8.32
N SER A 31 -4.60 5.61 7.22
CA SER A 31 -3.19 5.66 6.90
C SER A 31 -2.43 6.60 7.85
N SER A 32 -3.13 7.60 8.39
CA SER A 32 -2.50 8.54 9.32
C SER A 32 -2.33 7.87 10.67
N TRP A 33 -3.32 7.08 11.07
CA TRP A 33 -3.27 6.32 12.32
C TRP A 33 -2.32 5.13 12.17
N CYS A 34 -2.33 4.48 11.00
CA CYS A 34 -1.47 3.35 10.73
C CYS A 34 0.00 3.71 10.89
N ILE A 35 0.36 4.97 10.63
CA ILE A 35 1.74 5.41 10.76
C ILE A 35 2.16 5.56 12.21
N GLU A 36 1.22 5.68 13.15
CA GLU A 36 1.57 5.70 14.56
C GLU A 36 1.71 4.27 15.12
N ASN A 37 1.23 3.31 14.33
CA ASN A 37 1.43 1.90 14.62
C ASN A 37 2.78 1.45 14.04
N LYS A 38 3.73 2.37 13.88
CA LYS A 38 5.03 2.08 13.26
C LYS A 38 5.82 1.02 14.03
N LYS A 39 5.43 0.74 15.27
CA LYS A 39 6.05 -0.30 16.09
C LYS A 39 5.59 -1.69 15.64
N HIS A 40 4.68 -1.73 14.67
CA HIS A 40 4.13 -2.95 14.11
C HIS A 40 4.26 -2.96 12.59
N HIS A 41 5.15 -2.15 12.03
CA HIS A 41 5.28 -2.02 10.58
C HIS A 41 5.66 -3.35 9.92
N SER A 42 6.13 -4.32 10.70
CA SER A 42 6.47 -5.64 10.21
C SER A 42 5.24 -6.50 9.93
N THR A 43 4.12 -6.23 10.62
CA THR A 43 2.88 -7.00 10.40
C THR A 43 1.84 -6.17 9.67
N ILE A 44 1.97 -4.84 9.68
CA ILE A 44 1.04 -3.97 8.96
C ILE A 44 1.02 -4.34 7.49
N VAL A 45 2.20 -4.59 6.92
CA VAL A 45 2.30 -5.07 5.55
C VAL A 45 1.56 -6.41 5.38
N TYR A 46 1.66 -7.31 6.37
CA TYR A 46 1.04 -8.62 6.29
C TYR A 46 -0.48 -8.52 6.35
N HIS A 47 -1.03 -7.53 7.06
CA HIS A 47 -2.46 -7.41 7.22
C HIS A 47 -3.10 -6.99 5.91
N TRP A 48 -2.63 -5.88 5.33
CA TRP A 48 -3.23 -5.34 4.11
C TRP A 48 -2.99 -6.26 2.91
N MET A 49 -1.97 -7.12 2.97
CA MET A 49 -1.60 -7.94 1.83
C MET A 49 -2.57 -9.10 1.64
N LYS A 50 -2.96 -9.76 2.74
CA LYS A 50 -3.87 -10.89 2.65
C LYS A 50 -5.29 -10.43 2.30
N TRP A 51 -5.65 -9.20 2.68
CA TRP A 51 -6.96 -8.65 2.33
C TRP A 51 -7.00 -8.24 0.86
N LEU A 52 -5.83 -7.99 0.28
CA LEU A 52 -5.72 -7.59 -1.11
C LEU A 52 -5.95 -8.79 -2.03
N ARG A 53 -5.31 -9.92 -1.74
CA ARG A 53 -5.53 -11.13 -2.52
C ARG A 53 -6.93 -11.67 -2.28
N ARG A 54 -7.54 -11.34 -1.15
CA ARG A 54 -8.89 -11.77 -0.81
C ARG A 54 -9.92 -10.97 -1.61
N SER A 55 -9.71 -9.66 -1.73
CA SER A 55 -10.69 -8.75 -2.30
C SER A 55 -10.78 -8.88 -3.83
N ALA A 56 -11.82 -8.26 -4.37
CA ALA A 56 -12.14 -8.26 -5.79
C ALA A 56 -11.11 -7.46 -6.58
N TYR A 57 -11.14 -7.59 -7.92
CA TYR A 57 -10.17 -6.94 -8.79
C TYR A 57 -10.13 -5.41 -8.62
N PRO A 58 -11.25 -4.68 -8.61
CA PRO A 58 -11.21 -3.25 -8.43
C PRO A 58 -10.90 -2.89 -6.98
N HIS A 59 -11.34 -3.73 -6.03
CA HIS A 59 -11.15 -3.45 -4.61
C HIS A 59 -9.71 -3.72 -4.18
N ARG A 60 -9.05 -4.71 -4.77
CA ARG A 60 -7.65 -5.00 -4.45
C ARG A 60 -6.74 -3.94 -5.06
N LEU A 61 -7.17 -3.32 -6.16
CA LEU A 61 -6.45 -2.22 -6.77
C LEU A 61 -6.64 -0.99 -5.89
N ASN A 62 -7.86 -0.80 -5.39
CA ASN A 62 -8.18 0.27 -4.45
C ASN A 62 -7.35 0.12 -3.17
N LEU A 63 -7.16 -1.12 -2.69
CA LEU A 63 -6.35 -1.31 -1.49
C LEU A 63 -4.90 -0.92 -1.76
N PHE A 64 -4.47 -0.88 -3.02
CA PHE A 64 -3.12 -0.45 -3.35
C PHE A 64 -2.98 1.07 -3.24
N TYR A 65 -4.08 1.82 -3.34
CA TYR A 65 -4.03 3.26 -3.15
C TYR A 65 -3.72 3.56 -1.69
N LEU A 66 -4.17 2.70 -0.77
CA LEU A 66 -3.89 2.85 0.64
C LEU A 66 -2.42 2.53 0.92
N ALA A 67 -1.86 1.55 0.19
CA ALA A 67 -0.46 1.18 0.38
C ALA A 67 0.43 2.37 0.03
N ASN A 68 0.18 3.02 -1.11
CA ASN A 68 0.97 4.17 -1.52
C ASN A 68 0.87 5.29 -0.47
N ASP A 69 -0.31 5.43 0.14
CA ASP A 69 -0.51 6.49 1.12
C ASP A 69 0.27 6.19 2.40
N VAL A 70 0.22 4.95 2.88
CA VAL A 70 0.94 4.58 4.11
C VAL A 70 2.44 4.62 3.88
N ILE A 71 2.91 4.26 2.68
CA ILE A 71 4.33 4.38 2.37
C ILE A 71 4.75 5.84 2.49
N GLN A 72 3.95 6.75 1.93
CA GLN A 72 4.32 8.16 1.91
C GLN A 72 4.12 8.81 3.29
N ASN A 73 3.15 8.36 4.08
CA ASN A 73 2.89 8.94 5.38
C ASN A 73 4.06 8.67 6.36
N CYS A 74 4.92 7.69 6.07
CA CYS A 74 6.14 7.50 6.85
C CYS A 74 7.19 8.55 6.47
N LYS A 75 6.81 9.37 5.49
CA LYS A 75 7.40 10.62 5.02
C LYS A 75 8.71 10.51 4.24
N ARG A 76 8.60 10.92 2.97
CA ARG A 76 9.67 11.14 2.00
C ARG A 76 10.87 10.22 2.18
N LYS A 77 11.91 10.71 2.85
CA LYS A 77 13.15 9.98 3.07
C LYS A 77 13.71 10.28 4.47
N ASN A 78 12.89 10.89 5.33
CA ASN A 78 13.29 11.18 6.70
C ASN A 78 13.48 9.88 7.46
N ALA A 79 12.73 8.85 7.07
CA ALA A 79 12.89 7.49 7.54
C ALA A 79 12.17 6.55 6.57
N ILE A 80 10.90 6.87 6.28
CA ILE A 80 10.03 6.13 5.38
C ILE A 80 10.17 4.61 5.57
N ILE A 81 10.50 4.19 6.79
CA ILE A 81 10.78 2.79 7.09
C ILE A 81 9.62 1.88 6.70
N PHE A 82 8.39 2.41 6.60
CA PHE A 82 7.25 1.61 6.21
C PHE A 82 7.46 0.99 4.82
N ARG A 83 8.39 1.54 4.03
CA ARG A 83 8.61 1.00 2.71
C ARG A 83 9.39 -0.31 2.78
N GLU A 84 10.20 -0.49 3.83
CA GLU A 84 11.09 -1.63 3.90
C GLU A 84 10.34 -2.93 4.14
N SER A 85 9.37 -2.92 5.07
CA SER A 85 8.60 -4.12 5.35
C SER A 85 7.61 -4.36 4.21
N PHE A 86 7.18 -3.28 3.54
CA PHE A 86 6.24 -3.41 2.43
C PHE A 86 6.90 -4.12 1.26
N ALA A 87 8.17 -3.81 0.97
CA ALA A 87 8.86 -4.33 -0.20
C ALA A 87 8.92 -5.86 -0.20
N ASP A 88 8.67 -6.49 0.94
CA ASP A 88 8.72 -7.94 1.06
C ASP A 88 7.60 -8.62 0.27
N VAL A 89 6.48 -7.93 0.04
CA VAL A 89 5.32 -8.50 -0.63
C VAL A 89 4.64 -7.49 -1.53
N LEU A 90 5.21 -6.29 -1.66
CA LEU A 90 4.62 -5.25 -2.50
C LEU A 90 4.49 -5.71 -3.94
N PRO A 91 5.48 -6.45 -4.50
CA PRO A 91 5.37 -7.05 -5.81
C PRO A 91 4.38 -8.21 -5.80
N GLU A 92 4.41 -9.03 -4.75
CA GLU A 92 3.54 -10.19 -4.62
C GLU A 92 2.07 -9.78 -4.58
N ALA A 93 1.75 -8.61 -3.99
CA ALA A 93 0.38 -8.14 -4.00
C ALA A 93 -0.03 -7.69 -5.40
N ALA A 94 0.90 -7.10 -6.16
CA ALA A 94 0.62 -6.62 -7.51
C ALA A 94 0.50 -7.75 -8.52
N ALA A 95 0.96 -8.96 -8.17
CA ALA A 95 0.84 -10.10 -9.04
C ALA A 95 -0.63 -10.51 -9.22
N LEU A 96 -1.51 -10.01 -8.35
CA LEU A 96 -2.94 -10.32 -8.40
C LEU A 96 -3.72 -9.31 -9.24
N VAL A 97 -3.02 -8.47 -10.01
CA VAL A 97 -3.63 -7.50 -10.91
C VAL A 97 -2.88 -7.45 -12.23
N LYS A 98 -2.47 -8.62 -12.73
CA LYS A 98 -1.74 -8.73 -13.99
C LYS A 98 -2.59 -8.39 -15.20
N ASP A 99 -3.92 -8.42 -15.07
CA ASP A 99 -4.81 -8.13 -16.18
C ASP A 99 -4.63 -6.68 -16.66
N PRO A 100 -4.83 -6.40 -17.95
CA PRO A 100 -4.65 -5.07 -18.50
C PRO A 100 -5.71 -4.11 -17.95
N SER A 101 -6.78 -4.64 -17.35
CA SER A 101 -7.85 -3.84 -16.81
C SER A 101 -7.50 -3.23 -15.45
N VAL A 102 -6.39 -3.66 -14.84
CA VAL A 102 -6.00 -3.19 -13.52
C VAL A 102 -4.50 -2.95 -13.40
N SER A 103 -3.67 -3.63 -14.19
CA SER A 103 -2.24 -3.40 -14.16
C SER A 103 -1.92 -1.97 -14.61
N LYS A 104 -2.78 -1.39 -15.44
CA LYS A 104 -2.65 0.00 -15.87
C LYS A 104 -2.95 0.94 -14.70
N SER A 105 -3.80 0.50 -13.77
CA SER A 105 -4.14 1.28 -12.59
C SER A 105 -3.04 1.20 -11.52
N VAL A 106 -2.22 0.14 -11.55
CA VAL A 106 -1.10 0.05 -10.62
C VAL A 106 0.00 1.01 -11.04
N GLU A 107 0.19 1.15 -12.35
CA GLU A 107 1.14 2.13 -12.89
C GLU A 107 0.80 3.53 -12.40
N ARG A 108 -0.45 3.76 -12.00
CA ARG A 108 -0.89 5.07 -11.53
C ARG A 108 -0.17 5.45 -10.25
N ILE A 109 0.31 4.46 -9.49
CA ILE A 109 1.00 4.70 -8.23
C ILE A 109 2.43 4.14 -8.24
N PHE A 110 2.68 3.07 -9.00
CA PHE A 110 4.04 2.55 -9.12
C PHE A 110 4.91 3.57 -9.87
N LYS A 111 4.29 4.39 -10.72
CA LYS A 111 5.00 5.46 -11.41
C LYS A 111 5.47 6.49 -10.40
N ILE A 112 4.68 6.75 -9.35
CA ILE A 112 5.03 7.76 -8.36
C ILE A 112 6.25 7.30 -7.58
N TRP A 113 6.29 6.02 -7.21
CA TRP A 113 7.38 5.51 -6.40
C TRP A 113 8.71 5.62 -7.15
N GLU A 114 8.66 5.61 -8.49
CA GLU A 114 9.84 5.80 -9.32
C GLU A 114 10.22 7.28 -9.39
N ASP A 115 9.26 8.17 -9.65
CA ASP A 115 9.53 9.60 -9.80
C ASP A 115 9.91 10.23 -8.46
N ARG A 116 9.15 9.89 -7.41
CA ARG A 116 9.45 10.24 -6.03
C ARG A 116 10.65 9.44 -5.51
N ASN A 117 11.17 8.50 -6.31
CA ASN A 117 12.31 7.70 -5.94
C ASN A 117 12.15 7.12 -4.53
N VAL A 118 10.93 6.66 -4.21
CA VAL A 118 10.60 6.13 -2.91
C VAL A 118 11.19 4.72 -2.73
N TYR A 119 11.60 4.10 -3.83
CA TYR A 119 12.24 2.79 -3.82
C TYR A 119 13.45 2.80 -4.76
N PRO A 120 14.52 2.07 -4.41
CA PRO A 120 15.70 1.92 -5.23
C PRO A 120 15.42 0.95 -6.38
N GLU A 121 16.22 1.02 -7.45
CA GLU A 121 16.00 0.21 -8.64
C GLU A 121 16.08 -1.28 -8.32
N GLU A 122 16.89 -1.64 -7.32
CA GLU A 122 17.05 -3.03 -6.91
C GLU A 122 15.74 -3.57 -6.34
N MET A 123 14.79 -2.69 -5.97
CA MET A 123 13.47 -3.11 -5.55
C MET A 123 12.46 -2.90 -6.68
N ILE A 124 12.60 -1.82 -7.44
CA ILE A 124 11.67 -1.50 -8.52
C ILE A 124 11.63 -2.63 -9.55
N VAL A 125 12.75 -3.35 -9.71
CA VAL A 125 12.80 -4.47 -10.63
C VAL A 125 11.79 -5.54 -10.24
N ALA A 126 11.49 -5.69 -8.94
CA ALA A 126 10.49 -6.63 -8.49
C ALA A 126 9.09 -6.09 -8.76
N LEU A 127 8.87 -4.80 -8.50
CA LEU A 127 7.56 -4.19 -8.73
C LEU A 127 7.22 -4.24 -10.21
N ARG A 128 8.20 -4.05 -11.10
CA ARG A 128 7.94 -4.14 -12.53
C ARG A 128 7.87 -5.57 -13.04
N GLU A 129 8.39 -6.54 -12.29
CA GLU A 129 8.17 -7.95 -12.63
C GLU A 129 6.74 -8.32 -12.26
N ALA A 130 6.20 -7.64 -11.24
CA ALA A 130 4.80 -7.80 -10.87
C ALA A 130 3.90 -7.08 -11.87
N LEU A 131 4.41 -6.06 -12.56
CA LEU A 131 3.70 -5.45 -13.68
C LEU A 131 3.92 -6.28 -14.95
N SER A 132 5.01 -6.02 -15.66
CA SER A 132 5.30 -6.69 -16.91
C SER A 132 5.68 -8.14 -16.67
N THR A 133 5.17 -9.05 -17.52
CA THR A 133 5.50 -10.47 -17.54
C THR A 133 5.68 -11.04 -16.14
N SER B 1 -18.46 10.01 -0.52
CA SER B 1 -17.37 9.04 -0.63
C SER B 1 -16.35 9.52 -1.66
N PRO B 2 -15.77 10.71 -1.46
CA PRO B 2 -14.77 11.28 -2.35
C PRO B 2 -13.48 10.47 -2.25
N SEP B 3 -12.70 10.44 -3.33
CA SEP B 3 -11.47 9.65 -3.40
CB SEP B 3 -11.55 8.63 -4.53
OG SEP B 3 -10.34 7.89 -4.66
C SEP B 3 -10.25 10.55 -3.53
O SEP B 3 -10.33 11.66 -4.06
P SEP B 3 -9.91 6.75 -3.60
O1P SEP B 3 -9.84 7.47 -2.32
O2P SEP B 3 -11.00 5.76 -3.71
O3P SEP B 3 -8.61 6.29 -4.13
H SEP B 3 -12.94 10.97 -4.15
HA SEP B 3 -11.38 9.10 -2.47
HB2 SEP B 3 -12.38 7.95 -4.36
HB3 SEP B 3 -11.71 9.17 -5.47
N TYR B 4 -9.10 10.06 -3.04
CA TYR B 4 -7.87 10.83 -2.97
C TYR B 4 -6.99 10.63 -4.22
N SEP B 5 -5.95 11.46 -4.32
CA SEP B 5 -5.02 11.46 -5.44
CB SEP B 5 -5.00 12.85 -6.08
OG SEP B 5 -3.96 12.97 -7.04
C SEP B 5 -3.64 11.03 -4.96
O SEP B 5 -2.90 11.83 -4.38
P SEP B 5 -3.88 12.04 -8.35
O1P SEP B 5 -2.93 12.79 -9.21
O2P SEP B 5 -3.34 10.76 -7.83
O3P SEP B 5 -5.26 11.98 -8.86
H SEP B 5 -5.80 12.15 -3.60
HA SEP B 5 -5.37 10.76 -6.19
HB2 SEP B 5 -5.96 13.04 -6.56
HB3 SEP B 5 -4.84 13.60 -5.30
N PRO B 6 -3.26 9.77 -5.19
CA PRO B 6 -1.96 9.22 -4.90
C PRO B 6 -0.77 10.09 -5.31
N THR B 7 -0.91 10.97 -6.32
CA THR B 7 0.22 11.80 -6.72
C THR B 7 0.35 13.05 -5.85
N SER B 8 -0.49 13.21 -4.83
CA SER B 8 -0.47 14.42 -3.99
C SER B 8 -0.76 14.17 -2.50
N PRO B 9 -0.28 13.08 -1.88
CA PRO B 9 -0.41 12.90 -0.45
C PRO B 9 0.48 13.92 0.27
N SEP B 10 1.65 14.19 -0.31
CA SEP B 10 2.58 15.22 0.14
CB SEP B 10 3.14 14.88 1.52
OG SEP B 10 4.18 15.79 1.79
C SEP B 10 3.76 15.31 -0.83
O SEP B 10 4.10 16.41 -1.27
P SEP B 10 5.13 15.61 3.08
O1P SEP B 10 6.14 16.68 2.88
O2P SEP B 10 5.64 14.24 2.94
O3P SEP B 10 4.21 15.82 4.22
H SEP B 10 1.91 13.66 -1.13
HA SEP B 10 2.07 16.19 0.18
HB2 SEP B 10 2.35 14.96 2.28
HB3 SEP B 10 3.53 13.87 1.51
N TYR B 11 4.36 14.17 -1.14
CA TYR B 11 5.63 14.06 -1.87
C TYR B 11 5.64 14.95 -3.10
N SER A 5 -2.66 -12.68 24.83
CA SER A 5 -3.86 -11.93 25.21
C SER A 5 -3.89 -10.55 24.54
N ALA A 6 -3.03 -9.63 24.97
CA ALA A 6 -2.99 -8.28 24.44
C ALA A 6 -2.68 -8.24 22.94
N GLY A 7 -2.10 -9.32 22.41
CA GLY A 7 -1.77 -9.39 21.00
C GLY A 7 -3.01 -9.45 20.11
N ALA A 8 -4.18 -9.73 20.71
CA ALA A 8 -5.42 -9.80 19.94
C ALA A 8 -5.82 -8.43 19.41
N LEU A 9 -5.29 -7.34 20.00
CA LEU A 9 -5.60 -5.99 19.55
C LEU A 9 -4.88 -5.70 18.24
N GLU A 10 -3.89 -6.52 17.87
CA GLU A 10 -3.16 -6.33 16.63
C GLU A 10 -4.08 -6.62 15.44
N SER A 11 -5.19 -7.32 15.70
CA SER A 11 -6.20 -7.63 14.70
C SER A 11 -6.95 -6.37 14.27
N SER A 12 -6.73 -5.24 14.95
CA SER A 12 -7.35 -3.98 14.56
C SER A 12 -6.86 -3.57 13.18
N LEU A 13 -5.63 -3.96 12.83
CA LEU A 13 -5.05 -3.67 11.54
C LEU A 13 -5.77 -4.49 10.47
N ASP A 14 -5.94 -5.80 10.71
CA ASP A 14 -6.65 -6.66 9.78
C ASP A 14 -8.07 -6.17 9.53
N ARG A 15 -8.80 -5.81 10.59
CA ARG A 15 -10.19 -5.44 10.46
C ARG A 15 -10.36 -4.06 9.85
N LYS A 16 -9.52 -3.09 10.21
CA LYS A 16 -9.65 -1.74 9.68
C LYS A 16 -9.13 -1.64 8.25
N PHE A 17 -8.11 -2.42 7.88
CA PHE A 17 -7.59 -2.36 6.52
C PHE A 17 -8.57 -3.01 5.55
N GLN A 18 -9.32 -4.02 6.01
CA GLN A 18 -10.33 -4.66 5.18
C GLN A 18 -11.57 -3.76 5.06
N SER A 19 -11.80 -2.92 6.07
CA SER A 19 -12.92 -2.00 6.11
C SER A 19 -12.72 -0.78 5.20
N VAL A 20 -11.55 -0.67 4.55
CA VAL A 20 -11.25 0.47 3.70
C VAL A 20 -12.16 0.50 2.48
N THR A 21 -12.32 1.67 1.87
CA THR A 21 -13.12 1.83 0.67
C THR A 21 -12.44 2.81 -0.28
N ASN A 22 -12.97 2.87 -1.50
CA ASN A 22 -12.48 3.73 -2.58
C ASN A 22 -12.83 5.20 -2.32
N THR A 23 -12.33 5.76 -1.21
CA THR A 23 -12.45 7.18 -0.95
C THR A 23 -11.43 7.61 0.10
N MET A 24 -11.01 8.88 -0.01
CA MET A 24 -10.02 9.48 0.88
C MET A 24 -10.51 9.45 2.33
N GLU A 25 -11.83 9.35 2.54
CA GLU A 25 -12.40 9.29 3.86
C GLU A 25 -11.90 8.03 4.57
N SER A 26 -11.80 6.92 3.81
CA SER A 26 -11.36 5.66 4.34
C SER A 26 -9.84 5.52 4.22
N ILE A 27 -9.26 5.97 3.11
CA ILE A 27 -7.83 5.81 2.89
C ILE A 27 -7.02 6.73 3.81
N GLN A 28 -7.24 8.05 3.73
CA GLN A 28 -6.45 8.99 4.50
C GLN A 28 -6.79 8.89 5.99
N GLY A 29 -7.99 8.43 6.30
CA GLY A 29 -8.46 8.31 7.67
C GLY A 29 -7.64 7.28 8.43
N LEU A 30 -7.70 6.01 8.01
CA LEU A 30 -6.97 4.96 8.71
C LEU A 30 -5.48 5.01 8.42
N SER A 31 -5.08 5.62 7.28
CA SER A 31 -3.67 5.69 6.94
C SER A 31 -2.91 6.56 7.95
N SER A 32 -3.53 7.64 8.42
CA SER A 32 -2.86 8.57 9.31
C SER A 32 -2.61 7.90 10.66
N TRP A 33 -3.53 7.04 11.08
CA TRP A 33 -3.40 6.27 12.31
C TRP A 33 -2.46 5.10 12.12
N CYS A 34 -2.36 4.57 10.90
CA CYS A 34 -1.52 3.43 10.61
C CYS A 34 -0.04 3.73 10.87
N ILE A 35 0.37 5.00 10.71
CA ILE A 35 1.75 5.38 10.97
C ILE A 35 2.02 5.33 12.48
N GLU A 36 0.99 5.47 13.32
CA GLU A 36 1.17 5.42 14.77
C GLU A 36 1.44 3.99 15.21
N ASN A 37 1.12 3.02 14.34
CA ASN A 37 1.37 1.61 14.59
C ASN A 37 2.80 1.23 14.18
N LYS A 38 3.72 2.21 14.17
CA LYS A 38 5.11 1.96 13.83
C LYS A 38 5.75 0.95 14.78
N LYS A 39 5.06 0.71 15.91
CA LYS A 39 5.45 -0.24 16.95
C LYS A 39 5.64 -1.64 16.37
N HIS A 40 5.06 -1.87 15.19
CA HIS A 40 5.15 -3.17 14.54
C HIS A 40 4.95 -3.02 13.04
N HIS A 41 5.64 -2.04 12.44
CA HIS A 41 5.55 -1.77 11.01
C HIS A 41 5.85 -3.03 10.18
N SER A 42 6.45 -4.04 10.82
CA SER A 42 6.76 -5.30 10.17
C SER A 42 5.52 -6.18 9.96
N THR A 43 4.42 -5.94 10.70
CA THR A 43 3.20 -6.72 10.53
C THR A 43 2.11 -5.95 9.80
N ILE A 44 2.18 -4.61 9.78
CA ILE A 44 1.19 -3.80 9.09
C ILE A 44 1.12 -4.23 7.64
N VAL A 45 2.28 -4.53 7.04
CA VAL A 45 2.32 -5.01 5.67
C VAL A 45 1.61 -6.36 5.56
N TYR A 46 1.81 -7.25 6.53
CA TYR A 46 1.21 -8.58 6.50
C TYR A 46 -0.31 -8.50 6.64
N HIS A 47 -0.81 -7.46 7.32
CA HIS A 47 -2.24 -7.32 7.55
C HIS A 47 -2.94 -6.86 6.28
N TRP A 48 -2.35 -5.90 5.57
CA TRP A 48 -2.92 -5.38 4.34
C TRP A 48 -2.75 -6.35 3.17
N MET A 49 -1.65 -7.10 3.15
CA MET A 49 -1.27 -7.92 2.00
C MET A 49 -2.25 -9.04 1.73
N LYS A 50 -2.65 -9.77 2.76
CA LYS A 50 -3.49 -10.96 2.61
C LYS A 50 -4.89 -10.61 2.10
N TRP A 51 -5.30 -9.35 2.22
CA TRP A 51 -6.61 -8.92 1.74
C TRP A 51 -6.66 -8.81 0.22
N LEU A 52 -5.51 -8.75 -0.46
CA LEU A 52 -5.52 -8.66 -1.91
C LEU A 52 -5.87 -10.01 -2.51
N ARG A 53 -5.42 -11.09 -1.87
CA ARG A 53 -5.77 -12.43 -2.31
C ARG A 53 -7.21 -12.77 -1.91
N ARG A 54 -7.75 -12.07 -0.91
CA ARG A 54 -9.11 -12.29 -0.43
C ARG A 54 -10.15 -11.51 -1.22
N SER A 55 -9.81 -10.29 -1.62
CA SER A 55 -10.76 -9.35 -2.21
C SER A 55 -10.81 -9.41 -3.73
N ALA A 56 -11.70 -8.56 -4.27
CA ALA A 56 -11.99 -8.43 -5.70
C ALA A 56 -11.01 -7.48 -6.39
N TYR A 57 -10.89 -7.59 -7.71
CA TYR A 57 -9.96 -6.78 -8.48
C TYR A 57 -10.05 -5.27 -8.20
N PRO A 58 -11.23 -4.64 -8.17
CA PRO A 58 -11.31 -3.21 -7.90
C PRO A 58 -10.87 -2.89 -6.47
N HIS A 59 -11.17 -3.78 -5.52
CA HIS A 59 -10.75 -3.58 -4.13
C HIS A 59 -9.25 -3.85 -3.98
N ARG A 60 -8.71 -4.80 -4.77
CA ARG A 60 -7.27 -5.06 -4.78
C ARG A 60 -6.52 -3.83 -5.25
N LEU A 61 -7.05 -3.17 -6.28
CA LEU A 61 -6.46 -1.97 -6.85
C LEU A 61 -6.50 -0.86 -5.78
N ASN A 62 -7.67 -0.73 -5.16
CA ASN A 62 -7.92 0.24 -4.12
C ASN A 62 -7.07 -0.01 -2.88
N LEU A 63 -6.83 -1.28 -2.54
CA LEU A 63 -5.97 -1.59 -1.40
C LEU A 63 -4.55 -1.10 -1.68
N PHE A 64 -4.16 -1.00 -2.95
CA PHE A 64 -2.84 -0.55 -3.32
C PHE A 64 -2.69 0.96 -3.20
N TYR A 65 -3.78 1.72 -3.32
CA TYR A 65 -3.71 3.16 -3.12
C TYR A 65 -3.38 3.46 -1.66
N LEU A 66 -3.86 2.62 -0.75
CA LEU A 66 -3.58 2.76 0.67
C LEU A 66 -2.12 2.42 0.95
N ALA A 67 -1.58 1.42 0.26
CA ALA A 67 -0.21 0.99 0.46
C ALA A 67 0.79 2.00 -0.10
N ASN A 68 0.34 2.86 -1.03
CA ASN A 68 1.18 3.91 -1.58
C ASN A 68 1.19 5.13 -0.65
N ASP A 69 0.03 5.47 -0.08
CA ASP A 69 -0.10 6.67 0.74
C ASP A 69 0.55 6.52 2.11
N VAL A 70 0.37 5.35 2.75
CA VAL A 70 0.84 5.14 4.10
C VAL A 70 2.37 5.17 4.17
N ILE A 71 3.05 4.87 3.06
CA ILE A 71 4.50 4.98 2.98
C ILE A 71 4.91 6.44 3.15
N GLN A 72 4.27 7.36 2.43
CA GLN A 72 4.67 8.76 2.41
C GLN A 72 4.37 9.44 3.73
N ASN A 73 3.27 9.06 4.40
CA ASN A 73 2.90 9.69 5.65
C ASN A 73 3.74 9.22 6.84
N CYS A 74 4.46 8.11 6.70
CA CYS A 74 5.37 7.60 7.73
C CYS A 74 6.37 8.66 8.19
N LYS A 75 7.07 9.30 7.25
CA LYS A 75 8.06 10.33 7.57
C LYS A 75 8.23 11.34 6.44
N ARG A 76 7.55 11.13 5.31
CA ARG A 76 7.58 11.96 4.10
C ARG A 76 8.95 12.10 3.44
N LYS A 77 10.03 12.32 4.19
CA LYS A 77 11.36 12.48 3.62
C LYS A 77 12.46 11.94 4.54
N ASN A 78 12.15 11.59 5.78
CA ASN A 78 13.14 11.09 6.73
C ASN A 78 13.28 9.57 6.61
N ALA A 79 13.26 8.86 7.74
CA ALA A 79 13.54 7.44 7.79
C ALA A 79 12.57 6.62 6.92
N ILE A 80 11.31 7.07 6.82
CA ILE A 80 10.27 6.46 5.97
C ILE A 80 10.26 4.93 6.06
N ILE A 81 10.67 4.40 7.22
CA ILE A 81 10.93 2.98 7.43
C ILE A 81 9.75 2.08 7.05
N PHE A 82 8.52 2.59 6.96
CA PHE A 82 7.42 1.75 6.54
C PHE A 82 7.66 1.23 5.13
N ARG A 83 8.53 1.87 4.35
CA ARG A 83 8.83 1.38 3.02
C ARG A 83 9.56 0.04 3.08
N GLU A 84 10.32 -0.19 4.16
CA GLU A 84 11.25 -1.31 4.22
C GLU A 84 10.52 -2.64 4.43
N SER A 85 9.54 -2.68 5.34
CA SER A 85 8.77 -3.90 5.55
C SER A 85 7.79 -4.13 4.40
N PHE A 86 7.44 -3.06 3.68
CA PHE A 86 6.54 -3.19 2.54
C PHE A 86 7.26 -3.86 1.38
N ALA A 87 8.55 -3.56 1.18
CA ALA A 87 9.30 -4.08 0.06
C ALA A 87 9.29 -5.61 0.01
N ASP A 88 8.94 -6.27 1.11
CA ASP A 88 8.92 -7.71 1.19
C ASP A 88 7.83 -8.36 0.34
N VAL A 89 6.70 -7.67 0.12
CA VAL A 89 5.56 -8.29 -0.53
C VAL A 89 4.78 -7.30 -1.39
N LEU A 90 5.25 -6.06 -1.53
CA LEU A 90 4.59 -5.12 -2.43
C LEU A 90 4.48 -5.69 -3.85
N PRO A 91 5.56 -6.21 -4.44
CA PRO A 91 5.47 -6.80 -5.76
C PRO A 91 4.66 -8.10 -5.73
N GLU A 92 4.84 -8.92 -4.69
CA GLU A 92 4.08 -10.14 -4.53
C GLU A 92 2.59 -9.86 -4.50
N ALA A 93 2.20 -8.70 -3.95
CA ALA A 93 0.80 -8.28 -3.94
C ALA A 93 0.35 -7.83 -5.33
N ALA A 94 1.28 -7.37 -6.16
CA ALA A 94 0.95 -6.91 -7.51
C ALA A 94 0.64 -8.08 -8.44
N ALA A 95 1.02 -9.30 -8.04
CA ALA A 95 0.78 -10.48 -8.84
C ALA A 95 -0.72 -10.80 -8.90
N LEU A 96 -1.52 -10.19 -8.02
CA LEU A 96 -2.96 -10.41 -7.97
C LEU A 96 -3.70 -9.37 -8.82
N VAL A 97 -2.97 -8.51 -9.54
CA VAL A 97 -3.56 -7.44 -10.34
C VAL A 97 -2.82 -7.25 -11.65
N LYS A 98 -2.42 -8.36 -12.28
CA LYS A 98 -1.72 -8.32 -13.55
C LYS A 98 -2.61 -7.94 -14.72
N ASP A 99 -3.93 -8.06 -14.58
CA ASP A 99 -4.85 -7.81 -15.68
C ASP A 99 -4.73 -6.37 -16.18
N PRO A 100 -4.95 -6.14 -17.49
CA PRO A 100 -4.87 -4.82 -18.09
C PRO A 100 -6.01 -3.93 -17.59
N SER A 101 -6.97 -4.52 -16.86
CA SER A 101 -8.10 -3.80 -16.29
C SER A 101 -7.72 -3.07 -15.01
N VAL A 102 -6.58 -3.41 -14.40
CA VAL A 102 -6.16 -2.80 -13.14
C VAL A 102 -4.66 -2.51 -13.09
N SER A 103 -3.84 -3.29 -13.80
CA SER A 103 -2.40 -3.07 -13.78
C SER A 103 -2.07 -1.68 -14.32
N LYS A 104 -2.91 -1.15 -15.21
CA LYS A 104 -2.74 0.19 -15.75
C LYS A 104 -2.85 1.24 -14.65
N SER A 105 -3.69 0.99 -13.65
CA SER A 105 -3.90 1.91 -12.55
C SER A 105 -2.91 1.65 -11.41
N VAL A 106 -2.45 0.41 -11.26
CA VAL A 106 -1.46 0.09 -10.24
C VAL A 106 -0.09 0.62 -10.68
N GLU A 107 0.15 0.66 -11.99
CA GLU A 107 1.33 1.33 -12.53
C GLU A 107 1.29 2.83 -12.22
N ARG A 108 0.11 3.40 -11.94
CA ARG A 108 0.02 4.83 -11.69
C ARG A 108 0.80 5.20 -10.43
N ILE A 109 0.63 4.40 -9.38
CA ILE A 109 1.31 4.63 -8.11
C ILE A 109 2.71 4.03 -8.12
N PHE A 110 2.93 2.93 -8.87
CA PHE A 110 4.26 2.38 -9.00
C PHE A 110 5.14 3.37 -9.76
N LYS A 111 4.55 4.16 -10.66
CA LYS A 111 5.27 5.19 -11.39
C LYS A 111 5.69 6.31 -10.44
N ILE A 112 4.94 6.52 -9.34
CA ILE A 112 5.32 7.54 -8.37
C ILE A 112 6.56 7.08 -7.65
N TRP A 113 6.60 5.84 -7.16
CA TRP A 113 7.78 5.35 -6.45
C TRP A 113 8.98 5.30 -7.39
N GLU A 114 8.73 5.12 -8.69
CA GLU A 114 9.74 5.03 -9.72
C GLU A 114 10.33 6.40 -10.04
N ASP A 115 9.48 7.45 -10.07
CA ASP A 115 9.92 8.83 -10.30
C ASP A 115 10.48 9.43 -8.99
N ARG A 116 9.71 9.29 -7.91
CA ARG A 116 10.02 9.81 -6.59
C ARG A 116 11.13 9.00 -5.94
N ASN A 117 11.60 7.93 -6.59
CA ASN A 117 12.71 7.15 -6.09
C ASN A 117 12.51 6.69 -4.65
N VAL A 118 11.25 6.52 -4.23
CA VAL A 118 10.92 6.06 -2.89
C VAL A 118 11.40 4.61 -2.70
N TYR A 119 11.79 3.98 -3.81
CA TYR A 119 12.42 2.67 -3.83
C TYR A 119 13.52 2.67 -4.91
N PRO A 120 14.59 1.90 -4.69
CA PRO A 120 15.66 1.74 -5.65
C PRO A 120 15.18 0.92 -6.84
N GLU A 121 15.86 1.03 -7.99
CA GLU A 121 15.43 0.36 -9.21
C GLU A 121 15.33 -1.16 -9.02
N GLU A 122 16.19 -1.70 -8.14
CA GLU A 122 16.21 -3.13 -7.87
C GLU A 122 14.92 -3.59 -7.19
N MET A 123 14.17 -2.65 -6.58
CA MET A 123 12.87 -2.97 -5.99
C MET A 123 11.75 -2.57 -6.95
N ILE A 124 11.98 -1.58 -7.81
CA ILE A 124 10.97 -1.16 -8.78
C ILE A 124 10.83 -2.21 -9.88
N VAL A 125 11.93 -2.86 -10.27
CA VAL A 125 11.88 -3.89 -11.29
C VAL A 125 11.05 -5.07 -10.80
N ALA A 126 10.98 -5.27 -9.48
CA ALA A 126 10.19 -6.35 -8.92
C ALA A 126 8.70 -6.02 -9.02
N LEU A 127 8.35 -4.73 -8.87
CA LEU A 127 6.97 -4.29 -9.02
C LEU A 127 6.56 -4.38 -10.49
N ARG A 128 7.46 -3.95 -11.37
CA ARG A 128 7.23 -3.92 -12.80
C ARG A 128 7.12 -5.32 -13.38
N GLU A 129 7.97 -6.24 -12.91
CA GLU A 129 7.93 -7.62 -13.38
C GLU A 129 6.76 -8.38 -12.77
N ALA A 130 6.37 -8.00 -11.55
CA ALA A 130 5.24 -8.64 -10.89
C ALA A 130 3.93 -8.29 -11.60
N LEU A 131 3.83 -7.10 -12.20
CA LEU A 131 2.69 -6.76 -13.02
C LEU A 131 2.82 -7.43 -14.38
N SER A 132 4.05 -7.55 -14.89
CA SER A 132 4.32 -8.29 -16.11
C SER A 132 3.91 -9.75 -15.96
N THR A 133 3.69 -10.43 -17.08
CA THR A 133 3.22 -11.81 -17.08
C THR A 133 4.15 -12.72 -16.28
N SER B 1 -17.96 10.32 -1.44
CA SER B 1 -16.95 9.28 -1.44
C SER B 1 -15.86 9.58 -2.48
N PRO B 2 -15.26 10.77 -2.43
CA PRO B 2 -14.22 11.18 -3.36
C PRO B 2 -12.93 10.41 -3.08
N SEP B 3 -12.16 10.09 -4.12
CA SEP B 3 -10.94 9.31 -3.98
CB SEP B 3 -10.69 8.48 -5.23
OG SEP B 3 -9.52 7.69 -5.10
C SEP B 3 -9.76 10.21 -3.62
O SEP B 3 -9.75 11.39 -3.94
P SEP B 3 -9.44 6.41 -4.11
O1P SEP B 3 -9.62 7.00 -2.76
O2P SEP B 3 -10.56 5.55 -4.56
O3P SEP B 3 -8.10 5.88 -4.37
H SEP B 3 -12.41 10.40 -5.05
HA SEP B 3 -11.09 8.63 -3.15
HB2 SEP B 3 -11.54 7.84 -5.43
HB3 SEP B 3 -10.55 9.16 -6.08
N TYR B 4 -8.75 9.62 -2.97
CA TYR B 4 -7.61 10.36 -2.45
C TYR B 4 -6.69 10.89 -3.56
N SEP B 5 -6.85 10.39 -4.79
CA SEP B 5 -6.07 10.74 -5.98
CB SEP B 5 -6.52 12.11 -6.48
OG SEP B 5 -5.94 12.40 -7.74
C SEP B 5 -4.55 10.69 -5.76
O SEP B 5 -4.00 11.51 -5.03
P SEP B 5 -6.63 11.92 -9.13
O1P SEP B 5 -5.71 12.47 -10.15
O2P SEP B 5 -6.62 10.44 -9.04
O3P SEP B 5 -7.96 12.54 -9.09
H SEP B 5 -7.58 9.70 -4.93
HA SEP B 5 -6.33 10.02 -6.75
HB2 SEP B 5 -7.60 12.14 -6.56
HB3 SEP B 5 -6.20 12.87 -5.77
N PRO B 6 -3.85 9.72 -6.38
CA PRO B 6 -2.40 9.61 -6.34
C PRO B 6 -1.66 10.94 -6.53
N THR B 7 -0.40 10.95 -6.12
CA THR B 7 0.48 12.12 -6.08
C THR B 7 -0.05 13.24 -5.17
N SER B 8 -1.13 13.00 -4.43
CA SER B 8 -1.59 13.94 -3.41
C SER B 8 -0.79 13.86 -2.10
N PRO B 9 -0.17 12.73 -1.71
CA PRO B 9 0.63 12.66 -0.51
C PRO B 9 2.00 13.32 -0.74
N SEP B 10 1.99 14.53 -1.29
CA SEP B 10 3.16 15.32 -1.64
CB SEP B 10 3.92 15.73 -0.37
OG SEP B 10 5.09 16.44 -0.69
C SEP B 10 4.07 14.64 -2.65
O SEP B 10 4.04 14.97 -3.83
P SEP B 10 6.28 16.56 0.38
O1P SEP B 10 6.97 15.26 0.28
O2P SEP B 10 5.58 16.79 1.66
O3P SEP B 10 7.08 17.70 -0.10
H SEP B 10 1.09 14.96 -1.47
HA SEP B 10 2.81 16.24 -2.10
HB2 SEP B 10 3.28 16.33 0.26
HB3 SEP B 10 4.19 14.82 0.17
N TYR B 11 4.89 13.68 -2.18
CA TYR B 11 5.90 13.04 -3.02
C TYR B 11 5.28 11.94 -3.86
N SER A 5 -5.63 -8.55 26.76
CA SER A 5 -6.71 -7.55 26.56
C SER A 5 -6.31 -6.53 25.50
N ALA A 6 -5.38 -5.63 25.81
CA ALA A 6 -4.96 -4.58 24.89
C ALA A 6 -4.36 -5.15 23.59
N GLY A 7 -3.93 -6.41 23.60
CA GLY A 7 -3.33 -7.03 22.44
C GLY A 7 -4.34 -7.20 21.31
N ALA A 8 -5.64 -7.06 21.61
CA ALA A 8 -6.68 -7.17 20.61
C ALA A 8 -6.59 -6.03 19.59
N LEU A 9 -5.83 -4.98 19.90
CA LEU A 9 -5.65 -3.84 19.01
C LEU A 9 -5.00 -4.27 17.70
N GLU A 10 -4.30 -5.41 17.71
CA GLU A 10 -3.66 -5.94 16.51
C GLU A 10 -4.70 -6.24 15.43
N SER A 11 -5.92 -6.62 15.85
CA SER A 11 -6.99 -6.95 14.92
C SER A 11 -7.60 -5.70 14.28
N SER A 12 -7.33 -4.52 14.83
CA SER A 12 -7.91 -3.29 14.30
C SER A 12 -7.34 -2.99 12.92
N LEU A 13 -6.10 -3.45 12.67
CA LEU A 13 -5.43 -3.30 11.39
C LEU A 13 -6.11 -4.18 10.36
N ASP A 14 -6.47 -5.42 10.73
CA ASP A 14 -7.18 -6.30 9.81
C ASP A 14 -8.57 -5.76 9.47
N ARG A 15 -9.21 -5.08 10.44
CA ARG A 15 -10.54 -4.54 10.22
C ARG A 15 -10.52 -3.27 9.36
N LYS A 16 -9.65 -2.32 9.69
CA LYS A 16 -9.64 -1.05 8.95
C LYS A 16 -9.07 -1.22 7.55
N PHE A 17 -8.18 -2.19 7.33
CA PHE A 17 -7.61 -2.43 6.02
C PHE A 17 -8.57 -3.20 5.11
N GLN A 18 -9.61 -3.83 5.68
CA GLN A 18 -10.61 -4.55 4.89
C GLN A 18 -11.89 -3.74 4.75
N SER A 19 -12.24 -2.97 5.78
CA SER A 19 -13.42 -2.12 5.78
C SER A 19 -13.23 -0.86 4.93
N VAL A 20 -12.04 -0.70 4.36
CA VAL A 20 -11.66 0.43 3.54
C VAL A 20 -12.44 0.48 2.22
N THR A 21 -12.48 1.66 1.60
CA THR A 21 -13.18 1.91 0.34
C THR A 21 -12.42 2.96 -0.45
N ASN A 22 -12.79 3.09 -1.73
CA ASN A 22 -12.16 4.00 -2.68
C ASN A 22 -12.52 5.47 -2.38
N THR A 23 -12.06 5.98 -1.23
CA THR A 23 -12.21 7.39 -0.90
C THR A 23 -11.25 7.81 0.21
N MET A 24 -10.87 9.09 0.21
CA MET A 24 -9.94 9.64 1.17
C MET A 24 -10.46 9.48 2.59
N GLU A 25 -11.78 9.33 2.77
CA GLU A 25 -12.36 9.15 4.08
C GLU A 25 -11.85 7.86 4.71
N SER A 26 -11.72 6.81 3.90
CA SER A 26 -11.25 5.51 4.36
C SER A 26 -9.74 5.39 4.22
N ILE A 27 -9.14 5.99 3.18
CA ILE A 27 -7.70 5.88 3.00
C ILE A 27 -6.98 6.68 4.08
N GLN A 28 -7.32 7.96 4.26
CA GLN A 28 -6.65 8.78 5.25
C GLN A 28 -7.04 8.34 6.66
N GLY A 29 -8.23 7.76 6.80
CA GLY A 29 -8.74 7.31 8.09
C GLY A 29 -7.94 6.14 8.64
N LEU A 30 -7.36 5.30 7.75
CA LEU A 30 -6.49 4.22 8.19
C LEU A 30 -5.01 4.54 7.99
N SER A 31 -4.64 5.29 6.95
CA SER A 31 -3.23 5.50 6.65
C SER A 31 -2.58 6.48 7.61
N SER A 32 -3.29 7.53 8.02
CA SER A 32 -2.72 8.51 8.93
C SER A 32 -2.63 7.95 10.34
N TRP A 33 -3.58 7.06 10.69
CA TRP A 33 -3.61 6.40 11.98
C TRP A 33 -2.56 5.29 12.03
N CYS A 34 -2.27 4.68 10.89
CA CYS A 34 -1.29 3.60 10.84
C CYS A 34 0.10 4.09 11.24
N ILE A 35 0.40 5.37 11.00
CA ILE A 35 1.69 5.95 11.37
C ILE A 35 1.81 6.11 12.88
N GLU A 36 0.70 6.07 13.62
CA GLU A 36 0.78 6.09 15.08
C GLU A 36 1.46 4.80 15.55
N ASN A 37 1.36 3.75 14.72
CA ASN A 37 1.82 2.41 15.05
C ASN A 37 3.00 1.96 14.19
N LYS A 38 3.73 2.89 13.56
CA LYS A 38 4.88 2.57 12.73
C LYS A 38 5.92 1.72 13.45
N LYS A 39 5.86 1.67 14.79
CA LYS A 39 6.76 0.87 15.61
C LYS A 39 6.45 -0.62 15.51
N HIS A 40 5.43 -0.96 14.72
CA HIS A 40 5.03 -2.32 14.43
C HIS A 40 4.83 -2.52 12.92
N HIS A 41 5.54 -1.75 12.09
CA HIS A 41 5.35 -1.79 10.65
C HIS A 41 5.55 -3.20 10.06
N SER A 42 6.15 -4.13 10.81
CA SER A 42 6.37 -5.48 10.31
C SER A 42 5.07 -6.27 10.24
N THR A 43 4.21 -6.20 11.27
CA THR A 43 2.94 -6.93 11.24
C THR A 43 1.91 -6.18 10.40
N ILE A 44 2.08 -4.87 10.25
CA ILE A 44 1.13 -4.03 9.54
C ILE A 44 1.05 -4.42 8.07
N VAL A 45 2.20 -4.72 7.46
CA VAL A 45 2.20 -5.16 6.07
C VAL A 45 1.46 -6.48 5.93
N TYR A 46 1.59 -7.36 6.94
CA TYR A 46 0.94 -8.66 6.91
C TYR A 46 -0.59 -8.52 6.98
N HIS A 47 -1.09 -7.45 7.60
CA HIS A 47 -2.52 -7.27 7.75
C HIS A 47 -3.14 -6.84 6.42
N TRP A 48 -2.50 -5.87 5.75
CA TRP A 48 -2.98 -5.34 4.49
C TRP A 48 -2.73 -6.31 3.34
N MET A 49 -1.65 -7.10 3.42
CA MET A 49 -1.22 -7.94 2.31
C MET A 49 -2.15 -9.12 2.08
N LYS A 50 -2.63 -9.75 3.17
CA LYS A 50 -3.46 -10.94 3.04
C LYS A 50 -4.83 -10.60 2.46
N TRP A 51 -5.20 -9.31 2.46
CA TRP A 51 -6.45 -8.87 1.86
C TRP A 51 -6.39 -8.81 0.34
N LEU A 52 -5.20 -8.64 -0.26
CA LEU A 52 -5.11 -8.64 -1.71
C LEU A 52 -5.26 -10.06 -2.23
N ARG A 53 -4.74 -11.02 -1.46
CA ARG A 53 -4.86 -12.44 -1.76
C ARG A 53 -6.30 -12.92 -1.70
N ARG A 54 -7.22 -12.12 -1.15
CA ARG A 54 -8.58 -12.58 -0.85
C ARG A 54 -9.68 -11.66 -1.35
N SER A 55 -9.46 -10.35 -1.34
CA SER A 55 -10.47 -9.38 -1.71
C SER A 55 -10.72 -9.36 -3.22
N ALA A 56 -11.80 -8.67 -3.59
CA ALA A 56 -12.25 -8.55 -4.97
C ALA A 56 -11.19 -7.88 -5.83
N TYR A 57 -11.14 -8.29 -7.09
CA TYR A 57 -10.14 -7.85 -8.04
C TYR A 57 -10.05 -6.32 -8.18
N PRO A 58 -11.14 -5.55 -8.25
CA PRO A 58 -11.05 -4.09 -8.29
C PRO A 58 -10.79 -3.50 -6.91
N HIS A 59 -11.22 -4.20 -5.85
CA HIS A 59 -11.07 -3.72 -4.48
C HIS A 59 -9.64 -3.87 -4.01
N ARG A 60 -8.95 -4.94 -4.42
CA ARG A 60 -7.57 -5.15 -4.02
C ARG A 60 -6.61 -4.23 -4.78
N LEU A 61 -7.04 -3.72 -5.94
CA LEU A 61 -6.31 -2.67 -6.63
C LEU A 61 -6.44 -1.41 -5.77
N ASN A 62 -7.63 -1.19 -5.23
CA ASN A 62 -7.92 -0.07 -4.35
C ASN A 62 -7.19 -0.24 -3.01
N LEU A 63 -6.91 -1.48 -2.59
CA LEU A 63 -6.13 -1.70 -1.38
C LEU A 63 -4.69 -1.24 -1.58
N PHE A 64 -4.24 -1.16 -2.85
CA PHE A 64 -2.89 -0.73 -3.14
C PHE A 64 -2.70 0.78 -2.98
N TYR A 65 -3.78 1.57 -3.14
CA TYR A 65 -3.69 3.01 -2.95
C TYR A 65 -3.38 3.35 -1.50
N LEU A 66 -3.62 2.40 -0.59
CA LEU A 66 -3.31 2.54 0.82
C LEU A 66 -1.81 2.44 1.06
N ALA A 67 -1.14 1.56 0.29
CA ALA A 67 0.26 1.25 0.48
C ALA A 67 1.14 2.45 0.16
N ASN A 68 0.95 3.09 -1.00
CA ASN A 68 1.80 4.19 -1.39
C ASN A 68 1.55 5.40 -0.46
N ASP A 69 0.39 5.46 0.19
CA ASP A 69 0.09 6.54 1.12
C ASP A 69 0.85 6.30 2.42
N VAL A 70 0.59 5.17 3.08
CA VAL A 70 1.15 4.89 4.40
C VAL A 70 2.67 4.82 4.36
N ILE A 71 3.26 4.47 3.21
CA ILE A 71 4.70 4.52 3.06
C ILE A 71 5.20 5.95 3.27
N GLN A 72 4.57 6.91 2.61
CA GLN A 72 5.03 8.29 2.64
C GLN A 72 4.49 9.06 3.85
N ASN A 73 3.36 8.64 4.43
CA ASN A 73 2.80 9.31 5.59
C ASN A 73 3.76 9.24 6.76
N CYS A 74 4.63 8.22 6.79
CA CYS A 74 5.67 8.10 7.80
C CYS A 74 6.47 9.40 7.82
N LYS A 75 7.34 9.60 6.82
CA LYS A 75 8.00 10.88 6.63
C LYS A 75 8.71 10.91 5.28
N ARG A 76 9.07 12.11 4.83
CA ARG A 76 9.58 12.35 3.49
C ARG A 76 10.92 11.66 3.24
N LYS A 77 11.88 11.82 4.16
CA LYS A 77 13.20 11.17 4.06
C LYS A 77 13.80 10.86 5.43
N ASN A 78 13.06 11.12 6.51
CA ASN A 78 13.59 11.00 7.86
C ASN A 78 13.81 9.55 8.27
N ALA A 79 13.05 8.60 7.70
CA ALA A 79 13.23 7.19 7.98
C ALA A 79 12.52 6.34 6.94
N ILE A 80 11.26 6.70 6.65
CA ILE A 80 10.40 6.02 5.67
C ILE A 80 10.46 4.50 5.78
N ILE A 81 10.81 3.99 6.97
CA ILE A 81 11.07 2.58 7.20
C ILE A 81 9.89 1.68 6.82
N PHE A 82 8.69 2.25 6.67
CA PHE A 82 7.53 1.46 6.27
C PHE A 82 7.83 0.75 4.95
N ARG A 83 8.64 1.36 4.07
CA ARG A 83 8.89 0.80 2.75
C ARG A 83 9.66 -0.52 2.82
N GLU A 84 10.50 -0.70 3.85
CA GLU A 84 11.31 -1.91 3.95
C GLU A 84 10.42 -3.13 4.12
N SER A 85 9.51 -3.08 5.09
CA SER A 85 8.59 -4.18 5.37
C SER A 85 7.62 -4.41 4.23
N PHE A 86 7.32 -3.39 3.42
CA PHE A 86 6.42 -3.58 2.28
C PHE A 86 7.14 -4.34 1.17
N ALA A 87 8.42 -4.02 0.94
CA ALA A 87 9.19 -4.61 -0.15
C ALA A 87 9.22 -6.14 -0.06
N ASP A 88 8.85 -6.70 1.09
CA ASP A 88 8.86 -8.14 1.29
C ASP A 88 7.77 -8.85 0.50
N VAL A 89 6.70 -8.14 0.14
CA VAL A 89 5.54 -8.72 -0.52
C VAL A 89 4.92 -7.73 -1.51
N LEU A 90 5.57 -6.59 -1.73
CA LEU A 90 5.01 -5.55 -2.57
C LEU A 90 4.80 -6.01 -4.01
N PRO A 91 5.75 -6.74 -4.63
CA PRO A 91 5.57 -7.29 -5.95
C PRO A 91 4.59 -8.47 -5.92
N GLU A 92 4.58 -9.22 -4.82
CA GLU A 92 3.65 -10.33 -4.65
C GLU A 92 2.22 -9.80 -4.58
N ALA A 93 2.04 -8.59 -4.02
CA ALA A 93 0.74 -7.96 -4.00
C ALA A 93 0.31 -7.54 -5.41
N ALA A 94 1.29 -7.28 -6.29
CA ALA A 94 1.01 -6.88 -7.66
C ALA A 94 0.56 -8.07 -8.50
N ALA A 95 0.89 -9.28 -8.06
CA ALA A 95 0.55 -10.49 -8.79
C ALA A 95 -0.96 -10.73 -8.81
N LEU A 96 -1.69 -10.02 -7.94
CA LEU A 96 -3.14 -10.14 -7.84
C LEU A 96 -3.85 -9.10 -8.73
N VAL A 97 -3.09 -8.26 -9.46
CA VAL A 97 -3.65 -7.21 -10.30
C VAL A 97 -2.88 -7.09 -11.61
N LYS A 98 -2.63 -8.23 -12.25
CA LYS A 98 -1.87 -8.29 -13.50
C LYS A 98 -2.74 -7.98 -14.71
N ASP A 99 -4.06 -7.94 -14.54
CA ASP A 99 -4.99 -7.66 -15.62
C ASP A 99 -4.68 -6.25 -16.14
N PRO A 100 -4.55 -6.05 -17.46
CA PRO A 100 -4.20 -4.76 -18.03
C PRO A 100 -5.24 -3.69 -17.69
N SER A 101 -6.41 -4.11 -17.18
CA SER A 101 -7.47 -3.18 -16.80
C SER A 101 -7.17 -2.52 -15.46
N VAL A 102 -6.35 -3.17 -14.62
CA VAL A 102 -5.93 -2.58 -13.34
C VAL A 102 -4.41 -2.46 -13.24
N SER A 103 -3.67 -3.14 -14.13
CA SER A 103 -2.22 -3.02 -14.15
C SER A 103 -1.84 -1.58 -14.50
N LYS A 104 -2.72 -0.89 -15.22
CA LYS A 104 -2.56 0.52 -15.53
C LYS A 104 -2.87 1.38 -14.31
N SER A 105 -3.77 0.90 -13.45
CA SER A 105 -4.18 1.62 -12.26
C SER A 105 -3.16 1.50 -11.14
N VAL A 106 -2.50 0.33 -11.00
CA VAL A 106 -1.47 0.16 -9.99
C VAL A 106 -0.20 0.88 -10.44
N GLU A 107 -0.01 1.02 -11.76
CA GLU A 107 1.08 1.82 -12.29
C GLU A 107 0.90 3.28 -11.92
N ARG A 108 -0.32 3.67 -11.54
CA ARG A 108 -0.58 5.05 -11.15
C ARG A 108 0.14 5.38 -9.85
N ILE A 109 0.50 4.36 -9.07
CA ILE A 109 1.24 4.55 -7.82
C ILE A 109 2.61 3.88 -7.88
N PHE A 110 2.77 2.81 -8.68
CA PHE A 110 4.09 2.22 -8.85
C PHE A 110 4.99 3.23 -9.57
N LYS A 111 4.40 4.07 -10.42
CA LYS A 111 5.15 5.10 -11.12
C LYS A 111 5.49 6.27 -10.21
N ILE A 112 4.75 6.43 -9.10
CA ILE A 112 5.07 7.45 -8.12
C ILE A 112 6.32 7.02 -7.38
N TRP A 113 6.56 5.72 -7.27
CA TRP A 113 7.75 5.22 -6.60
C TRP A 113 8.97 5.42 -7.50
N GLU A 114 8.75 5.48 -8.82
CA GLU A 114 9.79 5.81 -9.78
C GLU A 114 10.06 7.33 -9.78
N ASP A 115 8.99 8.14 -9.72
CA ASP A 115 9.09 9.59 -9.71
C ASP A 115 9.61 10.08 -8.35
N ARG A 116 8.87 9.75 -7.29
CA ARG A 116 9.18 10.10 -5.92
C ARG A 116 10.32 9.25 -5.38
N ASN A 117 10.92 8.41 -6.22
CA ASN A 117 12.12 7.65 -5.90
C ASN A 117 12.05 6.96 -4.53
N VAL A 118 10.83 6.64 -4.08
CA VAL A 118 10.58 6.09 -2.76
C VAL A 118 11.19 4.69 -2.61
N TYR A 119 11.56 4.06 -3.72
CA TYR A 119 12.23 2.77 -3.75
C TYR A 119 13.42 2.84 -4.69
N PRO A 120 14.47 2.03 -4.46
CA PRO A 120 15.61 1.97 -5.33
C PRO A 120 15.21 1.27 -6.62
N GLU A 121 15.86 1.62 -7.73
CA GLU A 121 15.47 1.11 -9.04
C GLU A 121 15.59 -0.41 -9.11
N GLU A 122 16.49 -0.99 -8.33
CA GLU A 122 16.66 -2.43 -8.28
C GLU A 122 15.42 -3.11 -7.73
N MET A 123 14.65 -2.41 -6.87
CA MET A 123 13.42 -2.96 -6.34
C MET A 123 12.28 -2.79 -7.34
N ILE A 124 12.31 -1.70 -8.12
CA ILE A 124 11.27 -1.42 -9.09
C ILE A 124 11.19 -2.54 -10.14
N VAL A 125 12.30 -3.25 -10.35
CA VAL A 125 12.33 -4.35 -11.30
C VAL A 125 11.32 -5.42 -10.90
N ALA A 126 11.16 -5.67 -9.59
CA ALA A 126 10.23 -6.69 -9.13
C ALA A 126 8.79 -6.23 -9.32
N LEU A 127 8.51 -4.94 -9.05
CA LEU A 127 7.16 -4.42 -9.18
C LEU A 127 6.73 -4.44 -10.64
N ARG A 128 7.66 -4.10 -11.55
CA ARG A 128 7.38 -4.07 -12.97
C ARG A 128 7.29 -5.48 -13.56
N GLU A 129 8.11 -6.40 -13.06
CA GLU A 129 8.11 -7.78 -13.53
C GLU A 129 6.87 -8.52 -13.04
N ALA A 130 6.43 -8.23 -11.80
CA ALA A 130 5.26 -8.87 -11.23
C ALA A 130 4.00 -8.52 -12.02
N LEU A 131 3.91 -7.30 -12.55
CA LEU A 131 2.78 -6.93 -13.40
C LEU A 131 2.94 -7.58 -14.77
N SER A 132 4.17 -7.60 -15.28
CA SER A 132 4.49 -8.20 -16.57
C SER A 132 4.58 -9.73 -16.47
N THR A 133 3.54 -10.34 -15.89
CA THR A 133 3.47 -11.78 -15.66
C THR A 133 4.67 -12.25 -14.84
N SER B 1 -17.75 10.27 -2.55
CA SER B 1 -16.63 9.36 -2.39
C SER B 1 -15.37 9.94 -3.05
N PRO B 2 -14.94 11.14 -2.64
CA PRO B 2 -13.76 11.79 -3.20
C PRO B 2 -12.51 11.02 -2.79
N SEP B 3 -11.46 11.08 -3.61
CA SEP B 3 -10.24 10.31 -3.39
CB SEP B 3 -9.98 9.42 -4.61
OG SEP B 3 -8.84 8.60 -4.43
C SEP B 3 -9.06 11.22 -3.08
O SEP B 3 -9.05 12.40 -3.48
P SEP B 3 -8.81 7.38 -3.37
O1P SEP B 3 -10.01 6.59 -3.71
O2P SEP B 3 -7.53 6.72 -3.68
O3P SEP B 3 -8.86 8.06 -2.05
H SEP B 3 -11.50 11.68 -4.43
HA SEP B 3 -10.40 9.66 -2.54
HB2 SEP B 3 -10.86 8.78 -4.78
HB3 SEP B 3 -9.83 10.04 -5.48
N TYR B 4 -8.07 10.69 -2.37
CA TYR B 4 -6.95 11.46 -1.85
C TYR B 4 -5.88 11.78 -2.90
N SEP B 5 -6.06 11.29 -4.13
CA SEP B 5 -5.12 11.46 -5.23
CB SEP B 5 -5.21 12.88 -5.78
OG SEP B 5 -4.99 12.92 -7.17
C SEP B 5 -3.69 11.06 -4.84
O SEP B 5 -2.91 11.88 -4.36
P SEP B 5 -3.58 12.57 -7.86
O1P SEP B 5 -2.63 13.50 -7.20
O2P SEP B 5 -3.36 11.15 -7.53
O3P SEP B 5 -3.83 12.83 -9.30
H SEP B 5 -6.90 10.75 -4.32
HA SEP B 5 -5.44 10.80 -6.05
HB2 SEP B 5 -6.21 13.27 -5.58
HB3 SEP B 5 -4.48 13.52 -5.27
N PRO B 6 -3.33 9.78 -5.06
CA PRO B 6 -2.03 9.21 -4.73
C PRO B 6 -0.80 10.01 -5.14
N THR B 7 -0.87 10.93 -6.12
CA THR B 7 0.31 11.68 -6.52
C THR B 7 0.49 12.97 -5.71
N SER B 8 -0.53 13.34 -4.94
CA SER B 8 -0.54 14.59 -4.19
C SER B 8 -0.25 14.49 -2.68
N PRO B 9 0.04 13.32 -2.07
CA PRO B 9 0.32 13.24 -0.65
C PRO B 9 1.74 13.68 -0.33
N SEP B 10 2.04 13.80 0.97
CA SEP B 10 3.34 14.18 1.49
CB SEP B 10 3.29 14.13 3.02
OG SEP B 10 4.51 14.51 3.61
C SEP B 10 4.45 13.29 0.92
O SEP B 10 4.30 12.06 0.88
P SEP B 10 4.54 15.01 5.15
O1P SEP B 10 3.83 16.31 5.09
O2P SEP B 10 6.00 15.12 5.44
O3P SEP B 10 3.85 13.94 5.91
H SEP B 10 1.32 13.61 1.65
HA SEP B 10 3.54 15.21 1.19
HB2 SEP B 10 2.49 14.80 3.35
HB3 SEP B 10 3.03 13.11 3.34
N TYR B 11 5.56 13.91 0.48
CA TYR B 11 6.74 13.21 -0.01
C TYR B 11 7.94 14.17 0.02
N SER A 5 -3.08 -14.58 21.71
CA SER A 5 -3.43 -13.53 22.68
C SER A 5 -2.95 -12.16 22.20
N ALA A 6 -1.64 -11.93 22.22
CA ALA A 6 -1.06 -10.64 21.84
C ALA A 6 -1.39 -10.25 20.40
N GLY A 7 -1.74 -11.25 19.57
CA GLY A 7 -2.07 -11.00 18.18
C GLY A 7 -3.32 -10.13 18.03
N ALA A 8 -4.09 -9.95 19.11
CA ALA A 8 -5.27 -9.10 19.08
C ALA A 8 -4.87 -7.63 18.99
N LEU A 9 -3.64 -7.29 19.37
CA LEU A 9 -3.17 -5.92 19.32
C LEU A 9 -2.87 -5.52 17.88
N GLU A 10 -2.17 -6.38 17.14
CA GLU A 10 -1.84 -6.10 15.75
C GLU A 10 -3.07 -6.30 14.87
N SER A 11 -3.99 -7.17 15.30
CA SER A 11 -5.20 -7.42 14.54
C SER A 11 -6.07 -6.16 14.47
N SER A 12 -5.85 -5.19 15.37
CA SER A 12 -6.59 -3.94 15.34
C SER A 12 -6.40 -3.25 13.99
N LEU A 13 -5.31 -3.57 13.29
CA LEU A 13 -5.05 -3.05 11.97
C LEU A 13 -5.75 -3.89 10.89
N ASP A 14 -5.79 -5.21 11.04
CA ASP A 14 -6.33 -6.06 9.98
C ASP A 14 -7.84 -5.93 9.91
N ARG A 15 -8.53 -5.73 11.05
CA ARG A 15 -9.97 -5.59 11.04
C ARG A 15 -10.37 -4.31 10.33
N LYS A 16 -9.51 -3.29 10.38
CA LYS A 16 -9.80 -1.99 9.78
C LYS A 16 -9.36 -1.96 8.31
N PHE A 17 -8.29 -2.66 7.95
CA PHE A 17 -7.83 -2.68 6.56
C PHE A 17 -8.86 -3.41 5.68
N GLN A 18 -9.54 -4.43 6.22
CA GLN A 18 -10.54 -5.15 5.48
C GLN A 18 -11.73 -4.24 5.17
N SER A 19 -11.89 -3.18 5.98
CA SER A 19 -13.02 -2.26 5.88
C SER A 19 -12.72 -1.02 5.03
N VAL A 20 -11.48 -0.87 4.52
CA VAL A 20 -11.15 0.32 3.75
C VAL A 20 -11.85 0.30 2.40
N THR A 21 -12.51 1.41 2.06
CA THR A 21 -13.26 1.56 0.83
C THR A 21 -12.57 2.54 -0.10
N ASN A 22 -12.94 2.48 -1.38
CA ASN A 22 -12.36 3.26 -2.46
C ASN A 22 -12.76 4.73 -2.36
N THR A 23 -12.22 5.42 -1.34
CA THR A 23 -12.33 6.87 -1.25
C THR A 23 -11.37 7.40 -0.19
N MET A 24 -10.93 8.65 -0.36
CA MET A 24 -10.02 9.30 0.57
C MET A 24 -10.66 9.42 1.95
N GLU A 25 -11.99 9.39 2.02
CA GLU A 25 -12.72 9.48 3.27
C GLU A 25 -12.48 8.23 4.12
N SER A 26 -11.95 7.16 3.52
CA SER A 26 -11.65 5.93 4.22
C SER A 26 -10.16 5.64 4.22
N ILE A 27 -9.45 5.97 3.12
CA ILE A 27 -8.03 5.72 3.02
C ILE A 27 -7.25 6.68 3.92
N GLN A 28 -7.44 7.99 3.77
CA GLN A 28 -6.63 8.96 4.49
C GLN A 28 -6.94 8.95 5.98
N GLY A 29 -8.16 8.55 6.34
CA GLY A 29 -8.58 8.52 7.74
C GLY A 29 -7.83 7.44 8.50
N LEU A 30 -7.82 6.20 7.99
CA LEU A 30 -7.13 5.11 8.64
C LEU A 30 -5.62 5.22 8.44
N SER A 31 -5.20 5.77 7.29
CA SER A 31 -3.80 5.89 6.94
C SER A 31 -3.06 6.82 7.91
N SER A 32 -3.78 7.82 8.44
CA SER A 32 -3.16 8.79 9.33
C SER A 32 -2.88 8.14 10.68
N TRP A 33 -3.81 7.28 11.11
CA TRP A 33 -3.68 6.52 12.34
C TRP A 33 -2.70 5.37 12.15
N CYS A 34 -2.68 4.79 10.95
CA CYS A 34 -1.77 3.69 10.64
C CYS A 34 -0.31 4.10 10.81
N ILE A 35 0.01 5.39 10.60
CA ILE A 35 1.38 5.86 10.77
C ILE A 35 1.78 5.86 12.24
N GLU A 36 0.84 6.00 13.17
CA GLU A 36 1.16 5.91 14.59
C GLU A 36 1.38 4.46 15.00
N ASN A 37 0.87 3.54 14.18
CA ASN A 37 1.07 2.12 14.37
C ASN A 37 2.38 1.66 13.72
N LYS A 38 3.33 2.58 13.51
CA LYS A 38 4.62 2.26 12.93
C LYS A 38 5.37 1.23 13.78
N LYS A 39 4.96 1.11 15.05
CA LYS A 39 5.49 0.12 15.98
C LYS A 39 5.08 -1.30 15.57
N HIS A 40 4.25 -1.39 14.52
CA HIS A 40 3.78 -2.65 13.97
C HIS A 40 3.97 -2.70 12.45
N HIS A 41 4.82 -1.83 11.89
CA HIS A 41 4.97 -1.74 10.44
C HIS A 41 5.44 -3.06 9.83
N SER A 42 6.03 -3.95 10.65
CA SER A 42 6.51 -5.25 10.19
C SER A 42 5.36 -6.23 9.97
N THR A 43 4.23 -6.05 10.65
CA THR A 43 3.08 -6.95 10.52
C THR A 43 1.93 -6.28 9.76
N ILE A 44 1.93 -4.94 9.71
CA ILE A 44 0.91 -4.21 8.96
C ILE A 44 0.94 -4.63 7.49
N VAL A 45 2.15 -4.81 6.95
CA VAL A 45 2.31 -5.28 5.59
C VAL A 45 1.66 -6.66 5.44
N TYR A 46 1.80 -7.53 6.44
CA TYR A 46 1.21 -8.86 6.36
C TYR A 46 -0.32 -8.80 6.41
N HIS A 47 -0.88 -7.82 7.12
CA HIS A 47 -2.32 -7.69 7.23
C HIS A 47 -2.92 -7.17 5.93
N TRP A 48 -2.43 -6.01 5.47
CA TRP A 48 -2.95 -5.34 4.30
C TRP A 48 -2.75 -6.18 3.03
N MET A 49 -1.67 -6.98 2.99
CA MET A 49 -1.32 -7.72 1.79
C MET A 49 -2.28 -8.89 1.54
N LYS A 50 -2.64 -9.63 2.58
CA LYS A 50 -3.47 -10.81 2.40
C LYS A 50 -4.91 -10.43 2.05
N TRP A 51 -5.30 -9.17 2.28
CA TRP A 51 -6.61 -8.70 1.88
C TRP A 51 -6.69 -8.46 0.37
N LEU A 52 -5.54 -8.29 -0.29
CA LEU A 52 -5.51 -8.04 -1.72
C LEU A 52 -5.93 -9.27 -2.49
N ARG A 53 -5.31 -10.42 -2.18
CA ARG A 53 -5.59 -11.66 -2.90
C ARG A 53 -6.91 -12.27 -2.46
N ARG A 54 -7.44 -11.83 -1.30
CA ARG A 54 -8.72 -12.30 -0.78
C ARG A 54 -9.88 -11.48 -1.33
N SER A 55 -9.72 -10.14 -1.37
CA SER A 55 -10.79 -9.24 -1.76
C SER A 55 -10.95 -9.14 -3.28
N ALA A 56 -11.92 -8.33 -3.71
CA ALA A 56 -12.28 -8.12 -5.10
C ALA A 56 -11.21 -7.32 -5.84
N TYR A 57 -11.30 -7.29 -7.17
CA TYR A 57 -10.34 -6.58 -8.01
C TYR A 57 -10.37 -5.06 -7.82
N PRO A 58 -11.51 -4.38 -7.81
CA PRO A 58 -11.54 -2.95 -7.56
C PRO A 58 -11.20 -2.65 -6.10
N HIS A 59 -11.51 -3.59 -5.20
CA HIS A 59 -11.25 -3.40 -3.79
C HIS A 59 -9.77 -3.57 -3.46
N ARG A 60 -9.09 -4.53 -4.10
CA ARG A 60 -7.67 -4.74 -3.85
C ARG A 60 -6.85 -3.58 -4.42
N LEU A 61 -7.33 -2.95 -5.49
CA LEU A 61 -6.65 -1.79 -6.06
C LEU A 61 -6.78 -0.63 -5.08
N ASN A 62 -7.96 -0.50 -4.47
CA ASN A 62 -8.22 0.48 -3.45
C ASN A 62 -7.31 0.24 -2.23
N LEU A 63 -7.04 -1.02 -1.88
CA LEU A 63 -6.13 -1.30 -0.80
C LEU A 63 -4.69 -1.02 -1.20
N PHE A 64 -4.34 -1.20 -2.46
CA PHE A 64 -3.00 -0.86 -2.95
C PHE A 64 -2.74 0.64 -2.86
N TYR A 65 -3.77 1.48 -2.93
CA TYR A 65 -3.60 2.92 -2.75
C TYR A 65 -3.13 3.21 -1.33
N LEU A 66 -3.62 2.44 -0.35
CA LEU A 66 -3.30 2.65 1.04
C LEU A 66 -1.82 2.41 1.30
N ALA A 67 -1.22 1.46 0.58
CA ALA A 67 0.19 1.15 0.73
C ALA A 67 1.04 2.35 0.34
N ASN A 68 0.81 2.94 -0.84
CA ASN A 68 1.57 4.10 -1.28
C ASN A 68 1.36 5.26 -0.32
N ASP A 69 0.13 5.39 0.19
CA ASP A 69 -0.20 6.46 1.11
C ASP A 69 0.53 6.25 2.44
N VAL A 70 0.48 5.04 3.00
CA VAL A 70 1.13 4.78 4.28
C VAL A 70 2.65 4.87 4.14
N ILE A 71 3.20 4.53 2.96
CA ILE A 71 4.61 4.71 2.71
C ILE A 71 4.97 6.18 2.85
N GLN A 72 4.26 7.06 2.15
CA GLN A 72 4.63 8.47 2.10
C GLN A 72 4.07 9.28 3.27
N ASN A 73 3.05 8.81 3.99
CA ASN A 73 2.61 9.47 5.22
C ASN A 73 3.56 9.15 6.36
N CYS A 74 4.28 8.02 6.28
CA CYS A 74 5.38 7.74 7.19
C CYS A 74 6.51 8.75 6.94
N LYS A 75 6.43 9.39 5.77
CA LYS A 75 7.21 10.53 5.32
C LYS A 75 8.69 10.28 5.16
N ARG A 76 9.18 10.70 3.99
CA ARG A 76 10.52 10.47 3.48
C ARG A 76 11.60 10.99 4.43
N LYS A 77 11.28 12.01 5.23
CA LYS A 77 12.27 12.62 6.09
C LYS A 77 12.06 12.25 7.56
N ASN A 78 10.88 11.75 7.90
CA ASN A 78 10.57 11.42 9.28
C ASN A 78 11.06 10.00 9.62
N ALA A 79 10.82 9.06 8.71
CA ALA A 79 11.29 7.69 8.86
C ALA A 79 11.09 6.91 7.58
N ILE A 80 9.91 7.07 6.96
CA ILE A 80 9.48 6.32 5.78
C ILE A 80 9.77 4.82 5.91
N ILE A 81 10.00 4.33 7.13
CA ILE A 81 10.41 2.96 7.36
C ILE A 81 9.35 1.98 6.86
N PHE A 82 8.13 2.47 6.62
CA PHE A 82 7.07 1.63 6.11
C PHE A 82 7.46 1.04 4.77
N ARG A 83 8.35 1.69 4.00
CA ARG A 83 8.70 1.15 2.70
C ARG A 83 9.50 -0.14 2.85
N GLU A 84 10.28 -0.29 3.93
CA GLU A 84 11.11 -1.46 4.11
C GLU A 84 10.25 -2.71 4.22
N SER A 85 9.34 -2.73 5.19
CA SER A 85 8.52 -3.90 5.44
C SER A 85 7.55 -4.19 4.31
N PHE A 86 7.07 -3.17 3.59
CA PHE A 86 6.17 -3.43 2.48
C PHE A 86 6.88 -4.17 1.36
N ALA A 87 8.14 -3.81 1.09
CA ALA A 87 8.90 -4.38 -0.02
C ALA A 87 8.99 -5.90 0.04
N ASP A 88 8.69 -6.51 1.19
CA ASP A 88 8.78 -7.96 1.35
C ASP A 88 7.73 -8.72 0.53
N VAL A 89 6.62 -8.06 0.18
CA VAL A 89 5.52 -8.69 -0.52
C VAL A 89 4.88 -7.71 -1.49
N LEU A 90 5.49 -6.53 -1.67
CA LEU A 90 4.95 -5.49 -2.54
C LEU A 90 4.86 -5.95 -4.00
N PRO A 91 5.86 -6.64 -4.56
CA PRO A 91 5.75 -7.20 -5.89
C PRO A 91 4.83 -8.41 -5.91
N GLU A 92 4.89 -9.26 -4.88
CA GLU A 92 4.00 -10.40 -4.76
C GLU A 92 2.55 -9.94 -4.74
N ALA A 93 2.29 -8.72 -4.24
CA ALA A 93 0.97 -8.13 -4.25
C ALA A 93 0.59 -7.64 -5.64
N ALA A 94 1.56 -7.21 -6.44
CA ALA A 94 1.30 -6.69 -7.78
C ALA A 94 0.84 -7.79 -8.73
N ALA A 95 1.11 -9.05 -8.39
CA ALA A 95 0.70 -10.18 -9.21
C ALA A 95 -0.82 -10.37 -9.18
N LEU A 96 -1.49 -9.78 -8.19
CA LEU A 96 -2.94 -9.90 -8.04
C LEU A 96 -3.67 -8.83 -8.85
N VAL A 97 -2.94 -8.00 -9.59
CA VAL A 97 -3.54 -6.91 -10.34
C VAL A 97 -2.91 -6.76 -11.71
N LYS A 98 -2.45 -7.86 -12.29
CA LYS A 98 -1.86 -7.86 -13.62
C LYS A 98 -2.91 -7.80 -14.72
N ASP A 99 -4.19 -7.98 -14.38
CA ASP A 99 -5.28 -7.93 -15.34
C ASP A 99 -5.45 -6.52 -15.90
N PRO A 100 -5.92 -6.39 -17.15
CA PRO A 100 -6.08 -5.09 -17.80
C PRO A 100 -7.13 -4.24 -17.09
N SER A 101 -7.95 -4.86 -16.23
CA SER A 101 -9.00 -4.15 -15.51
C SER A 101 -8.46 -3.32 -14.35
N VAL A 102 -7.22 -3.57 -13.92
CA VAL A 102 -6.63 -2.85 -12.78
C VAL A 102 -5.15 -2.57 -12.96
N SER A 103 -4.46 -3.25 -13.87
CA SER A 103 -3.05 -3.01 -14.10
C SER A 103 -2.81 -1.59 -14.64
N LYS A 104 -3.85 -0.95 -15.17
CA LYS A 104 -3.73 0.43 -15.63
C LYS A 104 -3.70 1.41 -14.47
N SER A 105 -4.43 1.12 -13.39
CA SER A 105 -4.53 2.02 -12.24
C SER A 105 -3.42 1.77 -11.23
N VAL A 106 -2.90 0.55 -11.13
CA VAL A 106 -1.84 0.27 -10.18
C VAL A 106 -0.55 0.97 -10.60
N GLU A 107 -0.41 1.26 -11.90
CA GLU A 107 0.74 1.98 -12.41
C GLU A 107 0.72 3.42 -11.89
N ARG A 108 -0.42 3.91 -11.40
CA ARG A 108 -0.52 5.28 -10.93
C ARG A 108 0.39 5.51 -9.74
N ILE A 109 0.55 4.49 -8.88
CA ILE A 109 1.39 4.60 -7.70
C ILE A 109 2.76 3.99 -7.95
N PHE A 110 2.84 2.96 -8.79
CA PHE A 110 4.12 2.37 -9.14
C PHE A 110 4.95 3.38 -9.93
N LYS A 111 4.31 4.23 -10.74
CA LYS A 111 5.03 5.25 -11.49
C LYS A 111 5.70 6.23 -10.52
N ILE A 112 5.06 6.49 -9.38
CA ILE A 112 5.59 7.45 -8.42
C ILE A 112 6.83 6.87 -7.76
N TRP A 113 6.77 5.60 -7.32
CA TRP A 113 7.89 5.01 -6.62
C TRP A 113 9.13 4.98 -7.51
N GLU A 114 8.94 4.91 -8.83
CA GLU A 114 10.02 4.96 -9.80
C GLU A 114 10.57 6.38 -9.96
N ASP A 115 9.70 7.36 -10.25
CA ASP A 115 10.13 8.73 -10.49
C ASP A 115 10.62 9.39 -9.21
N ARG A 116 9.91 9.18 -8.10
CA ARG A 116 10.32 9.64 -6.79
C ARG A 116 11.47 8.81 -6.24
N ASN A 117 11.81 7.68 -6.87
CA ASN A 117 12.90 6.85 -6.40
C ASN A 117 12.74 6.46 -4.93
N VAL A 118 11.48 6.27 -4.48
CA VAL A 118 11.18 5.91 -3.11
C VAL A 118 11.71 4.50 -2.83
N TYR A 119 11.91 3.71 -3.89
CA TYR A 119 12.54 2.41 -3.81
C TYR A 119 13.77 2.41 -4.73
N PRO A 120 14.84 1.70 -4.35
CA PRO A 120 16.03 1.62 -5.16
C PRO A 120 15.72 0.80 -6.40
N GLU A 121 16.45 1.06 -7.49
CA GLU A 121 16.16 0.45 -8.77
C GLU A 121 16.22 -1.07 -8.65
N GLU A 122 17.12 -1.58 -7.82
CA GLU A 122 17.32 -3.02 -7.66
C GLU A 122 16.07 -3.69 -7.10
N MET A 123 15.29 -3.00 -6.26
CA MET A 123 14.05 -3.56 -5.76
C MET A 123 12.94 -3.37 -6.77
N ILE A 124 12.95 -2.25 -7.50
CA ILE A 124 11.90 -1.94 -8.47
C ILE A 124 11.90 -2.93 -9.62
N VAL A 125 13.01 -3.64 -9.84
CA VAL A 125 13.05 -4.69 -10.85
C VAL A 125 11.98 -5.74 -10.53
N ALA A 126 11.76 -6.01 -9.24
CA ALA A 126 10.77 -6.99 -8.83
C ALA A 126 9.35 -6.43 -8.99
N LEU A 127 9.16 -5.14 -8.72
CA LEU A 127 7.86 -4.50 -8.85
C LEU A 127 7.47 -4.38 -10.32
N ARG A 128 8.45 -4.06 -11.18
CA ARG A 128 8.23 -3.92 -12.61
C ARG A 128 8.08 -5.29 -13.26
N GLU A 129 8.78 -6.30 -12.76
CA GLU A 129 8.65 -7.65 -13.27
C GLU A 129 7.29 -8.22 -12.91
N ALA A 130 6.81 -7.95 -11.69
CA ALA A 130 5.54 -8.47 -11.23
C ALA A 130 4.37 -7.94 -12.05
N LEU A 131 4.47 -6.70 -12.55
CA LEU A 131 3.45 -6.14 -13.43
C LEU A 131 3.66 -6.57 -14.88
N SER A 132 4.90 -6.62 -15.34
CA SER A 132 5.19 -6.96 -16.73
C SER A 132 4.94 -8.44 -17.01
N THR A 133 5.56 -9.31 -16.20
CA THR A 133 5.48 -10.75 -16.35
C THR A 133 5.75 -11.40 -14.99
N SER B 1 -16.99 9.67 -5.14
CA SER B 1 -16.18 8.76 -4.34
C SER B 1 -14.70 8.90 -4.71
N PRO B 2 -14.12 10.09 -4.53
CA PRO B 2 -12.72 10.37 -4.83
C PRO B 2 -11.83 9.54 -3.92
N SEP B 3 -10.83 8.87 -4.49
CA SEP B 3 -9.98 7.95 -3.75
CB SEP B 3 -10.16 6.53 -4.30
OG SEP B 3 -9.42 6.31 -5.48
C SEP B 3 -8.54 8.41 -3.63
O SEP B 3 -7.59 7.63 -3.75
P SEP B 3 -9.96 6.69 -6.95
O1P SEP B 3 -11.27 6.02 -7.02
O2P SEP B 3 -10.00 8.17 -6.93
O3P SEP B 3 -8.93 6.10 -7.85
H SEP B 3 -10.62 8.98 -5.48
HA SEP B 3 -10.36 7.93 -2.73
HB2 SEP B 3 -9.84 5.82 -3.54
HB3 SEP B 3 -11.22 6.35 -4.49
N TYR B 4 -8.38 9.72 -3.40
CA TYR B 4 -7.12 10.40 -3.14
C TYR B 4 -6.13 10.37 -4.31
N SEP B 5 -5.21 11.34 -4.29
CA SEP B 5 -4.21 11.52 -5.34
CB SEP B 5 -4.16 13.00 -5.73
OG SEP B 5 -4.08 13.18 -7.13
C SEP B 5 -2.87 11.02 -4.82
O SEP B 5 -2.23 11.69 -4.01
P SEP B 5 -2.92 12.53 -8.04
O1P SEP B 5 -3.45 11.19 -8.37
O2P SEP B 5 -2.84 13.46 -9.19
O3P SEP B 5 -1.73 12.54 -7.15
H SEP B 5 -5.19 11.98 -3.53
HA SEP B 5 -4.52 10.95 -6.22
HB2 SEP B 5 -5.05 13.49 -5.37
HB3 SEP B 5 -3.29 13.48 -5.26
N PRO B 6 -2.41 9.84 -5.27
CA PRO B 6 -1.18 9.21 -4.79
C PRO B 6 0.08 10.05 -4.86
N THR B 7 0.09 11.17 -5.60
CA THR B 7 1.27 12.04 -5.69
C THR B 7 1.24 13.16 -4.65
N SER B 8 0.13 13.29 -3.92
CA SER B 8 -0.05 14.37 -2.95
C SER B 8 0.65 14.18 -1.59
N PRO B 9 0.98 12.96 -1.13
CA PRO B 9 1.61 12.78 0.17
C PRO B 9 3.11 13.10 0.09
N SEP B 10 3.46 14.36 0.39
CA SEP B 10 4.81 14.91 0.35
CB SEP B 10 5.68 14.36 1.49
OG SEP B 10 7.01 14.83 1.30
C SEP B 10 5.51 14.77 -1.00
O SEP B 10 5.64 15.74 -1.73
P SEP B 10 8.19 14.50 2.36
O1P SEP B 10 8.23 15.72 3.21
O2P SEP B 10 9.38 14.33 1.48
O3P SEP B 10 7.73 13.28 3.04
H SEP B 10 2.72 15.00 0.68
HA SEP B 10 4.72 15.98 0.52
HB2 SEP B 10 5.30 14.70 2.45
HB3 SEP B 10 5.68 13.28 1.45
N TYR B 11 5.97 13.56 -1.33
CA TYR B 11 6.84 13.31 -2.46
C TYR B 11 6.05 13.00 -3.74
N SER A 5 -3.85 -9.76 25.59
CA SER A 5 -4.28 -8.35 25.62
C SER A 5 -3.83 -7.59 24.38
N ALA A 6 -2.51 -7.45 24.20
CA ALA A 6 -1.96 -6.70 23.08
C ALA A 6 -2.39 -7.26 21.72
N GLY A 7 -2.81 -8.53 21.68
CA GLY A 7 -3.20 -9.16 20.44
C GLY A 7 -4.47 -8.53 19.86
N ALA A 8 -5.20 -7.75 20.67
CA ALA A 8 -6.38 -7.05 20.19
C ALA A 8 -5.97 -5.92 19.23
N LEU A 9 -4.79 -5.34 19.44
CA LEU A 9 -4.27 -4.30 18.55
C LEU A 9 -3.78 -4.93 17.27
N GLU A 10 -3.19 -6.14 17.36
CA GLU A 10 -2.71 -6.86 16.19
C GLU A 10 -3.89 -7.23 15.31
N SER A 11 -4.99 -7.67 15.94
CA SER A 11 -6.21 -8.02 15.23
C SER A 11 -6.96 -6.78 14.77
N SER A 12 -6.67 -5.61 15.35
CA SER A 12 -7.35 -4.39 14.95
C SER A 12 -6.90 -3.94 13.57
N LEU A 13 -5.67 -4.25 13.19
CA LEU A 13 -5.13 -3.93 11.88
C LEU A 13 -5.83 -4.77 10.82
N ASP A 14 -6.01 -6.07 11.07
CA ASP A 14 -6.74 -6.92 10.14
C ASP A 14 -8.19 -6.46 10.00
N ARG A 15 -8.85 -6.15 11.11
CA ARG A 15 -10.26 -5.79 11.08
C ARG A 15 -10.49 -4.42 10.44
N LYS A 16 -9.64 -3.43 10.74
CA LYS A 16 -9.83 -2.10 10.21
C LYS A 16 -9.33 -1.95 8.78
N PHE A 17 -8.31 -2.70 8.36
CA PHE A 17 -7.82 -2.59 6.98
C PHE A 17 -8.81 -3.23 6.01
N GLN A 18 -9.61 -4.20 6.50
CA GLN A 18 -10.62 -4.84 5.68
C GLN A 18 -11.77 -3.87 5.41
N SER A 19 -11.96 -2.91 6.32
CA SER A 19 -13.01 -1.90 6.24
C SER A 19 -12.66 -0.76 5.30
N VAL A 20 -11.45 -0.75 4.74
CA VAL A 20 -11.03 0.34 3.86
C VAL A 20 -11.76 0.26 2.53
N THR A 21 -12.08 1.43 1.95
CA THR A 21 -12.87 1.53 0.73
C THR A 21 -12.41 2.72 -0.11
N ASN A 22 -12.96 2.82 -1.33
CA ASN A 22 -12.63 3.87 -2.29
C ASN A 22 -13.10 5.24 -1.84
N THR A 23 -12.39 5.85 -0.90
CA THR A 23 -12.57 7.24 -0.54
C THR A 23 -11.40 7.71 0.32
N MET A 24 -11.00 8.98 0.14
CA MET A 24 -9.90 9.54 0.91
C MET A 24 -10.23 9.57 2.39
N GLU A 25 -11.53 9.59 2.73
CA GLU A 25 -11.97 9.61 4.11
C GLU A 25 -11.65 8.28 4.78
N SER A 26 -11.57 7.21 3.98
CA SER A 26 -11.26 5.87 4.48
C SER A 26 -9.77 5.59 4.40
N ILE A 27 -9.14 5.95 3.28
CA ILE A 27 -7.72 5.68 3.07
C ILE A 27 -6.88 6.53 4.01
N GLN A 28 -7.10 7.84 4.02
CA GLN A 28 -6.31 8.73 4.87
C GLN A 28 -6.74 8.61 6.33
N GLY A 29 -8.00 8.24 6.56
CA GLY A 29 -8.54 8.14 7.90
C GLY A 29 -7.89 6.98 8.67
N LEU A 30 -7.86 5.79 8.08
CA LEU A 30 -7.24 4.64 8.72
C LEU A 30 -5.73 4.75 8.65
N SER A 31 -5.19 5.46 7.64
CA SER A 31 -3.75 5.61 7.53
C SER A 31 -3.21 6.49 8.66
N SER A 32 -4.00 7.47 9.11
CA SER A 32 -3.53 8.41 10.11
C SER A 32 -3.28 7.69 11.43
N TRP A 33 -4.13 6.72 11.75
CA TRP A 33 -3.96 5.89 12.93
C TRP A 33 -2.95 4.77 12.65
N CYS A 34 -2.88 4.30 11.41
CA CYS A 34 -1.96 3.25 11.04
C CYS A 34 -0.50 3.70 11.22
N ILE A 35 -0.23 4.99 11.00
CA ILE A 35 1.11 5.52 11.16
C ILE A 35 1.53 5.52 12.63
N GLU A 36 0.58 5.53 13.58
CA GLU A 36 0.96 5.45 14.98
C GLU A 36 1.38 4.02 15.33
N ASN A 37 0.98 3.07 14.50
CA ASN A 37 1.38 1.67 14.65
C ASN A 37 2.72 1.42 13.96
N LYS A 38 3.47 2.49 13.63
CA LYS A 38 4.81 2.36 13.03
C LYS A 38 5.74 1.58 13.95
N LYS A 39 5.42 1.54 15.25
CA LYS A 39 6.15 0.77 16.24
C LYS A 39 5.99 -0.73 15.96
N HIS A 40 5.11 -1.07 15.01
CA HIS A 40 4.88 -2.43 14.56
C HIS A 40 4.79 -2.48 13.03
N HIS A 41 5.48 -1.56 12.34
CA HIS A 41 5.39 -1.43 10.89
C HIS A 41 5.69 -2.75 10.16
N SER A 42 6.33 -3.70 10.86
CA SER A 42 6.68 -4.98 10.29
C SER A 42 5.45 -5.88 10.07
N THR A 43 4.36 -5.66 10.82
CA THR A 43 3.17 -6.50 10.66
C THR A 43 2.07 -5.82 9.86
N ILE A 44 2.10 -4.48 9.76
CA ILE A 44 1.09 -3.73 9.02
C ILE A 44 1.04 -4.20 7.58
N VAL A 45 2.20 -4.53 7.01
CA VAL A 45 2.26 -4.99 5.64
C VAL A 45 1.56 -6.35 5.51
N TYR A 46 1.66 -7.21 6.52
CA TYR A 46 1.05 -8.53 6.47
C TYR A 46 -0.47 -8.44 6.60
N HIS A 47 -0.96 -7.41 7.28
CA HIS A 47 -2.40 -7.27 7.49
C HIS A 47 -3.07 -6.79 6.22
N TRP A 48 -2.51 -5.77 5.55
CA TRP A 48 -3.10 -5.20 4.35
C TRP A 48 -2.89 -6.10 3.13
N MET A 49 -1.80 -6.86 3.10
CA MET A 49 -1.42 -7.59 1.90
C MET A 49 -2.35 -8.77 1.60
N LYS A 50 -2.82 -9.47 2.64
CA LYS A 50 -3.67 -10.62 2.46
C LYS A 50 -5.09 -10.25 2.04
N TRP A 51 -5.50 -8.99 2.28
CA TRP A 51 -6.82 -8.53 1.89
C TRP A 51 -6.91 -8.31 0.38
N LEU A 52 -5.78 -8.26 -0.32
CA LEU A 52 -5.77 -8.05 -1.76
C LEU A 52 -6.27 -9.30 -2.47
N ARG A 53 -5.89 -10.48 -1.97
CA ARG A 53 -6.37 -11.75 -2.50
C ARG A 53 -7.84 -11.95 -2.14
N ARG A 54 -8.28 -11.40 -1.01
CA ARG A 54 -9.67 -11.50 -0.57
C ARG A 54 -10.58 -10.56 -1.36
N SER A 55 -10.08 -9.37 -1.69
CA SER A 55 -10.86 -8.34 -2.35
C SER A 55 -11.05 -8.61 -3.84
N ALA A 56 -12.00 -7.87 -4.41
CA ALA A 56 -12.29 -7.89 -5.83
C ALA A 56 -11.17 -7.19 -6.61
N TYR A 57 -11.16 -7.34 -7.94
CA TYR A 57 -10.13 -6.76 -8.78
C TYR A 57 -10.02 -5.24 -8.66
N PRO A 58 -11.11 -4.46 -8.69
CA PRO A 58 -11.02 -3.02 -8.51
C PRO A 58 -10.78 -2.65 -7.04
N HIS A 59 -11.31 -3.44 -6.10
CA HIS A 59 -11.19 -3.13 -4.68
C HIS A 59 -9.79 -3.43 -4.16
N ARG A 60 -9.11 -4.44 -4.72
CA ARG A 60 -7.74 -4.73 -4.30
C ARG A 60 -6.80 -3.64 -4.82
N LEU A 61 -7.11 -3.07 -5.99
CA LEU A 61 -6.32 -1.99 -6.53
C LEU A 61 -6.50 -0.77 -5.62
N ASN A 62 -7.75 -0.57 -5.18
CA ASN A 62 -8.10 0.48 -4.24
C ASN A 62 -7.35 0.31 -2.91
N LEU A 63 -7.26 -0.92 -2.41
CA LEU A 63 -6.52 -1.16 -1.18
C LEU A 63 -5.03 -0.95 -1.41
N PHE A 64 -4.55 -1.13 -2.63
CA PHE A 64 -3.16 -0.89 -2.95
C PHE A 64 -2.81 0.60 -2.88
N TYR A 65 -3.78 1.51 -3.04
CA TYR A 65 -3.53 2.93 -2.92
C TYR A 65 -3.09 3.26 -1.49
N LEU A 66 -3.60 2.50 -0.51
CA LEU A 66 -3.26 2.71 0.88
C LEU A 66 -1.79 2.41 1.11
N ALA A 67 -1.25 1.39 0.43
CA ALA A 67 0.13 0.99 0.57
C ALA A 67 1.07 2.03 -0.05
N ASN A 68 0.55 2.89 -0.93
CA ASN A 68 1.36 3.99 -1.46
C ASN A 68 1.33 5.17 -0.49
N ASP A 69 0.14 5.46 0.05
CA ASP A 69 -0.07 6.61 0.92
C ASP A 69 0.62 6.39 2.28
N VAL A 70 0.49 5.19 2.87
CA VAL A 70 1.05 4.91 4.19
C VAL A 70 2.57 5.08 4.20
N ILE A 71 3.24 4.84 3.06
CA ILE A 71 4.68 5.04 2.98
C ILE A 71 5.00 6.51 3.25
N GLN A 72 4.22 7.42 2.64
CA GLN A 72 4.43 8.85 2.78
C GLN A 72 3.84 9.40 4.08
N ASN A 73 2.65 8.92 4.47
CA ASN A 73 1.96 9.47 5.62
C ASN A 73 2.80 9.34 6.89
N CYS A 74 3.73 8.39 6.89
CA CYS A 74 4.70 8.28 7.97
C CYS A 74 5.44 9.61 8.08
N LYS A 75 6.21 9.96 7.05
CA LYS A 75 6.81 11.26 6.85
C LYS A 75 7.69 11.20 5.60
N ARG A 76 8.37 12.31 5.29
CA ARG A 76 9.30 12.40 4.18
C ARG A 76 10.54 11.56 4.48
N LYS A 77 11.67 11.89 3.84
CA LYS A 77 12.92 11.15 3.92
C LYS A 77 13.52 11.13 5.33
N ASN A 78 12.76 11.62 6.33
CA ASN A 78 13.21 11.64 7.71
C ASN A 78 13.44 10.23 8.25
N ALA A 79 12.68 9.25 7.75
CA ALA A 79 12.86 7.85 8.09
C ALA A 79 12.14 6.98 7.07
N ILE A 80 10.88 7.32 6.77
CA ILE A 80 10.03 6.65 5.78
C ILE A 80 10.12 5.13 5.86
N ILE A 81 10.41 4.61 7.05
CA ILE A 81 10.69 3.20 7.28
C ILE A 81 9.57 2.27 6.78
N PHE A 82 8.34 2.78 6.63
CA PHE A 82 7.26 1.93 6.14
C PHE A 82 7.56 1.41 4.73
N ARG A 83 8.51 2.02 4.02
CA ARG A 83 8.89 1.53 2.71
C ARG A 83 9.59 0.18 2.82
N GLU A 84 10.29 -0.04 3.94
CA GLU A 84 11.17 -1.18 4.06
C GLU A 84 10.40 -2.49 4.15
N SER A 85 9.41 -2.55 5.06
CA SER A 85 8.61 -3.75 5.24
C SER A 85 7.65 -3.97 4.08
N PHE A 86 7.34 -2.92 3.31
CA PHE A 86 6.46 -3.08 2.16
C PHE A 86 7.19 -3.76 1.01
N ALA A 87 8.47 -3.43 0.81
CA ALA A 87 9.24 -4.00 -0.29
C ALA A 87 9.30 -5.54 -0.23
N ASP A 88 8.96 -6.11 0.93
CA ASP A 88 9.02 -7.54 1.15
C ASP A 88 7.94 -8.33 0.40
N VAL A 89 6.80 -7.69 0.09
CA VAL A 89 5.68 -8.40 -0.51
C VAL A 89 4.97 -7.54 -1.55
N LEU A 90 5.47 -6.32 -1.80
CA LEU A 90 4.86 -5.45 -2.79
C LEU A 90 4.76 -6.12 -4.17
N PRO A 91 5.80 -6.80 -4.65
CA PRO A 91 5.76 -7.48 -5.93
C PRO A 91 4.72 -8.60 -5.96
N GLU A 92 4.72 -9.45 -4.93
CA GLU A 92 3.81 -10.55 -4.82
C GLU A 92 2.37 -10.08 -4.67
N ALA A 93 2.16 -8.98 -3.93
CA ALA A 93 0.83 -8.45 -3.74
C ALA A 93 0.29 -7.85 -5.04
N ALA A 94 1.16 -7.21 -5.82
CA ALA A 94 0.77 -6.59 -7.07
C ALA A 94 0.57 -7.66 -8.17
N ALA A 95 1.02 -8.89 -7.94
CA ALA A 95 0.79 -9.97 -8.88
C ALA A 95 -0.70 -10.29 -8.98
N LEU A 96 -1.50 -9.80 -8.02
CA LEU A 96 -2.93 -10.01 -8.01
C LEU A 96 -3.67 -9.02 -8.92
N VAL A 97 -2.92 -8.19 -9.68
CA VAL A 97 -3.49 -7.26 -10.64
C VAL A 97 -2.71 -7.25 -11.94
N LYS A 98 -2.21 -8.41 -12.36
CA LYS A 98 -1.45 -8.54 -13.61
C LYS A 98 -2.31 -8.35 -14.86
N ASP A 99 -3.63 -8.48 -14.74
CA ASP A 99 -4.51 -8.30 -15.89
C ASP A 99 -4.43 -6.86 -16.39
N PRO A 100 -4.51 -6.66 -17.72
CA PRO A 100 -4.35 -5.33 -18.32
C PRO A 100 -5.50 -4.41 -17.90
N SER A 101 -6.57 -4.98 -17.34
CA SER A 101 -7.71 -4.20 -16.87
C SER A 101 -7.42 -3.50 -15.55
N VAL A 102 -6.30 -3.86 -14.88
CA VAL A 102 -5.96 -3.26 -13.60
C VAL A 102 -4.46 -3.01 -13.45
N SER A 103 -3.60 -3.68 -14.23
CA SER A 103 -2.17 -3.43 -14.17
C SER A 103 -1.88 -1.99 -14.54
N LYS A 104 -2.72 -1.40 -15.40
CA LYS A 104 -2.60 -0.01 -15.79
C LYS A 104 -2.84 0.90 -14.59
N SER A 105 -3.66 0.43 -13.64
CA SER A 105 -3.97 1.20 -12.43
C SER A 105 -2.85 1.09 -11.39
N VAL A 106 -1.94 0.11 -11.53
CA VAL A 106 -0.81 0.01 -10.61
C VAL A 106 0.18 1.13 -10.92
N GLU A 107 0.25 1.51 -12.19
CA GLU A 107 1.11 2.60 -12.64
C GLU A 107 0.75 3.91 -11.93
N ARG A 108 -0.42 3.98 -11.28
CA ARG A 108 -0.81 5.16 -10.53
C ARG A 108 0.11 5.37 -9.33
N ILE A 109 0.76 4.32 -8.85
CA ILE A 109 1.59 4.39 -7.67
C ILE A 109 2.99 3.80 -7.90
N PHE A 110 3.11 2.76 -8.71
CA PHE A 110 4.43 2.19 -8.98
C PHE A 110 5.27 3.19 -9.76
N LYS A 111 4.63 3.96 -10.64
CA LYS A 111 5.34 4.93 -11.47
C LYS A 111 5.78 6.13 -10.65
N ILE A 112 5.06 6.45 -9.57
CA ILE A 112 5.46 7.54 -8.70
C ILE A 112 6.72 7.15 -7.96
N TRP A 113 6.74 5.93 -7.41
CA TRP A 113 7.85 5.47 -6.59
C TRP A 113 9.16 5.45 -7.38
N GLU A 114 9.08 5.33 -8.71
CA GLU A 114 10.26 5.38 -9.56
C GLU A 114 10.80 6.81 -9.70
N ASP A 115 9.89 7.76 -9.93
CA ASP A 115 10.25 9.16 -10.10
C ASP A 115 10.65 9.78 -8.77
N ARG A 116 9.85 9.48 -7.74
CA ARG A 116 10.10 9.86 -6.36
C ARG A 116 11.26 9.04 -5.81
N ASN A 117 11.77 8.07 -6.58
CA ASN A 117 12.92 7.28 -6.21
C ASN A 117 12.78 6.66 -4.81
N VAL A 118 11.55 6.34 -4.41
CA VAL A 118 11.26 5.79 -3.10
C VAL A 118 11.83 4.37 -2.99
N TYR A 119 12.14 3.76 -4.14
CA TYR A 119 12.75 2.45 -4.21
C TYR A 119 13.84 2.45 -5.28
N PRO A 120 14.96 1.77 -5.01
CA PRO A 120 16.06 1.65 -5.95
C PRO A 120 15.64 0.73 -7.09
N GLU A 121 16.26 0.90 -8.27
CA GLU A 121 15.88 0.18 -9.47
C GLU A 121 15.94 -1.34 -9.25
N GLU A 122 16.84 -1.78 -8.36
CA GLU A 122 17.01 -3.19 -8.08
C GLU A 122 15.74 -3.80 -7.48
N MET A 123 14.87 -2.98 -6.87
CA MET A 123 13.58 -3.47 -6.39
C MET A 123 12.51 -3.31 -7.46
N ILE A 124 12.65 -2.32 -8.35
CA ILE A 124 11.60 -2.02 -9.33
C ILE A 124 11.45 -3.15 -10.34
N VAL A 125 12.50 -3.95 -10.56
CA VAL A 125 12.39 -5.06 -11.51
C VAL A 125 11.33 -6.05 -11.05
N ALA A 126 11.08 -6.11 -9.73
CA ALA A 126 10.05 -6.97 -9.18
C ALA A 126 8.67 -6.32 -9.34
N LEU A 127 8.61 -4.98 -9.27
CA LEU A 127 7.38 -4.24 -9.50
C LEU A 127 6.98 -4.37 -10.97
N ARG A 128 7.97 -4.41 -11.87
CA ARG A 128 7.75 -4.57 -13.29
C ARG A 128 7.19 -5.97 -13.56
N GLU A 129 7.67 -6.98 -12.81
CA GLU A 129 7.19 -8.34 -12.97
C GLU A 129 5.73 -8.46 -12.56
N ALA A 130 5.27 -7.53 -11.72
CA ALA A 130 3.88 -7.47 -11.34
C ALA A 130 3.05 -6.63 -12.32
N LEU A 131 3.70 -5.70 -13.03
CA LEU A 131 3.03 -4.92 -14.06
C LEU A 131 2.82 -5.77 -15.31
N SER A 132 3.79 -6.65 -15.62
CA SER A 132 3.69 -7.56 -16.75
C SER A 132 4.50 -8.83 -16.47
N THR A 133 4.15 -9.92 -17.15
CA THR A 133 4.72 -11.25 -16.93
C THR A 133 4.70 -11.60 -15.45
N SER B 1 -18.41 10.62 -1.25
CA SER B 1 -17.40 9.58 -1.32
C SER B 1 -16.22 10.05 -2.17
N PRO B 2 -15.56 11.15 -1.79
CA PRO B 2 -14.43 11.70 -2.52
C PRO B 2 -13.23 10.75 -2.41
N SEP B 3 -12.40 10.70 -3.44
CA SEP B 3 -11.24 9.83 -3.49
CB SEP B 3 -11.39 8.80 -4.61
OG SEP B 3 -10.22 8.03 -4.77
C SEP B 3 -9.95 10.64 -3.64
O SEP B 3 -9.97 11.73 -4.21
P SEP B 3 -9.82 6.84 -3.75
O1P SEP B 3 -9.70 7.53 -2.45
O2P SEP B 3 -10.95 5.89 -3.87
O3P SEP B 3 -8.54 6.35 -4.30
H SEP B 3 -12.57 11.28 -4.25
HA SEP B 3 -11.18 9.28 -2.54
HB2 SEP B 3 -12.24 8.15 -4.41
HB3 SEP B 3 -11.58 9.34 -5.55
N TYR B 4 -8.85 10.11 -3.12
CA TYR B 4 -7.56 10.80 -3.11
C TYR B 4 -6.81 10.60 -4.44
N SEP B 5 -5.72 11.34 -4.63
CA SEP B 5 -4.87 11.16 -5.80
CB SEP B 5 -4.90 12.39 -6.69
OG SEP B 5 -4.56 12.00 -8.01
C SEP B 5 -3.46 10.79 -5.34
O SEP B 5 -2.91 11.44 -4.45
P SEP B 5 -3.31 12.67 -8.79
O1P SEP B 5 -2.18 12.42 -7.87
O2P SEP B 5 -3.28 11.91 -10.05
O3P SEP B 5 -3.72 14.10 -8.92
H SEP B 5 -5.45 12.03 -3.95
HA SEP B 5 -5.27 10.33 -6.38
HB2 SEP B 5 -5.92 12.80 -6.70
HB3 SEP B 5 -4.21 13.15 -6.31
N PRO B 6 -2.88 9.74 -5.94
CA PRO B 6 -1.65 9.10 -5.47
C PRO B 6 -0.41 9.99 -5.52
N THR B 7 -0.42 11.09 -6.28
CA THR B 7 0.75 11.96 -6.39
C THR B 7 0.66 13.12 -5.40
N SER B 8 -0.48 13.27 -4.70
CA SER B 8 -0.72 14.39 -3.80
C SER B 8 0.01 14.32 -2.46
N PRO B 9 0.27 13.13 -1.87
CA PRO B 9 0.99 13.02 -0.61
C PRO B 9 2.37 13.67 -0.65
N SEP B 10 2.80 14.28 0.45
CA SEP B 10 4.06 15.01 0.52
CB SEP B 10 4.02 16.04 1.65
OG SEP B 10 3.58 15.45 2.86
C SEP B 10 5.23 14.05 0.68
O SEP B 10 5.72 13.81 1.78
P SEP B 10 4.07 15.99 4.29
O1P SEP B 10 3.13 15.37 5.25
O2P SEP B 10 3.97 17.47 4.16
O3P SEP B 10 5.46 15.48 4.41
H SEP B 10 2.23 14.25 1.29
HA SEP B 10 4.20 15.55 -0.42
HB2 SEP B 10 5.02 16.44 1.78
HB3 SEP B 10 3.34 16.84 1.39
N TYR B 11 5.69 13.50 -0.45
CA TYR B 11 6.87 12.63 -0.50
C TYR B 11 8.14 13.43 -0.16
N SER A 5 0.96 -6.84 18.04
CA SER A 5 1.62 -7.93 18.78
C SER A 5 0.60 -8.96 19.25
N ALA A 6 -0.25 -8.60 20.23
CA ALA A 6 -1.28 -9.51 20.70
C ALA A 6 -2.40 -9.65 19.68
N GLY A 7 -3.25 -10.66 19.88
CA GLY A 7 -4.33 -10.97 18.95
C GLY A 7 -5.30 -9.80 18.77
N ALA A 8 -5.44 -8.95 19.79
CA ALA A 8 -6.30 -7.79 19.70
C ALA A 8 -5.64 -6.71 18.84
N LEU A 9 -4.31 -6.62 18.88
CA LEU A 9 -3.58 -5.64 18.08
C LEU A 9 -3.52 -6.09 16.63
N GLU A 10 -3.34 -7.39 16.38
CA GLU A 10 -3.35 -7.91 15.02
C GLU A 10 -4.74 -7.71 14.43
N SER A 11 -5.79 -7.87 15.25
CA SER A 11 -7.16 -7.69 14.80
C SER A 11 -7.48 -6.22 14.62
N SER A 12 -6.89 -5.34 15.44
CA SER A 12 -7.14 -3.91 15.32
C SER A 12 -6.60 -3.38 13.99
N LEU A 13 -5.51 -3.98 13.50
CA LEU A 13 -4.95 -3.61 12.22
C LEU A 13 -5.67 -4.36 11.09
N ASP A 14 -5.86 -5.68 11.23
CA ASP A 14 -6.45 -6.47 10.17
C ASP A 14 -7.87 -6.00 9.86
N ARG A 15 -8.75 -5.92 10.86
CA ARG A 15 -10.15 -5.64 10.61
C ARG A 15 -10.38 -4.20 10.15
N LYS A 16 -9.54 -3.25 10.59
CA LYS A 16 -9.70 -1.85 10.20
C LYS A 16 -9.22 -1.62 8.77
N PHE A 17 -8.21 -2.35 8.29
CA PHE A 17 -7.73 -2.17 6.93
C PHE A 17 -8.77 -2.66 5.94
N GLN A 18 -9.64 -3.60 6.37
CA GLN A 18 -10.69 -4.12 5.53
C GLN A 18 -11.78 -3.07 5.33
N SER A 19 -11.84 -2.08 6.23
CA SER A 19 -12.82 -1.00 6.18
C SER A 19 -12.48 0.03 5.10
N VAL A 20 -11.30 -0.11 4.47
CA VAL A 20 -10.89 0.81 3.41
C VAL A 20 -11.78 0.62 2.19
N THR A 21 -12.14 1.73 1.54
CA THR A 21 -12.97 1.72 0.34
C THR A 21 -12.41 2.69 -0.67
N ASN A 22 -12.92 2.59 -1.91
CA ASN A 22 -12.50 3.31 -3.08
C ASN A 22 -12.79 4.82 -3.00
N THR A 23 -12.26 5.48 -1.96
CA THR A 23 -12.38 6.92 -1.79
C THR A 23 -11.36 7.40 -0.77
N MET A 24 -10.92 8.66 -0.89
CA MET A 24 -9.87 9.20 -0.05
C MET A 24 -10.28 9.25 1.43
N GLU A 25 -11.58 9.27 1.70
CA GLU A 25 -12.11 9.34 3.04
C GLU A 25 -11.68 8.14 3.86
N SER A 26 -11.91 6.94 3.32
CA SER A 26 -11.57 5.70 3.98
C SER A 26 -10.08 5.42 3.94
N ILE A 27 -9.39 5.87 2.89
CA ILE A 27 -7.95 5.67 2.80
C ILE A 27 -7.20 6.61 3.74
N GLN A 28 -7.28 7.92 3.47
CA GLN A 28 -6.49 8.93 4.18
C GLN A 28 -6.93 9.05 5.64
N GLY A 29 -8.09 8.49 5.97
CA GLY A 29 -8.61 8.51 7.33
C GLY A 29 -7.74 7.65 8.23
N LEU A 30 -7.88 6.32 8.15
CA LEU A 30 -7.13 5.41 9.01
C LEU A 30 -5.65 5.32 8.60
N SER A 31 -5.29 5.77 7.40
CA SER A 31 -3.91 5.77 6.96
C SER A 31 -3.07 6.71 7.82
N SER A 32 -3.68 7.76 8.37
CA SER A 32 -2.98 8.72 9.20
C SER A 32 -2.64 8.09 10.55
N TRP A 33 -3.54 7.24 11.05
CA TRP A 33 -3.35 6.51 12.29
C TRP A 33 -2.35 5.37 12.09
N CYS A 34 -2.32 4.80 10.89
CA CYS A 34 -1.41 3.71 10.57
C CYS A 34 0.05 4.11 10.77
N ILE A 35 0.38 5.40 10.61
CA ILE A 35 1.74 5.88 10.83
C ILE A 35 2.11 5.80 12.31
N GLU A 36 1.14 5.91 13.22
CA GLU A 36 1.43 5.80 14.65
C GLU A 36 1.63 4.35 15.06
N ASN A 37 1.11 3.43 14.23
CA ASN A 37 1.26 2.00 14.44
C ASN A 37 2.59 1.51 13.87
N LYS A 38 3.56 2.41 13.66
CA LYS A 38 4.87 2.05 13.15
C LYS A 38 5.57 1.04 14.06
N LYS A 39 5.09 0.95 15.31
CA LYS A 39 5.59 0.01 16.30
C LYS A 39 5.18 -1.43 15.94
N HIS A 40 4.36 -1.58 14.88
CA HIS A 40 3.91 -2.86 14.38
C HIS A 40 4.03 -2.93 12.86
N HIS A 41 4.91 -2.12 12.27
CA HIS A 41 5.01 -2.03 10.81
C HIS A 41 5.35 -3.38 10.17
N SER A 42 5.84 -4.35 10.95
CA SER A 42 6.19 -5.67 10.46
C SER A 42 4.97 -6.53 10.17
N THR A 43 3.85 -6.34 10.89
CA THR A 43 2.65 -7.13 10.67
C THR A 43 1.62 -6.36 9.85
N ILE A 44 1.72 -5.02 9.82
CA ILE A 44 0.79 -4.18 9.09
C ILE A 44 0.82 -4.55 7.60
N VAL A 45 2.02 -4.78 7.07
CA VAL A 45 2.17 -5.19 5.69
C VAL A 45 1.53 -6.56 5.47
N TYR A 46 1.63 -7.45 6.45
CA TYR A 46 1.07 -8.78 6.33
C TYR A 46 -0.46 -8.75 6.29
N HIS A 47 -1.08 -7.76 6.93
CA HIS A 47 -2.53 -7.68 6.96
C HIS A 47 -3.04 -7.18 5.62
N TRP A 48 -2.53 -6.02 5.19
CA TRP A 48 -2.95 -5.37 3.96
C TRP A 48 -2.63 -6.23 2.75
N MET A 49 -1.55 -7.00 2.81
CA MET A 49 -1.12 -7.82 1.68
C MET A 49 -2.08 -8.98 1.47
N LYS A 50 -2.54 -9.57 2.58
CA LYS A 50 -3.49 -10.67 2.51
C LYS A 50 -4.89 -10.15 2.18
N TRP A 51 -5.19 -8.88 2.49
CA TRP A 51 -6.48 -8.32 2.16
C TRP A 51 -6.67 -8.19 0.65
N LEU A 52 -5.58 -8.21 -0.11
CA LEU A 52 -5.66 -8.13 -1.56
C LEU A 52 -6.33 -9.40 -2.11
N ARG A 53 -5.84 -10.58 -1.72
CA ARG A 53 -6.42 -11.83 -2.18
C ARG A 53 -7.74 -12.14 -1.47
N ARG A 54 -7.98 -11.52 -0.30
CA ARG A 54 -9.24 -11.64 0.42
C ARG A 54 -10.32 -10.79 -0.25
N SER A 55 -9.93 -9.86 -1.11
CA SER A 55 -10.85 -8.94 -1.77
C SER A 55 -10.99 -9.21 -3.27
N ALA A 56 -11.99 -8.57 -3.85
CA ALA A 56 -12.27 -8.59 -5.28
C ALA A 56 -11.28 -7.70 -6.02
N TYR A 57 -11.19 -7.82 -7.35
CA TYR A 57 -10.23 -7.07 -8.14
C TYR A 57 -10.31 -5.55 -7.95
N PRO A 58 -11.48 -4.91 -8.03
CA PRO A 58 -11.56 -3.47 -7.88
C PRO A 58 -11.25 -3.03 -6.45
N HIS A 59 -11.65 -3.83 -5.46
CA HIS A 59 -11.39 -3.52 -4.07
C HIS A 59 -9.92 -3.80 -3.74
N ARG A 60 -9.32 -4.76 -4.45
CA ARG A 60 -7.92 -5.11 -4.30
C ARG A 60 -7.03 -3.99 -4.82
N LEU A 61 -7.41 -3.39 -5.95
CA LEU A 61 -6.66 -2.26 -6.50
C LEU A 61 -6.77 -1.08 -5.53
N ASN A 62 -7.97 -0.88 -4.98
CA ASN A 62 -8.24 0.17 -4.01
C ASN A 62 -7.37 0.00 -2.77
N LEU A 63 -7.14 -1.23 -2.32
CA LEU A 63 -6.31 -1.46 -1.14
C LEU A 63 -4.84 -1.18 -1.42
N PHE A 64 -4.40 -1.35 -2.67
CA PHE A 64 -3.03 -1.05 -3.04
C PHE A 64 -2.68 0.43 -2.86
N TYR A 65 -3.68 1.31 -2.91
CA TYR A 65 -3.46 2.73 -2.70
C TYR A 65 -3.03 3.00 -1.26
N LEU A 66 -3.53 2.20 -0.31
CA LEU A 66 -3.21 2.39 1.10
C LEU A 66 -1.72 2.21 1.34
N ALA A 67 -1.09 1.25 0.66
CA ALA A 67 0.32 0.99 0.86
C ALA A 67 1.13 2.20 0.41
N ASN A 68 0.80 2.78 -0.75
CA ASN A 68 1.50 3.94 -1.25
C ASN A 68 1.31 5.13 -0.31
N ASP A 69 0.09 5.28 0.21
CA ASP A 69 -0.23 6.40 1.08
C ASP A 69 0.50 6.29 2.41
N VAL A 70 0.64 5.07 2.95
CA VAL A 70 1.35 4.88 4.20
C VAL A 70 2.85 5.15 4.00
N ILE A 71 3.38 4.83 2.83
CA ILE A 71 4.77 5.17 2.53
C ILE A 71 4.91 6.69 2.49
N GLN A 72 3.96 7.37 1.84
CA GLN A 72 4.03 8.81 1.66
C GLN A 72 3.73 9.59 2.93
N ASN A 73 3.03 9.00 3.90
CA ASN A 73 2.78 9.70 5.16
C ASN A 73 3.86 9.40 6.20
N CYS A 74 4.41 8.19 6.24
CA CYS A 74 5.49 7.88 7.17
C CYS A 74 6.78 8.60 6.74
N LYS A 75 6.82 8.98 5.46
CA LYS A 75 7.85 9.78 4.83
C LYS A 75 8.07 11.15 5.50
N ARG A 76 7.17 11.58 6.39
CA ARG A 76 7.30 12.86 7.09
C ARG A 76 8.40 12.82 8.15
N LYS A 77 9.53 12.21 7.79
CA LYS A 77 10.71 12.04 8.63
C LYS A 77 10.39 11.37 9.97
N ASN A 78 9.28 10.65 10.06
CA ASN A 78 8.97 9.90 11.27
C ASN A 78 9.83 8.65 11.34
N ALA A 79 9.98 7.98 10.20
CA ALA A 79 10.80 6.78 10.07
C ALA A 79 10.86 6.30 8.63
N ILE A 80 9.80 6.53 7.84
CA ILE A 80 9.58 5.97 6.50
C ILE A 80 9.88 4.46 6.49
N ILE A 81 9.95 3.86 7.68
CA ILE A 81 10.35 2.46 7.82
C ILE A 81 9.35 1.55 7.11
N PHE A 82 8.13 2.07 6.89
CA PHE A 82 7.09 1.28 6.25
C PHE A 82 7.53 0.83 4.87
N ARG A 83 8.49 1.54 4.23
CA ARG A 83 8.89 1.15 2.90
C ARG A 83 9.70 -0.13 2.96
N GLU A 84 10.37 -0.37 4.09
CA GLU A 84 11.24 -1.54 4.22
C GLU A 84 10.41 -2.82 4.29
N SER A 85 9.49 -2.89 5.25
CA SER A 85 8.66 -4.08 5.39
C SER A 85 7.66 -4.22 4.25
N PHE A 86 7.29 -3.12 3.59
CA PHE A 86 6.41 -3.22 2.43
C PHE A 86 7.15 -3.94 1.30
N ALA A 87 8.41 -3.58 1.06
CA ALA A 87 9.19 -4.10 -0.06
C ALA A 87 9.32 -5.62 -0.01
N ASP A 88 9.05 -6.24 1.14
CA ASP A 88 9.15 -7.69 1.29
C ASP A 88 8.09 -8.43 0.49
N VAL A 89 6.98 -7.76 0.16
CA VAL A 89 5.86 -8.38 -0.55
C VAL A 89 5.20 -7.39 -1.50
N LEU A 90 5.79 -6.19 -1.65
CA LEU A 90 5.17 -5.15 -2.47
C LEU A 90 5.02 -5.59 -3.93
N PRO A 91 6.04 -6.23 -4.55
CA PRO A 91 5.91 -6.78 -5.88
C PRO A 91 5.07 -8.05 -5.87
N GLU A 92 5.20 -8.87 -4.82
CA GLU A 92 4.47 -10.12 -4.74
C GLU A 92 2.97 -9.85 -4.63
N ALA A 93 2.60 -8.69 -4.08
CA ALA A 93 1.22 -8.25 -4.03
C ALA A 93 0.73 -7.85 -5.42
N ALA A 94 1.66 -7.40 -6.29
CA ALA A 94 1.31 -6.95 -7.62
C ALA A 94 0.96 -8.13 -8.53
N ALA A 95 1.38 -9.34 -8.14
CA ALA A 95 1.11 -10.53 -8.91
C ALA A 95 -0.38 -10.86 -8.93
N LEU A 96 -1.16 -10.24 -8.04
CA LEU A 96 -2.60 -10.44 -7.94
C LEU A 96 -3.37 -9.39 -8.74
N VAL A 97 -2.67 -8.53 -9.50
CA VAL A 97 -3.31 -7.47 -10.26
C VAL A 97 -2.64 -7.28 -11.63
N LYS A 98 -2.28 -8.39 -12.27
CA LYS A 98 -1.68 -8.34 -13.59
C LYS A 98 -2.69 -8.02 -14.68
N ASP A 99 -3.98 -8.21 -14.42
CA ASP A 99 -5.03 -8.01 -15.40
C ASP A 99 -5.10 -6.55 -15.81
N PRO A 100 -5.37 -6.26 -17.09
CA PRO A 100 -5.38 -4.90 -17.62
C PRO A 100 -6.49 -4.06 -16.98
N SER A 101 -7.43 -4.69 -16.27
CA SER A 101 -8.50 -3.98 -15.60
C SER A 101 -8.02 -3.33 -14.30
N VAL A 102 -6.82 -3.67 -13.85
CA VAL A 102 -6.27 -3.11 -12.61
C VAL A 102 -4.78 -2.79 -12.75
N SER A 103 -4.06 -3.46 -13.65
CA SER A 103 -2.64 -3.21 -13.86
C SER A 103 -2.40 -1.78 -14.33
N LYS A 104 -3.45 -1.12 -14.84
CA LYS A 104 -3.37 0.25 -15.30
C LYS A 104 -3.33 1.24 -14.13
N SER A 105 -4.08 0.95 -13.06
CA SER A 105 -4.19 1.85 -11.92
C SER A 105 -3.09 1.62 -10.90
N VAL A 106 -2.61 0.37 -10.77
CA VAL A 106 -1.54 0.06 -9.82
C VAL A 106 -0.21 0.62 -10.33
N GLU A 107 -0.10 0.82 -11.65
CA GLU A 107 1.07 1.46 -12.23
C GLU A 107 1.14 2.92 -11.82
N ARG A 108 0.05 3.52 -11.33
CA ARG A 108 0.12 4.90 -10.91
C ARG A 108 1.07 5.03 -9.73
N ILE A 109 0.83 4.24 -8.69
CA ILE A 109 1.65 4.29 -7.49
C ILE A 109 3.04 3.72 -7.76
N PHE A 110 3.16 2.74 -8.65
CA PHE A 110 4.47 2.20 -8.99
C PHE A 110 5.28 3.21 -9.79
N LYS A 111 4.64 3.96 -10.69
CA LYS A 111 5.32 4.98 -11.46
C LYS A 111 5.70 6.16 -10.57
N ILE A 112 4.90 6.43 -9.52
CA ILE A 112 5.26 7.49 -8.61
C ILE A 112 6.49 7.07 -7.81
N TRP A 113 6.54 5.83 -7.31
CA TRP A 113 7.71 5.38 -6.58
C TRP A 113 8.94 5.34 -7.49
N GLU A 114 8.70 5.12 -8.79
CA GLU A 114 9.74 5.07 -9.81
C GLU A 114 10.31 6.47 -10.07
N ASP A 115 9.45 7.49 -10.17
CA ASP A 115 9.90 8.87 -10.36
C ASP A 115 10.33 9.53 -9.06
N ARG A 116 9.65 9.23 -7.95
CA ARG A 116 9.96 9.75 -6.63
C ARG A 116 11.19 9.05 -6.07
N ASN A 117 11.66 7.97 -6.69
CA ASN A 117 12.87 7.28 -6.27
C ASN A 117 12.82 6.86 -4.79
N VAL A 118 11.60 6.67 -4.25
CA VAL A 118 11.42 6.28 -2.87
C VAL A 118 11.87 4.83 -2.67
N TYR A 119 12.10 4.13 -3.79
CA TYR A 119 12.69 2.81 -3.82
C TYR A 119 13.84 2.82 -4.84
N PRO A 120 14.88 2.02 -4.61
CA PRO A 120 16.00 1.90 -5.52
C PRO A 120 15.54 1.16 -6.78
N GLU A 121 16.23 1.36 -7.90
CA GLU A 121 15.81 0.76 -9.16
C GLU A 121 15.83 -0.76 -9.08
N GLU A 122 16.72 -1.31 -8.26
CA GLU A 122 16.82 -2.76 -8.06
C GLU A 122 15.53 -3.29 -7.42
N MET A 123 14.74 -2.42 -6.79
CA MET A 123 13.44 -2.80 -6.25
C MET A 123 12.34 -2.44 -7.25
N ILE A 124 12.44 -1.28 -7.90
CA ILE A 124 11.41 -0.82 -8.83
C ILE A 124 11.23 -1.82 -9.97
N VAL A 125 12.31 -2.49 -10.40
CA VAL A 125 12.22 -3.46 -11.46
C VAL A 125 11.32 -4.64 -11.05
N ALA A 126 11.23 -4.93 -9.75
CA ALA A 126 10.39 -6.01 -9.28
C ALA A 126 8.93 -5.62 -9.34
N LEU A 127 8.60 -4.36 -9.00
CA LEU A 127 7.23 -3.90 -9.04
C LEU A 127 6.70 -3.93 -10.47
N ARG A 128 7.56 -3.58 -11.42
CA ARG A 128 7.20 -3.55 -12.83
C ARG A 128 7.13 -4.96 -13.41
N GLU A 129 8.05 -5.85 -13.03
CA GLU A 129 8.08 -7.20 -13.57
C GLU A 129 7.00 -8.07 -12.97
N ALA A 130 6.60 -7.81 -11.73
CA ALA A 130 5.56 -8.57 -11.08
C ALA A 130 4.20 -8.32 -11.75
N LEU A 131 4.04 -7.18 -12.41
CA LEU A 131 2.85 -6.90 -13.21
C LEU A 131 2.94 -7.58 -14.56
N SER A 132 4.15 -7.66 -15.12
CA SER A 132 4.39 -8.37 -16.36
C SER A 132 3.93 -9.83 -16.26
N THR A 133 3.55 -10.41 -17.40
CA THR A 133 3.05 -11.78 -17.44
C THR A 133 4.14 -12.78 -17.08
N SER B 1 -17.39 10.81 -3.60
CA SER B 1 -16.48 9.74 -3.24
C SER B 1 -15.21 9.83 -4.10
N PRO B 2 -14.41 10.89 -3.94
CA PRO B 2 -13.19 11.09 -4.69
C PRO B 2 -12.17 10.01 -4.35
N SEP B 3 -11.69 9.33 -5.40
CA SEP B 3 -10.87 8.12 -5.31
CB SEP B 3 -11.11 7.33 -6.61
OG SEP B 3 -10.20 6.28 -6.84
C SEP B 3 -9.40 8.43 -5.01
O SEP B 3 -8.51 7.71 -5.44
P SEP B 3 -10.18 5.52 -8.26
O1P SEP B 3 -9.05 4.56 -8.13
O2P SEP B 3 -11.52 4.90 -8.33
O3P SEP B 3 -9.95 6.60 -9.23
H SEP B 3 -11.91 9.64 -6.34
HA SEP B 3 -11.25 7.52 -4.49
HB2 SEP B 3 -12.13 6.93 -6.56
HB3 SEP B 3 -11.05 8.04 -7.44
N TYR B 4 -9.16 9.51 -4.27
CA TYR B 4 -7.83 9.93 -3.83
C TYR B 4 -6.88 10.21 -5.01
N SEP B 5 -5.72 10.79 -4.71
CA SEP B 5 -4.78 11.22 -5.74
CB SEP B 5 -4.93 12.74 -5.93
OG SEP B 5 -4.70 13.12 -7.27
C SEP B 5 -3.35 10.82 -5.34
O SEP B 5 -2.68 11.56 -4.62
P SEP B 5 -3.26 12.93 -7.99
O1P SEP B 5 -3.17 11.46 -8.19
O2P SEP B 5 -3.39 13.71 -9.23
O3P SEP B 5 -2.29 13.47 -7.01
H SEP B 5 -5.47 10.97 -3.75
HA SEP B 5 -5.04 10.73 -6.67
HB2 SEP B 5 -5.95 13.01 -5.68
HB3 SEP B 5 -4.26 13.26 -5.26
N PRO B 6 -2.88 9.65 -5.80
CA PRO B 6 -1.57 9.10 -5.53
C PRO B 6 -0.38 10.07 -5.55
N THR B 7 -0.45 11.18 -6.30
CA THR B 7 0.70 12.06 -6.44
C THR B 7 0.69 13.22 -5.44
N SER B 8 -0.45 13.42 -4.77
CA SER B 8 -0.66 14.59 -3.92
C SER B 8 -0.13 14.46 -2.48
N PRO B 9 -0.01 13.27 -1.88
CA PRO B 9 0.62 13.04 -0.58
C PRO B 9 2.09 13.46 -0.50
N SEP B 10 2.35 14.76 -0.67
CA SEP B 10 3.66 15.39 -0.54
CB SEP B 10 4.16 15.22 0.89
OG SEP B 10 5.40 15.88 1.07
C SEP B 10 4.69 14.98 -1.60
O SEP B 10 5.39 15.84 -2.13
P SEP B 10 6.12 15.90 2.51
O1P SEP B 10 6.53 14.49 2.70
O2P SEP B 10 5.03 16.35 3.42
O3P SEP B 10 7.23 16.87 2.32
H SEP B 10 1.59 15.38 -0.91
HA SEP B 10 3.50 16.46 -0.69
HB2 SEP B 10 3.43 15.66 1.57
HB3 SEP B 10 4.27 14.16 1.12
N TYR B 11 4.82 13.68 -1.92
CA TYR B 11 5.83 13.21 -2.84
C TYR B 11 5.30 12.08 -3.71
N SER A 5 -3.64 -8.18 26.51
CA SER A 5 -4.01 -6.75 26.41
C SER A 5 -3.55 -6.14 25.10
N ALA A 6 -2.23 -6.08 24.88
CA ALA A 6 -1.66 -5.46 23.68
C ALA A 6 -2.14 -6.12 22.40
N GLY A 7 -2.60 -7.37 22.48
CA GLY A 7 -3.08 -8.10 21.31
C GLY A 7 -4.34 -7.47 20.73
N ALA A 8 -5.00 -6.59 21.49
CA ALA A 8 -6.18 -5.90 21.00
C ALA A 8 -5.78 -4.84 19.98
N LEU A 9 -4.58 -4.26 20.13
CA LEU A 9 -4.09 -3.29 19.17
C LEU A 9 -3.62 -4.00 17.90
N GLU A 10 -3.02 -5.20 18.06
CA GLU A 10 -2.60 -6.02 16.95
C GLU A 10 -3.83 -6.47 16.15
N SER A 11 -4.93 -6.76 16.87
CA SER A 11 -6.17 -7.18 16.26
C SER A 11 -6.91 -5.99 15.62
N SER A 12 -6.63 -4.76 16.08
CA SER A 12 -7.28 -3.57 15.54
C SER A 12 -6.72 -3.22 14.17
N LEU A 13 -5.46 -3.55 13.92
CA LEU A 13 -4.85 -3.30 12.62
C LEU A 13 -5.38 -4.30 11.61
N ASP A 14 -5.69 -5.53 12.04
CA ASP A 14 -6.22 -6.51 11.10
C ASP A 14 -7.58 -6.07 10.56
N ARG A 15 -8.33 -5.28 11.34
CA ARG A 15 -9.64 -4.81 10.93
C ARG A 15 -9.56 -3.58 10.02
N LYS A 16 -8.60 -2.67 10.24
CA LYS A 16 -8.61 -1.41 9.52
C LYS A 16 -8.38 -1.60 8.02
N PHE A 17 -7.50 -2.53 7.64
CA PHE A 17 -7.18 -2.75 6.25
C PHE A 17 -8.28 -3.55 5.54
N GLN A 18 -9.07 -4.29 6.31
CA GLN A 18 -10.18 -5.06 5.77
C GLN A 18 -11.39 -4.17 5.54
N SER A 19 -11.46 -3.07 6.31
CA SER A 19 -12.56 -2.12 6.28
C SER A 19 -12.34 -0.99 5.25
N VAL A 20 -11.27 -1.05 4.47
CA VAL A 20 -10.93 0.01 3.52
C VAL A 20 -11.98 0.13 2.42
N THR A 21 -12.14 1.34 1.88
CA THR A 21 -13.06 1.62 0.79
C THR A 21 -12.48 2.70 -0.10
N ASN A 22 -13.02 2.78 -1.32
CA ASN A 22 -12.59 3.73 -2.34
C ASN A 22 -13.05 5.16 -2.00
N THR A 23 -12.46 5.74 -0.95
CA THR A 23 -12.66 7.14 -0.64
C THR A 23 -11.59 7.64 0.32
N MET A 24 -11.25 8.93 0.21
CA MET A 24 -10.25 9.56 1.06
C MET A 24 -10.70 9.52 2.52
N GLU A 25 -12.01 9.41 2.76
CA GLU A 25 -12.55 9.36 4.11
C GLU A 25 -12.12 8.08 4.80
N SER A 26 -11.77 7.05 4.03
CA SER A 26 -11.31 5.78 4.57
C SER A 26 -9.80 5.63 4.42
N ILE A 27 -9.25 6.09 3.29
CA ILE A 27 -7.82 5.95 3.03
C ILE A 27 -7.02 6.92 3.90
N GLN A 28 -7.29 8.22 3.78
CA GLN A 28 -6.50 9.22 4.51
C GLN A 28 -6.79 9.15 6.02
N GLY A 29 -8.03 8.80 6.38
CA GLY A 29 -8.43 8.76 7.78
C GLY A 29 -7.69 7.65 8.51
N LEU A 30 -7.67 6.44 7.94
CA LEU A 30 -6.98 5.32 8.56
C LEU A 30 -5.48 5.40 8.35
N SER A 31 -5.02 5.93 7.22
CA SER A 31 -3.60 6.01 6.95
C SER A 31 -2.91 7.01 7.88
N SER A 32 -3.66 7.95 8.45
CA SER A 32 -3.10 8.94 9.35
C SER A 32 -2.80 8.30 10.71
N TRP A 33 -3.75 7.55 11.24
CA TRP A 33 -3.56 6.84 12.50
C TRP A 33 -2.66 5.62 12.31
N CYS A 34 -2.75 4.97 11.14
CA CYS A 34 -1.91 3.82 10.83
C CYS A 34 -0.43 4.14 10.98
N ILE A 35 -0.05 5.40 10.76
CA ILE A 35 1.35 5.81 10.84
C ILE A 35 1.84 5.85 12.28
N GLU A 36 0.95 6.07 13.25
CA GLU A 36 1.35 6.08 14.65
C GLU A 36 1.60 4.66 15.14
N ASN A 37 1.04 3.69 14.42
CA ASN A 37 1.24 2.28 14.68
C ASN A 37 2.54 1.80 14.05
N LYS A 38 3.55 2.67 13.97
CA LYS A 38 4.84 2.33 13.36
C LYS A 38 5.52 1.18 14.12
N LYS A 39 5.11 0.95 15.36
CA LYS A 39 5.61 -0.17 16.17
C LYS A 39 4.97 -1.48 15.73
N HIS A 40 4.15 -1.41 14.67
CA HIS A 40 3.50 -2.55 14.03
C HIS A 40 3.76 -2.51 12.52
N HIS A 41 4.76 -1.73 12.07
CA HIS A 41 4.97 -1.53 10.64
C HIS A 41 5.25 -2.84 9.90
N SER A 42 5.68 -3.88 10.63
CA SER A 42 5.92 -5.18 10.02
C SER A 42 4.60 -5.93 9.81
N THR A 43 3.76 -6.02 10.85
CA THR A 43 2.51 -6.76 10.78
C THR A 43 1.45 -5.99 9.98
N ILE A 44 1.59 -4.66 9.88
CA ILE A 44 0.66 -3.85 9.10
C ILE A 44 0.63 -4.34 7.67
N VAL A 45 1.80 -4.65 7.13
CA VAL A 45 1.94 -5.25 5.82
C VAL A 45 1.22 -6.61 5.78
N TYR A 46 1.38 -7.42 6.81
CA TYR A 46 0.75 -8.74 6.85
C TYR A 46 -0.78 -8.62 6.86
N HIS A 47 -1.31 -7.58 7.49
CA HIS A 47 -2.74 -7.41 7.58
C HIS A 47 -3.28 -7.01 6.22
N TRP A 48 -2.77 -5.90 5.66
CA TRP A 48 -3.24 -5.38 4.38
C TRP A 48 -2.98 -6.36 3.24
N MET A 49 -1.97 -7.23 3.37
CA MET A 49 -1.59 -8.11 2.28
C MET A 49 -2.58 -9.27 2.07
N LYS A 50 -3.06 -9.86 3.16
CA LYS A 50 -3.97 -11.00 3.05
C LYS A 50 -5.36 -10.55 2.59
N TRP A 51 -5.72 -9.29 2.86
CA TRP A 51 -6.97 -8.73 2.38
C TRP A 51 -6.89 -8.40 0.90
N LEU A 52 -5.67 -8.25 0.38
CA LEU A 52 -5.47 -7.89 -1.02
C LEU A 52 -5.76 -9.08 -1.93
N ARG A 53 -5.03 -10.19 -1.75
CA ARG A 53 -5.19 -11.35 -2.62
C ARG A 53 -6.57 -12.00 -2.52
N ARG A 54 -7.29 -11.81 -1.40
CA ARG A 54 -8.61 -12.41 -1.22
C ARG A 54 -9.70 -11.60 -1.91
N SER A 55 -9.50 -10.29 -1.97
CA SER A 55 -10.48 -9.36 -2.52
C SER A 55 -10.58 -9.42 -4.04
N ALA A 56 -11.59 -8.73 -4.56
CA ALA A 56 -11.90 -8.62 -5.97
C ALA A 56 -10.87 -7.73 -6.68
N TYR A 57 -10.84 -7.82 -8.01
CA TYR A 57 -9.89 -7.07 -8.83
C TYR A 57 -9.87 -5.57 -8.50
N PRO A 58 -11.01 -4.85 -8.56
CA PRO A 58 -11.01 -3.42 -8.34
C PRO A 58 -10.74 -3.08 -6.88
N HIS A 59 -11.18 -3.92 -5.94
CA HIS A 59 -10.99 -3.65 -4.52
C HIS A 59 -9.54 -3.90 -4.11
N ARG A 60 -8.91 -4.95 -4.63
CA ARG A 60 -7.52 -5.22 -4.28
C ARG A 60 -6.56 -4.27 -4.99
N LEU A 61 -7.03 -3.65 -6.07
CA LEU A 61 -6.30 -2.57 -6.72
C LEU A 61 -6.44 -1.32 -5.84
N ASN A 62 -7.65 -1.09 -5.32
CA ASN A 62 -7.94 0.02 -4.42
C ASN A 62 -7.15 -0.13 -3.11
N LEU A 63 -6.98 -1.35 -2.60
CA LEU A 63 -6.22 -1.56 -1.38
C LEU A 63 -4.77 -1.14 -1.59
N PHE A 64 -4.30 -1.11 -2.85
CA PHE A 64 -2.94 -0.71 -3.16
C PHE A 64 -2.76 0.81 -3.03
N TYR A 65 -3.85 1.57 -3.17
CA TYR A 65 -3.77 3.03 -3.03
C TYR A 65 -3.43 3.38 -1.59
N LEU A 66 -3.88 2.58 -0.64
CA LEU A 66 -3.61 2.81 0.77
C LEU A 66 -2.16 2.49 1.11
N ALA A 67 -1.59 1.46 0.48
CA ALA A 67 -0.22 1.09 0.75
C ALA A 67 0.74 2.24 0.40
N ASN A 68 0.53 2.87 -0.76
CA ASN A 68 1.33 4.00 -1.18
C ASN A 68 1.16 5.17 -0.19
N ASP A 69 -0.03 5.32 0.37
CA ASP A 69 -0.30 6.42 1.29
C ASP A 69 0.38 6.17 2.63
N VAL A 70 0.32 4.94 3.16
CA VAL A 70 0.96 4.62 4.43
C VAL A 70 2.48 4.72 4.30
N ILE A 71 3.02 4.55 3.10
CA ILE A 71 4.44 4.75 2.88
C ILE A 71 4.78 6.25 2.98
N GLN A 72 3.95 7.10 2.37
CA GLN A 72 4.25 8.53 2.29
C GLN A 72 3.79 9.31 3.52
N ASN A 73 2.80 8.83 4.27
CA ASN A 73 2.35 9.57 5.45
C ASN A 73 3.43 9.54 6.55
N CYS A 74 4.42 8.67 6.41
CA CYS A 74 5.53 8.59 7.35
C CYS A 74 6.43 9.82 7.16
N LYS A 75 7.47 9.70 6.32
CA LYS A 75 8.39 10.80 6.04
C LYS A 75 9.29 10.39 4.88
N ARG A 76 10.14 11.31 4.41
CA ARG A 76 11.10 11.02 3.35
C ARG A 76 12.15 10.03 3.83
N LYS A 77 13.19 9.84 3.01
CA LYS A 77 14.25 8.85 3.21
C LYS A 77 15.04 9.05 4.52
N ASN A 78 14.59 9.90 5.44
CA ASN A 78 15.23 10.05 6.74
C ASN A 78 15.15 8.73 7.50
N ALA A 79 14.15 7.92 7.19
CA ALA A 79 14.03 6.56 7.70
C ALA A 79 13.09 5.78 6.79
N ILE A 80 11.89 6.33 6.56
CA ILE A 80 10.84 5.77 5.70
C ILE A 80 10.70 4.25 5.89
N ILE A 81 11.01 3.77 7.09
CA ILE A 81 11.13 2.34 7.38
C ILE A 81 9.88 1.55 6.98
N PHE A 82 8.71 2.20 6.90
CA PHE A 82 7.50 1.49 6.51
C PHE A 82 7.71 0.82 5.15
N ARG A 83 8.55 1.40 4.28
CA ARG A 83 8.71 0.90 2.93
C ARG A 83 9.45 -0.43 2.93
N GLU A 84 10.26 -0.67 3.97
CA GLU A 84 11.10 -1.86 4.00
C GLU A 84 10.25 -3.11 4.15
N SER A 85 9.23 -3.05 5.00
CA SER A 85 8.34 -4.19 5.21
C SER A 85 7.37 -4.37 4.06
N PHE A 86 6.96 -3.28 3.39
CA PHE A 86 6.05 -3.40 2.27
C PHE A 86 6.73 -4.13 1.12
N ALA A 87 8.03 -3.87 0.93
CA ALA A 87 8.80 -4.46 -0.16
C ALA A 87 8.83 -5.98 -0.10
N ASP A 88 8.44 -6.55 1.04
CA ASP A 88 8.49 -8.00 1.24
C ASP A 88 7.44 -8.75 0.41
N VAL A 89 6.36 -8.06 0.03
CA VAL A 89 5.26 -8.67 -0.69
C VAL A 89 4.65 -7.71 -1.71
N LEU A 90 5.28 -6.55 -1.89
CA LEU A 90 4.76 -5.52 -2.79
C LEU A 90 4.65 -6.01 -4.23
N PRO A 91 5.69 -6.62 -4.82
CA PRO A 91 5.58 -7.16 -6.16
C PRO A 91 4.60 -8.34 -6.19
N GLU A 92 4.66 -9.22 -5.20
CA GLU A 92 3.76 -10.35 -5.09
C GLU A 92 2.30 -9.91 -4.98
N ALA A 93 2.05 -8.74 -4.38
CA ALA A 93 0.69 -8.21 -4.30
C ALA A 93 0.22 -7.75 -5.67
N ALA A 94 1.12 -7.17 -6.46
CA ALA A 94 0.78 -6.70 -7.79
C ALA A 94 0.63 -7.87 -8.76
N ALA A 95 1.09 -9.06 -8.39
CA ALA A 95 0.91 -10.24 -9.22
C ALA A 95 -0.56 -10.66 -9.26
N LEU A 96 -1.38 -10.16 -8.31
CA LEU A 96 -2.81 -10.43 -8.28
C LEU A 96 -3.55 -9.46 -9.20
N VAL A 97 -2.82 -8.59 -9.91
CA VAL A 97 -3.43 -7.62 -10.82
C VAL A 97 -2.63 -7.54 -12.12
N LYS A 98 -2.22 -8.71 -12.63
CA LYS A 98 -1.45 -8.81 -13.86
C LYS A 98 -2.26 -8.38 -15.08
N ASP A 99 -3.60 -8.43 -14.99
CA ASP A 99 -4.44 -8.08 -16.11
C ASP A 99 -4.29 -6.59 -16.47
N PRO A 100 -4.35 -6.25 -17.77
CA PRO A 100 -4.18 -4.89 -18.23
C PRO A 100 -5.35 -4.01 -17.76
N SER A 101 -6.42 -4.65 -17.27
CA SER A 101 -7.60 -3.95 -16.76
C SER A 101 -7.33 -3.35 -15.39
N VAL A 102 -6.22 -3.74 -14.74
CA VAL A 102 -5.88 -3.24 -13.41
C VAL A 102 -4.40 -2.90 -13.30
N SER A 103 -3.53 -3.54 -14.07
CA SER A 103 -2.11 -3.21 -14.03
C SER A 103 -1.90 -1.76 -14.46
N LYS A 104 -2.80 -1.24 -15.30
CA LYS A 104 -2.74 0.14 -15.74
C LYS A 104 -3.01 1.10 -14.57
N SER A 105 -3.78 0.63 -13.59
CA SER A 105 -4.08 1.41 -12.40
C SER A 105 -2.98 1.28 -11.35
N VAL A 106 -2.21 0.18 -11.38
CA VAL A 106 -1.08 0.03 -10.46
C VAL A 106 0.03 0.99 -10.88
N GLU A 107 0.20 1.13 -12.20
CA GLU A 107 1.13 2.10 -12.77
C GLU A 107 0.86 3.50 -12.20
N ARG A 108 -0.37 3.78 -11.78
CA ARG A 108 -0.74 5.10 -11.30
C ARG A 108 0.03 5.46 -10.04
N ILE A 109 0.40 4.46 -9.23
CA ILE A 109 1.12 4.68 -7.99
C ILE A 109 2.55 4.14 -8.07
N PHE A 110 2.76 3.07 -8.83
CA PHE A 110 4.13 2.55 -8.99
C PHE A 110 4.97 3.62 -9.69
N LYS A 111 4.36 4.40 -10.59
CA LYS A 111 5.08 5.46 -11.28
C LYS A 111 5.50 6.56 -10.31
N ILE A 112 4.77 6.71 -9.19
CA ILE A 112 5.13 7.69 -8.18
C ILE A 112 6.38 7.21 -7.45
N TRP A 113 6.44 5.91 -7.14
CA TRP A 113 7.58 5.36 -6.42
C TRP A 113 8.83 5.44 -7.29
N GLU A 114 8.65 5.40 -8.62
CA GLU A 114 9.73 5.57 -9.58
C GLU A 114 10.14 7.02 -9.69
N ASP A 115 9.17 7.92 -9.91
CA ASP A 115 9.41 9.35 -10.08
C ASP A 115 9.94 9.96 -8.79
N ARG A 116 9.23 9.70 -7.67
CA ARG A 116 9.62 10.14 -6.35
C ARG A 116 10.77 9.30 -5.82
N ASN A 117 11.20 8.29 -6.57
CA ASN A 117 12.36 7.49 -6.19
C ASN A 117 12.26 6.96 -4.76
N VAL A 118 11.04 6.68 -4.30
CA VAL A 118 10.77 6.26 -2.93
C VAL A 118 11.29 4.85 -2.69
N TYR A 119 11.62 4.13 -3.76
CA TYR A 119 12.24 2.82 -3.72
C TYR A 119 13.46 2.82 -4.66
N PRO A 120 14.47 1.99 -4.37
CA PRO A 120 15.63 1.87 -5.22
C PRO A 120 15.27 1.05 -6.46
N GLU A 121 15.91 1.36 -7.60
CA GLU A 121 15.56 0.73 -8.87
C GLU A 121 15.75 -0.77 -8.82
N GLU A 122 16.70 -1.24 -7.99
CA GLU A 122 16.98 -2.66 -7.84
C GLU A 122 15.77 -3.39 -7.26
N MET A 123 14.85 -2.68 -6.62
CA MET A 123 13.63 -3.25 -6.09
C MET A 123 12.48 -3.09 -7.09
N ILE A 124 12.52 -2.06 -7.94
CA ILE A 124 11.43 -1.79 -8.88
C ILE A 124 11.37 -2.86 -9.97
N VAL A 125 12.48 -3.57 -10.25
CA VAL A 125 12.45 -4.60 -11.27
C VAL A 125 11.47 -5.70 -10.88
N ALA A 126 11.21 -5.87 -9.59
CA ALA A 126 10.24 -6.83 -9.10
C ALA A 126 8.82 -6.32 -9.34
N LEU A 127 8.63 -5.00 -9.27
CA LEU A 127 7.36 -4.36 -9.52
C LEU A 127 7.03 -4.41 -11.00
N ARG A 128 8.02 -4.17 -11.85
CA ARG A 128 7.81 -4.15 -13.30
C ARG A 128 7.41 -5.53 -13.81
N GLU A 129 7.92 -6.58 -13.16
CA GLU A 129 7.54 -7.95 -13.47
C GLU A 129 6.07 -8.15 -13.13
N ALA A 130 5.64 -7.64 -11.99
CA ALA A 130 4.26 -7.79 -11.55
C ALA A 130 3.30 -6.98 -12.42
N LEU A 131 3.78 -5.90 -13.04
CA LEU A 131 2.96 -5.08 -13.91
C LEU A 131 2.70 -5.76 -15.26
N SER A 132 3.67 -6.51 -15.79
CA SER A 132 3.50 -7.17 -17.07
C SER A 132 4.43 -8.36 -17.21
N THR A 133 3.96 -9.41 -17.90
CA THR A 133 4.68 -10.66 -18.09
C THR A 133 5.13 -11.24 -16.75
N SER B 1 -18.44 10.07 -1.56
CA SER B 1 -17.38 9.07 -1.53
C SER B 1 -16.22 9.50 -2.43
N PRO B 2 -15.68 10.70 -2.23
CA PRO B 2 -14.57 11.22 -3.03
C PRO B 2 -13.30 10.43 -2.74
N SEP B 3 -12.45 10.23 -3.74
CA SEP B 3 -11.24 9.42 -3.61
CB SEP B 3 -11.08 8.52 -4.84
OG SEP B 3 -9.88 7.79 -4.78
C SEP B 3 -10.01 10.28 -3.35
O SEP B 3 -9.96 11.44 -3.74
P SEP B 3 -9.67 6.53 -3.80
O1P SEP B 3 -10.68 5.55 -4.25
O2P SEP B 3 -8.27 6.14 -4.06
O3P SEP B 3 -9.89 7.09 -2.45
H SEP B 3 -12.62 10.65 -4.64
HA SEP B 3 -11.38 8.77 -2.74
HB2 SEP B 3 -11.92 7.84 -4.90
HB3 SEP B 3 -11.06 9.15 -5.72
N TYR B 4 -9.01 9.68 -2.71
CA TYR B 4 -7.82 10.37 -2.24
C TYR B 4 -6.83 10.71 -3.36
N SEP B 5 -7.00 10.10 -4.55
CA SEP B 5 -6.18 10.31 -5.74
CB SEP B 5 -6.65 11.55 -6.48
OG SEP B 5 -5.81 11.85 -7.58
C SEP B 5 -4.67 10.39 -5.44
O SEP B 5 -4.19 11.43 -4.99
P SEP B 5 -5.87 11.04 -8.97
O1P SEP B 5 -4.95 11.79 -9.84
O2P SEP B 5 -5.40 9.68 -8.63
O3P SEP B 5 -7.29 11.11 -9.37
H SEP B 5 -7.76 9.44 -4.64
HA SEP B 5 -6.34 9.46 -6.40
HB2 SEP B 5 -7.67 11.42 -6.82
HB3 SEP B 5 -6.62 12.40 -5.79
N PRO B 6 -3.91 9.31 -5.68
CA PRO B 6 -2.46 9.28 -5.49
C PRO B 6 -1.74 10.51 -6.03
N THR B 7 -0.51 10.72 -5.55
CA THR B 7 0.28 11.94 -5.73
C THR B 7 -0.26 13.13 -4.95
N SER B 8 -1.36 12.93 -4.21
CA SER B 8 -1.88 13.94 -3.30
C SER B 8 -1.17 13.96 -1.93
N PRO B 9 -0.58 12.87 -1.43
CA PRO B 9 0.12 12.89 -0.15
C PRO B 9 1.52 13.47 -0.31
N SEP B 10 2.26 13.53 0.81
CA SEP B 10 3.63 14.03 0.85
CB SEP B 10 4.19 13.86 2.26
OG SEP B 10 5.52 14.32 2.31
C SEP B 10 4.50 13.31 -0.19
O SEP B 10 4.56 12.09 -0.20
P SEP B 10 6.37 14.27 3.67
O1P SEP B 10 6.26 12.87 4.10
O2P SEP B 10 5.69 15.24 4.56
O3P SEP B 10 7.73 14.66 3.25
H SEP B 10 1.87 13.21 1.68
HA SEP B 10 3.61 15.10 0.60
HB2 SEP B 10 3.58 14.44 2.95
HB3 SEP B 10 4.16 12.82 2.53
N TYR B 11 5.16 14.11 -1.03
CA TYR B 11 6.08 13.66 -2.09
C TYR B 11 5.42 12.77 -3.14
N SER A 5 -4.72 -9.87 25.69
CA SER A 5 -4.55 -8.40 25.78
C SER A 5 -3.86 -7.83 24.55
N ALA A 6 -2.62 -8.25 24.28
CA ALA A 6 -1.83 -7.73 23.18
C ALA A 6 -2.49 -7.98 21.82
N GLY A 7 -3.39 -8.97 21.75
CA GLY A 7 -4.07 -9.30 20.50
C GLY A 7 -4.98 -8.16 20.05
N ALA A 8 -5.28 -7.20 20.92
CA ALA A 8 -6.11 -6.07 20.55
C ALA A 8 -5.41 -5.20 19.50
N LEU A 9 -4.07 -5.22 19.48
CA LEU A 9 -3.32 -4.44 18.51
C LEU A 9 -3.40 -5.10 17.14
N GLU A 10 -3.47 -6.43 17.10
CA GLU A 10 -3.59 -7.17 15.85
C GLU A 10 -4.95 -6.86 15.22
N SER A 11 -6.01 -6.94 16.01
CA SER A 11 -7.35 -6.71 15.51
C SER A 11 -7.62 -5.23 15.30
N SER A 12 -6.92 -4.34 16.01
CA SER A 12 -7.14 -2.92 15.80
C SER A 12 -6.61 -2.50 14.43
N LEU A 13 -5.54 -3.15 13.95
CA LEU A 13 -5.03 -2.91 12.61
C LEU A 13 -5.85 -3.71 11.60
N ASP A 14 -5.86 -5.04 11.74
CA ASP A 14 -6.39 -5.91 10.70
C ASP A 14 -7.89 -5.75 10.46
N ARG A 15 -8.68 -5.49 11.50
CA ARG A 15 -10.12 -5.38 11.30
C ARG A 15 -10.47 -4.07 10.62
N LYS A 16 -9.67 -3.02 10.86
CA LYS A 16 -9.89 -1.73 10.22
C LYS A 16 -9.43 -1.75 8.76
N PHE A 17 -8.40 -2.55 8.45
CA PHE A 17 -7.88 -2.62 7.09
C PHE A 17 -8.87 -3.36 6.19
N GLN A 18 -9.70 -4.24 6.77
CA GLN A 18 -10.72 -4.95 6.01
C GLN A 18 -11.87 -4.01 5.66
N SER A 19 -12.04 -2.93 6.44
CA SER A 19 -13.09 -1.95 6.26
C SER A 19 -12.74 -0.90 5.20
N VAL A 20 -11.53 -0.99 4.61
CA VAL A 20 -11.09 -0.04 3.60
C VAL A 20 -11.97 -0.13 2.35
N THR A 21 -12.22 1.02 1.72
CA THR A 21 -13.05 1.12 0.52
C THR A 21 -12.54 2.27 -0.34
N ASN A 22 -13.14 2.43 -1.52
CA ASN A 22 -12.77 3.47 -2.48
C ASN A 22 -13.29 4.84 -2.05
N THR A 23 -12.80 5.33 -0.92
CA THR A 23 -13.07 6.69 -0.50
C THR A 23 -11.93 7.24 0.35
N MET A 24 -11.58 8.51 0.11
CA MET A 24 -10.45 9.15 0.75
C MET A 24 -10.66 9.28 2.26
N GLU A 25 -11.92 9.30 2.70
CA GLU A 25 -12.23 9.38 4.11
C GLU A 25 -11.76 8.11 4.82
N SER A 26 -12.00 6.97 4.19
CA SER A 26 -11.60 5.68 4.74
C SER A 26 -10.10 5.47 4.62
N ILE A 27 -9.49 5.99 3.54
CA ILE A 27 -8.05 5.83 3.33
C ILE A 27 -7.27 6.76 4.25
N GLN A 28 -7.46 8.09 4.08
CA GLN A 28 -6.67 9.08 4.81
C GLN A 28 -6.94 9.02 6.30
N GLY A 29 -8.11 8.51 6.69
CA GLY A 29 -8.50 8.42 8.09
C GLY A 29 -7.58 7.48 8.85
N LEU A 30 -7.67 6.18 8.56
CA LEU A 30 -6.89 5.20 9.28
C LEU A 30 -5.42 5.19 8.84
N SER A 31 -5.09 5.69 7.64
CA SER A 31 -3.69 5.66 7.20
C SER A 31 -2.86 6.68 7.99
N SER A 32 -3.49 7.76 8.45
CA SER A 32 -2.77 8.79 9.19
C SER A 32 -2.40 8.25 10.57
N TRP A 33 -3.30 7.46 11.17
CA TRP A 33 -3.05 6.82 12.45
C TRP A 33 -2.11 5.63 12.29
N CYS A 34 -2.15 4.98 11.13
CA CYS A 34 -1.32 3.83 10.84
C CYS A 34 0.18 4.18 10.91
N ILE A 35 0.52 5.45 10.69
CA ILE A 35 1.92 5.88 10.76
C ILE A 35 2.41 5.84 12.21
N GLU A 36 1.53 5.98 13.21
CA GLU A 36 1.95 5.90 14.60
C GLU A 36 2.19 4.45 15.00
N ASN A 37 1.63 3.53 14.23
CA ASN A 37 1.81 2.10 14.44
C ASN A 37 3.11 1.61 13.81
N LYS A 38 4.00 2.53 13.41
CA LYS A 38 5.28 2.18 12.81
C LYS A 38 6.12 1.33 13.77
N LYS A 39 5.80 1.39 15.06
CA LYS A 39 6.48 0.63 16.09
C LYS A 39 6.17 -0.86 15.95
N HIS A 40 5.24 -1.20 15.05
CA HIS A 40 4.87 -2.57 14.74
C HIS A 40 4.74 -2.76 13.22
N HIS A 41 5.45 -1.95 12.43
CA HIS A 41 5.30 -1.90 10.98
C HIS A 41 5.39 -3.26 10.28
N SER A 42 5.95 -4.28 10.93
CA SER A 42 6.03 -5.61 10.35
C SER A 42 4.65 -6.26 10.27
N THR A 43 3.72 -5.87 11.15
CA THR A 43 2.36 -6.39 11.14
C THR A 43 1.53 -5.77 10.02
N ILE A 44 1.65 -4.45 9.87
CA ILE A 44 0.82 -3.70 8.93
C ILE A 44 0.92 -4.27 7.52
N VAL A 45 2.12 -4.62 7.08
CA VAL A 45 2.29 -5.16 5.74
C VAL A 45 1.60 -6.52 5.62
N TYR A 46 1.63 -7.33 6.67
CA TYR A 46 1.00 -8.64 6.63
C TYR A 46 -0.52 -8.52 6.70
N HIS A 47 -1.03 -7.52 7.42
CA HIS A 47 -2.46 -7.38 7.61
C HIS A 47 -3.12 -6.92 6.32
N TRP A 48 -2.55 -5.90 5.66
CA TRP A 48 -3.08 -5.36 4.43
C TRP A 48 -2.89 -6.34 3.26
N MET A 49 -1.88 -7.21 3.34
CA MET A 49 -1.53 -8.07 2.22
C MET A 49 -2.56 -9.15 1.93
N LYS A 50 -2.99 -9.93 2.92
CA LYS A 50 -3.94 -11.00 2.62
C LYS A 50 -5.33 -10.49 2.28
N TRP A 51 -5.65 -9.22 2.57
CA TRP A 51 -6.93 -8.66 2.15
C TRP A 51 -6.91 -8.38 0.65
N LEU A 52 -5.71 -8.21 0.09
CA LEU A 52 -5.56 -7.86 -1.31
C LEU A 52 -5.88 -9.06 -2.19
N ARG A 53 -5.39 -10.25 -1.81
CA ARG A 53 -5.72 -11.48 -2.50
C ARG A 53 -7.22 -11.79 -2.37
N ARG A 54 -7.80 -11.46 -1.22
CA ARG A 54 -9.19 -11.76 -0.90
C ARG A 54 -10.16 -10.83 -1.63
N SER A 55 -9.77 -9.57 -1.82
CA SER A 55 -10.64 -8.57 -2.40
C SER A 55 -10.85 -8.79 -3.89
N ALA A 56 -11.86 -8.10 -4.41
CA ALA A 56 -12.23 -8.11 -5.82
C ALA A 56 -11.14 -7.43 -6.64
N TYR A 57 -11.17 -7.60 -7.96
CA TYR A 57 -10.16 -7.04 -8.85
C TYR A 57 -10.03 -5.51 -8.75
N PRO A 58 -11.13 -4.73 -8.74
CA PRO A 58 -11.02 -3.29 -8.57
C PRO A 58 -10.71 -2.91 -7.13
N HIS A 59 -11.16 -3.71 -6.17
CA HIS A 59 -10.96 -3.39 -4.76
C HIS A 59 -9.56 -3.75 -4.27
N ARG A 60 -8.93 -4.78 -4.85
CA ARG A 60 -7.55 -5.12 -4.50
C ARG A 60 -6.58 -4.09 -5.08
N LEU A 61 -6.98 -3.45 -6.19
CA LEU A 61 -6.23 -2.37 -6.77
C LEU A 61 -6.38 -1.14 -5.89
N ASN A 62 -7.60 -0.93 -5.38
CA ASN A 62 -7.90 0.15 -4.46
C ASN A 62 -7.10 -0.01 -3.17
N LEU A 63 -6.92 -1.24 -2.68
CA LEU A 63 -6.13 -1.46 -1.49
C LEU A 63 -4.67 -1.05 -1.73
N PHE A 64 -4.25 -0.99 -2.99
CA PHE A 64 -2.92 -0.53 -3.35
C PHE A 64 -2.82 1.00 -3.27
N TYR A 65 -3.94 1.71 -3.44
CA TYR A 65 -3.93 3.16 -3.28
C TYR A 65 -3.63 3.50 -1.82
N LEU A 66 -4.12 2.67 -0.90
CA LEU A 66 -3.86 2.83 0.53
C LEU A 66 -2.41 2.47 0.84
N ALA A 67 -1.85 1.49 0.13
CA ALA A 67 -0.47 1.08 0.34
C ALA A 67 0.48 2.23 0.03
N ASN A 68 0.23 2.97 -1.05
CA ASN A 68 1.05 4.13 -1.40
C ASN A 68 0.89 5.23 -0.34
N ASP A 69 -0.28 5.32 0.27
CA ASP A 69 -0.56 6.36 1.24
C ASP A 69 0.18 6.13 2.56
N VAL A 70 0.21 4.89 3.05
CA VAL A 70 0.82 4.61 4.35
C VAL A 70 2.34 4.64 4.30
N ILE A 71 2.95 4.43 3.14
CA ILE A 71 4.41 4.49 3.02
C ILE A 71 4.92 5.91 3.23
N GLN A 72 4.51 6.84 2.35
CA GLN A 72 5.10 8.17 2.31
C GLN A 72 4.62 9.11 3.42
N ASN A 73 3.40 8.95 3.93
CA ASN A 73 2.94 9.82 5.00
C ASN A 73 3.73 9.58 6.28
N CYS A 74 4.46 8.46 6.37
CA CYS A 74 5.39 8.25 7.46
C CYS A 74 6.36 9.42 7.48
N LYS A 75 7.20 9.52 6.44
CA LYS A 75 8.04 10.67 6.14
C LYS A 75 8.59 10.50 4.73
N ARG A 76 9.08 11.60 4.15
CA ARG A 76 9.53 11.63 2.76
C ARG A 76 10.85 10.89 2.59
N LYS A 77 11.82 11.16 3.46
CA LYS A 77 13.14 10.53 3.45
C LYS A 77 13.74 10.43 4.85
N ASN A 78 13.06 10.93 5.89
CA ASN A 78 13.62 10.98 7.22
C ASN A 78 13.78 9.59 7.83
N ALA A 79 12.97 8.64 7.38
CA ALA A 79 13.09 7.24 7.79
C ALA A 79 12.36 6.36 6.79
N ILE A 80 11.09 6.73 6.50
CA ILE A 80 10.22 6.04 5.54
C ILE A 80 10.37 4.52 5.65
N ILE A 81 10.61 4.05 6.87
CA ILE A 81 10.92 2.65 7.14
C ILE A 81 9.76 1.73 6.73
N PHE A 82 8.55 2.25 6.55
CA PHE A 82 7.44 1.41 6.14
C PHE A 82 7.75 0.73 4.80
N ARG A 83 8.66 1.31 4.00
CA ARG A 83 8.98 0.72 2.71
C ARG A 83 9.75 -0.60 2.89
N GLU A 84 10.48 -0.73 3.99
CA GLU A 84 11.37 -1.86 4.21
C GLU A 84 10.60 -3.16 4.33
N SER A 85 9.60 -3.21 5.21
CA SER A 85 8.81 -4.41 5.41
C SER A 85 7.83 -4.62 4.27
N PHE A 86 7.47 -3.54 3.55
CA PHE A 86 6.57 -3.65 2.41
C PHE A 86 7.24 -4.38 1.25
N ALA A 87 8.54 -4.14 1.03
CA ALA A 87 9.26 -4.69 -0.11
C ALA A 87 9.20 -6.21 -0.17
N ASP A 88 8.88 -6.87 0.96
CA ASP A 88 8.80 -8.32 1.01
C ASP A 88 7.65 -8.90 0.21
N VAL A 89 6.60 -8.10 -0.04
CA VAL A 89 5.41 -8.58 -0.75
C VAL A 89 4.87 -7.50 -1.69
N LEU A 90 5.58 -6.37 -1.81
CA LEU A 90 5.14 -5.27 -2.64
C LEU A 90 4.97 -5.68 -4.11
N PRO A 91 5.93 -6.38 -4.73
CA PRO A 91 5.78 -6.84 -6.09
C PRO A 91 4.78 -7.99 -6.16
N GLU A 92 4.87 -8.94 -5.24
CA GLU A 92 4.02 -10.10 -5.17
C GLU A 92 2.55 -9.71 -5.02
N ALA A 93 2.26 -8.59 -4.37
CA ALA A 93 0.90 -8.10 -4.23
C ALA A 93 0.34 -7.65 -5.58
N ALA A 94 1.19 -7.10 -6.45
CA ALA A 94 0.75 -6.63 -7.76
C ALA A 94 0.53 -7.81 -8.71
N ALA A 95 0.99 -9.01 -8.34
CA ALA A 95 0.76 -10.19 -9.16
C ALA A 95 -0.72 -10.58 -9.12
N LEU A 96 -1.48 -10.06 -8.15
CA LEU A 96 -2.90 -10.31 -8.04
C LEU A 96 -3.69 -9.41 -9.01
N VAL A 97 -2.99 -8.62 -9.83
CA VAL A 97 -3.61 -7.75 -10.82
C VAL A 97 -2.84 -7.82 -12.14
N LYS A 98 -2.40 -9.03 -12.51
CA LYS A 98 -1.69 -9.24 -13.77
C LYS A 98 -2.58 -9.02 -14.99
N ASP A 99 -3.90 -8.98 -14.82
CA ASP A 99 -4.77 -8.77 -15.97
C ASP A 99 -4.56 -7.35 -16.49
N PRO A 100 -4.59 -7.16 -17.82
CA PRO A 100 -4.35 -5.87 -18.44
C PRO A 100 -5.45 -4.86 -18.06
N SER A 101 -6.56 -5.34 -17.50
CA SER A 101 -7.66 -4.50 -17.09
C SER A 101 -7.41 -3.84 -15.72
N VAL A 102 -6.32 -4.20 -15.04
CA VAL A 102 -6.00 -3.65 -13.73
C VAL A 102 -4.50 -3.38 -13.55
N SER A 103 -3.63 -4.07 -14.29
CA SER A 103 -2.21 -3.81 -14.19
C SER A 103 -1.91 -2.35 -14.58
N LYS A 104 -2.69 -1.79 -15.50
CA LYS A 104 -2.51 -0.41 -15.93
C LYS A 104 -2.83 0.57 -14.80
N SER A 105 -3.69 0.16 -13.85
CA SER A 105 -4.04 1.00 -12.72
C SER A 105 -2.91 1.05 -11.69
N VAL A 106 -2.08 0.00 -11.62
CA VAL A 106 -0.96 -0.02 -10.69
C VAL A 106 0.14 0.91 -11.17
N GLU A 107 0.27 1.07 -12.49
CA GLU A 107 1.22 2.01 -13.09
C GLU A 107 1.03 3.40 -12.51
N ARG A 108 -0.19 3.71 -12.07
CA ARG A 108 -0.55 5.04 -11.58
C ARG A 108 0.19 5.39 -10.29
N ILE A 109 0.56 4.38 -9.50
CA ILE A 109 1.23 4.60 -8.24
C ILE A 109 2.66 4.06 -8.25
N PHE A 110 2.91 3.01 -9.04
CA PHE A 110 4.28 2.50 -9.17
C PHE A 110 5.15 3.52 -9.91
N LYS A 111 4.52 4.42 -10.67
CA LYS A 111 5.23 5.52 -11.30
C LYS A 111 5.68 6.52 -10.25
N ILE A 112 4.82 6.80 -9.26
CA ILE A 112 5.11 7.80 -8.24
C ILE A 112 6.36 7.40 -7.47
N TRP A 113 6.40 6.15 -7.03
CA TRP A 113 7.48 5.67 -6.20
C TRP A 113 8.84 5.81 -6.89
N GLU A 114 8.86 5.89 -8.22
CA GLU A 114 10.09 6.09 -8.97
C GLU A 114 10.56 7.54 -8.88
N ASP A 115 9.67 8.51 -9.19
CA ASP A 115 10.08 9.91 -9.18
C ASP A 115 10.18 10.44 -7.75
N ARG A 116 9.34 9.91 -6.86
CA ARG A 116 9.42 10.16 -5.43
C ARG A 116 10.59 9.34 -4.86
N ASN A 117 11.24 8.50 -5.66
CA ASN A 117 12.39 7.75 -5.20
C ASN A 117 12.11 7.01 -3.88
N VAL A 118 10.86 6.60 -3.67
CA VAL A 118 10.42 5.97 -2.43
C VAL A 118 10.95 4.54 -2.33
N TYR A 119 11.46 4.01 -3.45
CA TYR A 119 12.12 2.71 -3.49
C TYR A 119 13.30 2.80 -4.46
N PRO A 120 14.37 2.03 -4.21
CA PRO A 120 15.51 1.97 -5.10
C PRO A 120 15.14 1.18 -6.36
N GLU A 121 15.81 1.48 -7.48
CA GLU A 121 15.50 0.90 -8.78
C GLU A 121 15.58 -0.62 -8.74
N GLU A 122 16.46 -1.16 -7.89
CA GLU A 122 16.66 -2.60 -7.78
C GLU A 122 15.38 -3.29 -7.30
N MET A 123 14.55 -2.59 -6.52
CA MET A 123 13.28 -3.14 -6.07
C MET A 123 12.23 -2.96 -7.16
N ILE A 124 12.31 -1.87 -7.94
CA ILE A 124 11.31 -1.58 -8.95
C ILE A 124 11.35 -2.64 -10.06
N VAL A 125 12.47 -3.36 -10.20
CA VAL A 125 12.56 -4.42 -11.20
C VAL A 125 11.50 -5.49 -10.90
N ALA A 126 11.24 -5.74 -9.61
CA ALA A 126 10.24 -6.72 -9.21
C ALA A 126 8.84 -6.14 -9.41
N LEU A 127 8.68 -4.83 -9.26
CA LEU A 127 7.42 -4.17 -9.49
C LEU A 127 7.08 -4.22 -10.98
N ARG A 128 8.08 -4.05 -11.85
CA ARG A 128 7.84 -4.06 -13.29
C ARG A 128 7.48 -5.46 -13.77
N GLU A 129 7.97 -6.51 -13.09
CA GLU A 129 7.61 -7.87 -13.42
C GLU A 129 6.13 -8.09 -13.10
N ALA A 130 5.71 -7.63 -11.91
CA ALA A 130 4.33 -7.81 -11.49
C ALA A 130 3.37 -7.01 -12.38
N LEU A 131 3.85 -5.91 -12.97
CA LEU A 131 3.07 -5.14 -13.92
C LEU A 131 3.01 -5.86 -15.27
N SER A 132 4.10 -6.54 -15.63
CA SER A 132 4.19 -7.26 -16.89
C SER A 132 3.21 -8.42 -16.90
N THR A 133 2.63 -8.69 -18.07
CA THR A 133 1.63 -9.73 -18.26
C THR A 133 1.56 -10.09 -19.75
N SER B 1 -16.58 7.02 -2.28
CA SER B 1 -17.28 7.59 -3.41
C SER B 1 -16.38 8.70 -3.95
N PRO B 2 -15.99 9.69 -3.12
CA PRO B 2 -14.92 10.59 -3.45
C PRO B 2 -13.59 9.92 -3.09
N SEP B 3 -12.62 9.94 -4.00
CA SEP B 3 -11.36 9.23 -3.80
CB SEP B 3 -11.26 8.08 -4.80
OG SEP B 3 -10.00 7.43 -4.70
C SEP B 3 -10.15 10.18 -3.89
O SEP B 3 -10.23 11.23 -4.51
P SEP B 3 -9.63 6.43 -3.49
O1P SEP B 3 -9.80 7.26 -2.28
O2P SEP B 3 -10.61 5.34 -3.64
O3P SEP B 3 -8.23 6.05 -3.79
H SEP B 3 -12.73 10.44 -4.86
HA SEP B 3 -11.36 8.81 -2.80
HB2 SEP B 3 -12.05 7.37 -4.59
HB3 SEP B 3 -11.37 8.48 -5.80
N TYR B 4 -9.05 9.78 -3.25
CA TYR B 4 -7.86 10.60 -3.12
C TYR B 4 -6.92 10.45 -4.32
N SEP B 5 -5.91 11.32 -4.36
CA SEP B 5 -4.92 11.37 -5.42
CB SEP B 5 -4.85 12.79 -5.99
OG SEP B 5 -3.76 12.98 -6.86
C SEP B 5 -3.57 10.91 -4.88
O SEP B 5 -2.87 11.68 -4.23
P SEP B 5 -3.58 12.12 -8.22
O1P SEP B 5 -3.07 10.82 -7.73
O2P SEP B 5 -4.93 12.07 -8.82
O3P SEP B 5 -2.58 12.91 -8.98
H SEP B 5 -5.81 11.99 -3.61
HA SEP B 5 -5.24 10.71 -6.23
HB2 SEP B 5 -5.79 13.01 -6.51
HB3 SEP B 5 -4.75 13.49 -5.16
N PRO B 6 -3.19 9.65 -5.16
CA PRO B 6 -1.90 9.08 -4.81
C PRO B 6 -0.69 9.96 -5.10
N THR B 7 -0.75 10.90 -6.06
CA THR B 7 0.41 11.76 -6.33
C THR B 7 0.47 12.97 -5.39
N SER B 8 -0.57 13.19 -4.57
CA SER B 8 -0.68 14.39 -3.75
C SER B 8 -0.64 14.19 -2.22
N PRO B 9 -0.23 13.05 -1.66
CA PRO B 9 -0.01 12.93 -0.22
C PRO B 9 1.29 13.69 0.14
N SEP B 10 1.77 13.56 1.38
CA SEP B 10 2.98 14.26 1.80
CB SEP B 10 3.46 13.76 3.17
OG SEP B 10 4.49 14.63 3.58
C SEP B 10 4.11 14.10 0.77
O SEP B 10 4.80 15.06 0.46
P SEP B 10 5.18 14.53 5.03
O1P SEP B 10 6.01 15.76 5.08
O2P SEP B 10 5.97 13.27 4.97
O3P SEP B 10 4.05 14.51 5.98
H SEP B 10 1.31 12.96 2.05
HA SEP B 10 2.75 15.31 1.89
HB2 SEP B 10 2.63 13.82 3.88
HB3 SEP B 10 3.82 12.73 3.10
N TYR B 11 4.27 12.89 0.23
CA TYR B 11 5.29 12.61 -0.78
C TYR B 11 4.90 11.42 -1.64
N SER A 5 -0.34 -13.91 22.30
CA SER A 5 -0.50 -12.71 23.13
C SER A 5 -0.35 -11.45 22.29
N ALA A 6 0.88 -11.12 21.88
CA ALA A 6 1.16 -9.92 21.10
C ALA A 6 0.40 -9.90 19.77
N GLY A 7 -0.05 -11.05 19.29
CA GLY A 7 -0.78 -11.13 18.04
C GLY A 7 -2.15 -10.48 18.14
N ALA A 8 -2.63 -10.20 19.35
CA ALA A 8 -3.94 -9.58 19.54
C ALA A 8 -3.97 -8.16 18.98
N LEU A 9 -2.79 -7.56 18.76
CA LEU A 9 -2.70 -6.22 18.20
C LEU A 9 -3.14 -6.22 16.73
N GLU A 10 -3.20 -7.41 16.11
CA GLU A 10 -3.68 -7.51 14.74
C GLU A 10 -5.16 -7.13 14.66
N SER A 11 -5.90 -7.33 15.75
CA SER A 11 -7.33 -7.11 15.75
C SER A 11 -7.67 -5.64 15.46
N SER A 12 -6.80 -4.70 15.85
CA SER A 12 -7.06 -3.30 15.59
C SER A 12 -6.79 -2.94 14.12
N LEU A 13 -5.82 -3.62 13.52
CA LEU A 13 -5.40 -3.35 12.14
C LEU A 13 -6.29 -4.10 11.15
N ASP A 14 -6.55 -5.39 11.41
CA ASP A 14 -7.30 -6.28 10.54
C ASP A 14 -8.72 -5.79 10.31
N ARG A 15 -9.41 -5.29 11.34
CA ARG A 15 -10.78 -4.85 11.20
C ARG A 15 -10.85 -3.54 10.41
N LYS A 16 -9.86 -2.65 10.56
CA LYS A 16 -9.85 -1.37 9.88
C LYS A 16 -9.49 -1.53 8.40
N PHE A 17 -8.56 -2.45 8.10
CA PHE A 17 -8.07 -2.61 6.73
C PHE A 17 -9.09 -3.34 5.85
N GLN A 18 -9.90 -4.24 6.41
CA GLN A 18 -10.93 -4.92 5.63
C GLN A 18 -12.10 -3.97 5.35
N SER A 19 -12.36 -3.05 6.28
CA SER A 19 -13.48 -2.12 6.18
C SER A 19 -13.21 -0.99 5.19
N VAL A 20 -12.05 -0.98 4.53
CA VAL A 20 -11.70 0.08 3.58
C VAL A 20 -12.56 0.01 2.33
N THR A 21 -12.82 1.17 1.74
CA THR A 21 -13.55 1.33 0.49
C THR A 21 -12.93 2.46 -0.31
N ASN A 22 -13.33 2.58 -1.57
CA ASN A 22 -12.83 3.57 -2.50
C ASN A 22 -13.25 4.98 -2.08
N THR A 23 -12.55 5.55 -1.09
CA THR A 23 -12.71 6.94 -0.70
C THR A 23 -11.54 7.39 0.18
N MET A 24 -11.21 8.68 0.14
CA MET A 24 -10.10 9.23 0.90
C MET A 24 -10.37 9.15 2.40
N GLU A 25 -11.64 9.05 2.80
CA GLU A 25 -11.98 8.98 4.21
C GLU A 25 -11.44 7.68 4.80
N SER A 26 -11.53 6.58 4.06
CA SER A 26 -11.06 5.29 4.52
C SER A 26 -9.53 5.22 4.42
N ILE A 27 -8.95 5.83 3.38
CA ILE A 27 -7.51 5.76 3.16
C ILE A 27 -6.76 6.67 4.13
N GLN A 28 -7.12 7.97 4.17
CA GLN A 28 -6.40 8.93 4.98
C GLN A 28 -6.73 8.75 6.46
N GLY A 29 -7.91 8.19 6.76
CA GLY A 29 -8.34 8.02 8.13
C GLY A 29 -7.43 7.05 8.87
N LEU A 30 -7.30 5.81 8.36
CA LEU A 30 -6.46 4.82 9.00
C LEU A 30 -4.98 5.10 8.76
N SER A 31 -4.63 5.76 7.66
CA SER A 31 -3.23 6.02 7.33
C SER A 31 -2.62 7.03 8.30
N SER A 32 -3.42 7.99 8.77
CA SER A 32 -2.92 9.03 9.66
C SER A 32 -2.54 8.41 11.00
N TRP A 33 -3.31 7.40 11.42
CA TRP A 33 -3.06 6.66 12.64
C TRP A 33 -1.99 5.58 12.41
N CYS A 34 -1.97 4.99 11.21
CA CYS A 34 -1.04 3.93 10.88
C CYS A 34 0.41 4.40 10.94
N ILE A 35 0.66 5.68 10.64
CA ILE A 35 2.01 6.23 10.69
C ILE A 35 2.52 6.25 12.13
N GLU A 36 1.64 6.34 13.13
CA GLU A 36 2.07 6.30 14.51
C GLU A 36 2.28 4.86 14.97
N ASN A 37 1.65 3.92 14.27
CA ASN A 37 1.82 2.50 14.52
C ASN A 37 3.08 1.96 13.85
N LYS A 38 3.99 2.85 13.43
CA LYS A 38 5.23 2.45 12.78
C LYS A 38 6.07 1.54 13.68
N LYS A 39 5.76 1.53 14.98
CA LYS A 39 6.41 0.68 15.96
C LYS A 39 6.04 -0.79 15.74
N HIS A 40 5.10 -1.04 14.82
CA HIS A 40 4.69 -2.38 14.43
C HIS A 40 4.63 -2.51 12.90
N HIS A 41 5.38 -1.68 12.18
CA HIS A 41 5.30 -1.59 10.72
C HIS A 41 5.52 -2.95 10.04
N SER A 42 6.16 -3.91 10.70
CA SER A 42 6.46 -5.19 10.10
C SER A 42 5.20 -6.03 9.90
N THR A 43 4.36 -6.14 10.92
CA THR A 43 3.16 -6.98 10.81
C THR A 43 2.02 -6.24 10.11
N ILE A 44 2.04 -4.91 10.11
CA ILE A 44 0.98 -4.11 9.51
C ILE A 44 0.85 -4.43 8.04
N VAL A 45 1.98 -4.62 7.36
CA VAL A 45 1.99 -4.95 5.94
C VAL A 45 1.29 -6.28 5.70
N TYR A 46 1.51 -7.26 6.59
CA TYR A 46 0.93 -8.58 6.38
C TYR A 46 -0.59 -8.52 6.54
N HIS A 47 -1.08 -7.60 7.39
CA HIS A 47 -2.51 -7.48 7.64
C HIS A 47 -3.21 -6.80 6.47
N TRP A 48 -2.55 -5.82 5.84
CA TRP A 48 -3.11 -5.16 4.67
C TRP A 48 -2.99 -6.07 3.44
N MET A 49 -1.94 -6.87 3.36
CA MET A 49 -1.63 -7.65 2.18
C MET A 49 -2.63 -8.79 1.96
N LYS A 50 -2.98 -9.49 3.04
CA LYS A 50 -3.84 -10.66 2.94
C LYS A 50 -5.22 -10.30 2.38
N TRP A 51 -5.62 -9.03 2.49
CA TRP A 51 -6.91 -8.58 2.00
C TRP A 51 -6.94 -8.44 0.48
N LEU A 52 -5.78 -8.38 -0.17
CA LEU A 52 -5.75 -8.23 -1.61
C LEU A 52 -6.11 -9.55 -2.29
N ARG A 53 -5.36 -10.60 -1.97
CA ARG A 53 -5.67 -11.95 -2.43
C ARG A 53 -7.07 -12.38 -2.01
N ARG A 54 -7.64 -11.74 -0.99
CA ARG A 54 -9.00 -12.01 -0.54
C ARG A 54 -10.05 -11.24 -1.35
N SER A 55 -9.75 -9.98 -1.69
CA SER A 55 -10.68 -9.09 -2.36
C SER A 55 -10.74 -9.33 -3.86
N ALA A 56 -11.66 -8.60 -4.51
CA ALA A 56 -11.87 -8.61 -5.95
C ALA A 56 -10.80 -7.76 -6.64
N TYR A 57 -10.72 -7.87 -7.97
CA TYR A 57 -9.72 -7.16 -8.77
C TYR A 57 -9.76 -5.63 -8.56
N PRO A 58 -10.91 -4.96 -8.65
CA PRO A 58 -10.96 -3.52 -8.46
C PRO A 58 -10.79 -3.14 -6.98
N HIS A 59 -11.30 -3.96 -6.06
CA HIS A 59 -11.25 -3.65 -4.64
C HIS A 59 -9.86 -3.91 -4.07
N ARG A 60 -9.13 -4.92 -4.57
CA ARG A 60 -7.78 -5.16 -4.10
C ARG A 60 -6.83 -4.10 -4.61
N LEU A 61 -7.13 -3.56 -5.81
CA LEU A 61 -6.38 -2.44 -6.37
C LEU A 61 -6.64 -1.21 -5.51
N ASN A 62 -7.90 -1.02 -5.10
CA ASN A 62 -8.30 0.06 -4.23
C ASN A 62 -7.57 -0.06 -2.88
N LEU A 63 -7.39 -1.28 -2.37
CA LEU A 63 -6.69 -1.47 -1.12
C LEU A 63 -5.20 -1.13 -1.29
N PHE A 64 -4.69 -1.10 -2.53
CA PHE A 64 -3.28 -0.82 -2.75
C PHE A 64 -2.96 0.66 -2.54
N TYR A 65 -3.96 1.54 -2.69
CA TYR A 65 -3.77 2.96 -2.45
C TYR A 65 -3.40 3.20 -0.98
N LEU A 66 -3.81 2.28 -0.09
CA LEU A 66 -3.43 2.36 1.32
C LEU A 66 -1.92 2.28 1.47
N ALA A 67 -1.28 1.37 0.76
CA ALA A 67 0.16 1.19 0.85
C ALA A 67 0.85 2.44 0.31
N ASN A 68 0.41 2.92 -0.85
CA ASN A 68 0.97 4.12 -1.47
C ASN A 68 0.92 5.29 -0.49
N ASP A 69 -0.23 5.47 0.16
CA ASP A 69 -0.46 6.56 1.09
C ASP A 69 0.38 6.37 2.35
N VAL A 70 0.42 5.18 2.93
CA VAL A 70 1.19 4.94 4.15
C VAL A 70 2.69 5.07 3.89
N ILE A 71 3.15 4.62 2.72
CA ILE A 71 4.54 4.80 2.33
C ILE A 71 4.83 6.30 2.26
N GLN A 72 3.94 7.02 1.56
CA GLN A 72 4.10 8.44 1.29
C GLN A 72 3.58 9.32 2.42
N ASN A 73 3.24 8.76 3.59
CA ASN A 73 2.94 9.56 4.76
C ASN A 73 3.96 9.34 5.86
N CYS A 74 4.57 8.14 5.95
CA CYS A 74 5.67 7.90 6.87
C CYS A 74 6.96 8.57 6.35
N LYS A 75 6.94 8.97 5.08
CA LYS A 75 8.04 9.65 4.38
C LYS A 75 8.57 10.92 5.01
N ARG A 76 8.07 11.35 6.17
CA ARG A 76 8.44 12.64 6.77
C ARG A 76 9.87 12.64 7.30
N LYS A 77 10.74 11.78 6.75
CA LYS A 77 12.14 11.62 7.17
C LYS A 77 12.27 11.21 8.65
N ASN A 78 11.17 10.87 9.30
CA ASN A 78 11.20 10.39 10.68
C ASN A 78 11.68 8.94 10.71
N ALA A 79 11.36 8.18 9.66
CA ALA A 79 11.79 6.79 9.54
C ALA A 79 11.54 6.23 8.14
N ILE A 80 10.39 6.57 7.53
CA ILE A 80 9.90 6.02 6.26
C ILE A 80 10.06 4.49 6.21
N ILE A 81 10.22 3.86 7.38
CA ILE A 81 10.54 2.45 7.47
C ILE A 81 9.43 1.57 6.91
N PHE A 82 8.24 2.13 6.71
CA PHE A 82 7.13 1.38 6.15
C PHE A 82 7.51 0.81 4.80
N ARG A 83 8.37 1.49 4.02
CA ARG A 83 8.70 1.01 2.68
C ARG A 83 9.47 -0.31 2.74
N GLU A 84 10.26 -0.54 3.80
CA GLU A 84 11.06 -1.75 3.89
C GLU A 84 10.15 -2.96 3.93
N SER A 85 9.22 -2.98 4.88
CA SER A 85 8.31 -4.10 5.04
C SER A 85 7.31 -4.20 3.89
N PHE A 86 6.95 -3.09 3.24
CA PHE A 86 6.02 -3.18 2.12
C PHE A 86 6.67 -3.92 0.96
N ALA A 87 7.95 -3.66 0.71
CA ALA A 87 8.68 -4.25 -0.40
C ALA A 87 8.72 -5.79 -0.31
N ASP A 88 8.39 -6.36 0.85
CA ASP A 88 8.44 -7.79 1.05
C ASP A 88 7.31 -8.53 0.32
N VAL A 89 6.19 -7.84 0.05
CA VAL A 89 5.02 -8.45 -0.55
C VAL A 89 4.34 -7.51 -1.54
N LEU A 90 4.93 -6.34 -1.79
CA LEU A 90 4.40 -5.38 -2.75
C LEU A 90 4.32 -6.02 -4.14
N PRO A 91 5.41 -6.66 -4.61
CA PRO A 91 5.42 -7.37 -5.88
C PRO A 91 4.42 -8.52 -5.88
N GLU A 92 4.35 -9.26 -4.78
CA GLU A 92 3.46 -10.39 -4.62
C GLU A 92 2.00 -9.96 -4.72
N ALA A 93 1.62 -8.88 -4.02
CA ALA A 93 0.25 -8.41 -4.03
C ALA A 93 -0.12 -7.83 -5.40
N ALA A 94 0.82 -7.17 -6.07
CA ALA A 94 0.57 -6.56 -7.37
C ALA A 94 0.59 -7.59 -8.51
N ALA A 95 1.22 -8.76 -8.30
CA ALA A 95 1.25 -9.79 -9.32
C ALA A 95 -0.14 -10.37 -9.56
N LEU A 96 -1.08 -10.11 -8.65
CA LEU A 96 -2.46 -10.57 -8.74
C LEU A 96 -3.34 -9.59 -9.51
N VAL A 97 -2.74 -8.60 -10.18
CA VAL A 97 -3.46 -7.64 -11.02
C VAL A 97 -2.66 -7.30 -12.28
N LYS A 98 -2.05 -8.33 -12.88
CA LYS A 98 -1.28 -8.18 -14.09
C LYS A 98 -2.16 -7.95 -15.32
N ASP A 99 -3.48 -8.11 -15.19
CA ASP A 99 -4.38 -7.88 -16.32
C ASP A 99 -4.42 -6.40 -16.68
N PRO A 100 -4.50 -6.07 -17.98
CA PRO A 100 -4.43 -4.70 -18.45
C PRO A 100 -5.63 -3.87 -17.96
N SER A 101 -6.66 -4.52 -17.43
CA SER A 101 -7.83 -3.83 -16.92
C SER A 101 -7.58 -3.25 -15.53
N VAL A 102 -6.45 -3.59 -14.91
CA VAL A 102 -6.13 -3.10 -13.56
C VAL A 102 -4.65 -2.78 -13.39
N SER A 103 -3.76 -3.33 -14.23
CA SER A 103 -2.34 -3.07 -14.11
C SER A 103 -2.04 -1.59 -14.35
N LYS A 104 -2.92 -0.90 -15.08
CA LYS A 104 -2.76 0.52 -15.35
C LYS A 104 -2.95 1.34 -14.08
N SER A 105 -3.76 0.85 -13.15
CA SER A 105 -3.98 1.53 -11.88
C SER A 105 -2.81 1.28 -10.93
N VAL A 106 -2.14 0.13 -11.06
CA VAL A 106 -0.96 -0.14 -10.25
C VAL A 106 0.19 0.71 -10.78
N GLU A 107 0.28 0.86 -12.10
CA GLU A 107 1.26 1.75 -12.71
C GLU A 107 1.04 3.18 -12.19
N ARG A 108 -0.20 3.54 -11.85
CA ARG A 108 -0.50 4.89 -11.41
C ARG A 108 0.18 5.21 -10.09
N ILE A 109 0.44 4.18 -9.27
CA ILE A 109 1.06 4.38 -7.97
C ILE A 109 2.49 3.87 -7.97
N PHE A 110 2.78 2.82 -8.74
CA PHE A 110 4.14 2.30 -8.82
C PHE A 110 5.02 3.32 -9.52
N LYS A 111 4.50 3.99 -10.57
CA LYS A 111 5.29 4.94 -11.34
C LYS A 111 5.59 6.19 -10.52
N ILE A 112 4.80 6.45 -9.47
CA ILE A 112 5.10 7.56 -8.60
C ILE A 112 6.34 7.21 -7.80
N TRP A 113 6.40 5.98 -7.30
CA TRP A 113 7.53 5.54 -6.51
C TRP A 113 8.80 5.46 -7.36
N GLU A 114 8.64 5.27 -8.68
CA GLU A 114 9.75 5.30 -9.63
C GLU A 114 10.25 6.73 -9.78
N ASP A 115 9.33 7.70 -9.90
CA ASP A 115 9.68 9.10 -10.08
C ASP A 115 10.17 9.72 -8.77
N ARG A 116 9.40 9.50 -7.71
CA ARG A 116 9.71 9.94 -6.36
C ARG A 116 10.93 9.17 -5.84
N ASN A 117 11.38 8.13 -6.54
CA ASN A 117 12.59 7.41 -6.18
C ASN A 117 12.56 6.91 -4.73
N VAL A 118 11.35 6.72 -4.18
CA VAL A 118 11.17 6.31 -2.79
C VAL A 118 11.61 4.85 -2.61
N TYR A 119 11.81 4.13 -3.72
CA TYR A 119 12.38 2.79 -3.72
C TYR A 119 13.61 2.81 -4.63
N PRO A 120 14.66 2.04 -4.29
CA PRO A 120 15.86 1.93 -5.10
C PRO A 120 15.52 1.13 -6.35
N GLU A 121 16.23 1.43 -7.46
CA GLU A 121 15.93 0.83 -8.76
C GLU A 121 16.01 -0.69 -8.71
N GLU A 122 16.87 -1.22 -7.84
CA GLU A 122 17.03 -2.66 -7.70
C GLU A 122 15.73 -3.29 -7.17
N MET A 123 14.95 -2.55 -6.38
CA MET A 123 13.67 -3.03 -5.91
C MET A 123 12.59 -2.84 -6.97
N ILE A 124 12.73 -1.81 -7.81
CA ILE A 124 11.73 -1.54 -8.84
C ILE A 124 11.65 -2.72 -9.82
N VAL A 125 12.72 -3.52 -9.91
CA VAL A 125 12.70 -4.68 -10.77
C VAL A 125 11.56 -5.61 -10.38
N ALA A 126 11.26 -5.69 -9.08
CA ALA A 126 10.17 -6.52 -8.60
C ALA A 126 8.82 -5.87 -8.90
N LEU A 127 8.76 -4.53 -8.87
CA LEU A 127 7.54 -3.79 -9.19
C LEU A 127 7.24 -3.94 -10.67
N ARG A 128 8.29 -3.89 -11.50
CA ARG A 128 8.17 -4.00 -12.94
C ARG A 128 7.87 -5.44 -13.36
N GLU A 129 8.31 -6.42 -12.58
CA GLU A 129 7.94 -7.82 -12.78
C GLU A 129 6.48 -8.03 -12.41
N ALA A 130 6.07 -7.46 -11.26
CA ALA A 130 4.70 -7.59 -10.80
C ALA A 130 3.71 -6.98 -11.79
N LEU A 131 4.17 -6.07 -12.65
CA LEU A 131 3.37 -5.49 -13.71
C LEU A 131 3.50 -6.27 -15.02
N SER A 132 4.71 -6.76 -15.33
CA SER A 132 4.98 -7.44 -16.58
C SER A 132 4.35 -8.83 -16.65
N THR A 133 3.74 -9.16 -17.80
CA THR A 133 3.15 -10.45 -18.02
C THR A 133 4.26 -11.49 -18.18
N SER B 1 -18.45 9.39 -2.46
CA SER B 1 -17.29 8.54 -2.23
C SER B 1 -16.05 9.15 -2.88
N PRO B 2 -15.67 10.38 -2.51
CA PRO B 2 -14.52 11.06 -3.06
C PRO B 2 -13.24 10.35 -2.64
N SEP B 3 -12.24 10.31 -3.51
CA SEP B 3 -10.99 9.61 -3.24
CB SEP B 3 -10.89 8.37 -4.11
OG SEP B 3 -9.77 7.62 -3.70
C SEP B 3 -9.78 10.53 -3.41
O SEP B 3 -9.89 11.60 -4.03
P SEP B 3 -9.44 6.18 -4.34
O1P SEP B 3 -9.28 6.46 -5.80
O2P SEP B 3 -8.19 5.80 -3.65
O3P SEP B 3 -10.62 5.36 -4.00
H SEP B 3 -12.32 10.78 -4.39
HA SEP B 3 -11.00 9.27 -2.20
HB2 SEP B 3 -11.78 7.76 -4.00
HB3 SEP B 3 -10.78 8.65 -5.16
N TYR B 4 -8.64 10.10 -2.86
CA TYR B 4 -7.43 10.90 -2.85
C TYR B 4 -6.68 10.80 -4.18
N SEP B 5 -5.54 11.50 -4.28
CA SEP B 5 -4.71 11.49 -5.46
CB SEP B 5 -4.70 12.89 -6.08
OG SEP B 5 -4.52 12.83 -7.48
C SEP B 5 -3.30 11.00 -5.09
O SEP B 5 -2.54 11.73 -4.47
P SEP B 5 -3.10 12.53 -8.16
O1P SEP B 5 -3.34 12.79 -9.60
O2P SEP B 5 -2.19 13.48 -7.48
O3P SEP B 5 -2.84 11.11 -7.85
H SEP B 5 -5.23 12.06 -3.49
HA SEP B 5 -5.15 10.81 -6.20
HB2 SEP B 5 -5.67 13.34 -5.90
HB3 SEP B 5 -3.93 13.51 -5.61
N PRO B 6 -2.96 9.75 -5.46
CA PRO B 6 -1.67 9.12 -5.20
C PRO B 6 -0.43 9.98 -5.45
N THR B 7 -0.46 10.96 -6.37
CA THR B 7 0.72 11.78 -6.64
C THR B 7 0.80 13.00 -5.74
N SER B 8 -0.28 13.30 -4.99
CA SER B 8 -0.39 14.52 -4.20
C SER B 8 -0.12 14.39 -2.70
N PRO B 9 0.28 13.24 -2.13
CA PRO B 9 0.59 13.15 -0.70
C PRO B 9 1.98 13.73 -0.45
N SEP B 10 2.11 15.05 -0.66
CA SEP B 10 3.36 15.82 -0.63
CB SEP B 10 3.96 15.93 0.76
OG SEP B 10 3.14 16.62 1.68
C SEP B 10 4.39 15.32 -1.65
O SEP B 10 4.85 16.09 -2.50
P SEP B 10 1.84 15.96 2.36
O1P SEP B 10 1.79 16.59 3.70
O2P SEP B 10 2.15 14.52 2.37
O3P SEP B 10 0.74 16.35 1.45
H SEP B 10 1.27 15.56 -0.86
HA SEP B 10 3.10 16.84 -0.93
HB2 SEP B 10 4.17 14.94 1.15
HB3 SEP B 10 4.90 16.46 0.69
N TYR B 11 4.77 14.04 -1.57
CA TYR B 11 5.73 13.43 -2.46
C TYR B 11 5.18 12.12 -3.01
N SER A 5 -3.63 -9.19 25.69
CA SER A 5 -4.34 -7.90 25.64
C SER A 5 -3.85 -7.05 24.47
N ALA A 6 -2.57 -6.66 24.48
CA ALA A 6 -2.00 -5.80 23.45
C ALA A 6 -2.08 -6.43 22.06
N GLY A 7 -2.25 -7.75 21.99
CA GLY A 7 -2.33 -8.44 20.71
C GLY A 7 -3.59 -8.07 19.94
N ALA A 8 -4.57 -7.45 20.60
CA ALA A 8 -5.82 -7.05 19.98
C ALA A 8 -5.59 -6.01 18.88
N LEU A 9 -4.40 -5.40 18.83
CA LEU A 9 -4.07 -4.44 17.80
C LEU A 9 -4.03 -5.11 16.42
N GLU A 10 -3.94 -6.43 16.39
CA GLU A 10 -3.99 -7.17 15.13
C GLU A 10 -5.32 -6.90 14.44
N SER A 11 -6.40 -6.89 15.23
CA SER A 11 -7.74 -6.67 14.71
C SER A 11 -7.96 -5.20 14.37
N SER A 12 -7.24 -4.29 15.02
CA SER A 12 -7.35 -2.88 14.67
C SER A 12 -6.71 -2.63 13.31
N LEU A 13 -5.70 -3.44 12.96
CA LEU A 13 -5.09 -3.37 11.64
C LEU A 13 -5.95 -4.12 10.63
N ASP A 14 -6.08 -5.44 10.78
CA ASP A 14 -6.77 -6.27 9.80
C ASP A 14 -8.23 -5.90 9.58
N ARG A 15 -9.00 -5.63 10.63
CA ARG A 15 -10.43 -5.41 10.43
C ARG A 15 -10.68 -4.04 9.81
N LYS A 16 -9.86 -3.05 10.16
CA LYS A 16 -10.00 -1.71 9.59
C LYS A 16 -9.46 -1.66 8.17
N PHE A 17 -8.38 -2.41 7.87
CA PHE A 17 -7.82 -2.45 6.52
C PHE A 17 -8.80 -3.13 5.58
N GLN A 18 -9.50 -4.16 6.06
CA GLN A 18 -10.49 -4.86 5.26
C GLN A 18 -11.69 -3.93 4.99
N SER A 19 -11.90 -2.96 5.89
CA SER A 19 -12.99 -2.01 5.79
C SER A 19 -12.67 -0.83 4.88
N VAL A 20 -11.42 -0.72 4.38
CA VAL A 20 -11.01 0.41 3.56
C VAL A 20 -11.73 0.41 2.21
N THR A 21 -11.97 1.62 1.70
CA THR A 21 -12.65 1.86 0.43
C THR A 21 -11.84 2.89 -0.36
N ASN A 22 -12.19 3.07 -1.63
CA ASN A 22 -11.46 3.85 -2.60
C ASN A 22 -11.33 5.34 -2.29
N THR A 23 -11.68 5.77 -1.07
CA THR A 23 -11.80 7.20 -0.80
C THR A 23 -10.92 7.68 0.35
N MET A 24 -10.60 8.97 0.27
CA MET A 24 -9.79 9.67 1.25
C MET A 24 -10.53 9.72 2.59
N GLU A 25 -11.84 9.47 2.57
CA GLU A 25 -12.66 9.41 3.77
C GLU A 25 -12.23 8.20 4.61
N SER A 26 -11.47 7.28 4.01
CA SER A 26 -11.02 6.08 4.69
C SER A 26 -9.51 5.87 4.57
N ILE A 27 -8.94 6.12 3.39
CA ILE A 27 -7.52 5.84 3.16
C ILE A 27 -6.63 6.80 3.93
N GLN A 28 -6.64 8.10 3.62
CA GLN A 28 -5.78 9.03 4.33
C GLN A 28 -6.28 9.25 5.76
N GLY A 29 -7.55 8.91 6.02
CA GLY A 29 -8.09 9.01 7.35
C GLY A 29 -7.43 7.99 8.26
N LEU A 30 -7.48 6.71 7.88
CA LEU A 30 -6.90 5.65 8.69
C LEU A 30 -5.38 5.66 8.60
N SER A 31 -4.83 6.13 7.48
CA SER A 31 -3.38 6.19 7.31
C SER A 31 -2.76 7.16 8.32
N SER A 32 -3.52 8.17 8.75
CA SER A 32 -3.01 9.16 9.68
C SER A 32 -2.73 8.50 11.03
N TRP A 33 -3.52 7.46 11.35
CA TRP A 33 -3.32 6.65 12.53
C TRP A 33 -2.32 5.53 12.24
N CYS A 34 -2.37 4.95 11.04
CA CYS A 34 -1.51 3.84 10.68
C CYS A 34 -0.03 4.21 10.74
N ILE A 35 0.32 5.47 10.48
CA ILE A 35 1.72 5.89 10.57
C ILE A 35 2.16 5.92 12.03
N GLU A 36 1.24 6.09 12.99
CA GLU A 36 1.61 6.08 14.40
C GLU A 36 1.83 4.66 14.90
N ASN A 37 1.29 3.68 14.17
CA ASN A 37 1.47 2.27 14.48
C ASN A 37 2.78 1.75 13.92
N LYS A 38 3.74 2.64 13.61
CA LYS A 38 5.02 2.24 13.02
C LYS A 38 5.77 1.27 13.93
N LYS A 39 5.39 1.21 15.21
CA LYS A 39 5.98 0.31 16.18
C LYS A 39 5.59 -1.14 15.90
N HIS A 40 4.71 -1.35 14.92
CA HIS A 40 4.27 -2.67 14.47
C HIS A 40 4.41 -2.84 12.96
N HIS A 41 5.23 -2.02 12.31
CA HIS A 41 5.34 -2.03 10.86
C HIS A 41 5.80 -3.40 10.33
N SER A 42 6.31 -4.26 11.20
CA SER A 42 6.74 -5.59 10.82
C SER A 42 5.57 -6.52 10.50
N THR A 43 4.34 -6.17 10.92
CA THR A 43 3.17 -7.00 10.63
C THR A 43 2.09 -6.23 9.88
N ILE A 44 2.14 -4.90 9.91
CA ILE A 44 1.16 -4.08 9.21
C ILE A 44 1.15 -4.41 7.73
N VAL A 45 2.34 -4.69 7.18
CA VAL A 45 2.49 -5.05 5.78
C VAL A 45 1.88 -6.42 5.50
N TYR A 46 1.82 -7.30 6.50
CA TYR A 46 1.20 -8.61 6.35
C TYR A 46 -0.32 -8.50 6.43
N HIS A 47 -0.82 -7.55 7.24
CA HIS A 47 -2.24 -7.40 7.47
C HIS A 47 -2.94 -6.89 6.22
N TRP A 48 -2.41 -5.83 5.60
CA TRP A 48 -3.02 -5.26 4.42
C TRP A 48 -2.83 -6.17 3.20
N MET A 49 -1.75 -6.95 3.16
CA MET A 49 -1.39 -7.69 1.95
C MET A 49 -2.32 -8.87 1.70
N LYS A 50 -2.68 -9.63 2.75
CA LYS A 50 -3.47 -10.83 2.58
C LYS A 50 -4.90 -10.53 2.14
N TRP A 51 -5.37 -9.29 2.35
CA TRP A 51 -6.70 -8.89 1.95
C TRP A 51 -6.83 -8.73 0.44
N LEU A 52 -5.70 -8.69 -0.27
CA LEU A 52 -5.71 -8.50 -1.72
C LEU A 52 -6.16 -9.77 -2.42
N ARG A 53 -5.66 -10.93 -1.98
CA ARG A 53 -6.08 -12.21 -2.53
C ARG A 53 -7.54 -12.50 -2.17
N ARG A 54 -7.99 -11.98 -1.02
CA ARG A 54 -9.36 -12.17 -0.54
C ARG A 54 -10.33 -11.29 -1.32
N SER A 55 -9.93 -10.04 -1.62
CA SER A 55 -10.78 -9.08 -2.27
C SER A 55 -10.92 -9.32 -3.75
N ALA A 56 -11.94 -8.69 -4.33
CA ALA A 56 -12.22 -8.69 -5.75
C ALA A 56 -11.24 -7.77 -6.46
N TYR A 57 -11.16 -7.84 -7.80
CA TYR A 57 -10.20 -7.04 -8.56
C TYR A 57 -10.28 -5.54 -8.26
N PRO A 58 -11.46 -4.89 -8.33
CA PRO A 58 -11.53 -3.46 -8.12
C PRO A 58 -11.24 -3.08 -6.66
N HIS A 59 -11.65 -3.93 -5.72
CA HIS A 59 -11.42 -3.67 -4.30
C HIS A 59 -9.97 -3.97 -3.94
N ARG A 60 -9.37 -4.95 -4.62
CA ARG A 60 -7.96 -5.30 -4.46
C ARG A 60 -7.09 -4.15 -4.94
N LEU A 61 -7.49 -3.52 -6.05
CA LEU A 61 -6.78 -2.37 -6.59
C LEU A 61 -6.90 -1.20 -5.61
N ASN A 62 -8.09 -1.02 -5.03
CA ASN A 62 -8.33 0.03 -4.05
C ASN A 62 -7.46 -0.18 -2.81
N LEU A 63 -7.38 -1.41 -2.29
CA LEU A 63 -6.61 -1.65 -1.08
C LEU A 63 -5.13 -1.40 -1.33
N PHE A 64 -4.66 -1.56 -2.57
CA PHE A 64 -3.27 -1.29 -2.90
C PHE A 64 -2.94 0.20 -2.74
N TYR A 65 -3.93 1.09 -2.87
CA TYR A 65 -3.72 2.51 -2.68
C TYR A 65 -3.41 2.83 -1.21
N LEU A 66 -3.88 1.98 -0.28
CA LEU A 66 -3.63 2.21 1.13
C LEU A 66 -2.13 2.15 1.42
N ALA A 67 -1.43 1.26 0.73
CA ALA A 67 0.00 1.08 0.96
C ALA A 67 0.78 2.33 0.60
N ASN A 68 0.50 2.96 -0.54
CA ASN A 68 1.28 4.11 -0.97
C ASN A 68 1.13 5.28 0.02
N ASP A 69 -0.02 5.35 0.68
CA ASP A 69 -0.28 6.38 1.66
C ASP A 69 0.48 6.08 2.96
N VAL A 70 0.38 4.83 3.44
CA VAL A 70 1.05 4.44 4.68
C VAL A 70 2.57 4.54 4.51
N ILE A 71 3.06 4.35 3.28
CA ILE A 71 4.47 4.51 2.97
C ILE A 71 4.90 5.97 2.97
N GLN A 72 4.27 6.80 2.11
CA GLN A 72 4.74 8.15 1.84
C GLN A 72 4.55 9.13 3.00
N ASN A 73 3.66 8.82 3.95
CA ASN A 73 3.44 9.70 5.10
C ASN A 73 4.25 9.28 6.33
N CYS A 74 4.81 8.06 6.33
CA CYS A 74 5.65 7.57 7.42
C CYS A 74 6.75 8.55 7.80
N LYS A 75 7.43 9.12 6.81
CA LYS A 75 8.44 10.14 7.07
C LYS A 75 8.89 10.85 5.78
N ARG A 76 8.06 10.74 4.73
CA ARG A 76 8.28 11.32 3.42
C ARG A 76 9.57 10.87 2.72
N LYS A 77 10.72 11.23 3.28
CA LYS A 77 12.02 10.84 2.75
C LYS A 77 13.11 10.81 3.84
N ASN A 78 12.77 11.13 5.09
CA ASN A 78 13.74 11.17 6.17
C ASN A 78 14.24 9.78 6.52
N ALA A 79 13.32 8.80 6.51
CA ALA A 79 13.67 7.42 6.81
C ALA A 79 12.66 6.49 6.13
N ILE A 80 11.37 6.88 6.17
CA ILE A 80 10.28 6.22 5.47
C ILE A 80 10.33 4.70 5.62
N ILE A 81 10.85 4.22 6.77
CA ILE A 81 11.13 2.81 7.01
C ILE A 81 9.92 1.90 6.76
N PHE A 82 8.70 2.44 6.76
CA PHE A 82 7.53 1.63 6.44
C PHE A 82 7.76 0.94 5.10
N ARG A 83 8.49 1.58 4.18
CA ARG A 83 8.70 1.07 2.84
C ARG A 83 9.45 -0.27 2.85
N GLU A 84 10.34 -0.48 3.82
CA GLU A 84 11.23 -1.63 3.79
C GLU A 84 10.45 -2.92 4.01
N SER A 85 9.46 -2.88 4.89
CA SER A 85 8.65 -4.06 5.18
C SER A 85 7.65 -4.36 4.06
N PHE A 86 7.21 -3.34 3.29
CA PHE A 86 6.29 -3.59 2.19
C PHE A 86 7.05 -4.22 1.03
N ALA A 87 8.32 -3.86 0.83
CA ALA A 87 9.11 -4.38 -0.29
C ALA A 87 9.18 -5.90 -0.25
N ASP A 88 8.83 -6.49 0.88
CA ASP A 88 8.88 -7.94 1.08
C ASP A 88 7.74 -8.65 0.36
N VAL A 89 6.64 -7.96 0.09
CA VAL A 89 5.44 -8.58 -0.46
C VAL A 89 4.75 -7.70 -1.49
N LEU A 90 5.29 -6.51 -1.76
CA LEU A 90 4.70 -5.61 -2.76
C LEU A 90 4.62 -6.28 -4.13
N PRO A 91 5.71 -6.85 -4.67
CA PRO A 91 5.66 -7.47 -5.98
C PRO A 91 4.78 -8.71 -5.96
N GLU A 92 4.89 -9.53 -4.91
CA GLU A 92 4.06 -10.70 -4.75
C GLU A 92 2.57 -10.33 -4.71
N ALA A 93 2.23 -9.22 -4.04
CA ALA A 93 0.86 -8.74 -4.00
C ALA A 93 0.42 -8.22 -5.37
N ALA A 94 1.37 -7.68 -6.14
CA ALA A 94 1.09 -7.13 -7.46
C ALA A 94 0.90 -8.25 -8.50
N ALA A 95 1.23 -9.49 -8.15
CA ALA A 95 1.01 -10.60 -9.07
C ALA A 95 -0.48 -10.92 -9.18
N LEU A 96 -1.30 -10.42 -8.25
CA LEU A 96 -2.73 -10.65 -8.22
C LEU A 96 -3.48 -9.62 -9.06
N VAL A 97 -2.75 -8.86 -9.88
CA VAL A 97 -3.32 -7.79 -10.71
C VAL A 97 -2.64 -7.72 -12.07
N LYS A 98 -2.33 -8.89 -12.66
CA LYS A 98 -1.71 -8.94 -13.98
C LYS A 98 -2.68 -8.52 -15.09
N ASP A 99 -3.99 -8.54 -14.82
CA ASP A 99 -4.97 -8.17 -15.82
C ASP A 99 -4.85 -6.69 -16.19
N PRO A 100 -5.07 -6.33 -17.45
CA PRO A 100 -4.92 -4.96 -17.93
C PRO A 100 -5.96 -4.03 -17.29
N SER A 101 -6.98 -4.60 -16.66
CA SER A 101 -8.02 -3.83 -15.99
C SER A 101 -7.54 -3.32 -14.63
N VAL A 102 -6.36 -3.75 -14.17
CA VAL A 102 -5.82 -3.31 -12.88
C VAL A 102 -4.31 -3.12 -12.92
N SER A 103 -3.60 -3.79 -13.81
CA SER A 103 -2.15 -3.68 -13.88
C SER A 103 -1.73 -2.23 -14.15
N LYS A 104 -2.48 -1.53 -15.02
CA LYS A 104 -2.22 -0.14 -15.33
C LYS A 104 -2.53 0.76 -14.13
N SER A 105 -3.49 0.35 -13.31
CA SER A 105 -3.89 1.11 -12.13
C SER A 105 -2.88 0.98 -11.00
N VAL A 106 -2.06 -0.09 -11.00
CA VAL A 106 -1.02 -0.23 -10.01
C VAL A 106 0.28 0.41 -10.51
N GLU A 107 0.47 0.50 -11.82
CA GLU A 107 1.59 1.29 -12.35
C GLU A 107 1.36 2.76 -11.97
N ARG A 108 0.11 3.12 -11.68
CA ARG A 108 -0.25 4.48 -11.29
C ARG A 108 0.41 4.86 -9.96
N ILE A 109 0.69 3.87 -9.11
CA ILE A 109 1.34 4.10 -7.83
C ILE A 109 2.80 3.64 -7.85
N PHE A 110 3.10 2.60 -8.63
CA PHE A 110 4.49 2.14 -8.76
C PHE A 110 5.31 3.17 -9.53
N LYS A 111 4.67 3.97 -10.38
CA LYS A 111 5.33 5.06 -11.08
C LYS A 111 5.70 6.15 -10.09
N ILE A 112 4.86 6.39 -9.08
CA ILE A 112 5.11 7.47 -8.14
C ILE A 112 6.36 7.16 -7.34
N TRP A 113 6.48 5.93 -6.82
CA TRP A 113 7.58 5.57 -5.94
C TRP A 113 8.94 5.70 -6.62
N GLU A 114 8.96 5.61 -7.96
CA GLU A 114 10.19 5.77 -8.73
C GLU A 114 10.57 7.25 -8.80
N ASP A 115 9.60 8.12 -9.10
CA ASP A 115 9.85 9.55 -9.22
C ASP A 115 10.07 10.18 -7.86
N ARG A 116 9.27 9.77 -6.87
CA ARG A 116 9.34 10.19 -5.49
C ARG A 116 10.51 9.51 -4.77
N ASN A 117 11.23 8.63 -5.48
CA ASN A 117 12.38 7.92 -4.93
C ASN A 117 12.03 7.24 -3.60
N VAL A 118 10.77 6.82 -3.47
CA VAL A 118 10.28 6.13 -2.28
C VAL A 118 10.83 4.71 -2.25
N TYR A 119 11.38 4.25 -3.39
CA TYR A 119 12.07 2.99 -3.53
C TYR A 119 13.19 3.15 -4.56
N PRO A 120 14.28 2.38 -4.43
CA PRO A 120 15.33 2.34 -5.42
C PRO A 120 14.83 1.50 -6.59
N GLU A 121 15.27 1.84 -7.82
CA GLU A 121 14.77 1.18 -9.02
C GLU A 121 15.03 -0.31 -8.97
N GLU A 122 16.11 -0.72 -8.33
CA GLU A 122 16.48 -2.14 -8.22
C GLU A 122 15.36 -2.95 -7.55
N MET A 123 14.60 -2.33 -6.64
CA MET A 123 13.46 -2.99 -6.03
C MET A 123 12.24 -2.88 -6.92
N ILE A 124 12.11 -1.76 -7.64
CA ILE A 124 10.94 -1.52 -8.48
C ILE A 124 10.93 -2.48 -9.68
N VAL A 125 12.09 -3.04 -10.04
CA VAL A 125 12.14 -4.05 -11.10
C VAL A 125 11.23 -5.22 -10.73
N ALA A 126 11.16 -5.57 -9.43
CA ALA A 126 10.31 -6.66 -9.00
C ALA A 126 8.85 -6.22 -9.02
N LEU A 127 8.60 -4.95 -8.69
CA LEU A 127 7.25 -4.39 -8.71
C LEU A 127 6.70 -4.42 -10.14
N ARG A 128 7.51 -4.05 -11.14
CA ARG A 128 7.04 -4.06 -12.51
C ARG A 128 7.07 -5.45 -13.12
N GLU A 129 7.93 -6.34 -12.63
CA GLU A 129 7.92 -7.73 -13.10
C GLU A 129 6.57 -8.33 -12.74
N ALA A 130 6.00 -7.88 -11.62
CA ALA A 130 4.68 -8.28 -11.19
C ALA A 130 3.58 -7.60 -12.00
N LEU A 131 3.85 -6.42 -12.59
CA LEU A 131 2.86 -5.76 -13.42
C LEU A 131 3.09 -6.07 -14.90
N SER A 132 3.95 -5.31 -15.57
CA SER A 132 4.15 -5.44 -17.00
C SER A 132 4.65 -6.83 -17.38
N THR A 133 3.94 -7.48 -18.31
CA THR A 133 4.32 -8.76 -18.89
C THR A 133 4.88 -9.71 -17.84
N SER B 1 -17.88 11.35 -0.17
CA SER B 1 -16.89 10.29 -0.21
C SER B 1 -15.98 10.46 -1.42
N PRO B 2 -15.23 11.57 -1.48
CA PRO B 2 -14.32 11.88 -2.56
C PRO B 2 -13.20 10.84 -2.63
N SEP B 3 -13.03 10.21 -3.79
CA SEP B 3 -12.06 9.12 -3.88
CB SEP B 3 -12.18 8.36 -5.20
OG SEP B 3 -13.51 8.36 -5.66
C SEP B 3 -10.64 9.62 -3.67
O SEP B 3 -10.34 10.81 -3.80
P SEP B 3 -13.99 7.36 -6.83
O1P SEP B 3 -13.03 7.63 -7.93
O2P SEP B 3 -13.85 6.03 -6.21
O3P SEP B 3 -15.38 7.80 -7.08
H SEP B 3 -13.55 10.46 -4.61
HA SEP B 3 -12.30 8.42 -3.10
HB2 SEP B 3 -11.51 8.80 -5.93
HB3 SEP B 3 -11.85 7.33 -5.03
N TYR B 4 -9.74 8.69 -3.34
CA TYR B 4 -8.36 8.98 -3.01
C TYR B 4 -7.51 9.14 -4.27
N SEP B 5 -6.40 9.88 -4.12
CA SEP B 5 -5.45 10.15 -5.20
CB SEP B 5 -5.61 11.60 -5.65
OG SEP B 5 -4.50 12.05 -6.43
C SEP B 5 -4.04 9.85 -4.69
O SEP B 5 -3.48 10.67 -3.95
P SEP B 5 -4.11 11.40 -7.84
O1P SEP B 5 -3.43 10.14 -7.47
O2P SEP B 5 -5.40 11.21 -8.55
O3P SEP B 5 -3.22 12.41 -8.45
H SEP B 5 -6.19 10.28 -3.23
HA SEP B 5 -5.67 9.50 -6.05
HB2 SEP B 5 -6.52 11.70 -6.23
HB3 SEP B 5 -5.68 12.23 -4.77
N PRO B 6 -3.46 8.71 -5.07
CA PRO B 6 -2.09 8.33 -4.74
C PRO B 6 -1.01 9.40 -4.96
N THR B 7 -1.22 10.41 -5.82
CA THR B 7 -0.22 11.46 -5.97
C THR B 7 -0.47 12.64 -5.04
N SER B 8 -1.58 12.60 -4.29
CA SER B 8 -1.96 13.68 -3.39
C SER B 8 -1.47 13.55 -1.93
N PRO B 9 -0.83 12.45 -1.47
CA PRO B 9 -0.32 12.36 -0.11
C PRO B 9 0.98 13.16 0.04
N SEP B 10 0.96 14.40 -0.45
CA SEP B 10 2.06 15.34 -0.40
CB SEP B 10 2.12 15.94 1.01
OG SEP B 10 3.04 17.00 1.09
C SEP B 10 3.40 14.75 -0.89
O SEP B 10 4.45 15.08 -0.37
P SEP B 10 3.22 17.81 2.48
O1P SEP B 10 4.39 18.68 2.21
O2P SEP B 10 3.48 16.73 3.46
O3P SEP B 10 1.93 18.52 2.64
H SEP B 10 0.10 14.72 -0.88
HA SEP B 10 1.82 16.15 -1.08
HB2 SEP B 10 1.13 16.31 1.26
HB3 SEP B 10 2.39 15.16 1.71
N TYR B 11 3.34 13.89 -1.91
CA TYR B 11 4.56 13.44 -2.60
C TYR B 11 4.20 12.90 -3.99
N SER A 5 0.30 -9.77 25.16
CA SER A 5 -0.40 -8.55 25.59
C SER A 5 -0.44 -7.53 24.45
N ALA A 6 0.72 -6.95 24.10
CA ALA A 6 0.81 -5.93 23.06
C ALA A 6 0.35 -6.44 21.70
N GLY A 7 0.34 -7.77 21.51
CA GLY A 7 -0.08 -8.37 20.25
C GLY A 7 -1.58 -8.19 20.01
N ALA A 8 -2.33 -7.73 21.01
CA ALA A 8 -3.75 -7.46 20.86
C ALA A 8 -3.97 -6.23 19.97
N LEU A 9 -2.93 -5.43 19.74
CA LEU A 9 -3.03 -4.23 18.92
C LEU A 9 -3.35 -4.60 17.48
N GLU A 10 -2.89 -5.78 17.03
CA GLU A 10 -3.11 -6.23 15.67
C GLU A 10 -4.59 -6.48 15.40
N SER A 11 -5.40 -6.63 16.46
CA SER A 11 -6.83 -6.81 16.32
C SER A 11 -7.49 -5.51 15.84
N SER A 12 -6.74 -4.40 15.87
CA SER A 12 -7.22 -3.14 15.34
C SER A 12 -6.86 -2.98 13.87
N LEU A 13 -5.80 -3.67 13.40
CA LEU A 13 -5.36 -3.57 12.03
C LEU A 13 -6.29 -4.36 11.12
N ASP A 14 -6.54 -5.63 11.44
CA ASP A 14 -7.46 -6.48 10.68
C ASP A 14 -8.89 -5.97 10.75
N ARG A 15 -9.19 -5.10 11.72
CA ARG A 15 -10.51 -4.51 11.86
C ARG A 15 -10.72 -3.38 10.84
N LYS A 16 -9.61 -2.84 10.29
CA LYS A 16 -9.66 -1.70 9.40
C LYS A 16 -9.22 -2.05 7.98
N PHE A 17 -8.13 -2.81 7.83
CA PHE A 17 -7.63 -3.17 6.50
C PHE A 17 -8.65 -4.03 5.77
N GLN A 18 -9.45 -4.79 6.53
CA GLN A 18 -10.48 -5.66 6.00
C GLN A 18 -11.66 -4.84 5.49
N SER A 19 -11.73 -3.57 5.89
CA SER A 19 -12.83 -2.67 5.62
C SER A 19 -12.49 -1.56 4.61
N VAL A 20 -11.25 -1.54 4.10
CA VAL A 20 -10.80 -0.49 3.18
C VAL A 20 -11.57 -0.55 1.87
N THR A 21 -11.68 0.59 1.18
CA THR A 21 -12.36 0.69 -0.10
C THR A 21 -11.99 1.99 -0.81
N ASN A 22 -12.50 2.12 -2.03
CA ASN A 22 -12.29 3.18 -2.98
C ASN A 22 -12.78 4.55 -2.51
N THR A 23 -12.25 5.07 -1.40
CA THR A 23 -12.52 6.44 -1.00
C THR A 23 -11.39 7.00 -0.15
N MET A 24 -11.16 8.32 -0.27
CA MET A 24 -10.10 9.01 0.42
C MET A 24 -10.33 9.00 1.93
N GLU A 25 -11.57 8.79 2.37
CA GLU A 25 -11.90 8.75 3.79
C GLU A 25 -11.23 7.54 4.42
N SER A 26 -11.27 6.39 3.73
CA SER A 26 -10.66 5.17 4.22
C SER A 26 -9.16 5.18 3.99
N ILE A 27 -8.69 5.87 2.94
CA ILE A 27 -7.28 5.95 2.65
C ILE A 27 -6.59 6.92 3.62
N GLN A 28 -6.94 8.21 3.56
CA GLN A 28 -6.26 9.24 4.31
C GLN A 28 -6.55 9.14 5.80
N GLY A 29 -7.69 8.54 6.17
CA GLY A 29 -8.05 8.39 7.56
C GLY A 29 -7.12 7.41 8.25
N LEU A 30 -6.88 6.25 7.63
CA LEU A 30 -6.04 5.23 8.22
C LEU A 30 -4.57 5.62 8.14
N SER A 31 -4.16 6.37 7.10
CA SER A 31 -2.79 6.80 6.95
C SER A 31 -2.36 7.72 8.09
N SER A 32 -3.30 8.29 8.83
CA SER A 32 -2.97 9.19 9.92
C SER A 32 -2.57 8.43 11.17
N TRP A 33 -3.31 7.35 11.47
CA TRP A 33 -3.08 6.53 12.64
C TRP A 33 -2.08 5.41 12.34
N CYS A 34 -2.07 4.90 11.10
CA CYS A 34 -1.23 3.79 10.74
C CYS A 34 0.26 4.11 10.94
N ILE A 35 0.63 5.38 10.80
CA ILE A 35 2.01 5.80 10.96
C ILE A 35 2.42 5.84 12.43
N GLU A 36 1.45 5.98 13.35
CA GLU A 36 1.80 5.96 14.77
C GLU A 36 2.11 4.53 15.19
N ASN A 37 1.59 3.55 14.43
CA ASN A 37 1.74 2.13 14.71
C ASN A 37 3.09 1.60 14.21
N LYS A 38 4.00 2.49 13.80
CA LYS A 38 5.25 2.10 13.15
C LYS A 38 6.13 1.13 13.96
N LYS A 39 5.77 0.82 15.20
CA LYS A 39 6.51 -0.13 16.02
C LYS A 39 6.26 -1.56 15.57
N HIS A 40 5.18 -1.79 14.82
CA HIS A 40 4.79 -3.09 14.30
C HIS A 40 4.72 -3.08 12.78
N HIS A 41 5.44 -2.15 12.13
CA HIS A 41 5.36 -1.96 10.69
C HIS A 41 5.67 -3.22 9.89
N SER A 42 6.25 -4.24 10.54
CA SER A 42 6.55 -5.51 9.90
C SER A 42 5.30 -6.35 9.70
N THR A 43 4.35 -6.34 10.66
CA THR A 43 3.14 -7.15 10.55
C THR A 43 1.97 -6.32 10.02
N ILE A 44 2.08 -5.00 10.03
CA ILE A 44 1.01 -4.14 9.55
C ILE A 44 0.72 -4.44 8.09
N VAL A 45 1.76 -4.61 7.29
CA VAL A 45 1.63 -4.94 5.88
C VAL A 45 1.11 -6.37 5.71
N TYR A 46 1.44 -7.26 6.63
CA TYR A 46 0.98 -8.65 6.56
C TYR A 46 -0.55 -8.72 6.59
N HIS A 47 -1.22 -7.75 7.22
CA HIS A 47 -2.67 -7.76 7.29
C HIS A 47 -3.25 -7.39 5.94
N TRP A 48 -2.92 -6.19 5.46
CA TRP A 48 -3.41 -5.68 4.19
C TRP A 48 -3.07 -6.65 3.06
N MET A 49 -1.93 -7.35 3.17
CA MET A 49 -1.48 -8.25 2.12
C MET A 49 -2.38 -9.48 2.03
N LYS A 50 -2.84 -9.99 3.18
CA LYS A 50 -3.73 -11.14 3.19
C LYS A 50 -5.17 -10.72 2.84
N TRP A 51 -5.52 -9.46 3.12
CA TRP A 51 -6.84 -8.94 2.79
C TRP A 51 -6.98 -8.67 1.29
N LEU A 52 -5.87 -8.63 0.55
CA LEU A 52 -5.91 -8.43 -0.89
C LEU A 52 -6.50 -9.68 -1.54
N ARG A 53 -5.87 -10.84 -1.33
CA ARG A 53 -6.34 -12.09 -1.90
C ARG A 53 -7.77 -12.39 -1.48
N ARG A 54 -8.15 -12.00 -0.26
CA ARG A 54 -9.51 -12.17 0.24
C ARG A 54 -10.48 -11.32 -0.55
N SER A 55 -10.07 -10.10 -0.90
CA SER A 55 -10.91 -9.16 -1.59
C SER A 55 -11.02 -9.47 -3.07
N ALA A 56 -11.95 -8.78 -3.73
CA ALA A 56 -12.25 -8.92 -5.14
C ALA A 56 -11.09 -8.38 -5.97
N TYR A 57 -10.82 -9.04 -7.10
CA TYR A 57 -9.72 -8.65 -7.99
C TYR A 57 -9.75 -7.17 -8.38
N PRO A 58 -10.91 -6.55 -8.70
CA PRO A 58 -10.94 -5.13 -9.00
C PRO A 58 -10.89 -4.26 -7.73
N HIS A 59 -11.27 -4.82 -6.58
CA HIS A 59 -11.24 -4.09 -5.32
C HIS A 59 -9.81 -3.95 -4.81
N ARG A 60 -8.95 -4.93 -5.11
CA ARG A 60 -7.54 -4.90 -4.73
C ARG A 60 -6.85 -3.66 -5.30
N LEU A 61 -7.43 -3.05 -6.34
CA LEU A 61 -6.87 -1.86 -6.95
C LEU A 61 -6.90 -0.72 -5.94
N ASN A 62 -8.01 -0.56 -5.22
CA ASN A 62 -8.10 0.51 -4.24
C ASN A 62 -7.21 0.21 -3.04
N LEU A 63 -7.10 -1.07 -2.68
CA LEU A 63 -6.34 -1.45 -1.51
C LEU A 63 -4.87 -1.07 -1.68
N PHE A 64 -4.42 -0.98 -2.94
CA PHE A 64 -3.05 -0.60 -3.26
C PHE A 64 -2.81 0.90 -3.11
N TYR A 65 -3.86 1.72 -3.15
CA TYR A 65 -3.69 3.15 -2.99
C TYR A 65 -3.35 3.46 -1.53
N LEU A 66 -3.91 2.69 -0.58
CA LEU A 66 -3.57 2.86 0.82
C LEU A 66 -2.12 2.44 1.07
N ALA A 67 -1.67 1.42 0.35
CA ALA A 67 -0.30 0.94 0.46
C ALA A 67 0.68 1.97 -0.10
N ASN A 68 0.22 2.87 -0.96
CA ASN A 68 1.03 3.98 -1.45
C ASN A 68 1.02 5.13 -0.46
N ASP A 69 -0.15 5.40 0.13
CA ASP A 69 -0.33 6.54 1.01
C ASP A 69 0.40 6.36 2.34
N VAL A 70 0.42 5.14 2.89
CA VAL A 70 1.07 4.88 4.16
C VAL A 70 2.58 5.03 4.03
N ILE A 71 3.15 4.74 2.85
CA ILE A 71 4.57 4.90 2.62
C ILE A 71 4.98 6.36 2.81
N GLN A 72 4.34 7.27 2.07
CA GLN A 72 4.78 8.66 2.05
C GLN A 72 4.42 9.38 3.33
N ASN A 73 3.41 8.90 4.08
CA ASN A 73 3.05 9.50 5.36
C ASN A 73 3.98 9.07 6.50
N CYS A 74 4.71 7.96 6.36
CA CYS A 74 5.76 7.60 7.31
C CYS A 74 6.92 8.60 7.23
N LYS A 75 6.81 9.50 6.26
CA LYS A 75 7.65 10.67 6.02
C LYS A 75 9.06 10.31 5.55
N ARG A 76 9.29 10.60 4.27
CA ARG A 76 10.47 10.28 3.48
C ARG A 76 11.77 10.80 4.09
N LYS A 77 11.67 11.82 4.94
CA LYS A 77 12.83 12.52 5.47
C LYS A 77 12.82 12.50 6.99
N ASN A 78 12.04 11.58 7.57
CA ASN A 78 12.05 11.37 9.01
C ASN A 78 12.39 9.93 9.36
N ALA A 79 11.83 8.96 8.61
CA ALA A 79 12.16 7.56 8.79
C ALA A 79 11.68 6.75 7.59
N ILE A 80 10.44 7.00 7.15
CA ILE A 80 9.78 6.29 6.05
C ILE A 80 9.99 4.78 6.13
N ILE A 81 10.23 4.24 7.33
CA ILE A 81 10.55 2.84 7.49
C ILE A 81 9.44 1.95 6.93
N PHE A 82 8.24 2.50 6.76
CA PHE A 82 7.13 1.74 6.19
C PHE A 82 7.44 1.27 4.77
N ARG A 83 8.42 1.85 4.08
CA ARG A 83 8.76 1.35 2.75
C ARG A 83 9.51 0.03 2.84
N GLU A 84 10.23 -0.21 3.95
CA GLU A 84 11.07 -1.39 4.05
C GLU A 84 10.26 -2.66 4.17
N SER A 85 9.25 -2.70 5.05
CA SER A 85 8.45 -3.90 5.24
C SER A 85 7.47 -4.09 4.08
N PHE A 86 7.15 -3.03 3.35
CA PHE A 86 6.27 -3.15 2.20
C PHE A 86 7.01 -3.80 1.02
N ALA A 87 8.32 -3.55 0.90
CA ALA A 87 9.09 -4.08 -0.22
C ALA A 87 9.11 -5.61 -0.23
N ASP A 88 8.74 -6.22 0.90
CA ASP A 88 8.74 -7.66 1.05
C ASP A 88 7.63 -8.36 0.26
N VAL A 89 6.53 -7.65 -0.03
CA VAL A 89 5.36 -8.28 -0.63
C VAL A 89 4.68 -7.37 -1.64
N LEU A 90 5.21 -6.17 -1.88
CA LEU A 90 4.62 -5.27 -2.85
C LEU A 90 4.56 -5.90 -4.25
N PRO A 91 5.61 -6.57 -4.74
CA PRO A 91 5.59 -7.22 -6.02
C PRO A 91 4.59 -8.38 -6.04
N GLU A 92 4.57 -9.19 -4.99
CA GLU A 92 3.68 -10.33 -4.88
C GLU A 92 2.23 -9.88 -4.77
N ALA A 93 1.98 -8.74 -4.10
CA ALA A 93 0.65 -8.20 -3.97
C ALA A 93 0.10 -7.75 -5.32
N ALA A 94 0.96 -7.20 -6.19
CA ALA A 94 0.52 -6.70 -7.47
C ALA A 94 0.22 -7.82 -8.45
N ALA A 95 0.66 -9.05 -8.15
CA ALA A 95 0.33 -10.20 -8.97
C ALA A 95 -1.15 -10.54 -8.88
N LEU A 96 -1.86 -10.00 -7.88
CA LEU A 96 -3.29 -10.21 -7.70
C LEU A 96 -4.09 -9.18 -8.48
N VAL A 97 -3.40 -8.30 -9.22
CA VAL A 97 -3.97 -7.28 -10.09
C VAL A 97 -3.19 -7.25 -11.39
N LYS A 98 -2.76 -8.43 -11.84
CA LYS A 98 -1.90 -8.62 -12.98
C LYS A 98 -2.63 -8.37 -14.30
N ASP A 99 -3.96 -8.36 -14.27
CA ASP A 99 -4.77 -8.17 -15.45
C ASP A 99 -4.46 -6.80 -16.05
N PRO A 100 -4.16 -6.71 -17.36
CA PRO A 100 -3.88 -5.45 -18.02
C PRO A 100 -5.09 -4.51 -17.92
N SER A 101 -6.25 -5.05 -17.52
CA SER A 101 -7.45 -4.26 -17.34
C SER A 101 -7.32 -3.34 -16.14
N VAL A 102 -6.51 -3.73 -15.13
CA VAL A 102 -6.34 -2.93 -13.92
C VAL A 102 -4.90 -2.49 -13.69
N SER A 103 -3.91 -3.20 -14.27
CA SER A 103 -2.51 -2.86 -14.03
C SER A 103 -2.20 -1.45 -14.53
N LYS A 104 -3.06 -0.90 -15.40
CA LYS A 104 -2.94 0.45 -15.92
C LYS A 104 -3.10 1.49 -14.81
N SER A 105 -3.76 1.12 -13.70
CA SER A 105 -3.89 1.99 -12.54
C SER A 105 -2.92 1.60 -11.43
N VAL A 106 -2.46 0.33 -11.43
CA VAL A 106 -1.52 -0.15 -10.42
C VAL A 106 -0.12 0.39 -10.72
N GLU A 107 0.18 0.59 -12.01
CA GLU A 107 1.44 1.18 -12.43
C GLU A 107 1.55 2.63 -11.97
N ARG A 108 0.43 3.29 -11.66
CA ARG A 108 0.47 4.72 -11.34
C ARG A 108 1.25 4.95 -10.05
N ILE A 109 0.96 4.15 -9.02
CA ILE A 109 1.66 4.25 -7.75
C ILE A 109 3.09 3.75 -7.90
N PHE A 110 3.31 2.76 -8.77
CA PHE A 110 4.64 2.22 -9.00
C PHE A 110 5.51 3.24 -9.72
N LYS A 111 4.92 4.01 -10.65
CA LYS A 111 5.61 5.05 -11.36
C LYS A 111 6.00 6.20 -10.43
N ILE A 112 5.12 6.57 -9.49
CA ILE A 112 5.43 7.66 -8.60
C ILE A 112 6.54 7.26 -7.64
N TRP A 113 6.54 6.01 -7.18
CA TRP A 113 7.60 5.55 -6.29
C TRP A 113 8.94 5.56 -7.02
N GLU A 114 8.91 5.49 -8.35
CA GLU A 114 10.13 5.54 -9.16
C GLU A 114 10.64 6.97 -9.32
N ASP A 115 9.78 7.92 -9.73
CA ASP A 115 10.24 9.29 -9.96
C ASP A 115 10.42 10.02 -8.63
N ARG A 116 9.57 9.74 -7.64
CA ARG A 116 9.79 10.18 -6.27
C ARG A 116 10.91 9.36 -5.64
N ASN A 117 11.44 8.36 -6.36
CA ASN A 117 12.58 7.59 -5.92
C ASN A 117 12.39 7.03 -4.50
N VAL A 118 11.13 6.79 -4.11
CA VAL A 118 10.77 6.28 -2.81
C VAL A 118 11.24 4.82 -2.66
N TYR A 119 11.70 4.24 -3.77
CA TYR A 119 12.33 2.93 -3.82
C TYR A 119 13.48 2.97 -4.82
N PRO A 120 14.57 2.24 -4.55
CA PRO A 120 15.71 2.14 -5.44
C PRO A 120 15.35 1.34 -6.67
N GLU A 121 16.01 1.61 -7.79
CA GLU A 121 15.70 1.01 -9.08
C GLU A 121 15.74 -0.51 -9.03
N GLU A 122 16.62 -1.07 -8.19
CA GLU A 122 16.78 -2.51 -8.05
C GLU A 122 15.49 -3.15 -7.55
N MET A 123 14.71 -2.44 -6.74
CA MET A 123 13.43 -2.96 -6.26
C MET A 123 12.35 -2.75 -7.31
N ILE A 124 12.47 -1.70 -8.13
CA ILE A 124 11.44 -1.40 -9.12
C ILE A 124 11.38 -2.49 -10.19
N VAL A 125 12.46 -3.28 -10.33
CA VAL A 125 12.48 -4.38 -11.28
C VAL A 125 11.39 -5.40 -10.92
N ALA A 126 11.11 -5.56 -9.63
CA ALA A 126 10.08 -6.48 -9.18
C ALA A 126 8.69 -5.89 -9.42
N LEU A 127 8.57 -4.56 -9.31
CA LEU A 127 7.33 -3.87 -9.61
C LEU A 127 7.02 -3.97 -11.10
N ARG A 128 8.06 -3.89 -11.94
CA ARG A 128 7.93 -4.00 -13.37
C ARG A 128 7.53 -5.43 -13.74
N GLU A 129 8.10 -6.42 -13.04
CA GLU A 129 7.77 -7.82 -13.28
C GLU A 129 6.33 -8.12 -12.86
N ALA A 130 5.84 -7.43 -11.83
CA ALA A 130 4.48 -7.62 -11.36
C ALA A 130 3.47 -6.98 -12.31
N LEU A 131 3.85 -5.90 -13.00
CA LEU A 131 2.97 -5.27 -13.99
C LEU A 131 3.02 -6.03 -15.31
N SER A 132 4.22 -6.46 -15.72
CA SER A 132 4.43 -7.13 -16.99
C SER A 132 3.83 -8.54 -16.99
N THR A 133 3.29 -8.95 -18.15
CA THR A 133 2.78 -10.31 -18.33
C THR A 133 3.96 -11.27 -18.37
N SER B 1 -18.58 8.37 -2.56
CA SER B 1 -17.37 7.60 -2.37
C SER B 1 -16.20 8.27 -3.10
N PRO B 2 -15.90 9.54 -2.79
CA PRO B 2 -14.83 10.29 -3.42
C PRO B 2 -13.48 9.73 -3.01
N SEP B 3 -12.49 9.77 -3.92
CA SEP B 3 -11.16 9.27 -3.66
CB SEP B 3 -10.95 7.91 -4.33
OG SEP B 3 -9.66 7.45 -3.99
C SEP B 3 -10.09 10.27 -4.08
O SEP B 3 -10.36 11.21 -4.82
P SEP B 3 -9.11 6.02 -4.49
O1P SEP B 3 -9.45 6.00 -5.92
O2P SEP B 3 -7.67 6.12 -4.19
O3P SEP B 3 -9.86 5.06 -3.65
H SEP B 3 -12.67 10.18 -4.84
HA SEP B 3 -11.05 9.12 -2.58
HB2 SEP B 3 -11.71 7.21 -3.98
HB3 SEP B 3 -11.03 8.02 -5.41
N TYR B 4 -8.86 10.04 -3.60
CA TYR B 4 -7.73 10.92 -3.82
C TYR B 4 -7.03 10.56 -5.15
N SEP B 5 -5.86 11.17 -5.40
CA SEP B 5 -5.02 10.74 -6.51
CB SEP B 5 -4.96 11.80 -7.60
OG SEP B 5 -4.41 11.17 -8.75
C SEP B 5 -3.63 10.39 -5.98
O SEP B 5 -3.14 11.07 -5.08
P SEP B 5 -3.21 11.83 -9.60
O1P SEP B 5 -2.84 10.74 -10.54
O2P SEP B 5 -3.83 13.02 -10.22
O3P SEP B 5 -2.19 12.11 -8.56
H SEP B 5 -5.53 11.92 -4.81
HA SEP B 5 -5.47 9.85 -6.94
HB2 SEP B 5 -5.96 12.17 -7.84
HB3 SEP B 5 -4.33 12.63 -7.27
N PRO B 6 -2.99 9.35 -6.52
CA PRO B 6 -1.69 8.86 -6.07
C PRO B 6 -0.58 9.89 -5.89
N THR B 7 -0.63 11.05 -6.56
CA THR B 7 0.40 12.07 -6.42
C THR B 7 0.00 13.14 -5.40
N SER B 8 -1.24 13.10 -4.90
CA SER B 8 -1.74 14.10 -3.97
C SER B 8 -1.08 14.05 -2.58
N PRO B 9 -0.57 12.92 -2.07
CA PRO B 9 0.14 12.93 -0.81
C PRO B 9 1.50 13.60 -1.00
N SEP B 10 2.02 14.23 0.05
CA SEP B 10 3.26 14.98 -0.04
CB SEP B 10 3.37 15.99 1.11
OG SEP B 10 3.32 15.31 2.34
C SEP B 10 4.49 14.07 -0.06
O SEP B 10 4.43 12.91 0.34
P SEP B 10 3.59 16.08 3.72
O1P SEP B 10 2.51 17.10 3.79
O2P SEP B 10 4.96 16.61 3.54
O3P SEP B 10 3.48 15.00 4.72
H SEP B 10 1.56 14.20 0.95
HA SEP B 10 3.25 15.54 -0.97
HB2 SEP B 10 4.31 16.51 1.02
HB3 SEP B 10 2.54 16.69 1.05
N TYR B 11 5.60 14.63 -0.55
CA TYR B 11 6.87 13.94 -0.68
C TYR B 11 7.98 14.98 -0.76
N SER A 5 -2.70 -14.02 24.75
CA SER A 5 -4.10 -13.61 24.91
C SER A 5 -4.30 -12.18 24.42
N ALA A 6 -3.81 -11.19 25.17
CA ALA A 6 -3.96 -9.78 24.85
C ALA A 6 -3.34 -9.43 23.51
N GLY A 7 -2.42 -10.27 23.02
CA GLY A 7 -1.75 -10.02 21.75
C GLY A 7 -2.73 -10.10 20.58
N ALA A 8 -3.93 -10.64 20.79
CA ALA A 8 -4.96 -10.73 19.76
C ALA A 8 -5.43 -9.34 19.35
N LEU A 9 -5.12 -8.32 20.16
CA LEU A 9 -5.49 -6.94 19.86
C LEU A 9 -4.82 -6.47 18.57
N GLU A 10 -3.76 -7.17 18.15
CA GLU A 10 -3.04 -6.86 16.91
C GLU A 10 -3.98 -6.99 15.71
N SER A 11 -5.06 -7.77 15.87
CA SER A 11 -6.04 -7.96 14.81
C SER A 11 -6.76 -6.66 14.48
N SER A 12 -6.54 -5.61 15.28
CA SER A 12 -7.12 -4.30 15.02
C SER A 12 -6.64 -3.77 13.68
N LEU A 13 -5.44 -4.16 13.26
CA LEU A 13 -4.89 -3.76 11.98
C LEU A 13 -5.63 -4.50 10.87
N ASP A 14 -5.80 -5.82 11.01
CA ASP A 14 -6.44 -6.61 9.97
C ASP A 14 -7.88 -6.16 9.80
N ARG A 15 -8.63 -5.97 10.89
CA ARG A 15 -10.05 -5.66 10.80
C ARG A 15 -10.27 -4.24 10.29
N LYS A 16 -9.39 -3.28 10.65
CA LYS A 16 -9.55 -1.91 10.21
C LYS A 16 -9.02 -1.67 8.80
N PHE A 17 -8.10 -2.50 8.32
CA PHE A 17 -7.61 -2.37 6.95
C PHE A 17 -8.65 -2.91 5.96
N GLN A 18 -9.53 -3.80 6.44
CA GLN A 18 -10.62 -4.30 5.63
C GLN A 18 -11.69 -3.22 5.43
N SER A 19 -11.66 -2.21 6.32
CA SER A 19 -12.60 -1.11 6.30
C SER A 19 -12.27 -0.11 5.18
N VAL A 20 -11.11 -0.28 4.54
CA VAL A 20 -10.62 0.62 3.51
C VAL A 20 -11.47 0.47 2.24
N THR A 21 -11.73 1.59 1.56
CA THR A 21 -12.60 1.65 0.40
C THR A 21 -12.16 2.80 -0.52
N ASN A 22 -12.78 2.84 -1.71
CA ASN A 22 -12.50 3.78 -2.77
C ASN A 22 -12.95 5.21 -2.45
N THR A 23 -12.45 5.79 -1.35
CA THR A 23 -12.75 7.17 -0.99
C THR A 23 -11.64 7.68 -0.08
N MET A 24 -11.28 8.97 -0.19
CA MET A 24 -10.17 9.55 0.55
C MET A 24 -10.45 9.55 2.06
N GLU A 25 -11.72 9.54 2.44
CA GLU A 25 -12.14 9.50 3.83
C GLU A 25 -11.65 8.20 4.45
N SER A 26 -11.85 7.10 3.72
CA SER A 26 -11.49 5.77 4.16
C SER A 26 -9.99 5.51 4.02
N ILE A 27 -9.34 6.11 3.02
CA ILE A 27 -7.90 5.92 2.86
C ILE A 27 -7.13 6.75 3.87
N GLN A 28 -7.35 8.07 3.90
CA GLN A 28 -6.55 8.95 4.75
C GLN A 28 -6.83 8.72 6.23
N GLY A 29 -8.05 8.30 6.56
CA GLY A 29 -8.41 8.05 7.94
C GLY A 29 -7.67 6.84 8.49
N LEU A 30 -7.56 5.77 7.70
CA LEU A 30 -6.85 4.58 8.11
C LEU A 30 -5.34 4.75 7.91
N SER A 31 -4.93 5.50 6.90
CA SER A 31 -3.51 5.68 6.61
C SER A 31 -2.82 6.50 7.69
N SER A 32 -3.53 7.48 8.25
CA SER A 32 -2.96 8.35 9.26
C SER A 32 -2.88 7.63 10.59
N TRP A 33 -3.89 6.83 10.92
CA TRP A 33 -3.91 6.04 12.14
C TRP A 33 -2.93 4.87 12.03
N CYS A 34 -2.67 4.39 10.82
CA CYS A 34 -1.73 3.31 10.59
C CYS A 34 -0.33 3.70 11.07
N ILE A 35 0.02 5.00 10.98
CA ILE A 35 1.31 5.49 11.43
C ILE A 35 1.37 5.56 12.96
N GLU A 36 0.23 5.56 13.65
CA GLU A 36 0.26 5.50 15.11
C GLU A 36 0.81 4.14 15.53
N ASN A 37 0.64 3.14 14.65
CA ASN A 37 0.99 1.75 14.88
C ASN A 37 2.27 1.35 14.13
N LYS A 38 3.05 2.33 13.65
CA LYS A 38 4.28 2.04 12.90
C LYS A 38 5.25 1.13 13.66
N LYS A 39 5.04 0.95 14.96
CA LYS A 39 5.87 0.07 15.78
C LYS A 39 5.69 -1.39 15.35
N HIS A 40 4.61 -1.70 14.64
CA HIS A 40 4.30 -3.02 14.14
C HIS A 40 4.28 -3.00 12.61
N HIS A 41 5.07 -2.14 11.97
CA HIS A 41 5.08 -2.04 10.52
C HIS A 41 5.44 -3.38 9.86
N SER A 42 5.97 -4.32 10.65
CA SER A 42 6.28 -5.65 10.16
C SER A 42 5.01 -6.46 9.90
N THR A 43 4.01 -6.37 10.80
CA THR A 43 2.76 -7.09 10.60
C THR A 43 1.82 -6.32 9.68
N ILE A 44 1.89 -4.99 9.73
CA ILE A 44 0.97 -4.15 8.99
C ILE A 44 1.03 -4.48 7.50
N VAL A 45 2.22 -4.76 6.98
CA VAL A 45 2.34 -5.15 5.58
C VAL A 45 1.70 -6.53 5.36
N TYR A 46 1.79 -7.42 6.36
CA TYR A 46 1.20 -8.74 6.26
C TYR A 46 -0.32 -8.67 6.39
N HIS A 47 -0.83 -7.72 7.20
CA HIS A 47 -2.26 -7.59 7.42
C HIS A 47 -2.92 -6.97 6.20
N TRP A 48 -2.34 -5.88 5.68
CA TRP A 48 -2.87 -5.19 4.51
C TRP A 48 -2.73 -6.07 3.27
N MET A 49 -1.67 -6.87 3.19
CA MET A 49 -1.40 -7.67 1.99
C MET A 49 -2.44 -8.76 1.78
N LYS A 50 -2.80 -9.47 2.84
CA LYS A 50 -3.73 -10.59 2.71
C LYS A 50 -5.12 -10.09 2.34
N TRP A 51 -5.39 -8.79 2.47
CA TRP A 51 -6.67 -8.24 2.07
C TRP A 51 -6.81 -8.13 0.55
N LEU A 52 -5.71 -8.22 -0.20
CA LEU A 52 -5.81 -8.18 -1.65
C LEU A 52 -6.39 -9.50 -2.13
N ARG A 53 -5.89 -10.60 -1.60
CA ARG A 53 -6.39 -11.92 -1.92
C ARG A 53 -7.79 -12.13 -1.36
N ARG A 54 -8.11 -11.51 -0.22
CA ARG A 54 -9.44 -11.59 0.38
C ARG A 54 -10.45 -10.71 -0.35
N SER A 55 -10.01 -9.56 -0.90
CA SER A 55 -10.89 -8.64 -1.60
C SER A 55 -11.10 -9.02 -3.06
N ALA A 56 -11.99 -8.28 -3.70
CA ALA A 56 -12.32 -8.40 -5.11
C ALA A 56 -11.16 -7.90 -5.97
N TYR A 57 -11.18 -8.25 -7.26
CA TYR A 57 -10.08 -7.94 -8.16
C TYR A 57 -9.86 -6.44 -8.37
N PRO A 58 -10.90 -5.60 -8.46
CA PRO A 58 -10.70 -4.16 -8.55
C PRO A 58 -10.48 -3.51 -7.18
N HIS A 59 -11.06 -4.07 -6.11
CA HIS A 59 -10.98 -3.47 -4.79
C HIS A 59 -9.61 -3.69 -4.17
N ARG A 60 -8.94 -4.80 -4.50
CA ARG A 60 -7.58 -5.06 -4.02
C ARG A 60 -6.59 -4.04 -4.60
N LEU A 61 -6.89 -3.49 -5.78
CA LEU A 61 -6.06 -2.47 -6.38
C LEU A 61 -6.26 -1.17 -5.61
N ASN A 62 -7.53 -0.90 -5.26
CA ASN A 62 -7.90 0.26 -4.47
C ASN A 62 -7.22 0.19 -3.08
N LEU A 63 -6.98 -1.02 -2.56
CA LEU A 63 -6.24 -1.16 -1.31
C LEU A 63 -4.76 -0.84 -1.50
N PHE A 64 -4.28 -0.82 -2.75
CA PHE A 64 -2.88 -0.50 -3.01
C PHE A 64 -2.64 1.00 -2.95
N TYR A 65 -3.68 1.82 -3.17
CA TYR A 65 -3.53 3.26 -3.09
C TYR A 65 -3.19 3.67 -1.66
N LEU A 66 -3.63 2.87 -0.69
CA LEU A 66 -3.34 3.10 0.72
C LEU A 66 -1.86 2.89 1.02
N ALA A 67 -1.22 1.93 0.36
CA ALA A 67 0.18 1.63 0.62
C ALA A 67 1.06 2.82 0.30
N ASN A 68 0.79 3.51 -0.82
CA ASN A 68 1.54 4.69 -1.22
C ASN A 68 1.36 5.82 -0.22
N ASP A 69 0.19 5.88 0.41
CA ASP A 69 -0.11 6.92 1.38
C ASP A 69 0.62 6.65 2.70
N VAL A 70 0.59 5.40 3.16
CA VAL A 70 1.24 5.03 4.42
C VAL A 70 2.75 5.23 4.32
N ILE A 71 3.32 5.12 3.12
CA ILE A 71 4.74 5.35 2.92
C ILE A 71 5.07 6.82 3.17
N GLN A 72 4.20 7.74 2.73
CA GLN A 72 4.43 9.16 2.91
C GLN A 72 4.10 9.57 4.35
N ASN A 73 2.99 9.06 4.90
CA ASN A 73 2.53 9.48 6.22
C ASN A 73 3.58 9.15 7.27
N CYS A 74 4.41 8.12 7.00
CA CYS A 74 5.49 7.73 7.89
C CYS A 74 6.42 8.90 8.17
N LYS A 75 7.22 9.31 7.17
CA LYS A 75 8.14 10.44 7.32
C LYS A 75 8.49 11.10 5.98
N ARG A 76 8.31 10.39 4.87
CA ARG A 76 8.59 10.84 3.50
C ARG A 76 10.06 11.23 3.22
N LYS A 77 10.78 11.77 4.20
CA LYS A 77 12.12 12.31 3.96
C LYS A 77 13.03 12.10 5.18
N ASN A 78 12.68 11.14 6.02
CA ASN A 78 13.52 10.76 7.15
C ASN A 78 13.71 9.23 7.12
N ALA A 79 13.52 8.56 8.27
CA ALA A 79 13.74 7.13 8.35
C ALA A 79 12.87 6.36 7.37
N ILE A 80 11.62 6.81 7.18
CA ILE A 80 10.66 6.25 6.22
C ILE A 80 10.66 4.71 6.24
N ILE A 81 10.96 4.13 7.41
CA ILE A 81 11.14 2.70 7.56
C ILE A 81 9.95 1.89 7.07
N PHE A 82 8.76 2.51 6.99
CA PHE A 82 7.58 1.80 6.54
C PHE A 82 7.80 1.24 5.14
N ARG A 83 8.69 1.85 4.36
CA ARG A 83 8.90 1.44 2.98
C ARG A 83 9.66 0.13 2.91
N GLU A 84 10.47 -0.16 3.93
CA GLU A 84 11.34 -1.32 3.88
C GLU A 84 10.52 -2.61 3.95
N SER A 85 9.50 -2.62 4.80
CA SER A 85 8.65 -3.80 4.94
C SER A 85 7.70 -3.95 3.76
N PHE A 86 7.29 -2.86 3.12
CA PHE A 86 6.38 -2.96 1.97
C PHE A 86 7.10 -3.68 0.83
N ALA A 87 8.40 -3.38 0.64
CA ALA A 87 9.18 -3.97 -0.44
C ALA A 87 9.26 -5.50 -0.33
N ASP A 88 8.91 -6.06 0.83
CA ASP A 88 9.02 -7.49 1.04
C ASP A 88 7.99 -8.29 0.26
N VAL A 89 6.85 -7.68 -0.09
CA VAL A 89 5.75 -8.39 -0.73
C VAL A 89 5.02 -7.50 -1.73
N LEU A 90 5.54 -6.29 -1.97
CA LEU A 90 4.91 -5.33 -2.88
C LEU A 90 4.69 -5.96 -4.26
N PRO A 91 5.71 -6.61 -4.84
CA PRO A 91 5.58 -7.29 -6.12
C PRO A 91 4.54 -8.42 -6.07
N GLU A 92 4.60 -9.24 -5.02
CA GLU A 92 3.70 -10.37 -4.85
C GLU A 92 2.26 -9.90 -4.68
N ALA A 93 2.01 -8.83 -3.92
CA ALA A 93 0.66 -8.34 -3.73
C ALA A 93 0.12 -7.76 -5.03
N ALA A 94 0.99 -7.15 -5.83
CA ALA A 94 0.59 -6.57 -7.11
C ALA A 94 0.38 -7.65 -8.17
N ALA A 95 0.84 -8.88 -7.92
CA ALA A 95 0.61 -9.98 -8.85
C ALA A 95 -0.86 -10.37 -8.89
N LEU A 96 -1.66 -9.90 -7.93
CA LEU A 96 -3.08 -10.19 -7.86
C LEU A 96 -3.89 -9.27 -8.77
N VAL A 97 -3.24 -8.40 -9.55
CA VAL A 97 -3.92 -7.46 -10.43
C VAL A 97 -3.23 -7.32 -11.79
N LYS A 98 -2.65 -8.41 -12.29
CA LYS A 98 -1.95 -8.39 -13.57
C LYS A 98 -2.91 -8.30 -14.77
N ASP A 99 -4.22 -8.23 -14.55
CA ASP A 99 -5.17 -8.09 -15.63
C ASP A 99 -4.93 -6.77 -16.36
N PRO A 100 -5.07 -6.73 -17.70
CA PRO A 100 -4.83 -5.51 -18.47
C PRO A 100 -5.77 -4.38 -18.08
N SER A 101 -6.88 -4.67 -17.38
CA SER A 101 -7.83 -3.66 -16.97
C SER A 101 -7.41 -2.95 -15.68
N VAL A 102 -6.52 -3.55 -14.87
CA VAL A 102 -6.12 -2.93 -13.61
C VAL A 102 -4.61 -2.92 -13.39
N SER A 103 -3.84 -3.66 -14.20
CA SER A 103 -2.39 -3.61 -14.11
C SER A 103 -1.90 -2.23 -14.50
N LYS A 104 -2.69 -1.51 -15.31
CA LYS A 104 -2.40 -0.12 -15.65
C LYS A 104 -2.67 0.79 -14.46
N SER A 105 -3.51 0.33 -13.52
CA SER A 105 -3.87 1.09 -12.34
C SER A 105 -2.85 0.89 -11.21
N VAL A 106 -2.00 -0.14 -11.31
CA VAL A 106 -0.90 -0.30 -10.39
C VAL A 106 0.14 0.77 -10.70
N GLU A 107 0.31 1.08 -11.99
CA GLU A 107 1.20 2.13 -12.43
C GLU A 107 0.76 3.50 -11.92
N ARG A 108 -0.48 3.62 -11.44
CA ARG A 108 -0.97 4.87 -10.91
C ARG A 108 -0.15 5.29 -9.69
N ILE A 109 0.55 4.31 -9.08
CA ILE A 109 1.40 4.58 -7.93
C ILE A 109 2.79 3.98 -8.10
N PHE A 110 2.93 2.86 -8.81
CA PHE A 110 4.26 2.28 -9.04
C PHE A 110 5.11 3.23 -9.87
N LYS A 111 4.48 3.98 -10.79
CA LYS A 111 5.21 4.93 -11.62
C LYS A 111 5.60 6.15 -10.79
N ILE A 112 4.89 6.42 -9.69
CA ILE A 112 5.24 7.54 -8.84
C ILE A 112 6.50 7.18 -8.07
N TRP A 113 6.53 6.00 -7.45
CA TRP A 113 7.69 5.60 -6.67
C TRP A 113 8.94 5.52 -7.54
N GLU A 114 8.75 5.32 -8.85
CA GLU A 114 9.83 5.27 -9.82
C GLU A 114 10.36 6.67 -10.12
N ASP A 115 9.47 7.65 -10.33
CA ASP A 115 9.83 9.04 -10.61
C ASP A 115 10.29 9.73 -9.32
N ARG A 116 9.50 9.60 -8.26
CA ARG A 116 9.81 10.11 -6.93
C ARG A 116 10.97 9.32 -6.33
N ASN A 117 11.41 8.25 -7.00
CA ASN A 117 12.56 7.48 -6.56
C ASN A 117 12.45 7.04 -5.10
N VAL A 118 11.21 6.80 -4.63
CA VAL A 118 10.94 6.41 -3.26
C VAL A 118 11.50 5.01 -2.98
N TYR A 119 11.90 4.31 -4.05
CA TYR A 119 12.56 3.02 -3.98
C TYR A 119 13.70 3.00 -5.00
N PRO A 120 14.80 2.31 -4.68
CA PRO A 120 15.94 2.15 -5.56
C PRO A 120 15.58 1.22 -6.71
N GLU A 121 16.27 1.36 -7.85
CA GLU A 121 15.95 0.61 -9.06
C GLU A 121 16.02 -0.90 -8.83
N GLU A 122 16.87 -1.33 -7.90
CA GLU A 122 17.02 -2.73 -7.59
C GLU A 122 15.71 -3.33 -7.07
N MET A 123 14.79 -2.49 -6.58
CA MET A 123 13.47 -2.94 -6.18
C MET A 123 12.47 -2.79 -7.33
N ILE A 124 12.63 -1.77 -8.18
CA ILE A 124 11.64 -1.47 -9.20
C ILE A 124 11.56 -2.57 -10.25
N VAL A 125 12.64 -3.35 -10.42
CA VAL A 125 12.61 -4.45 -11.37
C VAL A 125 11.58 -5.50 -10.95
N ALA A 126 11.26 -5.57 -9.66
CA ALA A 126 10.23 -6.47 -9.16
C ALA A 126 8.83 -5.87 -9.37
N LEU A 127 8.72 -4.54 -9.31
CA LEU A 127 7.46 -3.86 -9.58
C LEU A 127 7.11 -4.10 -11.05
N ARG A 128 8.10 -4.06 -11.93
CA ARG A 128 7.94 -4.32 -13.35
C ARG A 128 7.52 -5.77 -13.57
N GLU A 129 8.10 -6.70 -12.79
CA GLU A 129 7.74 -8.11 -12.90
C GLU A 129 6.31 -8.34 -12.42
N ALA A 130 5.85 -7.51 -11.48
CA ALA A 130 4.48 -7.57 -11.02
C ALA A 130 3.54 -6.94 -12.04
N LEU A 131 4.00 -5.95 -12.80
CA LEU A 131 3.21 -5.32 -13.85
C LEU A 131 3.09 -6.21 -15.08
N SER A 132 4.15 -6.94 -15.41
CA SER A 132 4.16 -7.85 -16.54
C SER A 132 5.02 -9.07 -16.23
N THR A 133 4.60 -10.24 -16.74
CA THR A 133 5.21 -11.54 -16.46
C THR A 133 5.39 -11.73 -14.96
N SER B 1 -18.25 9.60 -2.98
CA SER B 1 -17.10 8.76 -2.66
C SER B 1 -15.85 9.29 -3.37
N PRO B 2 -15.44 10.53 -3.07
CA PRO B 2 -14.28 11.15 -3.67
C PRO B 2 -13.02 10.48 -3.15
N SEP B 3 -12.03 10.24 -4.04
CA SEP B 3 -10.79 9.59 -3.65
CB SEP B 3 -10.61 8.27 -4.39
OG SEP B 3 -9.37 7.73 -3.98
C SEP B 3 -9.60 10.52 -3.84
O SEP B 3 -9.66 11.49 -4.60
P SEP B 3 -8.92 6.25 -4.38
O1P SEP B 3 -9.18 6.17 -5.83
O2P SEP B 3 -7.48 6.23 -4.01
O3P SEP B 3 -9.79 5.40 -3.54
H SEP B 3 -12.14 10.51 -5.00
HA SEP B 3 -10.84 9.36 -2.58
HB2 SEP B 3 -11.42 7.58 -4.11
HB3 SEP B 3 -10.61 8.43 -5.46
N TYR B 4 -8.51 10.21 -3.14
CA TYR B 4 -7.30 11.01 -3.13
C TYR B 4 -6.40 10.67 -4.31
N SEP B 5 -5.56 11.62 -4.73
CA SEP B 5 -4.66 11.39 -5.84
CB SEP B 5 -4.61 12.59 -6.78
OG SEP B 5 -3.65 12.28 -7.76
C SEP B 5 -3.27 11.04 -5.33
O SEP B 5 -2.63 11.87 -4.68
P SEP B 5 -3.49 13.17 -9.10
O1P SEP B 5 -4.73 12.87 -9.84
O2P SEP B 5 -3.36 14.55 -8.60
O3P SEP B 5 -2.26 12.58 -9.69
H SEP B 5 -5.54 12.51 -4.27
HA SEP B 5 -5.04 10.55 -6.43
HB2 SEP B 5 -5.59 12.73 -7.24
HB3 SEP B 5 -4.32 13.48 -6.22
N PRO B 6 -2.77 9.83 -5.61
CA PRO B 6 -1.47 9.35 -5.19
C PRO B 6 -0.27 10.23 -5.54
N THR B 7 -0.41 11.22 -6.44
CA THR B 7 0.70 12.12 -6.75
C THR B 7 0.66 13.38 -5.90
N SER B 8 -0.40 13.57 -5.12
CA SER B 8 -0.57 14.75 -4.28
C SER B 8 0.03 14.64 -2.87
N PRO B 9 0.39 13.46 -2.34
CA PRO B 9 0.88 13.35 -0.98
C PRO B 9 2.36 13.76 -0.90
N SEP B 10 2.61 15.07 -0.81
CA SEP B 10 3.91 15.67 -0.56
CB SEP B 10 4.33 15.32 0.86
OG SEP B 10 5.50 16.00 1.26
C SEP B 10 5.01 15.37 -1.60
O SEP B 10 5.96 16.15 -1.71
P SEP B 10 6.03 15.94 2.77
O1P SEP B 10 5.09 16.82 3.52
O2P SEP B 10 7.41 16.45 2.67
O3P SEP B 10 5.93 14.50 3.11
H SEP B 10 1.83 15.71 -0.93
HA SEP B 10 3.77 16.76 -0.57
HB2 SEP B 10 3.53 15.57 1.54
HB3 SEP B 10 4.52 14.24 0.92
N TYR B 11 4.91 14.27 -2.36
CA TYR B 11 5.94 13.88 -3.31
C TYR B 11 5.35 13.27 -4.57
N SER A 5 -2.78 -13.74 23.89
CA SER A 5 -3.49 -12.62 24.53
C SER A 5 -3.20 -11.31 23.80
N ALA A 6 -1.98 -10.76 23.94
CA ALA A 6 -1.60 -9.50 23.34
C ALA A 6 -1.69 -9.53 21.81
N GLY A 7 -1.71 -10.73 21.22
CA GLY A 7 -1.80 -10.87 19.77
C GLY A 7 -3.16 -10.44 19.25
N ALA A 8 -4.15 -10.27 20.13
CA ALA A 8 -5.48 -9.87 19.71
C ALA A 8 -5.50 -8.42 19.23
N LEU A 9 -4.47 -7.63 19.58
CA LEU A 9 -4.39 -6.24 19.15
C LEU A 9 -4.12 -6.15 17.65
N GLU A 10 -3.64 -7.24 17.04
CA GLU A 10 -3.40 -7.26 15.60
C GLU A 10 -4.72 -7.12 14.84
N SER A 11 -5.84 -7.46 15.49
CA SER A 11 -7.15 -7.36 14.87
C SER A 11 -7.56 -5.92 14.67
N SER A 12 -6.92 -4.98 15.37
CA SER A 12 -7.24 -3.56 15.26
C SER A 12 -6.82 -3.04 13.87
N LEU A 13 -5.78 -3.66 13.29
CA LEU A 13 -5.30 -3.28 11.97
C LEU A 13 -6.16 -3.97 10.91
N ASP A 14 -6.48 -5.25 11.09
CA ASP A 14 -7.30 -5.98 10.13
C ASP A 14 -8.73 -5.48 10.06
N ARG A 15 -9.30 -5.06 11.20
CA ARG A 15 -10.68 -4.58 11.21
C ARG A 15 -10.81 -3.35 10.32
N LYS A 16 -9.74 -2.56 10.22
CA LYS A 16 -9.73 -1.34 9.43
C LYS A 16 -9.28 -1.59 7.99
N PHE A 17 -8.28 -2.46 7.80
CA PHE A 17 -7.75 -2.74 6.46
C PHE A 17 -8.74 -3.52 5.61
N GLN A 18 -9.56 -4.37 6.23
CA GLN A 18 -10.58 -5.11 5.49
C GLN A 18 -11.75 -4.21 5.12
N SER A 19 -11.98 -3.15 5.90
CA SER A 19 -13.09 -2.23 5.71
C SER A 19 -12.78 -1.09 4.75
N VAL A 20 -11.61 -1.11 4.09
CA VAL A 20 -11.17 -0.02 3.23
C VAL A 20 -12.10 0.19 2.04
N THR A 21 -12.31 1.46 1.67
CA THR A 21 -13.08 1.85 0.51
C THR A 21 -12.29 2.84 -0.32
N ASN A 22 -12.64 2.95 -1.60
CA ASN A 22 -11.96 3.74 -2.59
C ASN A 22 -12.18 5.24 -2.38
N THR A 23 -11.78 5.78 -1.21
CA THR A 23 -11.96 7.19 -0.91
C THR A 23 -11.04 7.62 0.23
N MET A 24 -10.68 8.91 0.23
CA MET A 24 -9.81 9.49 1.24
C MET A 24 -10.46 9.42 2.62
N GLU A 25 -11.79 9.26 2.66
CA GLU A 25 -12.54 9.16 3.90
C GLU A 25 -12.13 7.91 4.66
N SER A 26 -11.60 6.92 3.94
CA SER A 26 -11.13 5.68 4.53
C SER A 26 -9.60 5.58 4.42
N ILE A 27 -9.05 5.95 3.27
CA ILE A 27 -7.64 5.79 2.99
C ILE A 27 -6.80 6.74 3.84
N GLN A 28 -7.00 8.06 3.70
CA GLN A 28 -6.20 9.03 4.46
C GLN A 28 -6.60 9.02 5.92
N GLY A 29 -7.82 8.56 6.22
CA GLY A 29 -8.33 8.53 7.58
C GLY A 29 -7.55 7.57 8.45
N LEU A 30 -7.56 6.27 8.11
CA LEU A 30 -6.91 5.27 8.94
C LEU A 30 -5.39 5.31 8.77
N SER A 31 -4.89 5.88 7.66
CA SER A 31 -3.45 5.93 7.44
C SER A 31 -2.78 6.88 8.42
N SER A 32 -3.51 7.88 8.92
CA SER A 32 -2.95 8.83 9.85
C SER A 32 -2.66 8.17 11.19
N TRP A 33 -3.56 7.29 11.63
CA TRP A 33 -3.37 6.52 12.84
C TRP A 33 -2.40 5.37 12.60
N CYS A 34 -2.44 4.77 11.41
CA CYS A 34 -1.59 3.64 11.08
C CYS A 34 -0.12 4.04 11.11
N ILE A 35 0.18 5.30 10.81
CA ILE A 35 1.54 5.79 10.83
C ILE A 35 2.08 5.93 12.26
N GLU A 36 1.20 6.04 13.27
CA GLU A 36 1.67 6.08 14.64
C GLU A 36 2.02 4.68 15.12
N ASN A 37 1.46 3.67 14.45
CA ASN A 37 1.77 2.27 14.71
C ASN A 37 3.05 1.86 14.00
N LYS A 38 3.98 2.80 13.77
CA LYS A 38 5.21 2.52 13.05
C LYS A 38 6.07 1.48 13.77
N LYS A 39 5.82 1.27 15.07
CA LYS A 39 6.51 0.26 15.85
C LYS A 39 6.00 -1.14 15.50
N HIS A 40 4.99 -1.20 14.62
CA HIS A 40 4.40 -2.43 14.12
C HIS A 40 4.50 -2.51 12.60
N HIS A 41 5.37 -1.70 11.99
CA HIS A 41 5.45 -1.60 10.54
C HIS A 41 5.78 -2.93 9.87
N SER A 42 6.26 -3.92 10.64
CA SER A 42 6.55 -5.24 10.10
C SER A 42 5.28 -6.07 9.95
N THR A 43 4.45 -6.11 10.99
CA THR A 43 3.23 -6.93 10.97
C THR A 43 2.11 -6.24 10.19
N ILE A 44 2.14 -4.90 10.12
CA ILE A 44 1.11 -4.14 9.41
C ILE A 44 1.03 -4.57 7.95
N VAL A 45 2.19 -4.79 7.32
CA VAL A 45 2.24 -5.27 5.96
C VAL A 45 1.52 -6.60 5.83
N TYR A 46 1.77 -7.52 6.76
CA TYR A 46 1.19 -8.86 6.70
C TYR A 46 -0.33 -8.80 6.85
N HIS A 47 -0.85 -7.79 7.55
CA HIS A 47 -2.27 -7.67 7.78
C HIS A 47 -2.97 -7.23 6.50
N TRP A 48 -2.42 -6.19 5.85
CA TRP A 48 -2.98 -5.63 4.64
C TRP A 48 -2.80 -6.54 3.43
N MET A 49 -1.71 -7.33 3.39
CA MET A 49 -1.35 -8.07 2.20
C MET A 49 -2.38 -9.13 1.85
N LYS A 50 -2.77 -9.93 2.85
CA LYS A 50 -3.69 -11.05 2.66
C LYS A 50 -5.09 -10.60 2.27
N TRP A 51 -5.46 -9.34 2.51
CA TRP A 51 -6.78 -8.84 2.14
C TRP A 51 -6.91 -8.60 0.64
N LEU A 52 -5.80 -8.58 -0.09
CA LEU A 52 -5.82 -8.35 -1.53
C LEU A 52 -6.34 -9.59 -2.24
N ARG A 53 -5.65 -10.71 -2.03
CA ARG A 53 -6.09 -12.01 -2.54
C ARG A 53 -7.51 -12.35 -2.06
N ARG A 54 -7.93 -11.80 -0.92
CA ARG A 54 -9.26 -12.04 -0.39
C ARG A 54 -10.32 -11.21 -1.12
N SER A 55 -9.93 -10.03 -1.62
CA SER A 55 -10.83 -9.08 -2.24
C SER A 55 -10.99 -9.35 -3.74
N ALA A 56 -11.88 -8.57 -4.35
CA ALA A 56 -12.11 -8.56 -5.79
C ALA A 56 -11.03 -7.73 -6.48
N TYR A 57 -10.92 -7.82 -7.80
CA TYR A 57 -9.90 -7.11 -8.56
C TYR A 57 -9.87 -5.61 -8.26
N PRO A 58 -10.99 -4.88 -8.38
CA PRO A 58 -11.00 -3.44 -8.17
C PRO A 58 -10.82 -3.08 -6.69
N HIS A 59 -11.31 -3.92 -5.79
CA HIS A 59 -11.17 -3.67 -4.36
C HIS A 59 -9.73 -3.96 -3.92
N ARG A 60 -9.11 -4.95 -4.56
CA ARG A 60 -7.71 -5.30 -4.33
C ARG A 60 -6.81 -4.19 -4.87
N LEU A 61 -7.26 -3.48 -5.92
CA LEU A 61 -6.55 -2.33 -6.43
C LEU A 61 -6.68 -1.17 -5.45
N ASN A 62 -7.89 -0.98 -4.94
CA ASN A 62 -8.19 0.05 -3.96
C ASN A 62 -7.37 -0.15 -2.69
N LEU A 63 -7.12 -1.41 -2.29
CA LEU A 63 -6.31 -1.69 -1.12
C LEU A 63 -4.85 -1.30 -1.36
N PHE A 64 -4.41 -1.19 -2.62
CA PHE A 64 -3.06 -0.77 -2.91
C PHE A 64 -2.88 0.73 -2.75
N TYR A 65 -3.96 1.51 -2.90
CA TYR A 65 -3.91 2.94 -2.67
C TYR A 65 -3.60 3.19 -1.20
N LEU A 66 -4.09 2.32 -0.32
CA LEU A 66 -3.81 2.44 1.10
C LEU A 66 -2.33 2.20 1.37
N ALA A 67 -1.71 1.25 0.66
CA ALA A 67 -0.30 0.95 0.85
C ALA A 67 0.53 2.15 0.41
N ASN A 68 0.19 2.72 -0.75
CA ASN A 68 0.87 3.89 -1.29
C ASN A 68 0.78 5.05 -0.31
N ASP A 69 -0.37 5.23 0.32
CA ASP A 69 -0.58 6.34 1.24
C ASP A 69 0.24 6.17 2.51
N VAL A 70 0.15 5.01 3.17
CA VAL A 70 0.87 4.80 4.42
C VAL A 70 2.38 4.80 4.17
N ILE A 71 2.82 4.45 2.96
CA ILE A 71 4.22 4.58 2.59
C ILE A 71 4.63 6.05 2.56
N GLN A 72 3.81 6.91 1.95
CA GLN A 72 4.12 8.32 1.81
C GLN A 72 3.91 9.08 3.13
N ASN A 73 2.89 8.71 3.91
CA ASN A 73 2.58 9.42 5.15
C ASN A 73 3.66 9.20 6.22
N CYS A 74 4.49 8.16 6.07
CA CYS A 74 5.54 7.89 7.03
C CYS A 74 6.45 9.10 7.13
N LYS A 75 7.00 9.53 6.00
CA LYS A 75 7.71 10.80 5.83
C LYS A 75 8.21 10.90 4.39
N ARG A 76 8.90 11.99 4.05
CA ARG A 76 9.53 12.14 2.74
C ARG A 76 10.54 11.03 2.52
N LYS A 77 11.68 11.10 3.22
CA LYS A 77 12.71 10.05 3.14
C LYS A 77 13.63 10.11 4.36
N ASN A 78 13.18 10.78 5.43
CA ASN A 78 13.97 10.95 6.65
C ASN A 78 14.23 9.59 7.31
N ALA A 79 13.37 8.62 7.02
CA ALA A 79 13.55 7.24 7.43
C ALA A 79 12.68 6.36 6.53
N ILE A 80 11.40 6.75 6.39
CA ILE A 80 10.41 6.10 5.53
C ILE A 80 10.47 4.57 5.66
N ILE A 81 10.89 4.07 6.83
CA ILE A 81 11.16 2.66 7.05
C ILE A 81 9.97 1.77 6.71
N PHE A 82 8.75 2.33 6.68
CA PHE A 82 7.58 1.55 6.28
C PHE A 82 7.83 0.90 4.92
N ARG A 83 8.60 1.55 4.03
CA ARG A 83 8.85 1.02 2.71
C ARG A 83 9.56 -0.33 2.77
N GLU A 84 10.36 -0.56 3.81
CA GLU A 84 11.26 -1.70 3.84
C GLU A 84 10.49 -3.00 4.12
N SER A 85 9.49 -2.93 5.00
CA SER A 85 8.67 -4.10 5.29
C SER A 85 7.67 -4.35 4.16
N PHE A 86 7.24 -3.30 3.44
CA PHE A 86 6.32 -3.49 2.33
C PHE A 86 7.02 -4.24 1.19
N ALA A 87 8.28 -3.90 0.93
CA ALA A 87 9.03 -4.46 -0.20
C ALA A 87 9.10 -5.98 -0.16
N ASP A 88 8.77 -6.59 0.99
CA ASP A 88 8.83 -8.03 1.15
C ASP A 88 7.75 -8.74 0.35
N VAL A 89 6.64 -8.04 0.05
CA VAL A 89 5.49 -8.62 -0.62
C VAL A 89 4.86 -7.62 -1.58
N LEU A 90 5.46 -6.43 -1.74
CA LEU A 90 4.90 -5.38 -2.58
C LEU A 90 4.81 -5.84 -4.04
N PRO A 91 5.84 -6.51 -4.59
CA PRO A 91 5.76 -7.06 -5.92
C PRO A 91 4.85 -8.30 -5.96
N GLU A 92 4.93 -9.15 -4.93
CA GLU A 92 4.13 -10.35 -4.83
C GLU A 92 2.64 -10.03 -4.84
N ALA A 93 2.27 -8.89 -4.23
CA ALA A 93 0.89 -8.45 -4.22
C ALA A 93 0.46 -7.93 -5.59
N ALA A 94 1.39 -7.40 -6.39
CA ALA A 94 1.10 -6.91 -7.72
C ALA A 94 0.90 -8.03 -8.73
N ALA A 95 1.28 -9.27 -8.38
CA ALA A 95 1.08 -10.41 -9.25
C ALA A 95 -0.41 -10.75 -9.38
N LEU A 96 -1.25 -10.19 -8.50
CA LEU A 96 -2.68 -10.47 -8.49
C LEU A 96 -3.45 -9.55 -9.44
N VAL A 97 -2.74 -8.77 -10.28
CA VAL A 97 -3.37 -7.84 -11.20
C VAL A 97 -2.63 -7.77 -12.53
N LYS A 98 -2.37 -8.93 -13.15
CA LYS A 98 -1.69 -8.99 -14.43
C LYS A 98 -2.59 -8.49 -15.57
N ASP A 99 -3.90 -8.38 -15.33
CA ASP A 99 -4.83 -7.95 -16.36
C ASP A 99 -4.68 -6.46 -16.63
N PRO A 100 -4.85 -6.02 -17.88
CA PRO A 100 -4.69 -4.63 -18.25
C PRO A 100 -5.81 -3.78 -17.64
N SER A 101 -6.86 -4.42 -17.13
CA SER A 101 -7.97 -3.75 -16.48
C SER A 101 -7.60 -3.27 -15.08
N VAL A 102 -6.42 -3.65 -14.58
CA VAL A 102 -5.98 -3.26 -13.24
C VAL A 102 -4.51 -2.91 -13.19
N SER A 103 -3.69 -3.43 -14.10
CA SER A 103 -2.28 -3.13 -14.11
C SER A 103 -2.04 -1.64 -14.24
N LYS A 104 -2.79 -0.97 -15.13
CA LYS A 104 -2.61 0.46 -15.37
C LYS A 104 -2.87 1.29 -14.12
N SER A 105 -3.74 0.80 -13.24
CA SER A 105 -4.04 1.51 -12.00
C SER A 105 -2.90 1.36 -10.99
N VAL A 106 -2.20 0.22 -11.02
CA VAL A 106 -1.05 0.04 -10.14
C VAL A 106 0.16 0.78 -10.71
N GLU A 107 0.27 0.86 -12.04
CA GLU A 107 1.32 1.62 -12.68
C GLU A 107 1.21 3.10 -12.28
N ARG A 108 0.00 3.53 -11.89
CA ARG A 108 -0.25 4.91 -11.51
C ARG A 108 0.49 5.24 -10.22
N ILE A 109 0.49 4.31 -9.25
CA ILE A 109 1.13 4.52 -7.97
C ILE A 109 2.58 4.03 -7.98
N PHE A 110 2.89 2.99 -8.75
CA PHE A 110 4.25 2.50 -8.84
C PHE A 110 5.16 3.55 -9.48
N LYS A 111 4.59 4.39 -10.34
CA LYS A 111 5.35 5.46 -10.99
C LYS A 111 5.66 6.59 -10.00
N ILE A 112 4.85 6.74 -8.95
CA ILE A 112 5.11 7.79 -7.95
C ILE A 112 6.32 7.40 -7.13
N TRP A 113 6.41 6.12 -6.74
CA TRP A 113 7.50 5.67 -5.89
C TRP A 113 8.84 5.84 -6.58
N GLU A 114 8.84 5.91 -7.91
CA GLU A 114 10.03 6.20 -8.71
C GLU A 114 10.36 7.68 -8.62
N ASP A 115 9.37 8.56 -8.81
CA ASP A 115 9.55 10.01 -8.75
C ASP A 115 9.93 10.43 -7.34
N ARG A 116 9.17 9.94 -6.35
CA ARG A 116 9.40 10.15 -4.94
C ARG A 116 10.67 9.42 -4.49
N ASN A 117 11.32 8.65 -5.38
CA ASN A 117 12.54 7.96 -5.04
C ASN A 117 12.39 7.11 -3.78
N VAL A 118 11.17 6.64 -3.50
CA VAL A 118 10.83 5.90 -2.30
C VAL A 118 11.38 4.46 -2.37
N TYR A 119 11.76 4.01 -3.57
CA TYR A 119 12.37 2.70 -3.76
C TYR A 119 13.51 2.81 -4.77
N PRO A 120 14.56 1.99 -4.61
CA PRO A 120 15.66 1.92 -5.54
C PRO A 120 15.23 1.16 -6.79
N GLU A 121 15.85 1.43 -7.93
CA GLU A 121 15.45 0.82 -9.18
C GLU A 121 15.57 -0.71 -9.12
N GLU A 122 16.53 -1.19 -8.33
CA GLU A 122 16.75 -2.63 -8.16
C GLU A 122 15.54 -3.29 -7.52
N MET A 123 14.67 -2.53 -6.85
CA MET A 123 13.43 -3.04 -6.30
C MET A 123 12.28 -2.84 -7.29
N ILE A 124 12.27 -1.71 -8.01
CA ILE A 124 11.17 -1.37 -8.90
C ILE A 124 11.10 -2.33 -10.10
N VAL A 125 12.22 -2.97 -10.47
CA VAL A 125 12.17 -3.95 -11.55
C VAL A 125 11.26 -5.12 -11.16
N ALA A 126 11.09 -5.38 -9.86
CA ALA A 126 10.18 -6.42 -9.41
C ALA A 126 8.73 -5.92 -9.53
N LEU A 127 8.52 -4.61 -9.30
CA LEU A 127 7.22 -3.99 -9.45
C LEU A 127 6.80 -4.00 -10.92
N ARG A 128 7.78 -3.88 -11.82
CA ARG A 128 7.54 -3.90 -13.25
C ARG A 128 7.26 -5.33 -13.71
N GLU A 129 8.02 -6.29 -13.21
CA GLU A 129 7.86 -7.70 -13.58
C GLU A 129 6.58 -8.29 -13.00
N ALA A 130 6.17 -7.81 -11.84
CA ALA A 130 4.95 -8.30 -11.22
C ALA A 130 3.71 -7.85 -12.00
N LEU A 131 3.79 -6.70 -12.69
CA LEU A 131 2.67 -6.21 -13.49
C LEU A 131 2.77 -6.68 -14.94
N SER A 132 3.96 -6.57 -15.54
CA SER A 132 4.15 -6.93 -16.94
C SER A 132 4.96 -8.21 -17.07
N THR A 133 4.50 -9.11 -17.95
CA THR A 133 5.11 -10.42 -18.19
C THR A 133 5.60 -11.06 -16.89
N SER B 1 -17.69 10.18 -2.26
CA SER B 1 -16.60 9.27 -1.93
C SER B 1 -15.36 9.65 -2.74
N PRO B 2 -14.78 10.82 -2.48
CA PRO B 2 -13.66 11.36 -3.21
C PRO B 2 -12.38 10.54 -2.97
N SEP B 3 -11.72 10.16 -4.06
CA SEP B 3 -10.50 9.38 -4.04
CB SEP B 3 -10.27 8.83 -5.44
OG SEP B 3 -8.93 8.45 -5.65
C SEP B 3 -9.33 10.23 -3.52
O SEP B 3 -9.33 11.45 -3.69
P SEP B 3 -8.41 6.97 -5.28
O1P SEP B 3 -9.11 6.11 -6.27
O2P SEP B 3 -6.95 7.07 -5.50
O3P SEP B 3 -8.83 6.80 -3.88
H SEP B 3 -12.08 10.43 -4.97
HA SEP B 3 -10.63 8.54 -3.37
HB2 SEP B 3 -10.94 7.99 -5.59
HB3 SEP B 3 -10.51 9.61 -6.17
N TYR B 4 -8.35 9.58 -2.89
CA TYR B 4 -7.30 10.28 -2.15
C TYR B 4 -6.20 10.86 -3.02
N SEP B 5 -6.22 10.61 -4.34
CA SEP B 5 -5.20 11.05 -5.29
CB SEP B 5 -5.39 12.53 -5.63
OG SEP B 5 -4.96 12.80 -6.96
C SEP B 5 -3.78 10.73 -4.79
O SEP B 5 -3.19 11.52 -4.05
P SEP B 5 -3.41 12.83 -7.41
O1P SEP B 5 -2.79 13.82 -6.49
O2P SEP B 5 -2.95 11.45 -7.21
O3P SEP B 5 -3.47 13.24 -8.83
H SEP B 5 -7.00 10.09 -4.71
HA SEP B 5 -5.38 10.50 -6.21
HB2 SEP B 5 -6.45 12.76 -5.57
HB3 SEP B 5 -4.84 13.15 -4.92
N PRO B 6 -3.23 9.58 -5.18
CA PRO B 6 -1.92 9.09 -4.77
C PRO B 6 -0.78 10.09 -4.71
N THR B 7 -0.82 11.20 -5.48
CA THR B 7 0.29 12.15 -5.48
C THR B 7 0.08 13.29 -4.49
N SER B 8 -1.13 13.42 -3.94
CA SER B 8 -1.48 14.54 -3.07
C SER B 8 -1.11 14.34 -1.59
N PRO B 9 -1.19 13.15 -1.00
CA PRO B 9 -0.88 12.97 0.41
C PRO B 9 0.63 12.99 0.69
N SEP B 10 0.99 13.62 1.81
CA SEP B 10 2.36 13.81 2.30
CB SEP B 10 2.72 12.68 3.28
OG SEP B 10 4.06 12.79 3.71
C SEP B 10 3.39 13.95 1.19
O SEP B 10 3.59 15.05 0.67
P SEP B 10 4.57 13.88 4.76
O1P SEP B 10 6.04 13.64 4.82
O2P SEP B 10 3.86 13.54 6.02
O3P SEP B 10 4.18 15.17 4.16
H SEP B 10 0.27 14.02 2.39
HA SEP B 10 2.36 14.73 2.86
HB2 SEP B 10 2.06 12.72 4.14
HB3 SEP B 10 2.58 11.72 2.78
N TYR B 11 4.06 12.85 0.82
CA TYR B 11 5.12 12.86 -0.18
C TYR B 11 4.55 12.74 -1.59
N SER A 5 -1.40 -8.32 25.85
CA SER A 5 -2.07 -7.01 25.80
C SER A 5 -1.78 -6.29 24.49
N ALA A 6 -0.53 -5.91 24.26
CA ALA A 6 -0.14 -5.16 23.06
C ALA A 6 -0.42 -5.95 21.78
N GLY A 7 -0.54 -7.27 21.89
CA GLY A 7 -0.79 -8.13 20.74
C GLY A 7 -2.21 -7.98 20.20
N ALA A 8 -3.07 -7.22 20.90
CA ALA A 8 -4.43 -6.99 20.46
C ALA A 8 -4.47 -5.99 19.31
N LEU A 9 -3.41 -5.19 19.13
CA LEU A 9 -3.38 -4.18 18.09
C LEU A 9 -3.32 -4.83 16.71
N GLU A 10 -2.76 -6.03 16.62
CA GLU A 10 -2.71 -6.79 15.38
C GLU A 10 -4.13 -7.03 14.86
N SER A 11 -5.11 -7.16 15.77
CA SER A 11 -6.49 -7.37 15.38
C SER A 11 -7.10 -6.06 14.87
N SER A 12 -6.60 -4.93 15.34
CA SER A 12 -7.11 -3.62 14.94
C SER A 12 -6.65 -3.32 13.52
N LEU A 13 -5.47 -3.80 13.15
CA LEU A 13 -4.93 -3.65 11.81
C LEU A 13 -5.66 -4.56 10.85
N ASP A 14 -5.87 -5.83 11.23
CA ASP A 14 -6.62 -6.75 10.39
C ASP A 14 -8.06 -6.27 10.18
N ARG A 15 -8.70 -5.74 11.22
CA ARG A 15 -10.10 -5.34 11.09
C ARG A 15 -10.27 -4.09 10.24
N LYS A 16 -9.42 -3.07 10.45
CA LYS A 16 -9.59 -1.78 9.80
C LYS A 16 -9.15 -1.79 8.34
N PHE A 17 -8.11 -2.57 7.99
CA PHE A 17 -7.66 -2.60 6.60
C PHE A 17 -8.67 -3.32 5.71
N GLN A 18 -9.51 -4.19 6.28
CA GLN A 18 -10.55 -4.86 5.53
C GLN A 18 -11.70 -3.90 5.24
N SER A 19 -11.88 -2.91 6.13
CA SER A 19 -12.96 -1.94 6.06
C SER A 19 -12.65 -0.78 5.11
N VAL A 20 -11.46 -0.75 4.52
CA VAL A 20 -11.07 0.36 3.64
C VAL A 20 -11.86 0.32 2.34
N THR A 21 -12.14 1.51 1.81
CA THR A 21 -12.95 1.69 0.61
C THR A 21 -12.29 2.69 -0.33
N ASN A 22 -12.75 2.70 -1.59
CA ASN A 22 -12.21 3.47 -2.68
C ASN A 22 -12.50 4.96 -2.53
N THR A 23 -11.96 5.59 -1.47
CA THR A 23 -12.01 7.04 -1.32
C THR A 23 -11.04 7.52 -0.24
N MET A 24 -10.58 8.77 -0.36
CA MET A 24 -9.67 9.36 0.60
C MET A 24 -10.32 9.49 1.97
N GLU A 25 -11.66 9.46 2.02
CA GLU A 25 -12.39 9.54 3.27
C GLU A 25 -12.12 8.30 4.12
N SER A 26 -11.55 7.26 3.50
CA SER A 26 -11.16 6.04 4.20
C SER A 26 -9.65 5.83 4.16
N ILE A 27 -9.02 6.12 3.02
CA ILE A 27 -7.59 5.88 2.84
C ILE A 27 -6.75 6.87 3.64
N GLN A 28 -6.98 8.17 3.47
CA GLN A 28 -6.15 9.17 4.14
C GLN A 28 -6.50 9.26 5.62
N GLY A 29 -7.75 8.90 5.97
CA GLY A 29 -8.18 8.93 7.36
C GLY A 29 -7.51 7.81 8.14
N LEU A 30 -7.49 6.59 7.59
CA LEU A 30 -6.89 5.47 8.27
C LEU A 30 -5.37 5.51 8.19
N SER A 31 -4.81 6.07 7.10
CA SER A 31 -3.37 6.16 6.97
C SER A 31 -2.79 7.12 7.99
N SER A 32 -3.59 8.10 8.44
CA SER A 32 -3.12 9.09 9.39
C SER A 32 -2.93 8.42 10.76
N TRP A 33 -3.77 7.43 11.05
CA TRP A 33 -3.66 6.61 12.25
C TRP A 33 -2.64 5.50 12.05
N CYS A 34 -2.61 4.91 10.85
CA CYS A 34 -1.70 3.80 10.56
C CYS A 34 -0.23 4.23 10.68
N ILE A 35 0.07 5.51 10.46
CA ILE A 35 1.42 6.01 10.60
C ILE A 35 1.83 6.01 12.07
N GLU A 36 0.87 6.15 13.00
CA GLU A 36 1.19 6.11 14.43
C GLU A 36 1.45 4.69 14.89
N ASN A 37 0.95 3.71 14.13
CA ASN A 37 1.17 2.30 14.41
C ASN A 37 2.53 1.87 13.88
N LYS A 38 3.51 2.77 13.82
CA LYS A 38 4.83 2.49 13.25
C LYS A 38 5.54 1.36 13.99
N LYS A 39 5.16 1.11 15.24
CA LYS A 39 5.72 0.04 16.05
C LYS A 39 5.15 -1.32 15.65
N HIS A 40 4.33 -1.33 14.60
CA HIS A 40 3.76 -2.53 14.01
C HIS A 40 4.08 -2.61 12.51
N HIS A 41 5.01 -1.79 12.02
CA HIS A 41 5.27 -1.74 10.58
C HIS A 41 5.75 -3.09 10.05
N SER A 42 6.25 -3.95 10.93
CA SER A 42 6.72 -5.29 10.55
C SER A 42 5.57 -6.25 10.32
N THR A 43 4.35 -5.90 10.77
CA THR A 43 3.18 -6.77 10.61
C THR A 43 2.04 -6.06 9.90
N ILE A 44 2.06 -4.73 9.83
CA ILE A 44 1.05 -3.98 9.09
C ILE A 44 1.00 -4.47 7.65
N VAL A 45 2.17 -4.71 7.06
CA VAL A 45 2.26 -5.28 5.73
C VAL A 45 1.54 -6.64 5.68
N TYR A 46 1.64 -7.46 6.72
CA TYR A 46 0.99 -8.76 6.72
C TYR A 46 -0.52 -8.63 6.89
N HIS A 47 -0.96 -7.61 7.63
CA HIS A 47 -2.37 -7.42 7.92
C HIS A 47 -3.10 -6.94 6.67
N TRP A 48 -2.49 -5.98 5.95
CA TRP A 48 -3.06 -5.44 4.74
C TRP A 48 -2.93 -6.39 3.55
N MET A 49 -1.88 -7.22 3.53
CA MET A 49 -1.56 -8.02 2.36
C MET A 49 -2.56 -9.14 2.10
N LYS A 50 -3.03 -9.81 3.15
CA LYS A 50 -3.95 -10.93 2.98
C LYS A 50 -5.32 -10.48 2.50
N TRP A 51 -5.65 -9.20 2.68
CA TRP A 51 -6.92 -8.66 2.23
C TRP A 51 -6.97 -8.42 0.72
N LEU A 52 -5.82 -8.44 0.05
CA LEU A 52 -5.76 -8.21 -1.39
C LEU A 52 -6.31 -9.41 -2.12
N ARG A 53 -5.67 -10.57 -1.92
CA ARG A 53 -6.14 -11.84 -2.44
C ARG A 53 -7.57 -12.14 -2.00
N ARG A 54 -7.99 -11.61 -0.85
CA ARG A 54 -9.35 -11.79 -0.35
C ARG A 54 -10.36 -10.95 -1.11
N SER A 55 -9.95 -9.75 -1.55
CA SER A 55 -10.80 -8.80 -2.22
C SER A 55 -10.98 -9.13 -3.69
N ALA A 56 -11.89 -8.38 -4.33
CA ALA A 56 -12.10 -8.42 -5.76
C ALA A 56 -11.02 -7.59 -6.45
N TYR A 57 -10.86 -7.71 -7.77
CA TYR A 57 -9.82 -7.01 -8.49
C TYR A 57 -9.83 -5.49 -8.25
N PRO A 58 -10.96 -4.78 -8.42
CA PRO A 58 -10.99 -3.34 -8.24
C PRO A 58 -10.88 -2.95 -6.77
N HIS A 59 -11.40 -3.79 -5.86
CA HIS A 59 -11.34 -3.49 -4.43
C HIS A 59 -9.93 -3.75 -3.89
N ARG A 60 -9.25 -4.76 -4.44
CA ARG A 60 -7.87 -5.06 -4.12
C ARG A 60 -6.99 -3.87 -4.53
N LEU A 61 -7.30 -3.29 -5.70
CA LEU A 61 -6.55 -2.14 -6.20
C LEU A 61 -6.76 -0.97 -5.25
N ASN A 62 -7.99 -0.79 -4.77
CA ASN A 62 -8.31 0.25 -3.80
C ASN A 62 -7.51 0.06 -2.53
N LEU A 63 -7.31 -1.17 -2.07
CA LEU A 63 -6.51 -1.41 -0.87
C LEU A 63 -5.04 -1.10 -1.13
N PHE A 64 -4.61 -1.09 -2.39
CA PHE A 64 -3.23 -0.78 -2.72
C PHE A 64 -2.96 0.72 -2.63
N TYR A 65 -3.99 1.55 -2.81
CA TYR A 65 -3.84 3.00 -2.64
C TYR A 65 -3.41 3.30 -1.21
N LEU A 66 -3.85 2.45 -0.26
CA LEU A 66 -3.56 2.65 1.15
C LEU A 66 -2.07 2.45 1.44
N ALA A 67 -1.45 1.44 0.82
CA ALA A 67 -0.06 1.12 1.10
C ALA A 67 0.85 2.28 0.66
N ASN A 68 0.52 2.88 -0.49
CA ASN A 68 1.28 4.00 -1.04
C ASN A 68 1.36 5.14 -0.03
N ASP A 69 0.23 5.41 0.64
CA ASP A 69 0.14 6.50 1.60
C ASP A 69 0.82 6.13 2.91
N VAL A 70 0.66 4.88 3.38
CA VAL A 70 1.28 4.45 4.62
C VAL A 70 2.80 4.44 4.48
N ILE A 71 3.31 4.20 3.27
CA ILE A 71 4.73 4.27 3.00
C ILE A 71 5.25 5.71 3.16
N GLN A 72 4.71 6.63 2.37
CA GLN A 72 5.27 7.98 2.26
C GLN A 72 4.95 8.89 3.44
N ASN A 73 3.73 8.81 3.99
CA ASN A 73 3.28 9.77 5.00
C ASN A 73 4.00 9.60 6.34
N CYS A 74 4.62 8.44 6.58
CA CYS A 74 5.29 8.19 7.84
C CYS A 74 6.49 9.09 8.11
N LYS A 75 7.37 9.30 7.11
CA LYS A 75 8.59 10.06 7.32
C LYS A 75 9.08 10.81 6.09
N ARG A 76 8.32 10.81 4.98
CA ARG A 76 8.72 11.43 3.71
C ARG A 76 10.03 10.86 3.17
N LYS A 77 11.15 11.29 3.74
CA LYS A 77 12.50 10.92 3.30
C LYS A 77 13.46 10.78 4.49
N ASN A 78 12.98 10.98 5.71
CA ASN A 78 13.84 10.95 6.90
C ASN A 78 14.27 9.53 7.25
N ALA A 79 13.41 8.54 6.96
CA ALA A 79 13.72 7.15 7.23
C ALA A 79 12.82 6.24 6.42
N ILE A 80 11.54 6.63 6.28
CA ILE A 80 10.54 5.93 5.47
C ILE A 80 10.57 4.42 5.67
N ILE A 81 10.95 3.98 6.87
CA ILE A 81 11.18 2.57 7.19
C ILE A 81 9.99 1.69 6.85
N PHE A 82 8.77 2.25 6.79
CA PHE A 82 7.59 1.47 6.44
C PHE A 82 7.82 0.76 5.11
N ARG A 83 8.64 1.33 4.23
CA ARG A 83 8.81 0.79 2.89
C ARG A 83 9.54 -0.55 2.93
N GLU A 84 10.38 -0.75 3.95
CA GLU A 84 11.23 -1.92 4.00
C GLU A 84 10.41 -3.18 4.22
N SER A 85 9.41 -3.11 5.12
CA SER A 85 8.57 -4.25 5.41
C SER A 85 7.56 -4.51 4.29
N PHE A 86 7.12 -3.46 3.58
CA PHE A 86 6.17 -3.67 2.49
C PHE A 86 6.84 -4.38 1.33
N ALA A 87 8.11 -4.05 1.06
CA ALA A 87 8.85 -4.58 -0.08
C ALA A 87 8.91 -6.11 -0.05
N ASP A 88 8.60 -6.71 1.10
CA ASP A 88 8.66 -8.16 1.25
C ASP A 88 7.59 -8.87 0.43
N VAL A 89 6.50 -8.18 0.09
CA VAL A 89 5.37 -8.76 -0.63
C VAL A 89 4.76 -7.75 -1.59
N LEU A 90 5.39 -6.57 -1.73
CA LEU A 90 4.82 -5.50 -2.54
C LEU A 90 4.67 -5.90 -4.01
N PRO A 91 5.70 -6.46 -4.67
CA PRO A 91 5.56 -6.95 -6.03
C PRO A 91 4.71 -8.21 -6.07
N GLU A 92 4.87 -9.10 -5.09
CA GLU A 92 4.07 -10.31 -4.97
C GLU A 92 2.59 -10.00 -4.97
N ALA A 93 2.20 -8.89 -4.32
CA ALA A 93 0.82 -8.46 -4.28
C ALA A 93 0.33 -7.99 -5.66
N ALA A 94 1.23 -7.42 -6.46
CA ALA A 94 0.89 -6.92 -7.79
C ALA A 94 0.73 -8.07 -8.80
N ALA A 95 1.20 -9.28 -8.45
CA ALA A 95 1.03 -10.43 -9.33
C ALA A 95 -0.45 -10.81 -9.44
N LEU A 96 -1.28 -10.30 -8.51
CA LEU A 96 -2.70 -10.58 -8.49
C LEU A 96 -3.47 -9.62 -9.42
N VAL A 97 -2.77 -8.84 -10.24
CA VAL A 97 -3.38 -7.90 -11.17
C VAL A 97 -2.63 -7.84 -12.49
N LYS A 98 -2.21 -9.01 -13.00
CA LYS A 98 -1.53 -9.10 -14.29
C LYS A 98 -2.49 -8.81 -15.46
N ASP A 99 -3.79 -8.69 -15.19
CA ASP A 99 -4.78 -8.34 -16.20
C ASP A 99 -4.55 -6.88 -16.61
N PRO A 100 -4.49 -6.59 -17.91
CA PRO A 100 -4.28 -5.23 -18.39
C PRO A 100 -5.41 -4.30 -17.95
N SER A 101 -6.51 -4.86 -17.45
CA SER A 101 -7.66 -4.11 -16.97
C SER A 101 -7.33 -3.44 -15.62
N VAL A 102 -6.45 -4.05 -14.82
CA VAL A 102 -6.06 -3.50 -13.53
C VAL A 102 -4.59 -3.10 -13.51
N SER A 103 -3.77 -3.67 -14.41
CA SER A 103 -2.37 -3.30 -14.54
C SER A 103 -2.23 -1.78 -14.70
N LYS A 104 -3.20 -1.14 -15.36
CA LYS A 104 -3.21 0.29 -15.60
C LYS A 104 -3.48 1.09 -14.33
N SER A 105 -4.13 0.49 -13.33
CA SER A 105 -4.42 1.19 -12.08
C SER A 105 -3.33 0.95 -11.03
N VAL A 106 -2.69 -0.21 -11.02
CA VAL A 106 -1.65 -0.50 -10.04
C VAL A 106 -0.37 0.24 -10.38
N GLU A 107 -0.10 0.47 -11.67
CA GLU A 107 1.06 1.24 -12.08
C GLU A 107 0.88 2.72 -11.73
N ARG A 108 -0.36 3.11 -11.41
CA ARG A 108 -0.69 4.50 -11.13
C ARG A 108 -0.01 4.95 -9.85
N ILE A 109 0.21 4.02 -8.92
CA ILE A 109 0.87 4.30 -7.66
C ILE A 109 2.29 3.76 -7.64
N PHE A 110 2.56 2.68 -8.37
CA PHE A 110 3.93 2.14 -8.44
C PHE A 110 4.83 3.14 -9.16
N LYS A 111 4.26 3.90 -10.11
CA LYS A 111 5.02 4.90 -10.85
C LYS A 111 5.40 6.06 -9.93
N ILE A 112 4.68 6.25 -8.83
CA ILE A 112 4.99 7.31 -7.88
C ILE A 112 6.27 6.94 -7.16
N TRP A 113 6.46 5.67 -6.83
CA TRP A 113 7.64 5.25 -6.10
C TRP A 113 8.87 5.31 -7.00
N GLU A 114 8.65 5.20 -8.31
CA GLU A 114 9.69 5.32 -9.31
C GLU A 114 10.04 6.78 -9.57
N ASP A 115 9.03 7.66 -9.56
CA ASP A 115 9.19 9.11 -9.72
C ASP A 115 9.75 9.73 -8.44
N ARG A 116 9.04 9.51 -7.33
CA ARG A 116 9.37 9.99 -6.00
C ARG A 116 10.55 9.21 -5.43
N ASN A 117 11.08 8.25 -6.20
CA ASN A 117 12.26 7.48 -5.81
C ASN A 117 12.13 6.89 -4.41
N VAL A 118 10.90 6.55 -4.00
CA VAL A 118 10.61 6.05 -2.67
C VAL A 118 11.19 4.64 -2.51
N TYR A 119 11.57 3.99 -3.61
CA TYR A 119 12.24 2.70 -3.62
C TYR A 119 13.44 2.76 -4.55
N PRO A 120 14.49 1.97 -4.27
CA PRO A 120 15.67 1.89 -5.09
C PRO A 120 15.36 1.15 -6.39
N GLU A 121 16.14 1.40 -7.44
CA GLU A 121 15.86 0.83 -8.75
C GLU A 121 15.98 -0.70 -8.71
N GLU A 122 16.92 -1.18 -7.89
CA GLU A 122 17.13 -2.61 -7.66
C GLU A 122 15.90 -3.24 -6.99
N MET A 123 15.00 -2.42 -6.43
CA MET A 123 13.73 -2.94 -5.93
C MET A 123 12.65 -2.73 -6.99
N ILE A 124 12.63 -1.55 -7.64
CA ILE A 124 11.61 -1.20 -8.62
C ILE A 124 11.55 -2.23 -9.76
N VAL A 125 12.67 -2.90 -10.05
CA VAL A 125 12.70 -3.91 -11.09
C VAL A 125 11.74 -5.06 -10.77
N ALA A 126 11.54 -5.36 -9.48
CA ALA A 126 10.61 -6.41 -9.09
C ALA A 126 9.17 -5.93 -9.23
N LEU A 127 8.94 -4.63 -9.01
CA LEU A 127 7.61 -4.07 -9.13
C LEU A 127 7.24 -3.94 -10.62
N ARG A 128 8.21 -3.56 -11.46
CA ARG A 128 7.99 -3.41 -12.90
C ARG A 128 7.52 -4.73 -13.52
N GLU A 129 8.02 -5.86 -13.02
CA GLU A 129 7.62 -7.17 -13.50
C GLU A 129 6.16 -7.43 -13.16
N ALA A 130 5.78 -7.16 -11.92
CA ALA A 130 4.43 -7.46 -11.46
C ALA A 130 3.39 -6.53 -12.10
N LEU A 131 3.80 -5.32 -12.51
CA LEU A 131 2.92 -4.41 -13.23
C LEU A 131 2.64 -4.94 -14.63
N SER A 132 3.68 -5.46 -15.26
CA SER A 132 3.66 -5.87 -16.65
C SER A 132 2.84 -7.15 -16.80
N THR A 133 1.91 -7.17 -17.76
CA THR A 133 1.05 -8.32 -17.97
C THR A 133 1.88 -9.51 -18.44
N SER B 1 -17.03 11.31 -3.41
CA SER B 1 -16.35 10.04 -3.26
C SER B 1 -15.00 10.04 -3.99
N PRO B 2 -14.17 11.07 -3.78
CA PRO B 2 -12.89 11.19 -4.45
C PRO B 2 -11.94 10.08 -3.97
N SEP B 3 -11.17 9.51 -4.90
CA SEP B 3 -10.38 8.32 -4.59
CB SEP B 3 -10.71 7.20 -5.58
OG SEP B 3 -10.28 7.50 -6.89
C SEP B 3 -8.89 8.62 -4.45
O SEP B 3 -8.04 8.09 -5.16
P SEP B 3 -10.45 6.46 -8.09
O1P SEP B 3 -10.36 7.30 -9.29
O2P SEP B 3 -9.33 5.51 -7.90
O3P SEP B 3 -11.80 5.87 -7.84
H SEP B 3 -11.14 9.87 -5.84
HA SEP B 3 -10.69 7.98 -3.62
HB2 SEP B 3 -10.25 6.29 -5.22
HB3 SEP B 3 -11.79 7.06 -5.58
N TYR B 4 -8.59 9.51 -3.49
CA TYR B 4 -7.26 9.85 -3.00
C TYR B 4 -6.29 10.44 -4.04
N SEP B 5 -6.60 10.33 -5.33
CA SEP B 5 -5.82 10.90 -6.43
CB SEP B 5 -6.12 12.39 -6.56
OG SEP B 5 -5.60 12.86 -7.78
C SEP B 5 -4.31 10.65 -6.29
O SEP B 5 -3.58 11.45 -5.71
P SEP B 5 -5.67 14.43 -8.16
O1P SEP B 5 -5.24 14.44 -9.59
O2P SEP B 5 -7.08 14.78 -7.93
O3P SEP B 5 -4.70 15.05 -7.21
H SEP B 5 -7.45 9.84 -5.59
HA SEP B 5 -6.16 10.43 -7.35
HB2 SEP B 5 -7.21 12.54 -6.55
HB3 SEP B 5 -5.68 12.93 -5.72
N PRO B 6 -3.84 9.51 -6.84
CA PRO B 6 -2.42 9.19 -6.91
C PRO B 6 -1.55 10.35 -7.39
N THR B 7 -0.25 10.24 -7.12
CA THR B 7 0.78 11.23 -7.43
C THR B 7 0.64 12.53 -6.63
N SER B 8 -0.52 12.76 -6.00
CA SER B 8 -0.75 13.93 -5.19
C SER B 8 -0.53 13.75 -3.68
N PRO B 9 -0.30 12.54 -3.11
CA PRO B 9 -0.11 12.39 -1.68
C PRO B 9 1.27 12.87 -1.26
N SEP B 10 1.42 13.16 0.04
CA SEP B 10 2.66 13.65 0.61
CB SEP B 10 2.46 13.97 2.09
OG SEP B 10 1.51 15.01 2.23
C SEP B 10 3.82 12.68 0.40
O SEP B 10 3.63 11.47 0.34
P SEP B 10 1.87 16.55 1.92
O1P SEP B 10 1.92 17.16 3.26
O2P SEP B 10 0.74 16.99 1.07
O3P SEP B 10 3.18 16.50 1.23
H SEP B 10 0.65 13.02 0.67
HA SEP B 10 2.92 14.57 0.08
HB2 SEP B 10 2.09 13.08 2.59
HB3 SEP B 10 3.40 14.28 2.53
N TYR B 11 5.03 13.25 0.30
CA TYR B 11 6.26 12.56 -0.01
C TYR B 11 7.44 13.36 0.55
N SER A 5 -4.00 -10.04 12.94
CA SER A 5 -4.84 -11.24 13.09
C SER A 5 -4.27 -12.19 14.15
N ALA A 6 -3.17 -12.88 13.84
CA ALA A 6 -2.62 -13.89 14.74
C ALA A 6 -2.14 -13.32 16.07
N GLY A 7 -1.69 -12.06 16.06
CA GLY A 7 -1.22 -11.40 17.28
C GLY A 7 -2.36 -10.97 18.19
N ALA A 8 -3.61 -11.17 17.73
CA ALA A 8 -4.85 -10.79 18.40
C ALA A 8 -4.98 -9.28 18.70
N LEU A 9 -4.02 -8.69 19.42
CA LEU A 9 -4.08 -7.27 19.74
C LEU A 9 -3.82 -6.44 18.48
N GLU A 10 -3.09 -7.00 17.52
CA GLU A 10 -2.81 -6.37 16.25
C GLU A 10 -4.03 -6.38 15.34
N SER A 11 -5.03 -7.20 15.68
CA SER A 11 -6.19 -7.44 14.83
C SER A 11 -7.00 -6.18 14.55
N SER A 12 -6.74 -5.09 15.28
CA SER A 12 -7.37 -3.82 14.97
C SER A 12 -7.00 -3.38 13.56
N LEU A 13 -5.87 -3.87 13.04
CA LEU A 13 -5.43 -3.59 11.69
C LEU A 13 -6.26 -4.41 10.69
N ASP A 14 -6.65 -5.64 11.07
CA ASP A 14 -7.41 -6.49 10.18
C ASP A 14 -8.72 -5.79 9.80
N ARG A 15 -9.24 -4.97 10.72
CA ARG A 15 -10.49 -4.25 10.53
C ARG A 15 -10.30 -3.07 9.59
N LYS A 16 -9.17 -2.35 9.70
CA LYS A 16 -8.99 -1.13 8.90
C LYS A 16 -8.79 -1.47 7.42
N PHE A 17 -8.18 -2.63 7.12
CA PHE A 17 -7.95 -3.03 5.75
C PHE A 17 -9.21 -3.52 5.07
N GLN A 18 -10.20 -3.99 5.84
CA GLN A 18 -11.47 -4.45 5.29
C GLN A 18 -12.56 -3.37 5.35
N SER A 19 -12.37 -2.35 6.19
CA SER A 19 -13.36 -1.29 6.37
C SER A 19 -13.09 -0.08 5.47
N VAL A 20 -11.93 -0.03 4.84
CA VAL A 20 -11.52 1.11 4.02
C VAL A 20 -12.04 1.00 2.60
N THR A 21 -12.05 2.13 1.88
CA THR A 21 -12.56 2.25 0.52
C THR A 21 -11.62 3.14 -0.30
N ASN A 22 -11.88 3.19 -1.61
CA ASN A 22 -11.01 3.79 -2.60
C ASN A 22 -10.77 5.30 -2.50
N THR A 23 -11.16 5.96 -1.40
CA THR A 23 -11.12 7.41 -1.34
C THR A 23 -10.43 7.96 -0.10
N MET A 24 -9.93 9.19 -0.22
CA MET A 24 -9.23 9.87 0.85
C MET A 24 -10.15 10.11 2.04
N GLU A 25 -11.46 10.04 1.79
CA GLU A 25 -12.48 10.16 2.82
C GLU A 25 -12.39 8.99 3.80
N SER A 26 -11.66 7.94 3.41
CA SER A 26 -11.51 6.74 4.22
C SER A 26 -10.03 6.32 4.35
N ILE A 27 -9.23 6.49 3.30
CA ILE A 27 -7.83 6.08 3.31
C ILE A 27 -6.98 7.05 4.13
N GLN A 28 -7.00 8.33 3.79
CA GLN A 28 -6.14 9.31 4.47
C GLN A 28 -6.56 9.49 5.92
N GLY A 29 -7.80 9.12 6.24
CA GLY A 29 -8.30 9.19 7.61
C GLY A 29 -7.65 8.09 8.44
N LEU A 30 -7.77 6.83 7.98
CA LEU A 30 -7.18 5.71 8.70
C LEU A 30 -5.66 5.73 8.61
N SER A 31 -5.11 6.27 7.53
CA SER A 31 -3.66 6.34 7.37
C SER A 31 -3.04 7.25 8.42
N SER A 32 -3.81 8.18 8.98
CA SER A 32 -3.28 9.11 9.96
C SER A 32 -2.96 8.38 11.25
N TRP A 33 -3.83 7.45 11.66
CA TRP A 33 -3.59 6.61 12.80
C TRP A 33 -2.69 5.44 12.42
N CYS A 34 -2.82 4.92 11.19
CA CYS A 34 -2.01 3.79 10.77
C CYS A 34 -0.52 4.08 10.89
N ILE A 35 -0.11 5.33 10.70
CA ILE A 35 1.29 5.70 10.77
C ILE A 35 1.79 5.77 12.22
N GLU A 36 0.88 5.92 13.20
CA GLU A 36 1.30 5.92 14.59
C GLU A 36 1.64 4.48 15.00
N ASN A 37 1.08 3.50 14.30
CA ASN A 37 1.29 2.09 14.56
C ASN A 37 2.63 1.61 14.01
N LYS A 38 3.54 2.54 13.64
CA LYS A 38 4.80 2.19 13.00
C LYS A 38 5.69 1.26 13.84
N LYS A 39 5.31 0.99 15.09
CA LYS A 39 6.03 0.05 15.94
C LYS A 39 5.65 -1.39 15.61
N HIS A 40 4.67 -1.56 14.70
CA HIS A 40 4.17 -2.85 14.23
C HIS A 40 4.24 -2.93 12.71
N HIS A 41 5.04 -2.07 12.08
CA HIS A 41 5.07 -1.96 10.62
C HIS A 41 5.43 -3.28 9.94
N SER A 42 5.99 -4.25 10.68
CA SER A 42 6.32 -5.56 10.13
C SER A 42 5.08 -6.42 9.95
N THR A 43 4.12 -6.36 10.88
CA THR A 43 2.91 -7.16 10.78
C THR A 43 1.81 -6.43 10.03
N ILE A 44 1.85 -5.09 10.01
CA ILE A 44 0.82 -4.29 9.35
C ILE A 44 0.70 -4.67 7.87
N VAL A 45 1.84 -4.81 7.19
CA VAL A 45 1.87 -5.21 5.79
C VAL A 45 1.36 -6.63 5.62
N TYR A 46 1.64 -7.53 6.57
CA TYR A 46 1.25 -8.92 6.44
C TYR A 46 -0.27 -9.08 6.41
N HIS A 47 -1.00 -8.15 7.01
CA HIS A 47 -2.46 -8.26 7.03
C HIS A 47 -2.98 -7.86 5.66
N TRP A 48 -2.56 -6.69 5.20
CA TRP A 48 -2.96 -6.13 3.92
C TRP A 48 -2.57 -7.05 2.77
N MET A 49 -1.41 -7.70 2.87
CA MET A 49 -0.93 -8.56 1.80
C MET A 49 -1.93 -9.68 1.51
N LYS A 50 -2.40 -10.34 2.57
CA LYS A 50 -3.31 -11.45 2.44
C LYS A 50 -4.74 -10.99 2.10
N TRP A 51 -5.05 -9.72 2.30
CA TRP A 51 -6.38 -9.21 1.96
C TRP A 51 -6.59 -9.07 0.47
N LEU A 52 -5.51 -8.94 -0.33
CA LEU A 52 -5.66 -8.79 -1.78
C LEU A 52 -6.15 -10.08 -2.41
N ARG A 53 -5.54 -11.19 -1.99
CA ARG A 53 -5.90 -12.50 -2.50
C ARG A 53 -7.32 -12.89 -2.11
N ARG A 54 -7.86 -12.30 -1.03
CA ARG A 54 -9.21 -12.57 -0.58
C ARG A 54 -10.22 -11.59 -1.20
N SER A 55 -9.79 -10.35 -1.46
CA SER A 55 -10.64 -9.31 -1.98
C SER A 55 -10.91 -9.48 -3.47
N ALA A 56 -11.91 -8.72 -3.92
CA ALA A 56 -12.29 -8.62 -5.33
C ALA A 56 -11.27 -7.77 -6.08
N TYR A 57 -11.33 -7.77 -7.41
CA TYR A 57 -10.39 -7.01 -8.22
C TYR A 57 -10.43 -5.50 -7.96
N PRO A 58 -11.61 -4.87 -7.85
CA PRO A 58 -11.70 -3.44 -7.58
C PRO A 58 -11.18 -3.11 -6.17
N HIS A 59 -11.52 -3.95 -5.20
CA HIS A 59 -11.13 -3.71 -3.81
C HIS A 59 -9.66 -4.04 -3.58
N ARG A 60 -9.10 -5.08 -4.21
CA ARG A 60 -7.69 -5.40 -4.01
C ARG A 60 -6.80 -4.32 -4.65
N LEU A 61 -7.30 -3.63 -5.67
CA LEU A 61 -6.60 -2.51 -6.27
C LEU A 61 -6.66 -1.34 -5.31
N ASN A 62 -7.82 -1.14 -4.69
CA ASN A 62 -8.01 -0.12 -3.67
C ASN A 62 -7.07 -0.36 -2.50
N LEU A 63 -6.82 -1.64 -2.15
CA LEU A 63 -5.91 -1.94 -1.06
C LEU A 63 -4.50 -1.44 -1.37
N PHE A 64 -4.14 -1.34 -2.65
CA PHE A 64 -2.79 -0.91 -3.03
C PHE A 64 -2.58 0.58 -2.78
N TYR A 65 -3.66 1.37 -2.79
CA TYR A 65 -3.55 2.78 -2.45
C TYR A 65 -3.20 2.94 -0.97
N LEU A 66 -3.59 1.96 -0.15
CA LEU A 66 -3.28 2.00 1.28
C LEU A 66 -1.78 1.85 1.48
N ALA A 67 -1.16 0.97 0.69
CA ALA A 67 0.27 0.74 0.78
C ALA A 67 1.00 2.02 0.37
N ASN A 68 0.63 2.61 -0.76
CA ASN A 68 1.26 3.83 -1.23
C ASN A 68 1.09 4.94 -0.20
N ASP A 69 -0.11 5.07 0.37
CA ASP A 69 -0.39 6.12 1.34
C ASP A 69 0.46 5.92 2.60
N VAL A 70 0.44 4.72 3.17
CA VAL A 70 1.20 4.45 4.38
C VAL A 70 2.70 4.57 4.12
N ILE A 71 3.12 4.41 2.86
CA ILE A 71 4.51 4.67 2.49
C ILE A 71 4.77 6.18 2.54
N GLN A 72 3.95 7.01 1.90
CA GLN A 72 4.24 8.43 1.86
C GLN A 72 4.05 9.10 3.22
N ASN A 73 3.06 8.64 4.01
CA ASN A 73 2.80 9.27 5.29
C ASN A 73 3.84 8.90 6.36
N CYS A 74 4.65 7.86 6.13
CA CYS A 74 5.81 7.60 6.97
C CYS A 74 6.90 8.65 6.67
N LYS A 75 6.58 9.52 5.72
CA LYS A 75 7.23 10.76 5.34
C LYS A 75 8.51 10.66 4.52
N ARG A 76 8.32 10.86 3.22
CA ARG A 76 9.33 11.08 2.18
C ARG A 76 10.64 10.33 2.41
N LYS A 77 11.59 10.96 3.09
CA LYS A 77 12.87 10.34 3.42
C LYS A 77 13.32 10.73 4.83
N ASN A 78 12.39 11.21 5.66
CA ASN A 78 12.68 11.51 7.05
C ASN A 78 13.00 10.22 7.78
N ALA A 79 12.32 9.15 7.36
CA ALA A 79 12.58 7.79 7.79
C ALA A 79 11.94 6.84 6.78
N ILE A 80 10.66 7.10 6.48
CA ILE A 80 9.84 6.34 5.55
C ILE A 80 10.04 4.83 5.71
N ILE A 81 10.41 4.38 6.92
CA ILE A 81 10.74 2.99 7.16
C ILE A 81 9.62 2.05 6.77
N PHE A 82 8.39 2.56 6.66
CA PHE A 82 7.26 1.75 6.24
C PHE A 82 7.56 1.09 4.89
N ARG A 83 8.37 1.74 4.04
CA ARG A 83 8.68 1.21 2.72
C ARG A 83 9.44 -0.11 2.80
N GLU A 84 10.21 -0.32 3.87
CA GLU A 84 11.10 -1.46 3.96
C GLU A 84 10.32 -2.75 4.13
N SER A 85 9.30 -2.74 5.01
CA SER A 85 8.49 -3.92 5.26
C SER A 85 7.52 -4.19 4.12
N PHE A 86 7.16 -3.16 3.34
CA PHE A 86 6.29 -3.37 2.21
C PHE A 86 7.03 -4.09 1.10
N ALA A 87 8.30 -3.72 0.85
CA ALA A 87 9.09 -4.27 -0.24
C ALA A 87 9.21 -5.79 -0.17
N ASP A 88 8.89 -6.38 0.99
CA ASP A 88 8.99 -7.82 1.17
C ASP A 88 7.97 -8.60 0.34
N VAL A 89 6.85 -7.94 -0.01
CA VAL A 89 5.75 -8.58 -0.70
C VAL A 89 5.07 -7.60 -1.67
N LEU A 90 5.63 -6.39 -1.83
CA LEU A 90 5.01 -5.37 -2.66
C LEU A 90 4.88 -5.83 -4.12
N PRO A 91 5.90 -6.48 -4.70
CA PRO A 91 5.79 -7.04 -6.05
C PRO A 91 4.86 -8.25 -6.06
N GLU A 92 4.95 -9.11 -5.05
CA GLU A 92 4.14 -10.31 -4.95
C GLU A 92 2.65 -9.95 -4.85
N ALA A 93 2.34 -8.81 -4.22
CA ALA A 93 0.96 -8.34 -4.13
C ALA A 93 0.44 -7.88 -5.49
N ALA A 94 1.33 -7.39 -6.36
CA ALA A 94 0.93 -6.89 -7.66
C ALA A 94 0.61 -8.04 -8.62
N ALA A 95 1.06 -9.25 -8.29
CA ALA A 95 0.78 -10.42 -9.10
C ALA A 95 -0.72 -10.74 -9.11
N LEU A 96 -1.47 -10.16 -8.18
CA LEU A 96 -2.91 -10.36 -8.07
C LEU A 96 -3.69 -9.31 -8.88
N VAL A 97 -2.98 -8.43 -9.59
CA VAL A 97 -3.62 -7.34 -10.34
C VAL A 97 -2.89 -7.09 -11.66
N LYS A 98 -2.44 -8.17 -12.31
CA LYS A 98 -1.76 -8.07 -13.59
C LYS A 98 -2.75 -7.82 -14.73
N ASP A 99 -4.05 -8.04 -14.51
CA ASP A 99 -5.04 -7.86 -15.55
C ASP A 99 -5.13 -6.37 -15.92
N PRO A 100 -5.34 -6.06 -17.20
CA PRO A 100 -5.36 -4.69 -17.69
C PRO A 100 -6.54 -3.92 -17.11
N SER A 101 -7.51 -4.62 -16.51
CA SER A 101 -8.66 -4.00 -15.88
C SER A 101 -8.27 -3.30 -14.58
N VAL A 102 -7.07 -3.57 -14.05
CA VAL A 102 -6.61 -2.96 -12.81
C VAL A 102 -5.13 -2.61 -12.84
N SER A 103 -4.33 -3.27 -13.69
CA SER A 103 -2.90 -3.02 -13.75
C SER A 103 -2.61 -1.57 -14.14
N LYS A 104 -3.53 -0.95 -14.90
CA LYS A 104 -3.40 0.44 -15.30
C LYS A 104 -3.45 1.35 -14.09
N SER A 105 -4.18 0.95 -13.04
CA SER A 105 -4.25 1.69 -11.80
C SER A 105 -3.05 1.40 -10.90
N VAL A 106 -2.40 0.24 -11.07
CA VAL A 106 -1.20 -0.09 -10.32
C VAL A 106 -0.03 0.70 -10.88
N GLU A 107 0.04 0.78 -12.22
CA GLU A 107 1.00 1.63 -12.90
C GLU A 107 0.90 3.07 -12.39
N ARG A 108 -0.32 3.48 -12.00
CA ARG A 108 -0.58 4.84 -11.56
C ARG A 108 0.16 5.18 -10.28
N ILE A 109 0.46 4.17 -9.46
CA ILE A 109 1.13 4.38 -8.18
C ILE A 109 2.57 3.87 -8.23
N PHE A 110 2.82 2.81 -9.00
CA PHE A 110 4.18 2.27 -9.11
C PHE A 110 5.06 3.27 -9.86
N LYS A 111 4.49 4.02 -10.81
CA LYS A 111 5.26 5.01 -11.54
C LYS A 111 5.66 6.16 -10.63
N ILE A 112 4.81 6.50 -9.65
CA ILE A 112 5.10 7.63 -8.77
C ILE A 112 6.26 7.28 -7.84
N TRP A 113 6.36 6.01 -7.44
CA TRP A 113 7.42 5.59 -6.52
C TRP A 113 8.79 5.73 -7.18
N GLU A 114 8.85 5.67 -8.52
CA GLU A 114 10.08 5.85 -9.25
C GLU A 114 10.52 7.30 -9.19
N ASP A 115 9.59 8.23 -9.49
CA ASP A 115 9.89 9.65 -9.52
C ASP A 115 10.06 10.19 -8.10
N ARG A 116 9.30 9.67 -7.14
CA ARG A 116 9.49 9.97 -5.73
C ARG A 116 10.80 9.34 -5.23
N ASN A 117 11.44 8.48 -6.01
CA ASN A 117 12.69 7.87 -5.59
C ASN A 117 12.56 7.19 -4.22
N VAL A 118 11.36 6.68 -3.91
CA VAL A 118 11.05 6.05 -2.63
C VAL A 118 11.57 4.62 -2.59
N TYR A 119 11.95 4.07 -3.75
CA TYR A 119 12.55 2.75 -3.84
C TYR A 119 13.73 2.80 -4.81
N PRO A 120 14.80 2.06 -4.52
CA PRO A 120 15.98 1.96 -5.37
C PRO A 120 15.66 1.11 -6.60
N GLU A 121 16.44 1.29 -7.67
CA GLU A 121 16.20 0.60 -8.93
C GLU A 121 16.23 -0.91 -8.75
N GLU A 122 17.05 -1.39 -7.81
CA GLU A 122 17.18 -2.82 -7.55
C GLU A 122 15.87 -3.39 -7.03
N MET A 123 14.98 -2.55 -6.48
CA MET A 123 13.66 -2.97 -6.07
C MET A 123 12.64 -2.71 -7.18
N ILE A 124 12.80 -1.61 -7.92
CA ILE A 124 11.83 -1.22 -8.93
C ILE A 124 11.70 -2.28 -10.02
N VAL A 125 12.78 -3.02 -10.31
CA VAL A 125 12.72 -4.08 -11.30
C VAL A 125 11.73 -5.16 -10.86
N ALA A 126 11.53 -5.35 -9.55
CA ALA A 126 10.58 -6.32 -9.06
C ALA A 126 9.16 -5.79 -9.25
N LEU A 127 8.93 -4.51 -8.95
CA LEU A 127 7.61 -3.91 -9.12
C LEU A 127 7.25 -3.85 -10.61
N ARG A 128 8.25 -3.63 -11.46
CA ARG A 128 8.06 -3.55 -12.90
C ARG A 128 7.79 -4.92 -13.48
N GLU A 129 8.48 -5.97 -12.99
CA GLU A 129 8.25 -7.31 -13.50
C GLU A 129 6.93 -7.87 -12.99
N ALA A 130 6.51 -7.43 -11.80
CA ALA A 130 5.25 -7.88 -11.25
C ALA A 130 4.06 -7.34 -12.06
N LEU A 131 4.25 -6.20 -12.74
CA LEU A 131 3.26 -5.70 -13.70
C LEU A 131 3.33 -6.54 -14.97
N SER A 132 4.53 -6.96 -15.35
CA SER A 132 4.76 -7.86 -16.47
C SER A 132 4.19 -9.24 -16.17
N THR A 133 3.89 -10.00 -17.23
CA THR A 133 3.30 -11.33 -17.13
C THR A 133 4.19 -12.26 -16.33
N SER B 1 -16.35 12.28 -2.55
CA SER B 1 -15.53 11.13 -2.19
C SER B 1 -14.40 10.95 -3.19
N PRO B 2 -13.48 11.91 -3.28
CA PRO B 2 -12.35 11.90 -4.19
C PRO B 2 -11.45 10.70 -3.92
N SEP B 3 -11.17 9.92 -4.98
CA SEP B 3 -10.52 8.63 -4.85
CB SEP B 3 -10.87 7.74 -6.03
OG SEP B 3 -12.26 7.79 -6.27
C SEP B 3 -9.01 8.73 -4.62
O SEP B 3 -8.21 8.33 -5.46
P SEP B 3 -12.95 6.82 -7.36
O1P SEP B 3 -14.32 7.37 -7.47
O2P SEP B 3 -12.11 6.98 -8.56
O3P SEP B 3 -12.87 5.48 -6.72
H SEP B 3 -11.44 10.20 -5.90
HA SEP B 3 -10.95 8.15 -3.97
HB2 SEP B 3 -10.34 8.09 -6.92
HB3 SEP B 3 -10.56 6.71 -5.82
N TYR B 4 -8.66 9.28 -3.45
CA TYR B 4 -7.31 9.33 -2.88
C TYR B 4 -6.24 10.08 -3.67
N SEP B 5 -6.32 10.15 -5.00
CA SEP B 5 -5.30 10.74 -5.87
CB SEP B 5 -5.58 12.23 -6.11
OG SEP B 5 -4.53 12.80 -6.89
C SEP B 5 -3.88 10.51 -5.33
O SEP B 5 -3.28 11.36 -4.68
P SEP B 5 -4.08 12.22 -8.32
O1P SEP B 5 -3.22 13.29 -8.87
O2P SEP B 5 -3.34 10.98 -7.99
O3P SEP B 5 -5.34 12.00 -9.07
H SEP B 5 -7.14 9.77 -5.45
HA SEP B 5 -5.38 10.25 -6.83
HB2 SEP B 5 -6.53 12.33 -6.64
HB3 SEP B 5 -5.64 12.75 -5.16
N PRO B 6 -3.32 9.32 -5.64
CA PRO B 6 -1.99 8.90 -5.29
C PRO B 6 -0.86 9.93 -5.48
N THR B 7 -1.04 10.98 -6.29
CA THR B 7 0.04 11.93 -6.51
C THR B 7 0.07 13.06 -5.46
N SER B 8 -0.88 13.10 -4.52
CA SER B 8 -0.92 14.21 -3.57
C SER B 8 -1.32 13.84 -2.13
N PRO B 9 -0.96 12.65 -1.61
CA PRO B 9 -1.22 12.32 -0.21
C PRO B 9 -0.25 13.06 0.70
N SEP B 10 0.97 13.30 0.19
CA SEP B 10 2.04 14.02 0.87
CB SEP B 10 2.59 13.16 2.02
OG SEP B 10 3.89 13.58 2.43
C SEP B 10 3.12 14.26 -0.16
O SEP B 10 3.26 15.38 -0.69
P SEP B 10 4.16 14.94 3.24
O1P SEP B 10 5.61 14.85 3.54
O2P SEP B 10 3.27 14.82 4.42
O3P SEP B 10 3.80 16.01 2.29
H SEP B 10 1.17 12.96 -0.73
HA SEP B 10 1.67 14.97 1.25
HB2 SEP B 10 1.91 13.22 2.87
HB3 SEP B 10 2.65 12.13 1.69
N TYR B 11 3.89 13.22 -0.46
CA TYR B 11 4.93 13.21 -1.47
C TYR B 11 4.29 13.15 -2.87
N SER A 5 -1.81 -10.97 25.21
CA SER A 5 -2.51 -9.70 25.46
C SER A 5 -2.36 -8.74 24.27
N ALA A 6 -1.16 -8.17 24.08
CA ALA A 6 -0.90 -7.22 23.01
C ALA A 6 -1.12 -7.83 21.63
N GLY A 7 -1.10 -9.16 21.54
CA GLY A 7 -1.29 -9.85 20.27
C GLY A 7 -2.68 -9.63 19.70
N ALA A 8 -3.62 -9.13 20.51
CA ALA A 8 -4.96 -8.82 20.04
C ALA A 8 -4.96 -7.64 19.08
N LEU A 9 -3.87 -6.86 19.06
CA LEU A 9 -3.75 -5.68 18.21
C LEU A 9 -3.80 -6.08 16.74
N GLU A 10 -3.40 -7.31 16.42
CA GLU A 10 -3.41 -7.79 15.04
C GLU A 10 -4.84 -7.77 14.49
N SER A 11 -5.84 -7.96 15.36
CA SER A 11 -7.23 -7.97 14.94
C SER A 11 -7.71 -6.56 14.61
N SER A 12 -7.10 -5.55 15.24
CA SER A 12 -7.47 -4.17 15.01
C SER A 12 -6.94 -3.71 13.66
N LEU A 13 -5.72 -4.14 13.31
CA LEU A 13 -5.11 -3.80 12.04
C LEU A 13 -5.75 -4.62 10.92
N ASP A 14 -6.07 -5.89 11.17
CA ASP A 14 -6.66 -6.74 10.15
C ASP A 14 -8.03 -6.18 9.72
N ARG A 15 -8.96 -6.02 10.67
CA ARG A 15 -10.34 -5.70 10.30
C ARG A 15 -10.52 -4.24 9.90
N LYS A 16 -9.70 -3.31 10.41
CA LYS A 16 -9.85 -1.91 10.03
C LYS A 16 -9.30 -1.64 8.64
N PHE A 17 -8.35 -2.44 8.15
CA PHE A 17 -7.81 -2.25 6.82
C PHE A 17 -8.82 -2.74 5.78
N GLN A 18 -9.61 -3.75 6.15
CA GLN A 18 -10.65 -4.28 5.27
C GLN A 18 -11.84 -3.33 5.21
N SER A 19 -11.90 -2.37 6.16
CA SER A 19 -12.97 -1.38 6.21
C SER A 19 -12.78 -0.32 5.13
N VAL A 20 -11.60 -0.30 4.48
CA VAL A 20 -11.27 0.69 3.47
C VAL A 20 -12.15 0.51 2.23
N THR A 21 -12.45 1.64 1.57
CA THR A 21 -13.26 1.70 0.38
C THR A 21 -12.66 2.74 -0.56
N ASN A 22 -13.17 2.76 -1.79
CA ASN A 22 -12.68 3.57 -2.89
C ASN A 22 -12.97 5.06 -2.67
N THR A 23 -12.34 5.66 -1.66
CA THR A 23 -12.46 7.09 -1.38
C THR A 23 -11.31 7.55 -0.49
N MET A 24 -10.93 8.82 -0.64
CA MET A 24 -9.85 9.43 0.13
C MET A 24 -10.25 9.56 1.59
N GLU A 25 -11.56 9.55 1.88
CA GLU A 25 -12.08 9.76 3.22
C GLU A 25 -11.62 8.64 4.14
N SER A 26 -11.55 7.40 3.62
CA SER A 26 -11.12 6.25 4.40
C SER A 26 -9.60 6.11 4.39
N ILE A 27 -8.98 6.36 3.24
CA ILE A 27 -7.56 6.13 3.06
C ILE A 27 -6.72 7.15 3.83
N GLN A 28 -7.05 8.44 3.71
CA GLN A 28 -6.25 9.48 4.35
C GLN A 28 -6.39 9.43 5.87
N GLY A 29 -7.55 8.99 6.36
CA GLY A 29 -7.80 8.92 7.78
C GLY A 29 -7.09 7.75 8.44
N LEU A 30 -7.20 6.55 7.87
CA LEU A 30 -6.61 5.36 8.45
C LEU A 30 -5.10 5.32 8.27
N SER A 31 -4.58 5.95 7.21
CA SER A 31 -3.14 5.97 6.98
C SER A 31 -2.43 6.74 8.09
N SER A 32 -3.12 7.68 8.74
CA SER A 32 -2.53 8.47 9.82
C SER A 32 -2.41 7.65 11.09
N TRP A 33 -3.46 6.88 11.44
CA TRP A 33 -3.44 6.04 12.62
C TRP A 33 -2.58 4.81 12.39
N CYS A 34 -2.54 4.31 11.15
CA CYS A 34 -1.73 3.15 10.82
C CYS A 34 -0.27 3.44 11.09
N ILE A 35 0.15 4.69 10.97
CA ILE A 35 1.53 5.08 11.22
C ILE A 35 1.88 5.11 12.70
N GLU A 36 0.90 5.17 13.60
CA GLU A 36 1.21 5.12 15.03
C GLU A 36 1.58 3.69 15.43
N ASN A 37 1.19 2.74 14.59
CA ASN A 37 1.52 1.34 14.76
C ASN A 37 2.89 1.01 14.13
N LYS A 38 3.71 2.04 13.88
CA LYS A 38 5.05 1.86 13.30
C LYS A 38 5.92 0.97 14.18
N LYS A 39 5.58 0.86 15.47
CA LYS A 39 6.27 0.00 16.41
C LYS A 39 6.10 -1.47 16.01
N HIS A 40 5.18 -1.73 15.09
CA HIS A 40 4.88 -3.05 14.56
C HIS A 40 4.75 -3.00 13.04
N HIS A 41 5.46 -2.08 12.37
CA HIS A 41 5.33 -1.86 10.93
C HIS A 41 5.55 -3.15 10.12
N SER A 42 6.13 -4.18 10.74
CA SER A 42 6.39 -5.45 10.10
C SER A 42 5.11 -6.27 9.89
N THR A 43 4.07 -6.07 10.72
CA THR A 43 2.84 -6.84 10.57
C THR A 43 1.79 -6.09 9.74
N ILE A 44 1.90 -4.75 9.67
CA ILE A 44 0.91 -3.95 8.95
C ILE A 44 0.88 -4.35 7.48
N VAL A 45 2.05 -4.65 6.91
CA VAL A 45 2.11 -5.07 5.52
C VAL A 45 1.46 -6.45 5.35
N TYR A 46 1.59 -7.33 6.35
CA TYR A 46 1.06 -8.67 6.26
C TYR A 46 -0.47 -8.66 6.24
N HIS A 47 -1.10 -7.67 6.89
CA HIS A 47 -2.54 -7.61 6.93
C HIS A 47 -3.08 -7.14 5.59
N TRP A 48 -2.61 -5.97 5.14
CA TRP A 48 -3.06 -5.35 3.92
C TRP A 48 -2.77 -6.24 2.72
N MET A 49 -1.65 -6.97 2.75
CA MET A 49 -1.25 -7.79 1.62
C MET A 49 -2.20 -8.96 1.44
N LYS A 50 -2.62 -9.57 2.55
CA LYS A 50 -3.53 -10.70 2.49
C LYS A 50 -4.94 -10.22 2.16
N TRP A 51 -5.27 -8.96 2.44
CA TRP A 51 -6.58 -8.43 2.08
C TRP A 51 -6.72 -8.28 0.57
N LEU A 52 -5.61 -8.22 -0.15
CA LEU A 52 -5.66 -8.18 -1.61
C LEU A 52 -6.15 -9.53 -2.12
N ARG A 53 -5.59 -10.62 -1.59
CA ARG A 53 -5.99 -11.97 -1.97
C ARG A 53 -7.41 -12.28 -1.47
N ARG A 54 -7.83 -11.67 -0.37
CA ARG A 54 -9.17 -11.85 0.18
C ARG A 54 -10.22 -11.05 -0.59
N SER A 55 -9.83 -10.01 -1.34
CA SER A 55 -10.77 -9.11 -1.97
C SER A 55 -10.86 -9.29 -3.48
N ALA A 56 -11.89 -8.65 -4.06
CA ALA A 56 -12.16 -8.65 -5.49
C ALA A 56 -11.16 -7.74 -6.22
N TYR A 57 -11.10 -7.87 -7.55
CA TYR A 57 -10.17 -7.10 -8.38
C TYR A 57 -10.26 -5.59 -8.16
N PRO A 58 -11.43 -4.95 -8.31
CA PRO A 58 -11.53 -3.51 -8.17
C PRO A 58 -11.35 -3.07 -6.71
N HIS A 59 -11.75 -3.92 -5.76
CA HIS A 59 -11.62 -3.57 -4.36
C HIS A 59 -10.17 -3.69 -3.89
N ARG A 60 -9.45 -4.71 -4.37
CA ARG A 60 -8.05 -4.85 -3.98
C ARG A 60 -7.15 -3.84 -4.67
N LEU A 61 -7.58 -3.33 -5.84
CA LEU A 61 -6.85 -2.25 -6.48
C LEU A 61 -6.94 -1.03 -5.56
N ASN A 62 -8.14 -0.81 -5.01
CA ASN A 62 -8.41 0.28 -4.09
C ASN A 62 -7.60 0.12 -2.80
N LEU A 63 -7.35 -1.12 -2.36
CA LEU A 63 -6.55 -1.36 -1.16
C LEU A 63 -5.06 -1.11 -1.45
N PHE A 64 -4.61 -1.32 -2.67
CA PHE A 64 -3.21 -1.06 -3.03
C PHE A 64 -2.84 0.40 -2.84
N TYR A 65 -3.81 1.33 -2.88
CA TYR A 65 -3.54 2.74 -2.65
C TYR A 65 -3.03 2.96 -1.23
N LEU A 66 -3.44 2.11 -0.28
CA LEU A 66 -3.00 2.24 1.11
C LEU A 66 -1.49 2.07 1.17
N ALA A 67 -0.97 1.09 0.42
CA ALA A 67 0.46 0.80 0.41
C ALA A 67 1.26 1.92 -0.26
N ASN A 68 0.60 2.83 -0.99
CA ASN A 68 1.26 3.98 -1.57
C ASN A 68 1.33 5.11 -0.55
N ASP A 69 0.21 5.38 0.12
CA ASP A 69 0.09 6.48 1.05
C ASP A 69 0.74 6.21 2.40
N VAL A 70 0.64 4.99 2.92
CA VAL A 70 1.21 4.69 4.23
C VAL A 70 2.72 4.84 4.19
N ILE A 71 3.33 4.76 2.99
CA ILE A 71 4.75 5.02 2.84
C ILE A 71 5.02 6.49 3.15
N GLN A 72 4.24 7.38 2.53
CA GLN A 72 4.42 8.82 2.68
C GLN A 72 3.90 9.31 4.03
N ASN A 73 3.04 8.56 4.71
CA ASN A 73 2.59 8.95 6.04
C ASN A 73 3.69 8.71 7.07
N CYS A 74 4.67 7.85 6.76
CA CYS A 74 5.82 7.61 7.61
C CYS A 74 6.85 8.73 7.44
N LYS A 75 6.68 9.52 6.37
CA LYS A 75 7.42 10.74 6.04
C LYS A 75 8.90 10.55 5.74
N ARG A 76 9.33 11.24 4.68
CA ARG A 76 10.71 11.26 4.24
C ARG A 76 11.61 11.89 5.30
N LYS A 77 12.86 11.44 5.36
CA LYS A 77 13.88 11.90 6.31
C LYS A 77 13.52 11.72 7.78
N ASN A 78 12.25 11.47 8.10
CA ASN A 78 11.84 11.22 9.47
C ASN A 78 12.09 9.75 9.81
N ALA A 79 11.71 8.85 8.90
CA ALA A 79 11.98 7.43 9.02
C ALA A 79 11.65 6.73 7.72
N ILE A 80 10.46 7.00 7.17
CA ILE A 80 9.88 6.34 6.00
C ILE A 80 10.10 4.83 6.01
N ILE A 81 10.33 4.26 7.20
CA ILE A 81 10.65 2.85 7.35
C ILE A 81 9.53 1.96 6.83
N PHE A 82 8.31 2.51 6.71
CA PHE A 82 7.18 1.74 6.23
C PHE A 82 7.41 1.26 4.81
N ARG A 83 8.38 1.85 4.08
CA ARG A 83 8.65 1.39 2.73
C ARG A 83 9.40 0.06 2.75
N GLU A 84 10.20 -0.18 3.80
CA GLU A 84 11.07 -1.34 3.82
C GLU A 84 10.26 -2.62 3.97
N SER A 85 9.34 -2.68 4.93
CA SER A 85 8.53 -3.87 5.12
C SER A 85 7.52 -4.04 3.98
N PHE A 86 7.18 -2.95 3.29
CA PHE A 86 6.28 -3.03 2.15
C PHE A 86 6.98 -3.73 1.00
N ALA A 87 8.27 -3.46 0.79
CA ALA A 87 9.02 -4.04 -0.33
C ALA A 87 9.09 -5.56 -0.26
N ASP A 88 8.82 -6.15 0.91
CA ASP A 88 8.93 -7.59 1.10
C ASP A 88 7.89 -8.39 0.31
N VAL A 89 6.75 -7.76 -0.02
CA VAL A 89 5.64 -8.42 -0.69
C VAL A 89 5.00 -7.50 -1.71
N LEU A 90 5.62 -6.34 -1.95
CA LEU A 90 5.11 -5.35 -2.89
C LEU A 90 4.97 -5.92 -4.30
N PRO A 91 5.96 -6.64 -4.84
CA PRO A 91 5.84 -7.24 -6.16
C PRO A 91 4.87 -8.43 -6.16
N GLU A 92 4.93 -9.25 -5.12
CA GLU A 92 4.04 -10.39 -4.98
C GLU A 92 2.59 -9.94 -4.91
N ALA A 93 2.34 -8.79 -4.28
CA ALA A 93 1.01 -8.23 -4.21
C ALA A 93 0.51 -7.79 -5.58
N ALA A 94 1.43 -7.32 -6.43
CA ALA A 94 1.08 -6.84 -7.76
C ALA A 94 0.63 -7.99 -8.66
N ALA A 95 1.01 -9.23 -8.32
CA ALA A 95 0.63 -10.39 -9.11
C ALA A 95 -0.87 -10.65 -9.04
N LEU A 96 -1.56 -10.12 -8.02
CA LEU A 96 -3.00 -10.29 -7.87
C LEU A 96 -3.76 -9.24 -8.70
N VAL A 97 -3.04 -8.34 -9.38
CA VAL A 97 -3.64 -7.26 -10.14
C VAL A 97 -2.90 -7.05 -11.46
N LYS A 98 -2.35 -8.14 -12.00
CA LYS A 98 -1.58 -8.10 -13.23
C LYS A 98 -2.45 -7.90 -14.46
N ASP A 99 -3.78 -8.06 -14.33
CA ASP A 99 -4.69 -7.89 -15.45
C ASP A 99 -4.74 -6.43 -15.89
N PRO A 100 -4.87 -6.17 -17.20
CA PRO A 100 -4.90 -4.82 -17.74
C PRO A 100 -6.16 -4.08 -17.28
N SER A 101 -7.12 -4.81 -16.71
CA SER A 101 -8.36 -4.22 -16.20
C SER A 101 -8.12 -3.47 -14.89
N VAL A 102 -6.95 -3.67 -14.26
CA VAL A 102 -6.62 -2.99 -13.02
C VAL A 102 -5.17 -2.53 -13.00
N SER A 103 -4.27 -3.21 -13.72
CA SER A 103 -2.86 -2.85 -13.75
C SER A 103 -2.66 -1.43 -14.25
N LYS A 104 -3.66 -0.88 -14.96
CA LYS A 104 -3.63 0.50 -15.41
C LYS A 104 -3.56 1.45 -14.21
N SER A 105 -4.17 1.06 -13.10
CA SER A 105 -4.16 1.87 -11.88
C SER A 105 -3.03 1.44 -10.95
N VAL A 106 -2.54 0.20 -11.08
CA VAL A 106 -1.42 -0.27 -10.28
C VAL A 106 -0.16 0.45 -10.73
N GLU A 107 -0.04 0.62 -12.05
CA GLU A 107 1.04 1.40 -12.63
C GLU A 107 0.99 2.84 -12.14
N ARG A 108 -0.18 3.33 -11.73
CA ARG A 108 -0.31 4.72 -11.35
C ARG A 108 0.52 5.04 -10.11
N ILE A 109 0.45 4.17 -9.10
CA ILE A 109 1.24 4.33 -7.89
C ILE A 109 2.68 3.86 -8.11
N PHE A 110 2.88 2.83 -8.93
CA PHE A 110 4.25 2.38 -9.22
C PHE A 110 4.99 3.44 -10.02
N LYS A 111 4.31 4.18 -10.90
CA LYS A 111 4.95 5.20 -11.71
C LYS A 111 5.45 6.33 -10.83
N ILE A 112 4.76 6.60 -9.72
CA ILE A 112 5.18 7.61 -8.78
C ILE A 112 6.40 7.12 -8.02
N TRP A 113 6.43 5.84 -7.64
CA TRP A 113 7.56 5.31 -6.92
C TRP A 113 8.79 5.26 -7.84
N GLU A 114 8.57 5.12 -9.15
CA GLU A 114 9.63 5.16 -10.15
C GLU A 114 10.09 6.59 -10.39
N ASP A 115 9.16 7.54 -10.52
CA ASP A 115 9.49 8.93 -10.80
C ASP A 115 10.05 9.62 -9.55
N ARG A 116 9.32 9.51 -8.44
CA ARG A 116 9.68 10.09 -7.15
C ARG A 116 10.78 9.28 -6.50
N ASN A 117 11.19 8.15 -7.08
CA ASN A 117 12.31 7.38 -6.57
C ASN A 117 12.12 7.00 -5.09
N VAL A 118 10.87 6.75 -4.69
CA VAL A 118 10.55 6.37 -3.32
C VAL A 118 11.19 5.01 -3.00
N TYR A 119 11.57 4.28 -4.04
CA TYR A 119 12.29 3.02 -3.93
C TYR A 119 13.47 3.04 -4.89
N PRO A 120 14.58 2.37 -4.54
CA PRO A 120 15.73 2.26 -5.41
C PRO A 120 15.37 1.34 -6.57
N GLU A 121 16.01 1.56 -7.73
CA GLU A 121 15.65 0.83 -8.93
C GLU A 121 15.77 -0.68 -8.73
N GLU A 122 16.76 -1.11 -7.94
CA GLU A 122 16.99 -2.53 -7.70
C GLU A 122 15.78 -3.18 -7.03
N MET A 123 15.01 -2.43 -6.23
CA MET A 123 13.78 -2.95 -5.66
C MET A 123 12.64 -2.87 -6.67
N ILE A 124 12.64 -1.83 -7.50
CA ILE A 124 11.54 -1.63 -8.45
C ILE A 124 11.61 -2.67 -9.56
N VAL A 125 12.78 -3.25 -9.82
CA VAL A 125 12.90 -4.30 -10.82
C VAL A 125 11.98 -5.46 -10.44
N ALA A 126 11.71 -5.66 -9.15
CA ALA A 126 10.82 -6.73 -8.73
C ALA A 126 9.37 -6.35 -9.01
N LEU A 127 9.04 -5.05 -8.84
CA LEU A 127 7.70 -4.55 -9.14
C LEU A 127 7.45 -4.63 -10.64
N ARG A 128 8.45 -4.22 -11.42
CA ARG A 128 8.39 -4.23 -12.88
C ARG A 128 8.34 -5.67 -13.41
N GLU A 129 9.02 -6.59 -12.74
CA GLU A 129 9.03 -7.99 -13.13
C GLU A 129 7.67 -8.63 -12.84
N ALA A 130 7.06 -8.25 -11.72
CA ALA A 130 5.76 -8.80 -11.35
C ALA A 130 4.67 -8.37 -12.33
N LEU A 131 4.73 -7.12 -12.80
CA LEU A 131 3.76 -6.64 -13.78
C LEU A 131 4.06 -7.17 -15.18
N SER A 132 5.34 -7.18 -15.59
CA SER A 132 5.70 -7.60 -16.94
C SER A 132 5.65 -9.10 -17.12
N THR A 133 5.89 -9.87 -16.05
CA THR A 133 5.86 -11.32 -16.11
C THR A 133 5.79 -11.89 -14.70
N SER B 1 -18.00 9.98 -1.92
CA SER B 1 -16.98 8.96 -2.02
C SER B 1 -15.88 9.38 -3.00
N PRO B 2 -15.30 10.58 -2.85
CA PRO B 2 -14.29 11.09 -3.75
C PRO B 2 -13.00 10.28 -3.65
N SEP B 3 -12.50 9.82 -4.81
CA SEP B 3 -11.30 9.01 -4.91
CB SEP B 3 -11.42 8.16 -6.17
OG SEP B 3 -10.25 7.40 -6.43
C SEP B 3 -10.06 9.90 -4.89
O SEP B 3 -10.07 10.99 -5.46
P SEP B 3 -10.13 6.54 -7.79
O1P SEP B 3 -8.83 5.85 -7.64
O2P SEP B 3 -11.30 5.65 -7.73
O3P SEP B 3 -10.17 7.57 -8.84
H SEP B 3 -12.96 10.06 -5.67
HA SEP B 3 -11.26 8.34 -4.05
HB2 SEP B 3 -12.27 7.48 -6.03
HB3 SEP B 3 -11.61 8.82 -7.01
N TYR B 4 -8.99 9.43 -4.22
CA TYR B 4 -7.81 10.24 -3.99
C TYR B 4 -6.88 10.26 -5.20
N SEP B 5 -5.86 11.13 -5.12
CA SEP B 5 -4.87 11.27 -6.19
CB SEP B 5 -4.91 12.72 -6.71
OG SEP B 5 -4.61 12.78 -8.10
C SEP B 5 -3.49 10.88 -5.68
O SEP B 5 -2.86 11.65 -4.94
P SEP B 5 -3.11 12.66 -8.67
O1P SEP B 5 -3.30 12.81 -10.13
O2P SEP B 5 -2.38 13.75 -8.01
O3P SEP B 5 -2.70 11.30 -8.27
H SEP B 5 -5.75 11.71 -4.31
HA SEP B 5 -5.15 10.63 -7.02
HB2 SEP B 5 -5.93 13.10 -6.58
HB3 SEP B 5 -4.23 13.35 -6.15
N PRO B 6 -3.01 9.67 -6.05
CA PRO B 6 -1.69 9.15 -5.74
C PRO B 6 -0.51 10.14 -5.76
N THR B 7 -0.54 11.21 -6.56
CA THR B 7 0.60 12.13 -6.60
C THR B 7 0.50 13.26 -5.57
N SER B 8 -0.57 13.25 -4.76
CA SER B 8 -0.84 14.33 -3.81
C SER B 8 -0.57 14.03 -2.33
N PRO B 9 -0.12 12.83 -1.90
CA PRO B 9 0.03 12.55 -0.48
C PRO B 9 1.22 13.28 0.12
N SEP B 10 2.31 13.43 -0.64
CA SEP B 10 3.50 14.12 -0.17
CB SEP B 10 4.18 13.28 0.92
OG SEP B 10 5.39 13.91 1.32
C SEP B 10 4.52 14.31 -1.30
O SEP B 10 5.12 15.38 -1.42
P SEP B 10 6.18 13.43 2.63
O1P SEP B 10 7.49 14.12 2.50
O2P SEP B 10 6.25 11.95 2.48
O3P SEP B 10 5.33 13.89 3.74
H SEP B 10 2.30 13.06 -1.57
HA SEP B 10 3.24 15.09 0.25
HB2 SEP B 10 3.52 13.20 1.77
HB3 SEP B 10 4.41 12.28 0.54
N TYR B 11 4.70 13.28 -2.13
CA TYR B 11 5.75 13.23 -3.13
C TYR B 11 5.22 12.67 -4.44
#